data_3JB2
#
_entry.id   3JB2
#
_cell.length_a   1
_cell.length_b   1
_cell.length_c   1
_cell.angle_alpha   90
_cell.angle_beta   90
_cell.angle_gamma   90
#
_symmetry.space_group_name_H-M   'P 1'
#
loop_
_entity.id
_entity.type
_entity.pdbx_description
1 polymer 'Structural protein VP3'
2 polymer 'Capsid protein VP1'
3 polymer 'Viral structural protein 5'
4 non-polymer S-ADENOSYLMETHIONINE
5 non-polymer "GUANOSINE-5'-TRIPHOSPHATE"
6 non-polymer 'MAGNESIUM ION'
#
loop_
_entity_poly.entity_id
_entity_poly.type
_entity_poly.pdbx_seq_one_letter_code
_entity_poly.pdbx_strand_id
1 'polypeptide(L)'
;MWHYTSINNDTRVALDPKPNQIRTITKPNTVPQLGTDYLYTFNSQRRSHTLRLLGPFQYFNFSETDRGHPLFRLPLKYPS
KAIPADELIDNLHSWMRSVHLLHVRSEDNTLRYNWMLGVYARSTNYTTPVGQLVVNAPAILNYSNPQDAFNSVFVALGID
YIDIPITNSNIFDDSSTPYNVRIWHAPTMTEVNHILALMRKSTLVSTHSSWHWNVLHTFHYRSESDMIDHFAAKILEDWR
QKEKLDKGALVEADRVIQRLIPLSSSTYVQRLAAIGALYPNEFTENVLDLSRLSTALLQLSDTYYQHANDQLRRLYRRMY
NDSRTLYMTQRHQELLLAQITADPNILLYPYTYIFTTIPTSMNYISNTGQGRIKHSLTVTGATEHDTVADIVLGQTGEDV
ITISMVEPMSIAVEDMYGYVLDTPTRDIWPADEQIEQKGDAVALYDTKTSRALGMFNNTVRIDDLLSPLLSLVYRTYIKG
DTMTMTQGSLDHLTLCAAVDSDITFVGNRMIAPLPEGYIPKPMHRNNSTMKMLSLYVALKKLENFATNSYLMAPDTSIIL
LGAEREPAVNILRRFNRNVSNVRIIGMGDRAVEPNIRVRVPFPIDKNISADFIICDINSYEDQSFESMFSETISVVTTCA
SAATRALVKINHPSEYMINSVIERLSQLGGVFYHTALLKTASQNPYSYETYIYITPIAAAVRFPFYSNSAMINRYMTAVA
DDEMPIIPSIHTVIKGHSNTYSPGLFCGCVDVQSAPLALSQLKSYCSEATTWRVDSDDNLVNIIARIDPARIALEFRTRS
NTSAYHEYQRYVPNGLGFKVRKTREFRYMHREVTFIHKLMMYALIREQISLTENMTQVVSIGGRNLADISVVPLNMKYVV
IDPATRIETLTQEKKNIEVQSRPFQFDAANMDLENNSIYLFIAVIMNEPNGAATPARMQMDKIRNVATAMLTRTNCVAYI
SFYEAGIITRLDQSTAHKTIRVEEGRLKVANYVPVDTLVEADVTLMLRDIGITHEIIRPSTPELIDACSNYGIRLGSTGG
AVLDVFNHYSPVIKLVRS
;
A
2 'polypeptide(L)'
;MHSTNNNSNKRNNEEKHKQPEIDSSANNGEGTSGTRAQTVGDTATEAGVRNETEAGASTRRQTDGTGLSGTNAKIATASS
ARQADVEKPADVTFTIENVDDVGIMQQKKPPTVVQSRTDVFNEQFANEALHPTTKVIFNGLDVNTEVQPLSDDFKQISDP
KGYLTYSVKYEDQFTKKDKLRASEADDRIVGPTVNLFKYGAAVVNIDLNRDFFDTATGIDLTKGIPLVQDLLVPIGVTAG
AEQSAEYVSGLLMVLFKVMTDNRLVIVGETTTPMSNTLSTVVNNVLRTTYHNNVGVNPALLRDFTQVNWLNRDITNMLQQ
AGTKYGLGLTETRLDYVRLVKTIVGHALNIDHFAASVLNINLRALMEANVTADDRIKALQAHSMISTQFHGPNQGALRPE
LAFDHDHIIRCLMLAAANYPRLEGIIVQINTGYVASANVIRPVSEKRYFPENLEQNQSAARLVSAVKARASEADISSIHL
AIAREVSPMFNVHELKKIAESFEDPSSIVVVLEFILFALFFPTEFNRIKGDIQNVLLLFFSRWYPVEYGIFVQRGATYTI
NAAGEFEFSGRNEKWDQALYLSEHFPALFSDVPLAGANTIIAIMRLFTPQGFLRTDDLAIAANFPRASRNPQTYIPYTNQ
RGTVTNEFASRFRTIVATLANVVNERAVQDDMQKATRSCTKQWLRHLETQFDNIAVAHTDHLSVVYATMSNFMLNFTNNF
SGNHATFKPDQYVITSPEGSYKPIIERQGETVDGLTIIDTSIVWPILCQCTYPLVRQSGKGVDAVSIMEEIVYPDPSTTL
SQSLSVAQVLSKLTLPDAFINMILSGGDSVVMRTYQTEADDDLDEGIRMTTYDQYLSHIRERLHITNVPDPIYITGASTP
DQIAASVQATHVAVVLYQSGVINGPASTYLRENEVLVVMPDYYDVVSRFANANLQMNNNRYHESVLEIADIFDQADFIQT
SDAVRQLRALMPTLSTSQIRHAIERIAQITDVDSTDYGKLTLRFLGTLTRSLKMQNAQIRRIRPDGTVLRYDDQIDIEAF
RWSRYFLDELQLRRLSVGLRLITNPRIARRFNGVRIMYLTDDDPDPDFVPDVPEGYVAVQYAHRLFSSSLANKRNRVTYT
HPPTGMAYPSPTGRPHVHMTINERAGMSKLVADNIIASVIKSNWVVDILDIEYTAEVMTPSEGYTQHVDAESIMTAPKGK
LFHLQFMDGLLRPEPSAFDPPASGEDMRLIYPLQPISVARSMRAIVNHNEVDRPRGAVAPSSYEMDTGTLSRNGDLLYSP
VANGQVGIPKLEVDHISFSNVVSMMTANIRTGDDMAVERVNPDDVRAINIRNA
;
B,C
3 'polypeptide(L)'
;MLQQPTGGYTTLEQFAFTIRNDGTNATPTQFLQLLSYEATENELVKKTIPTPETHLPSARNVPGNVYIEDAITQALFGIS
AQNVNAHGYFSRLSALALPNTSARLGLDGVIYNSETINIPFYDPAAVANFAATYAKLGNASTPRYRADMIDIYAHVGLEL
AGTDAERAAGVMPVKRAKFDSWEGSLISLSRDVVNWKILAFLIDLCSLEGEALRAFKTRNRDVFRMMLFIMSTAVAANVV
NRKVTKRVDRVLEYIGVNSMRTAGRTATITYDLSRHEFAAKFLQLTFTRWNAASAMIRSMPDMHTPRTSITPAGENALVR
HNRYMTENFKGLSPIALAQKKHEMMLHTHEIHSMDIDGSIKNMVERETVNKMNEIDAMNTAPWTEEFAEVEPTTVYERHQ
IGTDPEQTQLISQDAAVIVHQASSDVDENEYGNSVSELTIDTQSDSVL
;
D,E
#
loop_
_chem_comp.id
_chem_comp.type
_chem_comp.name
_chem_comp.formula
GTP non-polymer GUANOSINE-5'-TRIPHOSPHATE 'C10 H16 N5 O14 P3'
MG non-polymer 'MAGNESIUM ION' 'Mg 2'
SAM non-polymer S-ADENOSYLMETHIONINE 'C15 H22 N6 O5 S'
#
# COMPACT_ATOMS: atom_id res chain seq x y z
N MET A 1 -58.94 -7.01 24.65
CA MET A 1 -58.92 -7.60 23.32
C MET A 1 -57.56 -8.19 22.99
N TRP A 2 -56.89 -8.73 24.01
CA TRP A 2 -55.58 -9.33 23.80
C TRP A 2 -55.62 -10.71 23.15
N HIS A 3 -56.45 -11.60 23.68
CA HIS A 3 -56.48 -12.98 23.19
C HIS A 3 -56.91 -13.08 21.74
N TYR A 4 -56.16 -13.84 20.95
CA TYR A 4 -56.55 -14.11 19.57
C TYR A 4 -57.76 -15.01 19.52
N THR A 5 -58.70 -14.69 18.64
CA THR A 5 -59.91 -15.49 18.50
C THR A 5 -59.96 -16.02 17.09
N SER A 6 -59.61 -17.27 16.92
CA SER A 6 -59.53 -17.84 15.58
C SER A 6 -59.91 -19.31 15.56
N ILE A 7 -60.66 -19.69 14.53
CA ILE A 7 -60.96 -21.09 14.31
C ILE A 7 -59.97 -21.63 13.28
N ASN A 8 -58.94 -22.29 13.78
CA ASN A 8 -57.99 -23.02 12.95
C ASN A 8 -58.60 -24.30 12.38
N ASN A 9 -58.23 -24.63 11.14
CA ASN A 9 -58.81 -25.76 10.45
C ASN A 9 -57.95 -26.12 9.24
N ASP A 10 -57.92 -27.40 8.88
CA ASP A 10 -57.15 -27.82 7.71
C ASP A 10 -57.96 -27.60 6.45
N THR A 11 -57.81 -26.42 5.84
CA THR A 11 -58.57 -26.07 4.65
C THR A 11 -58.21 -26.95 3.45
N ARG A 12 -56.95 -27.33 3.36
CA ARG A 12 -56.48 -28.16 2.26
C ARG A 12 -57.12 -29.54 2.31
N VAL A 13 -57.31 -30.05 3.52
CA VAL A 13 -58.02 -31.31 3.71
C VAL A 13 -59.49 -31.16 3.37
N ALA A 14 -60.05 -30.01 3.72
CA ALA A 14 -61.46 -29.74 3.46
C ALA A 14 -61.72 -29.70 1.96
N LEU A 15 -60.72 -29.27 1.21
CA LEU A 15 -60.80 -29.20 -0.23
C LEU A 15 -60.83 -30.57 -0.92
N ASP A 16 -60.30 -31.60 -0.25
CA ASP A 16 -60.29 -32.95 -0.80
C ASP A 16 -61.72 -33.51 -0.82
N PRO A 17 -62.18 -33.94 -2.01
CA PRO A 17 -63.52 -34.49 -2.28
C PRO A 17 -63.81 -35.83 -1.59
N LYS A 18 -65.08 -36.08 -1.29
CA LYS A 18 -65.54 -37.42 -0.99
C LYS A 18 -65.34 -38.22 -2.27
N PRO A 19 -65.03 -39.53 -2.15
CA PRO A 19 -64.69 -40.33 -3.32
C PRO A 19 -65.81 -40.40 -4.36
N ASN A 20 -67.06 -40.36 -3.93
CA ASN A 20 -68.18 -40.43 -4.85
C ASN A 20 -68.24 -39.26 -5.83
N GLN A 21 -67.77 -38.09 -5.39
CA GLN A 21 -67.77 -36.88 -6.20
C GLN A 21 -66.70 -36.87 -7.29
N ILE A 22 -65.70 -37.74 -7.15
CA ILE A 22 -64.60 -37.81 -8.09
C ILE A 22 -65.06 -38.21 -9.49
N ARG A 23 -66.13 -38.99 -9.57
CA ARG A 23 -66.65 -39.40 -10.87
C ARG A 23 -67.16 -38.20 -11.66
N THR A 24 -67.60 -37.18 -10.94
CA THR A 24 -68.24 -36.03 -11.57
C THR A 24 -67.63 -34.71 -11.11
N ILE A 25 -66.39 -34.77 -10.62
CA ILE A 25 -65.74 -33.56 -10.14
C ILE A 25 -65.38 -32.66 -11.32
N THR A 26 -65.31 -33.27 -12.50
CA THR A 26 -65.12 -32.51 -13.74
C THR A 26 -66.42 -31.85 -14.19
N LYS A 27 -67.54 -32.30 -13.59
CA LYS A 27 -68.89 -31.94 -14.04
C LYS A 27 -69.00 -32.12 -15.55
N PRO A 28 -68.75 -33.35 -16.04
CA PRO A 28 -68.59 -33.54 -17.48
C PRO A 28 -69.80 -33.12 -18.33
N ASN A 29 -71.00 -33.27 -17.78
CA ASN A 29 -72.24 -32.94 -18.51
C ASN A 29 -72.46 -31.45 -18.81
N THR A 30 -72.01 -30.57 -17.92
CA THR A 30 -72.29 -29.14 -18.03
C THR A 30 -71.02 -28.32 -18.24
N VAL A 31 -71.15 -27.21 -18.96
CA VAL A 31 -70.00 -26.38 -19.28
C VAL A 31 -69.47 -25.71 -18.03
N PRO A 32 -68.14 -25.53 -17.96
CA PRO A 32 -67.56 -24.72 -16.87
C PRO A 32 -68.05 -23.28 -16.98
N GLN A 33 -68.28 -22.66 -15.83
CA GLN A 33 -68.81 -21.31 -15.79
C GLN A 33 -67.77 -20.38 -15.18
N LEU A 34 -67.71 -19.15 -15.66
CA LEU A 34 -66.76 -18.18 -15.12
C LEU A 34 -67.07 -17.85 -13.66
N GLY A 35 -66.03 -17.78 -12.85
CA GLY A 35 -66.15 -17.35 -11.47
C GLY A 35 -66.55 -18.47 -10.52
N THR A 36 -66.83 -19.64 -11.08
CA THR A 36 -67.21 -20.79 -10.26
C THR A 36 -66.28 -21.95 -10.57
N ASP A 37 -66.19 -22.31 -11.85
CA ASP A 37 -65.28 -23.36 -12.29
C ASP A 37 -63.89 -22.82 -12.65
N TYR A 38 -63.83 -21.58 -13.13
CA TYR A 38 -62.56 -20.96 -13.52
C TYR A 38 -62.58 -19.44 -13.36
N LEU A 39 -61.41 -18.83 -13.46
CA LEU A 39 -61.30 -17.38 -13.36
C LEU A 39 -60.32 -16.79 -14.38
N TYR A 40 -60.76 -16.71 -15.64
CA TYR A 40 -59.92 -16.13 -16.69
C TYR A 40 -59.81 -14.62 -16.62
N THR A 41 -58.63 -14.10 -16.94
CA THR A 41 -58.44 -12.66 -17.05
C THR A 41 -57.29 -12.31 -17.97
N PHE A 42 -57.36 -11.12 -18.55
CA PHE A 42 -56.35 -10.69 -19.51
C PHE A 42 -55.81 -9.31 -19.17
N ASN A 43 -54.56 -9.26 -18.71
CA ASN A 43 -53.92 -7.98 -18.42
C ASN A 43 -53.40 -7.40 -19.71
N SER A 44 -54.16 -6.49 -20.30
CA SER A 44 -53.83 -5.94 -21.62
C SER A 44 -52.54 -5.13 -21.63
N GLN A 45 -52.20 -4.53 -20.50
CA GLN A 45 -50.95 -3.79 -20.39
C GLN A 45 -49.77 -4.75 -20.49
N ARG A 46 -49.82 -5.82 -19.71
CA ARG A 46 -48.78 -6.85 -19.72
C ARG A 46 -48.96 -7.82 -20.88
N ARG A 47 -50.12 -7.75 -21.53
CA ARG A 47 -50.52 -8.68 -22.59
C ARG A 47 -50.43 -10.14 -22.15
N SER A 48 -50.73 -10.40 -20.88
CA SER A 48 -50.62 -11.75 -20.32
C SER A 48 -51.97 -12.35 -19.95
N HIS A 49 -52.27 -13.48 -20.57
CA HIS A 49 -53.45 -14.28 -20.20
C HIS A 49 -53.23 -14.99 -18.88
N THR A 50 -54.30 -15.15 -18.11
CA THR A 50 -54.22 -15.89 -16.86
C THR A 50 -55.51 -16.62 -16.51
N LEU A 51 -55.47 -17.94 -16.71
CA LEU A 51 -56.57 -18.83 -16.35
C LEU A 51 -56.29 -19.51 -15.02
N ARG A 52 -57.25 -19.41 -14.11
CA ARG A 52 -57.09 -20.00 -12.80
C ARG A 52 -58.30 -20.88 -12.50
N LEU A 53 -58.06 -22.19 -12.48
CA LEU A 53 -59.11 -23.14 -12.18
C LEU A 53 -59.53 -23.05 -10.72
N LEU A 54 -60.84 -23.17 -10.48
CA LEU A 54 -61.40 -23.08 -9.12
C LEU A 54 -61.78 -24.43 -8.54
N GLY A 55 -61.98 -24.46 -7.23
CA GLY A 55 -62.35 -25.69 -6.56
C GLY A 55 -61.16 -26.62 -6.49
N PRO A 56 -61.42 -27.94 -6.48
CA PRO A 56 -60.39 -28.97 -6.25
C PRO A 56 -59.30 -28.83 -7.30
N PHE A 57 -59.68 -28.37 -8.49
CA PHE A 57 -58.76 -28.26 -9.61
C PHE A 57 -57.70 -27.20 -9.46
N GLN A 58 -57.80 -26.37 -8.42
CA GLN A 58 -56.79 -25.32 -8.27
C GLN A 58 -55.45 -25.99 -8.05
N TYR A 59 -55.47 -27.16 -7.42
CA TYR A 59 -54.26 -27.96 -7.29
C TYR A 59 -54.29 -29.07 -8.32
N PHE A 60 -53.55 -28.86 -9.41
CA PHE A 60 -53.61 -29.78 -10.53
C PHE A 60 -52.31 -29.84 -11.31
N ASN A 61 -51.63 -30.97 -11.23
CA ASN A 61 -50.50 -31.22 -12.12
C ASN A 61 -51.00 -31.61 -13.51
N PHE A 62 -50.26 -31.22 -14.54
CA PHE A 62 -50.68 -31.52 -15.91
C PHE A 62 -49.72 -32.49 -16.60
N SER A 63 -50.28 -33.61 -17.08
CA SER A 63 -49.51 -34.55 -17.88
C SER A 63 -49.14 -33.83 -19.17
N GLU A 64 -48.02 -34.21 -19.79
CA GLU A 64 -47.61 -33.52 -21.02
C GLU A 64 -48.65 -33.74 -22.12
N THR A 65 -49.43 -34.81 -22.00
CA THR A 65 -50.58 -35.01 -22.86
C THR A 65 -51.62 -33.91 -22.61
N ASP A 66 -51.77 -33.50 -21.36
CA ASP A 66 -52.74 -32.45 -21.04
C ASP A 66 -52.34 -31.12 -21.65
N ARG A 67 -51.03 -30.88 -21.69
CA ARG A 67 -50.49 -29.67 -22.31
C ARG A 67 -50.62 -29.66 -23.83
N GLY A 68 -50.77 -30.83 -24.42
CA GLY A 68 -50.91 -30.93 -25.86
C GLY A 68 -52.30 -30.60 -26.31
N HIS A 69 -53.20 -30.44 -25.35
CA HIS A 69 -54.56 -30.04 -25.64
C HIS A 69 -54.57 -28.58 -26.14
N PRO A 70 -55.48 -28.26 -27.07
CA PRO A 70 -55.58 -26.94 -27.70
C PRO A 70 -55.83 -25.81 -26.71
N LEU A 71 -56.45 -26.11 -25.57
CA LEU A 71 -56.76 -25.09 -24.58
C LEU A 71 -55.51 -24.35 -24.12
N PHE A 72 -54.38 -25.06 -24.10
CA PHE A 72 -53.12 -24.46 -23.68
C PHE A 72 -52.41 -23.76 -24.84
N ARG A 73 -52.91 -23.98 -26.05
CA ARG A 73 -52.37 -23.33 -27.22
C ARG A 73 -52.97 -21.94 -27.43
N LEU A 74 -54.07 -21.66 -26.73
CA LEU A 74 -54.83 -20.41 -26.87
C LEU A 74 -54.09 -19.10 -26.58
N PRO A 75 -53.34 -19.03 -25.46
CA PRO A 75 -52.62 -17.78 -25.21
C PRO A 75 -51.62 -17.42 -26.32
N LEU A 76 -51.00 -18.43 -26.92
CA LEU A 76 -50.15 -18.19 -28.09
C LEU A 76 -50.98 -17.77 -29.31
N LYS A 77 -52.22 -18.26 -29.37
CA LYS A 77 -53.12 -17.97 -30.46
C LYS A 77 -53.61 -16.51 -30.44
N TYR A 78 -53.57 -15.90 -29.26
CA TYR A 78 -54.08 -14.53 -29.11
C TYR A 78 -53.09 -13.64 -28.37
N PRO A 79 -51.99 -13.27 -29.05
CA PRO A 79 -50.94 -12.45 -28.45
C PRO A 79 -51.46 -11.10 -27.95
N SER A 80 -52.45 -10.54 -28.64
CA SER A 80 -52.83 -9.15 -28.42
C SER A 80 -54.10 -8.94 -27.59
N LYS A 81 -55.21 -9.52 -28.03
CA LYS A 81 -56.49 -9.34 -27.34
C LYS A 81 -56.86 -10.53 -26.46
N ALA A 82 -57.82 -10.33 -25.59
CA ALA A 82 -58.29 -11.40 -24.69
C ALA A 82 -58.89 -12.56 -25.46
N ILE A 83 -58.64 -13.77 -24.99
CA ILE A 83 -59.20 -14.97 -25.62
C ILE A 83 -60.70 -14.89 -25.52
N PRO A 84 -61.40 -15.04 -26.66
CA PRO A 84 -62.86 -14.89 -26.64
C PRO A 84 -63.48 -15.93 -25.72
N ALA A 85 -64.53 -15.56 -25.00
CA ALA A 85 -65.07 -16.40 -23.94
C ALA A 85 -65.61 -17.72 -24.47
N ASP A 86 -66.08 -17.71 -25.72
CA ASP A 86 -66.63 -18.91 -26.32
C ASP A 86 -65.52 -19.96 -26.50
N GLU A 87 -64.38 -19.54 -27.03
CA GLU A 87 -63.25 -20.46 -27.23
C GLU A 87 -62.67 -20.95 -25.90
N LEU A 88 -62.68 -20.09 -24.90
CA LEU A 88 -62.13 -20.44 -23.60
C LEU A 88 -63.02 -21.48 -22.95
N ILE A 89 -64.33 -21.22 -22.95
CA ILE A 89 -65.27 -22.16 -22.36
C ILE A 89 -65.25 -23.49 -23.11
N ASP A 90 -65.24 -23.43 -24.44
CA ASP A 90 -65.30 -24.66 -25.23
C ASP A 90 -64.06 -25.52 -25.02
N ASN A 91 -62.88 -24.90 -25.13
CA ASN A 91 -61.63 -25.64 -24.98
C ASN A 91 -61.41 -26.14 -23.56
N LEU A 92 -61.70 -25.28 -22.59
CA LEU A 92 -61.51 -25.66 -21.20
C LEU A 92 -62.47 -26.79 -20.85
N HIS A 93 -63.64 -26.76 -21.48
CA HIS A 93 -64.65 -27.78 -21.24
C HIS A 93 -64.22 -29.12 -21.82
N SER A 94 -63.67 -29.07 -23.04
CA SER A 94 -63.23 -30.30 -23.66
C SER A 94 -62.05 -30.91 -22.90
N TRP A 95 -61.12 -30.07 -22.45
CA TRP A 95 -60.03 -30.59 -21.62
C TRP A 95 -60.55 -31.11 -20.29
N MET A 96 -61.60 -30.48 -19.78
CA MET A 96 -62.21 -30.94 -18.54
C MET A 96 -62.80 -32.32 -18.75
N ARG A 97 -63.33 -32.56 -19.95
CA ARG A 97 -63.79 -33.90 -20.31
C ARG A 97 -62.61 -34.84 -20.39
N SER A 98 -61.48 -34.31 -20.83
CA SER A 98 -60.29 -35.11 -21.05
C SER A 98 -59.72 -35.71 -19.76
N VAL A 99 -59.92 -35.02 -18.65
CA VAL A 99 -59.39 -35.45 -17.36
C VAL A 99 -60.32 -36.42 -16.66
N HIS A 100 -59.76 -37.47 -16.07
CA HIS A 100 -60.53 -38.42 -15.29
C HIS A 100 -59.64 -39.08 -14.26
N LEU A 101 -59.78 -38.65 -13.00
CA LEU A 101 -59.02 -39.21 -11.88
C LEU A 101 -59.42 -40.63 -11.47
N LEU A 102 -58.41 -41.46 -11.22
CA LEU A 102 -58.63 -42.83 -10.74
C LEU A 102 -59.18 -42.84 -9.33
N HIS A 103 -60.17 -43.68 -9.07
CA HIS A 103 -60.74 -43.80 -7.74
C HIS A 103 -61.58 -45.05 -7.61
N VAL A 104 -61.84 -45.45 -6.37
CA VAL A 104 -62.82 -46.49 -6.10
C VAL A 104 -63.83 -45.93 -5.12
N ARG A 105 -65.04 -45.67 -5.61
CA ARG A 105 -66.08 -45.10 -4.77
C ARG A 105 -66.58 -46.10 -3.74
N SER A 106 -66.91 -45.62 -2.55
CA SER A 106 -67.31 -46.50 -1.46
C SER A 106 -68.30 -45.83 -0.52
N GLU A 107 -69.09 -46.64 0.16
CA GLU A 107 -70.18 -46.14 1.01
C GLU A 107 -69.75 -45.38 2.28
N ASP A 108 -68.54 -45.63 2.79
CA ASP A 108 -68.17 -45.08 4.09
C ASP A 108 -68.21 -43.56 4.08
N ASN A 109 -68.85 -42.98 5.09
CA ASN A 109 -69.03 -41.53 5.16
C ASN A 109 -67.80 -40.80 5.70
N THR A 110 -66.90 -41.56 6.33
CA THR A 110 -65.70 -40.98 6.95
C THR A 110 -64.60 -40.77 5.93
N LEU A 111 -64.77 -41.34 4.74
CA LEU A 111 -63.73 -41.33 3.72
C LEU A 111 -63.56 -40.02 2.96
N ARG A 112 -62.33 -39.78 2.53
CA ARG A 112 -62.00 -38.67 1.65
C ARG A 112 -61.34 -39.23 0.39
N TYR A 113 -60.72 -38.38 -0.39
CA TYR A 113 -60.00 -38.84 -1.57
C TYR A 113 -58.69 -38.07 -1.70
N ASN A 114 -57.57 -38.79 -1.66
CA ASN A 114 -56.27 -38.16 -1.69
C ASN A 114 -56.06 -37.51 -3.04
N TRP A 115 -56.66 -36.35 -3.22
CA TRP A 115 -56.70 -35.67 -4.51
C TRP A 115 -55.30 -35.31 -5.01
N MET A 116 -54.40 -34.98 -4.09
CA MET A 116 -53.04 -34.62 -4.48
C MET A 116 -52.37 -35.79 -5.19
N LEU A 117 -52.41 -36.95 -4.56
CA LEU A 117 -51.79 -38.15 -5.10
C LEU A 117 -52.50 -38.60 -6.35
N GLY A 118 -53.80 -38.34 -6.43
CA GLY A 118 -54.59 -38.81 -7.54
C GLY A 118 -54.21 -38.05 -8.80
N VAL A 119 -54.24 -36.72 -8.68
CA VAL A 119 -53.87 -35.90 -9.83
C VAL A 119 -52.39 -36.06 -10.18
N TYR A 120 -51.57 -36.30 -9.17
CA TYR A 120 -50.14 -36.41 -9.43
C TYR A 120 -49.86 -37.69 -10.19
N ALA A 121 -50.44 -38.77 -9.71
CA ALA A 121 -50.28 -40.06 -10.35
C ALA A 121 -50.80 -39.95 -11.77
N ARG A 122 -51.86 -39.15 -11.96
CA ARG A 122 -52.41 -39.01 -13.30
C ARG A 122 -51.44 -38.28 -14.22
N SER A 123 -50.83 -37.22 -13.69
CA SER A 123 -49.98 -36.34 -14.50
C SER A 123 -48.69 -37.01 -14.93
N THR A 124 -48.24 -37.98 -14.14
CA THR A 124 -47.05 -38.75 -14.50
C THR A 124 -47.44 -39.87 -15.46
N ASN A 125 -48.74 -39.99 -15.68
CA ASN A 125 -49.32 -41.10 -16.43
C ASN A 125 -49.04 -42.42 -15.73
N TYR A 126 -48.91 -42.35 -14.41
CA TYR A 126 -48.73 -43.53 -13.56
C TYR A 126 -47.46 -44.28 -13.91
N THR A 127 -46.32 -43.59 -13.86
CA THR A 127 -45.02 -44.21 -14.13
C THR A 127 -44.13 -44.19 -12.90
N THR A 128 -44.38 -43.22 -12.02
CA THR A 128 -43.73 -43.18 -10.73
C THR A 128 -44.29 -44.31 -9.89
N PRO A 129 -43.54 -44.76 -8.87
CA PRO A 129 -44.01 -45.82 -7.98
C PRO A 129 -45.34 -45.45 -7.32
N VAL A 130 -45.53 -44.16 -7.03
CA VAL A 130 -46.81 -43.72 -6.51
C VAL A 130 -47.88 -43.96 -7.56
N GLY A 131 -47.50 -43.79 -8.82
CA GLY A 131 -48.42 -43.95 -9.93
C GLY A 131 -48.82 -45.40 -10.12
N GLN A 132 -47.87 -46.31 -9.91
CA GLN A 132 -48.16 -47.74 -10.00
C GLN A 132 -49.05 -48.14 -8.86
N LEU A 133 -48.74 -47.65 -7.67
CA LEU A 133 -49.49 -48.00 -6.48
C LEU A 133 -50.94 -47.55 -6.67
N VAL A 134 -51.12 -46.40 -7.31
CA VAL A 134 -52.47 -45.89 -7.50
C VAL A 134 -53.19 -46.64 -8.60
N VAL A 135 -52.49 -46.91 -9.70
CA VAL A 135 -53.13 -47.57 -10.82
C VAL A 135 -53.53 -49.01 -10.49
N ASN A 136 -52.78 -49.65 -9.58
CA ASN A 136 -53.09 -51.02 -9.17
C ASN A 136 -54.06 -51.08 -8.00
N ALA A 137 -53.92 -50.15 -7.07
CA ALA A 137 -54.82 -50.10 -5.91
C ALA A 137 -55.40 -48.72 -5.69
N PRO A 138 -56.33 -48.28 -6.55
CA PRO A 138 -56.94 -46.94 -6.51
C PRO A 138 -57.64 -46.67 -5.18
N ALA A 139 -58.12 -47.74 -4.55
CA ALA A 139 -58.78 -47.64 -3.26
C ALA A 139 -57.83 -47.08 -2.20
N ILE A 140 -56.53 -47.18 -2.45
CA ILE A 140 -55.54 -46.64 -1.52
C ILE A 140 -55.64 -45.12 -1.43
N LEU A 141 -56.18 -44.48 -2.46
CA LEU A 141 -56.42 -43.04 -2.45
C LEU A 141 -57.49 -42.58 -1.46
N ASN A 142 -58.47 -43.43 -1.20
CA ASN A 142 -59.45 -43.17 -0.15
C ASN A 142 -58.80 -43.15 1.23
N TYR A 143 -59.24 -42.23 2.08
CA TYR A 143 -58.71 -42.20 3.44
C TYR A 143 -59.67 -41.62 4.47
N SER A 144 -59.65 -42.20 5.67
CA SER A 144 -60.41 -41.67 6.79
C SER A 144 -59.54 -40.67 7.54
N ASN A 145 -58.52 -41.17 8.25
CA ASN A 145 -57.54 -40.29 8.86
C ASN A 145 -56.67 -39.65 7.78
N PRO A 146 -56.60 -38.30 7.77
CA PRO A 146 -55.86 -37.55 6.75
C PRO A 146 -54.39 -37.90 6.65
N GLN A 147 -53.74 -38.22 7.77
CA GLN A 147 -52.32 -38.53 7.74
C GLN A 147 -52.03 -39.89 7.14
N ASP A 148 -52.87 -40.87 7.46
CA ASP A 148 -52.65 -42.25 7.04
C ASP A 148 -52.85 -42.37 5.53
N ALA A 149 -53.35 -41.28 4.95
CA ALA A 149 -53.53 -41.17 3.51
C ALA A 149 -52.21 -41.36 2.80
N PHE A 150 -51.14 -40.87 3.44
CA PHE A 150 -49.81 -40.98 2.88
C PHE A 150 -49.02 -42.12 3.50
N ASN A 151 -49.25 -42.36 4.79
CA ASN A 151 -48.55 -43.43 5.47
C ASN A 151 -48.85 -44.75 4.78
N SER A 152 -50.06 -44.89 4.25
CA SER A 152 -50.40 -46.09 3.52
C SER A 152 -49.53 -46.23 2.27
N VAL A 153 -49.28 -45.11 1.58
CA VAL A 153 -48.47 -45.17 0.36
C VAL A 153 -46.98 -45.34 0.65
N PHE A 154 -46.55 -44.93 1.84
CA PHE A 154 -45.15 -45.05 2.22
C PHE A 154 -44.84 -46.46 2.64
N VAL A 155 -45.71 -47.01 3.49
CA VAL A 155 -45.55 -48.38 3.92
C VAL A 155 -45.67 -49.29 2.70
N ALA A 156 -46.58 -48.94 1.80
CA ALA A 156 -46.75 -49.69 0.56
C ALA A 156 -45.57 -49.54 -0.41
N LEU A 157 -44.85 -48.42 -0.36
CA LEU A 157 -43.72 -48.26 -1.28
C LEU A 157 -42.36 -48.55 -0.67
N GLY A 158 -42.25 -48.41 0.64
CA GLY A 158 -40.99 -48.68 1.31
C GLY A 158 -40.06 -47.49 1.24
N ILE A 159 -40.53 -46.42 0.62
CA ILE A 159 -39.83 -45.15 0.57
C ILE A 159 -39.98 -44.35 1.87
N ASP A 160 -39.02 -43.50 2.18
CA ASP A 160 -39.14 -42.57 3.30
C ASP A 160 -39.83 -41.25 2.92
N TYR A 161 -39.98 -41.00 1.62
CA TYR A 161 -40.64 -39.78 1.16
C TYR A 161 -41.07 -39.84 -0.30
N ILE A 162 -41.93 -38.91 -0.69
CA ILE A 162 -42.21 -38.67 -2.10
C ILE A 162 -41.95 -37.21 -2.35
N ASP A 163 -41.60 -36.86 -3.58
CA ASP A 163 -41.34 -35.47 -3.90
C ASP A 163 -42.29 -34.98 -5.02
N ILE A 164 -43.39 -34.36 -4.60
CA ILE A 164 -44.39 -33.78 -5.49
C ILE A 164 -43.96 -32.44 -6.08
N PRO A 165 -44.06 -32.29 -7.42
CA PRO A 165 -43.93 -30.98 -8.07
C PRO A 165 -45.07 -30.04 -7.65
N ILE A 166 -44.79 -28.75 -7.54
CA ILE A 166 -45.86 -27.82 -7.20
C ILE A 166 -46.58 -27.32 -8.43
N THR A 167 -47.85 -27.01 -8.25
CA THR A 167 -48.65 -26.41 -9.31
C THR A 167 -48.27 -24.95 -9.51
N ASN A 168 -48.32 -24.49 -10.77
CA ASN A 168 -48.31 -23.07 -11.02
C ASN A 168 -49.77 -22.64 -11.01
N SER A 169 -50.09 -21.56 -10.31
CA SER A 169 -51.49 -21.22 -10.06
C SER A 169 -52.24 -20.85 -11.35
N ASN A 170 -51.68 -19.93 -12.14
CA ASN A 170 -52.13 -19.75 -13.51
C ASN A 170 -51.78 -21.00 -14.29
N ILE A 171 -52.71 -21.50 -15.08
CA ILE A 171 -52.46 -22.74 -15.81
C ILE A 171 -51.84 -22.48 -17.17
N PHE A 172 -51.68 -21.21 -17.52
CA PHE A 172 -51.16 -20.88 -18.85
C PHE A 172 -49.65 -20.82 -18.91
N ASP A 173 -49.01 -20.22 -17.90
CA ASP A 173 -47.57 -20.27 -17.82
C ASP A 173 -47.13 -21.71 -17.54
N ASP A 174 -46.11 -22.15 -18.27
CA ASP A 174 -45.63 -23.53 -18.16
C ASP A 174 -44.21 -23.48 -17.60
N SER A 175 -43.83 -22.32 -17.06
CA SER A 175 -42.47 -22.10 -16.61
C SER A 175 -42.10 -23.05 -15.49
N SER A 176 -40.83 -23.44 -15.45
CA SER A 176 -40.34 -24.39 -14.44
C SER A 176 -40.58 -23.85 -13.04
N THR A 177 -41.07 -24.74 -12.18
CA THR A 177 -41.44 -24.37 -10.81
C THR A 177 -40.24 -24.08 -9.92
N PRO A 178 -40.35 -23.05 -9.07
CA PRO A 178 -39.28 -22.62 -8.18
C PRO A 178 -38.80 -23.71 -7.21
N TYR A 179 -39.74 -24.54 -6.77
CA TYR A 179 -39.43 -25.53 -5.76
C TYR A 179 -40.37 -26.72 -5.89
N ASN A 180 -40.09 -27.77 -5.15
CA ASN A 180 -41.06 -28.86 -5.06
C ASN A 180 -41.26 -29.20 -3.61
N VAL A 181 -42.41 -29.77 -3.29
CA VAL A 181 -42.70 -30.14 -1.93
C VAL A 181 -42.35 -31.61 -1.74
N ARG A 182 -41.80 -31.95 -0.59
CA ARG A 182 -41.47 -33.34 -0.31
C ARG A 182 -42.25 -33.84 0.91
N ILE A 183 -43.20 -34.75 0.66
CA ILE A 183 -43.96 -35.37 1.75
C ILE A 183 -43.15 -36.48 2.38
N TRP A 184 -43.00 -36.42 3.70
CA TRP A 184 -42.20 -37.37 4.45
C TRP A 184 -43.04 -38.42 5.17
N HIS A 185 -42.48 -39.61 5.31
CA HIS A 185 -43.08 -40.62 6.16
C HIS A 185 -42.65 -40.37 7.58
N ALA A 186 -43.39 -39.51 8.30
CA ALA A 186 -43.13 -39.30 9.73
C ALA A 186 -44.40 -39.28 10.58
N PRO A 187 -45.00 -40.46 10.83
CA PRO A 187 -46.27 -40.54 11.57
C PRO A 187 -46.27 -39.96 12.99
N THR A 188 -45.16 -40.09 13.71
CA THR A 188 -45.07 -39.57 15.07
C THR A 188 -44.34 -38.24 15.09
N MET A 189 -44.51 -37.49 16.17
CA MET A 189 -43.78 -36.24 16.29
C MET A 189 -42.27 -36.47 16.30
N THR A 190 -41.84 -37.59 16.89
CA THR A 190 -40.41 -37.87 17.02
C THR A 190 -39.72 -38.09 15.68
N GLU A 191 -40.44 -38.74 14.76
CA GLU A 191 -39.93 -38.96 13.43
C GLU A 191 -39.77 -37.61 12.74
N VAL A 192 -40.70 -36.70 13.02
CA VAL A 192 -40.66 -35.37 12.44
C VAL A 192 -39.48 -34.56 12.98
N ASN A 193 -39.22 -34.72 14.28
CA ASN A 193 -38.08 -34.03 14.88
C ASN A 193 -36.82 -34.49 14.20
N HIS A 194 -36.75 -35.80 13.97
CA HIS A 194 -35.55 -36.34 13.36
C HIS A 194 -35.38 -35.82 11.94
N ILE A 195 -36.47 -35.79 11.17
CA ILE A 195 -36.39 -35.34 9.80
C ILE A 195 -36.01 -33.86 9.73
N LEU A 196 -36.44 -33.08 10.71
CA LEU A 196 -36.11 -31.66 10.72
C LEU A 196 -34.63 -31.48 11.04
N ALA A 197 -34.17 -32.20 12.06
CA ALA A 197 -32.76 -32.09 12.47
C ALA A 197 -31.82 -32.56 11.36
N LEU A 198 -32.21 -33.59 10.62
CA LEU A 198 -31.45 -33.98 9.44
C LEU A 198 -31.58 -32.93 8.35
N MET A 199 -32.71 -32.23 8.35
CA MET A 199 -32.95 -31.26 7.29
C MET A 199 -32.06 -30.07 7.45
N ARG A 200 -31.60 -29.82 8.68
CA ARG A 200 -30.71 -28.68 8.85
C ARG A 200 -29.29 -28.98 8.36
N LYS A 201 -29.03 -30.23 8.04
CA LYS A 201 -27.76 -30.64 7.43
C LYS A 201 -27.69 -30.46 5.90
N SER A 202 -28.77 -30.00 5.26
CA SER A 202 -28.79 -29.97 3.79
C SER A 202 -29.38 -28.69 3.18
N THR A 203 -28.79 -28.22 2.08
CA THR A 203 -29.10 -26.91 1.49
C THR A 203 -30.50 -26.66 0.96
N LEU A 204 -30.92 -25.39 1.01
CA LEU A 204 -32.11 -24.88 0.33
C LEU A 204 -33.40 -25.57 0.66
N VAL A 205 -33.64 -25.83 1.94
CA VAL A 205 -34.93 -26.40 2.32
C VAL A 205 -35.58 -25.61 3.44
N SER A 206 -36.91 -25.62 3.42
CA SER A 206 -37.68 -24.93 4.44
C SER A 206 -39.03 -25.60 4.62
N THR A 207 -39.69 -25.32 5.73
CA THR A 207 -40.95 -25.98 6.04
C THR A 207 -41.91 -25.11 6.84
N HIS A 208 -43.19 -25.43 6.74
CA HIS A 208 -44.24 -24.71 7.45
C HIS A 208 -44.27 -25.03 8.93
N SER A 209 -44.79 -24.10 9.73
CA SER A 209 -44.87 -24.30 11.17
C SER A 209 -45.71 -25.51 11.50
N SER A 210 -46.70 -25.78 10.65
CA SER A 210 -47.52 -26.99 10.75
C SER A 210 -47.99 -27.39 9.35
N TRP A 211 -48.33 -28.66 9.18
CA TRP A 211 -48.52 -29.20 7.85
C TRP A 211 -49.91 -29.74 7.65
N HIS A 212 -50.38 -29.67 6.41
CA HIS A 212 -51.69 -30.17 6.03
C HIS A 212 -51.71 -31.68 5.93
N TRP A 213 -52.90 -32.25 6.09
CA TRP A 213 -53.09 -33.69 6.25
C TRP A 213 -52.35 -34.19 7.48
N ASN A 214 -51.87 -33.27 8.32
CA ASN A 214 -51.04 -33.59 9.47
C ASN A 214 -49.86 -34.48 9.07
N VAL A 215 -49.34 -34.27 7.87
CA VAL A 215 -48.16 -35.00 7.41
C VAL A 215 -47.04 -34.03 7.02
N LEU A 216 -45.86 -34.27 7.59
CA LEU A 216 -44.75 -33.34 7.47
C LEU A 216 -44.36 -33.17 6.01
N HIS A 217 -44.27 -31.92 5.55
CA HIS A 217 -43.81 -31.64 4.18
C HIS A 217 -42.79 -30.53 4.07
N THR A 218 -41.71 -30.78 3.32
CA THR A 218 -40.60 -29.82 3.20
C THR A 218 -40.41 -29.31 1.76
N PHE A 219 -40.45 -27.99 1.59
CA PHE A 219 -40.08 -27.36 0.33
C PHE A 219 -38.59 -27.41 0.06
N HIS A 220 -38.26 -27.76 -1.18
CA HIS A 220 -36.89 -27.80 -1.66
C HIS A 220 -36.80 -26.98 -2.92
N TYR A 221 -36.07 -25.87 -2.82
CA TYR A 221 -36.02 -24.84 -3.86
C TYR A 221 -34.90 -25.14 -4.84
N ARG A 222 -35.13 -24.81 -6.11
CA ARG A 222 -34.13 -25.08 -7.13
C ARG A 222 -33.01 -24.02 -7.15
N SER A 223 -33.23 -22.92 -6.45
CA SER A 223 -32.28 -21.82 -6.43
C SER A 223 -32.57 -20.95 -5.22
N GLU A 224 -31.58 -20.15 -4.82
CA GLU A 224 -31.73 -19.31 -3.63
C GLU A 224 -32.86 -18.27 -3.78
N SER A 225 -32.91 -17.65 -4.95
CA SER A 225 -33.86 -16.58 -5.19
C SER A 225 -35.30 -17.07 -5.16
N ASP A 226 -35.49 -18.32 -5.60
CA ASP A 226 -36.82 -18.90 -5.58
C ASP A 226 -37.28 -19.06 -4.14
N MET A 227 -36.33 -19.42 -3.28
CA MET A 227 -36.61 -19.52 -1.86
C MET A 227 -36.98 -18.15 -1.33
N ILE A 228 -36.27 -17.12 -1.80
CA ILE A 228 -36.53 -15.78 -1.31
C ILE A 228 -37.93 -15.29 -1.67
N ASP A 229 -38.35 -15.48 -2.92
CA ASP A 229 -39.70 -15.07 -3.28
C ASP A 229 -40.77 -15.86 -2.52
N HIS A 230 -40.49 -17.13 -2.25
CA HIS A 230 -41.45 -17.95 -1.50
C HIS A 230 -41.61 -17.42 -0.08
N PHE A 231 -40.47 -17.21 0.56
CA PHE A 231 -40.46 -16.74 1.94
C PHE A 231 -41.16 -15.40 2.04
N ALA A 232 -40.91 -14.53 1.07
CA ALA A 232 -41.53 -13.20 1.09
C ALA A 232 -43.05 -13.29 0.93
N ALA A 233 -43.53 -14.16 0.05
CA ALA A 233 -44.98 -14.31 -0.11
C ALA A 233 -45.61 -14.81 1.19
N LYS A 234 -44.92 -15.74 1.84
CA LYS A 234 -45.43 -16.24 3.11
C LYS A 234 -45.38 -15.19 4.23
N ILE A 235 -44.37 -14.32 4.22
CA ILE A 235 -44.28 -13.26 5.22
C ILE A 235 -45.40 -12.26 5.02
N LEU A 236 -45.77 -12.02 3.77
CA LEU A 236 -46.92 -11.17 3.49
C LEU A 236 -48.16 -11.83 4.09
N GLU A 237 -48.30 -13.14 3.86
CA GLU A 237 -49.48 -13.84 4.32
C GLU A 237 -49.62 -13.80 5.85
N ASP A 238 -48.54 -14.16 6.55
CA ASP A 238 -48.57 -14.18 8.02
C ASP A 238 -48.72 -12.80 8.60
N TRP A 239 -48.15 -11.80 7.93
CA TRP A 239 -48.28 -10.42 8.41
C TRP A 239 -49.72 -9.94 8.29
N ARG A 240 -50.39 -10.29 7.20
CA ARG A 240 -51.79 -9.88 7.03
C ARG A 240 -52.68 -10.60 8.04
N GLN A 241 -52.41 -11.90 8.21
CA GLN A 241 -53.22 -12.71 9.09
C GLN A 241 -53.08 -12.22 10.53
N LYS A 242 -51.84 -11.95 10.92
CA LYS A 242 -51.56 -11.43 12.25
C LYS A 242 -52.15 -10.03 12.40
N GLU A 243 -52.25 -9.31 11.28
CA GLU A 243 -52.88 -8.00 11.30
C GLU A 243 -54.37 -8.13 11.58
N LYS A 244 -54.97 -9.22 11.12
CA LYS A 244 -56.40 -9.46 11.41
C LYS A 244 -56.64 -9.98 12.83
N LEU A 245 -55.76 -10.87 13.29
CA LEU A 245 -55.83 -11.37 14.66
C LEU A 245 -55.58 -10.28 15.70
N ASP A 246 -54.69 -9.33 15.37
CA ASP A 246 -54.39 -8.23 16.28
C ASP A 246 -55.59 -7.30 16.46
N LYS A 247 -56.39 -7.17 15.40
CA LYS A 247 -57.63 -6.40 15.48
C LYS A 247 -58.67 -7.19 16.25
N GLY A 248 -58.37 -8.47 16.46
CA GLY A 248 -59.17 -9.32 17.32
C GLY A 248 -60.33 -10.00 16.64
N ALA A 249 -60.55 -9.69 15.36
CA ALA A 249 -61.64 -10.30 14.60
C ALA A 249 -61.40 -11.79 14.38
N LEU A 250 -62.47 -12.58 14.43
CA LEU A 250 -62.38 -14.02 14.25
C LEU A 250 -61.86 -14.31 12.85
N VAL A 251 -60.90 -15.23 12.73
CA VAL A 251 -60.39 -15.57 11.40
C VAL A 251 -60.31 -17.08 11.15
N GLU A 252 -60.60 -17.47 9.91
CA GLU A 252 -60.59 -18.87 9.52
C GLU A 252 -59.20 -19.28 9.07
N ALA A 253 -58.18 -18.88 9.82
CA ALA A 253 -56.79 -19.13 9.43
C ALA A 253 -56.43 -20.62 9.34
N ASP A 254 -55.69 -20.96 8.28
CA ASP A 254 -55.27 -22.33 8.02
C ASP A 254 -54.27 -22.84 9.06
N ARG A 255 -53.45 -21.93 9.57
CA ARG A 255 -52.49 -22.24 10.63
C ARG A 255 -52.05 -20.96 11.31
N VAL A 256 -51.71 -21.05 12.58
CA VAL A 256 -51.44 -19.85 13.37
C VAL A 256 -50.24 -19.01 12.88
N ILE A 257 -49.21 -19.67 12.34
CA ILE A 257 -48.06 -18.95 11.81
C ILE A 257 -47.87 -19.25 10.32
N GLN A 258 -48.45 -18.41 9.48
CA GLN A 258 -48.50 -18.69 8.04
C GLN A 258 -47.13 -18.70 7.33
N ARG A 259 -46.15 -18.00 7.89
CA ARG A 259 -44.81 -17.89 7.29
C ARG A 259 -43.91 -19.12 7.49
N LEU A 260 -42.93 -19.26 6.58
CA LEU A 260 -41.99 -20.39 6.59
C LEU A 260 -40.83 -20.31 7.58
N ILE A 261 -40.31 -21.48 7.93
CA ILE A 261 -39.08 -21.60 8.71
C ILE A 261 -37.96 -22.14 7.84
N PRO A 262 -36.90 -21.36 7.64
CA PRO A 262 -35.76 -21.96 6.94
C PRO A 262 -35.19 -23.10 7.75
N LEU A 263 -34.76 -24.16 7.09
CA LEU A 263 -34.01 -25.22 7.78
C LEU A 263 -32.59 -25.11 7.30
N SER A 264 -32.43 -24.88 6.01
CA SER A 264 -31.14 -24.46 5.50
C SER A 264 -31.35 -23.51 4.35
N SER A 265 -30.59 -22.42 4.37
CA SER A 265 -30.87 -21.29 3.51
C SER A 265 -29.68 -20.35 3.52
N SER A 266 -29.68 -19.40 2.60
CA SER A 266 -28.64 -18.36 2.58
C SER A 266 -28.92 -17.31 3.64
N THR A 267 -27.96 -16.42 3.82
CA THR A 267 -28.06 -15.32 4.77
C THR A 267 -29.33 -14.51 4.55
N TYR A 268 -29.63 -14.22 3.29
CA TYR A 268 -30.74 -13.34 2.94
C TYR A 268 -32.10 -13.89 3.33
N VAL A 269 -32.23 -15.22 3.22
CA VAL A 269 -33.43 -15.85 3.74
C VAL A 269 -33.50 -15.80 5.26
N GLN A 270 -32.36 -15.95 5.93
CA GLN A 270 -32.36 -15.88 7.40
C GLN A 270 -32.78 -14.50 7.87
N ARG A 271 -32.41 -13.49 7.09
CA ARG A 271 -32.85 -12.13 7.33
C ARG A 271 -34.36 -12.04 7.14
N LEU A 272 -34.86 -12.64 6.06
CA LEU A 272 -36.29 -12.60 5.80
C LEU A 272 -37.09 -13.26 6.93
N ALA A 273 -36.60 -14.39 7.43
CA ALA A 273 -37.27 -15.07 8.52
C ALA A 273 -37.24 -14.21 9.78
N ALA A 274 -36.16 -13.47 9.98
CA ALA A 274 -36.06 -12.65 11.18
C ALA A 274 -37.02 -11.46 11.17
N ILE A 275 -36.99 -10.63 10.12
CA ILE A 275 -37.94 -9.52 10.10
C ILE A 275 -39.36 -10.02 9.95
N GLY A 276 -39.53 -11.18 9.34
CA GLY A 276 -40.86 -11.73 9.17
C GLY A 276 -41.40 -12.10 10.53
N ALA A 277 -40.54 -12.63 11.38
CA ALA A 277 -40.94 -12.98 12.74
C ALA A 277 -41.21 -11.74 13.58
N LEU A 278 -40.51 -10.66 13.28
CA LEU A 278 -40.60 -9.45 14.11
C LEU A 278 -41.95 -8.77 14.13
N TYR A 279 -42.74 -8.98 13.08
CA TYR A 279 -44.00 -8.28 12.86
C TYR A 279 -43.84 -6.77 13.07
N PRO A 280 -42.94 -6.15 12.30
CA PRO A 280 -42.52 -4.76 12.46
C PRO A 280 -43.71 -3.82 12.24
N ASN A 281 -43.71 -2.70 12.95
CA ASN A 281 -44.80 -1.74 12.83
C ASN A 281 -44.92 -1.24 11.40
N GLU A 282 -43.81 -1.31 10.67
CA GLU A 282 -43.70 -0.76 9.33
C GLU A 282 -44.67 -1.38 8.32
N PHE A 283 -45.04 -2.63 8.54
CA PHE A 283 -46.06 -3.23 7.67
C PHE A 283 -47.46 -2.68 7.94
N THR A 284 -47.79 -2.52 9.22
CA THR A 284 -49.09 -1.99 9.60
C THR A 284 -49.24 -0.56 9.12
N GLU A 285 -48.11 0.16 9.10
CA GLU A 285 -48.09 1.56 8.68
C GLU A 285 -48.01 1.73 7.16
N ASN A 286 -47.80 0.63 6.43
CA ASN A 286 -47.56 0.65 4.98
C ASN A 286 -46.33 1.45 4.58
N VAL A 287 -45.33 1.48 5.45
CA VAL A 287 -44.05 2.14 5.15
C VAL A 287 -43.26 1.46 4.03
N LEU A 288 -43.30 0.13 3.99
CA LEU A 288 -42.65 -0.62 2.92
C LEU A 288 -43.45 -0.54 1.61
N ASP A 289 -42.74 -0.57 0.48
CA ASP A 289 -43.43 -0.74 -0.81
C ASP A 289 -43.49 -2.22 -1.19
N LEU A 290 -44.69 -2.69 -1.49
CA LEU A 290 -44.92 -4.11 -1.77
C LEU A 290 -44.68 -4.49 -3.22
N SER A 291 -44.38 -3.50 -4.07
CA SER A 291 -44.15 -3.76 -5.48
C SER A 291 -42.94 -4.68 -5.69
N ARG A 292 -41.95 -4.50 -4.83
CA ARG A 292 -40.76 -5.33 -4.82
C ARG A 292 -40.57 -5.78 -3.38
N LEU A 293 -41.49 -6.62 -2.95
CA LEU A 293 -41.69 -6.95 -1.55
C LEU A 293 -40.45 -7.45 -0.83
N SER A 294 -39.76 -8.41 -1.44
CA SER A 294 -38.60 -9.03 -0.81
C SER A 294 -37.48 -8.02 -0.60
N THR A 295 -37.36 -7.07 -1.53
CA THR A 295 -36.33 -6.06 -1.43
C THR A 295 -36.62 -5.15 -0.25
N ALA A 296 -37.89 -4.82 -0.10
CA ALA A 296 -38.35 -3.95 0.97
C ALA A 296 -38.03 -4.61 2.29
N LEU A 297 -38.27 -5.92 2.33
CA LEU A 297 -38.01 -6.71 3.52
C LEU A 297 -36.50 -6.80 3.83
N LEU A 298 -35.69 -6.81 2.79
CA LEU A 298 -34.25 -6.88 3.02
C LEU A 298 -33.77 -5.56 3.61
N GLN A 299 -34.24 -4.45 3.05
CA GLN A 299 -33.86 -3.14 3.57
C GLN A 299 -34.36 -2.94 4.99
N LEU A 300 -35.55 -3.48 5.25
CA LEU A 300 -36.16 -3.36 6.56
C LEU A 300 -35.34 -4.15 7.58
N SER A 301 -34.87 -5.32 7.15
CA SER A 301 -34.04 -6.15 8.01
C SER A 301 -32.72 -5.45 8.24
N ASP A 302 -32.30 -4.64 7.27
CA ASP A 302 -31.11 -3.84 7.46
C ASP A 302 -31.33 -2.83 8.55
N THR A 303 -32.44 -2.10 8.50
CA THR A 303 -32.68 -1.06 9.50
C THR A 303 -32.79 -1.69 10.87
N TYR A 304 -33.40 -2.88 10.94
CA TYR A 304 -33.49 -3.61 12.20
C TYR A 304 -32.16 -4.18 12.69
N TYR A 305 -31.26 -4.45 11.76
CA TYR A 305 -29.97 -5.05 12.11
C TYR A 305 -29.13 -4.08 12.93
N GLN A 306 -29.37 -2.79 12.71
CA GLN A 306 -28.73 -1.75 13.48
C GLN A 306 -29.82 -0.73 13.86
N HIS A 307 -30.86 -1.23 14.51
CA HIS A 307 -31.97 -0.39 14.95
C HIS A 307 -31.57 0.53 16.09
N ALA A 308 -32.15 1.73 16.12
CA ALA A 308 -31.90 2.66 17.21
C ALA A 308 -32.40 2.05 18.51
N ASN A 309 -33.47 1.26 18.42
CA ASN A 309 -34.02 0.58 19.57
C ASN A 309 -33.19 -0.65 19.88
N ASP A 310 -32.61 -0.71 21.07
CA ASP A 310 -31.77 -1.82 21.45
C ASP A 310 -32.55 -3.13 21.54
N GLN A 311 -33.81 -3.02 21.95
CA GLN A 311 -34.65 -4.20 22.10
C GLN A 311 -34.84 -4.83 20.74
N LEU A 312 -35.28 -4.02 19.78
CA LEU A 312 -35.58 -4.52 18.45
C LEU A 312 -34.33 -5.03 17.74
N ARG A 313 -33.20 -4.40 18.01
CA ARG A 313 -31.98 -4.82 17.34
C ARG A 313 -31.54 -6.17 17.91
N ARG A 314 -31.52 -6.28 19.24
CA ARG A 314 -31.08 -7.52 19.87
C ARG A 314 -32.03 -8.66 19.59
N LEU A 315 -33.30 -8.32 19.37
CA LEU A 315 -34.33 -9.30 19.06
C LEU A 315 -34.22 -9.79 17.62
N TYR A 316 -33.97 -8.86 16.70
CA TYR A 316 -33.75 -9.24 15.31
C TYR A 316 -32.49 -10.07 15.18
N ARG A 317 -31.43 -9.65 15.87
CA ARG A 317 -30.18 -10.36 15.81
C ARG A 317 -30.36 -11.77 16.37
N ARG A 318 -31.11 -11.88 17.47
CA ARG A 318 -31.33 -13.19 18.05
C ARG A 318 -32.12 -14.06 17.08
N MET A 319 -33.06 -13.45 16.36
CA MET A 319 -33.86 -14.21 15.40
C MET A 319 -33.03 -14.68 14.21
N TYR A 320 -32.01 -13.89 13.89
CA TYR A 320 -31.13 -14.21 12.79
C TYR A 320 -30.13 -15.31 13.17
N ASN A 321 -29.67 -15.29 14.41
CA ASN A 321 -28.72 -16.28 14.90
C ASN A 321 -29.29 -17.69 15.05
N ASP A 322 -30.61 -17.78 15.23
CA ASP A 322 -31.25 -19.08 15.42
C ASP A 322 -32.48 -19.16 14.53
N SER A 323 -32.26 -19.06 13.22
CA SER A 323 -33.35 -19.00 12.26
C SER A 323 -34.18 -20.28 12.20
N ARG A 324 -33.57 -21.41 12.56
CA ARG A 324 -34.29 -22.69 12.59
C ARG A 324 -35.38 -22.72 13.64
N THR A 325 -35.21 -21.98 14.72
CA THR A 325 -36.28 -21.76 15.71
C THR A 325 -37.36 -20.86 15.11
N LEU A 326 -38.61 -21.14 15.44
CA LEU A 326 -39.74 -20.36 14.96
C LEU A 326 -40.19 -19.40 16.06
N TYR A 327 -39.74 -18.14 15.98
CA TYR A 327 -40.16 -17.13 16.94
C TYR A 327 -41.62 -16.76 16.73
N MET A 328 -42.34 -16.55 17.83
CA MET A 328 -43.76 -16.23 17.74
C MET A 328 -44.22 -15.53 19.02
N THR A 329 -45.19 -14.64 18.86
CA THR A 329 -45.72 -13.89 19.99
C THR A 329 -46.53 -14.84 20.90
N GLN A 330 -46.64 -14.49 22.18
CA GLN A 330 -47.33 -15.34 23.15
C GLN A 330 -48.79 -15.60 22.75
N ARG A 331 -49.41 -14.59 22.15
CA ARG A 331 -50.79 -14.70 21.71
C ARG A 331 -50.93 -15.73 20.60
N HIS A 332 -49.86 -15.96 19.84
CA HIS A 332 -49.84 -17.02 18.86
C HIS A 332 -49.78 -18.35 19.58
N GLN A 333 -48.91 -18.41 20.58
CA GLN A 333 -48.64 -19.67 21.28
C GLN A 333 -49.88 -20.18 21.97
N GLU A 334 -50.71 -19.28 22.49
CA GLU A 334 -51.96 -19.74 23.12
C GLU A 334 -52.91 -20.37 22.10
N LEU A 335 -52.88 -19.86 20.87
CA LEU A 335 -53.66 -20.43 19.78
C LEU A 335 -53.15 -21.82 19.43
N LEU A 336 -51.83 -21.95 19.42
CA LEU A 336 -51.20 -23.23 19.13
C LEU A 336 -51.59 -24.24 20.20
N LEU A 337 -51.66 -23.78 21.44
CA LEU A 337 -52.04 -24.64 22.55
C LEU A 337 -53.48 -25.09 22.45
N ALA A 338 -54.35 -24.18 22.00
CA ALA A 338 -55.75 -24.55 21.81
C ALA A 338 -55.83 -25.62 20.72
N GLN A 339 -54.99 -25.47 19.71
CA GLN A 339 -54.98 -26.42 18.61
C GLN A 339 -54.49 -27.80 19.05
N ILE A 340 -53.49 -27.82 19.92
CA ILE A 340 -52.98 -29.08 20.49
C ILE A 340 -54.04 -29.72 21.37
N THR A 341 -54.83 -28.88 22.03
CA THR A 341 -55.94 -29.39 22.84
C THR A 341 -57.01 -30.06 21.99
N ALA A 342 -57.43 -29.40 20.91
CA ALA A 342 -58.48 -29.97 20.05
C ALA A 342 -58.07 -31.25 19.31
N ASP A 343 -56.81 -31.33 18.90
CA ASP A 343 -56.28 -32.47 18.15
C ASP A 343 -54.96 -32.96 18.73
N PRO A 344 -55.02 -33.80 19.78
CA PRO A 344 -53.87 -34.06 20.67
C PRO A 344 -52.64 -34.59 19.94
N ASN A 345 -52.83 -35.35 18.88
CA ASN A 345 -51.73 -35.95 18.12
C ASN A 345 -51.28 -35.16 16.89
N ILE A 346 -51.69 -33.90 16.79
CA ILE A 346 -51.30 -33.03 15.68
C ILE A 346 -49.79 -32.79 15.62
N LEU A 347 -49.24 -32.77 14.42
CA LEU A 347 -47.84 -32.40 14.24
C LEU A 347 -47.71 -30.89 13.99
N LEU A 348 -46.80 -30.28 14.72
CA LEU A 348 -46.42 -28.89 14.50
C LEU A 348 -45.00 -28.63 14.99
N TYR A 349 -44.36 -27.61 14.42
CA TYR A 349 -42.91 -27.45 14.52
C TYR A 349 -42.49 -27.28 15.96
N PRO A 350 -41.50 -28.08 16.38
CA PRO A 350 -41.16 -28.27 17.80
C PRO A 350 -40.25 -27.18 18.32
N TYR A 351 -39.42 -26.64 17.44
CA TYR A 351 -38.41 -25.68 17.84
C TYR A 351 -38.99 -24.29 17.72
N THR A 352 -39.31 -23.68 18.87
CA THR A 352 -40.04 -22.42 18.87
C THR A 352 -39.75 -21.57 20.10
N TYR A 353 -39.57 -20.26 19.89
CA TYR A 353 -39.33 -19.32 20.98
C TYR A 353 -40.47 -18.31 21.11
N ILE A 354 -40.85 -18.01 22.35
CA ILE A 354 -41.98 -17.12 22.61
C ILE A 354 -41.51 -15.76 23.11
N PHE A 355 -41.07 -14.90 22.19
CA PHE A 355 -40.61 -13.56 22.54
C PHE A 355 -41.77 -12.62 22.85
N THR A 356 -41.53 -11.64 23.71
CA THR A 356 -42.49 -10.58 23.95
C THR A 356 -42.27 -9.48 22.92
N THR A 357 -43.35 -9.07 22.24
CA THR A 357 -43.26 -8.04 21.22
C THR A 357 -42.93 -6.66 21.81
N ILE A 358 -42.10 -5.91 21.11
CA ILE A 358 -41.68 -4.59 21.58
C ILE A 358 -42.53 -3.48 20.96
N PRO A 359 -43.27 -2.76 21.80
CA PRO A 359 -44.09 -1.62 21.36
C PRO A 359 -43.26 -0.49 20.77
N THR A 360 -43.80 0.19 19.76
CA THR A 360 -43.16 1.38 19.20
C THR A 360 -44.21 2.48 19.00
N SER A 361 -43.90 3.67 19.50
CA SER A 361 -44.86 4.77 19.53
C SER A 361 -44.98 5.57 18.22
N MET A 362 -44.08 5.32 17.27
CA MET A 362 -44.04 6.15 16.07
C MET A 362 -45.01 5.72 14.98
N ASN A 363 -46.12 6.46 14.87
CA ASN A 363 -47.11 6.21 13.83
C ASN A 363 -46.76 6.92 12.54
N TYR A 364 -46.07 6.22 11.64
CA TYR A 364 -45.80 6.76 10.31
C TYR A 364 -47.10 6.95 9.52
N ILE A 365 -47.22 8.10 8.87
CA ILE A 365 -48.27 8.32 7.89
C ILE A 365 -47.93 7.53 6.63
N SER A 366 -48.94 6.95 5.97
CA SER A 366 -48.73 6.40 4.63
C SER A 366 -49.99 6.31 3.78
N ASN A 367 -49.79 6.43 2.47
CA ASN A 367 -50.81 6.13 1.49
C ASN A 367 -50.18 5.83 0.14
N THR A 368 -50.01 4.55 -0.15
CA THR A 368 -49.54 4.12 -1.45
C THR A 368 -50.66 4.25 -2.48
N GLY A 369 -50.29 4.45 -3.75
CA GLY A 369 -51.27 4.69 -4.79
C GLY A 369 -51.36 6.16 -5.15
N GLN A 370 -51.87 6.43 -6.34
CA GLN A 370 -51.80 7.76 -6.94
C GLN A 370 -52.49 8.86 -6.13
N GLY A 371 -51.90 10.05 -6.18
CA GLY A 371 -52.40 11.21 -5.46
C GLY A 371 -51.28 11.96 -4.75
N ARG A 372 -51.06 13.20 -5.16
CA ARG A 372 -50.12 14.08 -4.47
C ARG A 372 -50.71 14.53 -3.12
N ILE A 373 -49.85 14.63 -2.11
CA ILE A 373 -50.30 15.10 -0.79
C ILE A 373 -50.27 16.63 -0.76
N LYS A 374 -51.41 17.25 -0.47
CA LYS A 374 -51.50 18.73 -0.48
C LYS A 374 -51.32 19.35 0.90
N HIS A 375 -50.07 19.43 1.36
CA HIS A 375 -49.79 19.82 2.73
C HIS A 375 -50.31 21.20 3.06
N SER A 376 -50.72 21.37 4.31
CA SER A 376 -50.95 22.69 4.86
C SER A 376 -49.99 22.89 6.02
N LEU A 377 -48.89 23.59 5.76
CA LEU A 377 -47.85 23.79 6.76
C LEU A 377 -48.33 24.65 7.92
N THR A 378 -47.99 24.24 9.14
CA THR A 378 -48.24 25.06 10.31
C THR A 378 -47.18 26.15 10.46
N VAL A 379 -47.57 27.29 11.01
CA VAL A 379 -46.63 28.38 11.23
C VAL A 379 -45.58 28.02 12.27
N THR A 380 -45.98 27.21 13.25
CA THR A 380 -45.16 26.87 14.40
C THR A 380 -45.50 25.47 14.88
N GLY A 381 -44.60 24.87 15.66
CA GLY A 381 -44.82 23.52 16.18
C GLY A 381 -43.88 23.21 17.33
N ALA A 382 -43.90 21.96 17.78
CA ALA A 382 -43.08 21.55 18.91
C ALA A 382 -41.56 21.63 18.63
N THR A 383 -41.16 21.36 17.39
CA THR A 383 -39.74 21.37 17.03
C THR A 383 -39.11 22.76 17.07
N GLU A 384 -37.91 22.86 17.66
CA GLU A 384 -37.18 24.12 17.73
C GLU A 384 -36.03 24.09 16.76
N HIS A 385 -36.12 24.88 15.70
CA HIS A 385 -35.03 24.97 14.73
C HIS A 385 -34.00 26.03 15.12
N ASP A 386 -32.74 25.76 14.82
CA ASP A 386 -31.67 26.70 15.10
C ASP A 386 -30.65 26.67 13.96
N THR A 387 -30.61 27.76 13.19
CA THR A 387 -29.65 27.91 12.10
C THR A 387 -29.65 26.75 11.11
N VAL A 388 -30.82 26.40 10.59
CA VAL A 388 -30.94 25.30 9.64
C VAL A 388 -30.19 25.60 8.34
N ALA A 389 -29.48 24.59 7.83
CA ALA A 389 -28.73 24.73 6.58
C ALA A 389 -29.66 24.91 5.40
N ASP A 390 -29.22 25.67 4.40
CA ASP A 390 -30.02 25.91 3.21
C ASP A 390 -30.33 24.57 2.53
N ILE A 391 -31.58 24.40 2.13
CA ILE A 391 -32.02 23.14 1.52
C ILE A 391 -32.23 23.32 0.03
N VAL A 392 -31.21 22.97 -0.76
CA VAL A 392 -31.33 23.06 -2.19
C VAL A 392 -32.39 22.09 -2.69
N LEU A 393 -33.28 22.58 -3.55
CA LEU A 393 -34.20 21.71 -4.26
C LEU A 393 -33.56 21.38 -5.59
N GLY A 394 -33.63 20.11 -5.98
CA GLY A 394 -33.01 19.70 -7.23
C GLY A 394 -33.79 20.23 -8.43
N GLN A 395 -33.15 20.21 -9.59
CA GLN A 395 -33.83 20.50 -10.84
C GLN A 395 -34.84 19.39 -11.11
N THR A 396 -35.99 19.75 -11.67
CA THR A 396 -36.98 18.76 -12.05
C THR A 396 -37.34 18.89 -13.53
N GLY A 397 -37.56 17.74 -14.18
CA GLY A 397 -37.86 17.72 -15.59
C GLY A 397 -39.28 18.16 -15.91
N GLU A 398 -39.52 18.49 -17.17
CA GLU A 398 -40.88 18.80 -17.63
C GLU A 398 -41.64 17.49 -17.79
N ASP A 399 -40.93 16.38 -17.70
CA ASP A 399 -41.54 15.07 -17.65
C ASP A 399 -42.40 14.95 -16.40
N VAL A 400 -42.10 15.78 -15.39
CA VAL A 400 -42.81 15.73 -14.12
C VAL A 400 -43.64 16.99 -13.82
N ILE A 401 -43.03 18.16 -13.93
CA ILE A 401 -43.72 19.42 -13.60
C ILE A 401 -43.60 20.50 -14.67
N THR A 402 -44.72 20.84 -15.31
CA THR A 402 -44.73 22.00 -16.22
C THR A 402 -45.31 23.24 -15.51
N ILE A 403 -44.84 24.41 -15.93
CA ILE A 403 -45.23 25.65 -15.28
C ILE A 403 -45.90 26.62 -16.25
N SER A 404 -47.18 26.42 -16.50
CA SER A 404 -47.92 27.31 -17.39
C SER A 404 -48.06 28.71 -16.79
N MET A 405 -47.96 29.73 -17.63
CA MET A 405 -47.98 31.12 -17.16
C MET A 405 -49.28 31.55 -16.49
N VAL A 406 -50.41 31.02 -16.95
CA VAL A 406 -51.72 31.43 -16.42
C VAL A 406 -52.62 30.21 -16.28
N GLU A 407 -53.46 30.20 -15.24
CA GLU A 407 -54.45 29.15 -15.08
C GLU A 407 -55.64 29.46 -15.98
N PRO A 408 -55.98 28.53 -16.89
CA PRO A 408 -57.20 28.67 -17.68
C PRO A 408 -58.39 28.64 -16.74
N MET A 409 -59.43 29.41 -17.05
CA MET A 409 -60.53 29.57 -16.12
C MET A 409 -61.62 28.52 -16.32
N SER A 410 -61.95 27.80 -15.24
CA SER A 410 -63.10 26.92 -15.24
C SER A 410 -64.36 27.74 -14.89
N ILE A 411 -65.40 27.61 -15.72
CA ILE A 411 -66.56 28.49 -15.58
C ILE A 411 -67.75 27.96 -16.39
N ALA A 412 -68.96 28.21 -15.90
CA ALA A 412 -70.16 27.87 -16.65
C ALA A 412 -70.25 28.73 -17.90
N VAL A 413 -70.76 28.16 -18.98
CA VAL A 413 -70.75 28.83 -20.28
C VAL A 413 -71.56 30.13 -20.33
N GLU A 414 -72.65 30.19 -19.57
CA GLU A 414 -73.49 31.38 -19.55
C GLU A 414 -72.76 32.59 -18.95
N ASP A 415 -71.91 32.33 -17.97
CA ASP A 415 -71.30 33.39 -17.16
C ASP A 415 -70.42 34.30 -18.01
N MET A 416 -69.95 33.78 -19.14
CA MET A 416 -69.10 34.55 -20.04
C MET A 416 -69.80 35.79 -20.57
N TYR A 417 -71.13 35.72 -20.71
CA TYR A 417 -71.85 36.82 -21.36
C TYR A 417 -72.40 37.84 -20.38
N GLY A 418 -71.97 37.75 -19.12
CA GLY A 418 -72.37 38.72 -18.13
C GLY A 418 -71.68 40.06 -18.32
N TYR A 419 -72.27 41.11 -17.76
CA TYR A 419 -71.72 42.45 -17.84
C TYR A 419 -72.12 43.25 -16.61
N VAL A 420 -71.38 44.31 -16.31
CA VAL A 420 -71.74 45.20 -15.22
C VAL A 420 -71.91 46.64 -15.71
N LEU A 421 -72.86 47.35 -15.10
CA LEU A 421 -73.14 48.74 -15.43
C LEU A 421 -72.66 49.70 -14.33
N ASP A 422 -72.38 50.94 -14.74
CA ASP A 422 -72.12 52.02 -13.80
C ASP A 422 -72.77 53.29 -14.35
N THR A 423 -73.91 53.64 -13.78
CA THR A 423 -74.64 54.84 -14.12
C THR A 423 -73.97 56.10 -13.53
N PRO A 424 -74.10 57.24 -14.21
CA PRO A 424 -73.55 58.55 -13.79
C PRO A 424 -74.14 59.06 -12.47
N THR A 425 -73.33 59.78 -11.70
CA THR A 425 -73.79 60.36 -10.44
C THR A 425 -74.02 61.88 -10.47
N ARG A 426 -73.05 62.64 -11.00
CA ARG A 426 -73.09 64.11 -10.96
C ARG A 426 -74.23 64.74 -11.77
N ASP A 427 -74.87 65.75 -11.17
CA ASP A 427 -75.95 66.48 -11.84
C ASP A 427 -75.44 67.61 -12.74
N ILE A 428 -74.16 67.92 -12.64
CA ILE A 428 -73.59 69.07 -13.37
C ILE A 428 -72.08 68.93 -13.57
N TRP A 429 -71.55 69.69 -14.52
CA TRP A 429 -70.13 69.63 -14.84
C TRP A 429 -69.49 71.02 -14.88
N PRO A 430 -69.13 71.57 -13.71
CA PRO A 430 -68.55 72.92 -13.60
C PRO A 430 -67.24 73.03 -14.37
N ALA A 431 -66.98 74.19 -14.96
CA ALA A 431 -65.83 74.38 -15.84
C ALA A 431 -64.46 74.19 -15.16
N ASP A 432 -64.39 74.52 -13.88
CA ASP A 432 -63.15 74.30 -13.12
C ASP A 432 -62.88 72.79 -12.99
N GLU A 433 -63.95 72.02 -12.85
CA GLU A 433 -63.83 70.57 -12.81
C GLU A 433 -63.39 70.06 -14.18
N GLN A 434 -63.78 70.78 -15.22
CA GLN A 434 -63.38 70.42 -16.58
C GLN A 434 -61.90 70.64 -16.79
N ILE A 435 -61.39 71.78 -16.31
CA ILE A 435 -59.96 72.07 -16.44
C ILE A 435 -59.13 71.09 -15.60
N GLU A 436 -59.64 70.76 -14.42
CA GLU A 436 -58.92 69.82 -13.54
C GLU A 436 -58.87 68.42 -14.14
N GLN A 437 -60.03 67.92 -14.54
CA GLN A 437 -60.13 66.59 -15.12
C GLN A 437 -59.40 66.47 -16.45
N LYS A 438 -59.41 67.54 -17.24
CA LYS A 438 -58.63 67.57 -18.47
C LYS A 438 -57.13 67.59 -18.18
N GLY A 439 -56.74 68.22 -17.09
CA GLY A 439 -55.33 68.25 -16.74
C GLY A 439 -54.89 66.86 -16.36
N ASP A 440 -55.71 66.19 -15.55
CA ASP A 440 -55.41 64.82 -15.11
C ASP A 440 -55.41 63.86 -16.30
N ALA A 441 -56.29 64.10 -17.26
CA ALA A 441 -56.45 63.22 -18.42
C ALA A 441 -55.31 63.37 -19.41
N VAL A 442 -54.94 64.62 -19.72
CA VAL A 442 -53.84 64.86 -20.64
C VAL A 442 -52.53 64.38 -20.00
N ALA A 443 -52.35 64.71 -18.72
CA ALA A 443 -51.12 64.32 -18.04
C ALA A 443 -51.01 62.80 -17.92
N LEU A 444 -52.16 62.13 -17.78
CA LEU A 444 -52.16 60.69 -17.69
C LEU A 444 -51.89 60.04 -19.05
N TYR A 445 -52.54 60.54 -20.09
CA TYR A 445 -52.38 59.99 -21.43
C TYR A 445 -50.98 60.20 -22.02
N ASP A 446 -50.38 61.35 -21.72
CA ASP A 446 -49.09 61.72 -22.30
C ASP A 446 -47.97 60.77 -21.86
N THR A 447 -48.07 60.27 -20.64
CA THR A 447 -47.14 59.26 -20.13
C THR A 447 -47.91 57.97 -19.92
N LYS A 448 -47.57 56.95 -20.69
CA LYS A 448 -48.41 55.76 -20.81
C LYS A 448 -48.65 55.07 -19.48
N THR A 449 -49.83 54.46 -19.37
CA THR A 449 -50.32 53.85 -18.14
C THR A 449 -49.44 52.67 -17.69
N SER A 450 -49.64 52.21 -16.45
CA SER A 450 -48.62 51.46 -15.72
C SER A 450 -48.12 50.25 -16.47
N ARG A 451 -46.80 50.07 -16.42
CA ARG A 451 -46.15 48.97 -17.13
C ARG A 451 -46.57 47.60 -16.58
N ALA A 452 -46.79 47.52 -15.27
CA ALA A 452 -47.25 46.28 -14.68
C ALA A 452 -48.70 45.96 -15.08
N LEU A 453 -49.51 47.01 -15.21
CA LEU A 453 -50.88 46.83 -15.67
C LEU A 453 -50.87 46.28 -17.09
N GLY A 454 -49.93 46.75 -17.90
CA GLY A 454 -49.81 46.27 -19.26
C GLY A 454 -49.28 44.86 -19.32
N MET A 455 -48.36 44.53 -18.41
CA MET A 455 -47.81 43.19 -18.33
C MET A 455 -48.91 42.20 -17.98
N PHE A 456 -49.83 42.63 -17.13
CA PHE A 456 -50.91 41.73 -16.74
C PHE A 456 -51.98 41.64 -17.81
N ASN A 457 -52.33 42.78 -18.38
CA ASN A 457 -53.36 42.85 -19.40
C ASN A 457 -52.96 42.04 -20.63
N ASN A 458 -51.65 41.96 -20.87
CA ASN A 458 -51.16 41.20 -22.01
C ASN A 458 -50.77 39.76 -21.71
N THR A 459 -50.39 39.47 -20.46
CA THR A 459 -50.12 38.09 -20.06
C THR A 459 -51.41 37.30 -19.97
N VAL A 460 -52.43 37.93 -19.39
CA VAL A 460 -53.72 37.30 -19.22
C VAL A 460 -54.71 37.83 -20.25
N ARG A 461 -54.59 37.36 -21.48
CA ARG A 461 -55.57 37.64 -22.52
C ARG A 461 -56.83 36.80 -22.30
N ILE A 462 -58.00 37.36 -22.62
CA ILE A 462 -59.25 36.63 -22.42
C ILE A 462 -59.40 35.42 -23.33
N ASP A 463 -58.82 35.48 -24.53
CA ASP A 463 -59.01 34.43 -25.52
C ASP A 463 -58.42 33.09 -25.07
N ASP A 464 -57.18 33.12 -24.60
CA ASP A 464 -56.54 31.94 -24.06
C ASP A 464 -57.15 31.56 -22.71
N LEU A 465 -57.76 32.54 -22.05
CA LEU A 465 -58.37 32.32 -20.75
C LEU A 465 -59.67 31.51 -20.87
N LEU A 466 -60.45 31.81 -21.90
CA LEU A 466 -61.70 31.09 -22.17
C LEU A 466 -61.53 29.90 -23.10
N SER A 467 -60.31 29.68 -23.57
CA SER A 467 -60.05 28.69 -24.62
C SER A 467 -60.51 27.25 -24.30
N PRO A 468 -60.14 26.70 -23.13
CA PRO A 468 -60.54 25.32 -22.84
C PRO A 468 -62.05 25.09 -22.85
N LEU A 469 -62.82 26.08 -22.43
CA LEU A 469 -64.28 25.95 -22.40
C LEU A 469 -64.87 25.87 -23.82
N LEU A 470 -64.43 26.77 -24.68
CA LEU A 470 -64.89 26.81 -26.07
C LEU A 470 -64.48 25.56 -26.83
N SER A 471 -63.21 25.17 -26.68
CA SER A 471 -62.72 23.96 -27.33
C SER A 471 -63.41 22.73 -26.78
N LEU A 472 -63.84 22.79 -25.52
CA LEU A 472 -64.62 21.70 -24.93
C LEU A 472 -65.99 21.61 -25.60
N VAL A 473 -66.66 22.74 -25.79
CA VAL A 473 -67.97 22.72 -26.45
C VAL A 473 -67.85 22.21 -27.88
N TYR A 474 -66.78 22.59 -28.56
CA TYR A 474 -66.53 22.10 -29.91
C TYR A 474 -66.26 20.59 -29.90
N ARG A 475 -65.50 20.14 -28.91
CA ARG A 475 -65.15 18.73 -28.77
C ARG A 475 -66.35 17.84 -28.44
N THR A 476 -67.32 18.37 -27.71
CA THR A 476 -68.54 17.61 -27.45
C THR A 476 -69.47 17.65 -28.65
N TYR A 477 -69.53 18.76 -29.35
CA TYR A 477 -70.37 18.82 -30.54
C TYR A 477 -69.86 17.88 -31.64
N ILE A 478 -68.55 17.75 -31.73
CA ILE A 478 -67.95 16.85 -32.72
C ILE A 478 -68.24 15.37 -32.48
N LYS A 479 -68.35 14.98 -31.21
CA LYS A 479 -68.65 13.59 -30.87
C LYS A 479 -70.15 13.30 -30.92
N GLY A 480 -70.96 14.34 -31.09
CA GLY A 480 -72.39 14.19 -31.17
C GLY A 480 -73.04 14.09 -29.80
N ASP A 481 -72.23 14.22 -28.76
CA ASP A 481 -72.71 14.13 -27.38
C ASP A 481 -73.67 15.24 -26.99
N THR A 482 -73.49 16.43 -27.56
CA THR A 482 -74.39 17.55 -27.28
C THR A 482 -75.75 17.33 -27.95
N MET A 483 -76.81 17.81 -27.32
CA MET A 483 -78.15 17.56 -27.83
C MET A 483 -79.11 18.74 -27.61
N THR A 484 -79.59 18.88 -26.38
CA THR A 484 -80.64 19.87 -26.09
C THR A 484 -80.12 21.25 -25.71
N MET A 485 -80.73 22.28 -26.28
CA MET A 485 -80.54 23.66 -25.86
C MET A 485 -81.61 24.55 -26.50
N THR A 486 -81.97 25.64 -25.82
CA THR A 486 -82.98 26.56 -26.30
C THR A 486 -82.50 27.29 -27.55
N GLN A 487 -83.43 27.71 -28.40
CA GLN A 487 -83.09 28.41 -29.63
C GLN A 487 -82.35 29.72 -29.37
N GLY A 488 -82.70 30.40 -28.28
CA GLY A 488 -82.10 31.68 -27.97
C GLY A 488 -81.08 31.65 -26.85
N SER A 489 -80.79 30.47 -26.32
CA SER A 489 -79.95 30.33 -25.14
C SER A 489 -78.50 30.73 -25.40
N LEU A 490 -77.82 31.16 -24.33
CA LEU A 490 -76.40 31.50 -24.41
C LEU A 490 -75.57 30.29 -24.78
N ASP A 491 -76.03 29.10 -24.42
CA ASP A 491 -75.34 27.86 -24.79
C ASP A 491 -75.38 27.69 -26.32
N HIS A 492 -76.47 28.16 -26.94
CA HIS A 492 -76.60 28.16 -28.39
C HIS A 492 -75.58 29.10 -29.03
N LEU A 493 -75.34 30.23 -28.38
CA LEU A 493 -74.35 31.20 -28.86
C LEU A 493 -72.94 30.64 -28.74
N THR A 494 -72.67 29.98 -27.62
CA THR A 494 -71.36 29.40 -27.41
C THR A 494 -71.14 28.30 -28.44
N LEU A 495 -72.21 27.60 -28.78
CA LEU A 495 -72.11 26.57 -29.80
C LEU A 495 -71.82 27.18 -31.17
N CYS A 496 -72.48 28.31 -31.47
CA CYS A 496 -72.24 29.00 -32.74
C CYS A 496 -70.83 29.54 -32.80
N ALA A 497 -70.26 29.84 -31.65
CA ALA A 497 -68.91 30.37 -31.57
C ALA A 497 -67.83 29.27 -31.50
N ALA A 498 -68.27 28.03 -31.27
CA ALA A 498 -67.32 26.92 -31.16
C ALA A 498 -67.01 26.23 -32.49
N VAL A 499 -67.97 26.24 -33.41
CA VAL A 499 -67.86 25.49 -34.67
C VAL A 499 -68.18 26.35 -35.90
N ASP A 500 -67.43 26.13 -36.99
CA ASP A 500 -67.58 26.91 -38.22
C ASP A 500 -68.90 26.66 -38.96
N SER A 501 -69.48 25.47 -38.81
CA SER A 501 -70.68 25.09 -39.55
C SER A 501 -71.95 25.76 -39.04
N ASP A 502 -72.91 25.96 -39.94
CA ASP A 502 -74.26 26.36 -39.57
C ASP A 502 -74.93 25.26 -38.75
N ILE A 503 -75.59 25.64 -37.66
CA ILE A 503 -76.37 24.69 -36.88
C ILE A 503 -77.85 24.94 -37.10
N THR A 504 -78.62 23.86 -37.19
CA THR A 504 -80.06 23.98 -37.33
C THR A 504 -80.74 22.94 -36.47
N PHE A 505 -81.66 23.40 -35.62
CA PHE A 505 -82.45 22.51 -34.80
C PHE A 505 -83.49 21.74 -35.65
N VAL A 506 -83.69 20.47 -35.32
CA VAL A 506 -84.71 19.68 -36.01
C VAL A 506 -86.10 19.95 -35.44
N GLY A 507 -86.11 20.66 -34.31
CA GLY A 507 -87.34 20.99 -33.60
C GLY A 507 -86.94 21.76 -32.35
N ASN A 508 -87.89 22.05 -31.48
CA ASN A 508 -87.55 22.78 -30.26
C ASN A 508 -86.56 22.00 -29.40
N ARG A 509 -85.54 22.71 -28.92
CA ARG A 509 -84.54 22.15 -28.02
C ARG A 509 -83.86 20.87 -28.52
N MET A 510 -83.64 20.76 -29.82
CA MET A 510 -83.00 19.56 -30.38
C MET A 510 -82.24 19.87 -31.67
N ILE A 511 -80.92 19.94 -31.55
CA ILE A 511 -80.05 20.23 -32.70
C ILE A 511 -79.91 19.03 -33.62
N ALA A 512 -79.66 19.29 -34.91
CA ALA A 512 -79.49 18.23 -35.89
C ALA A 512 -78.23 17.42 -35.64
N PRO A 513 -78.34 16.08 -35.76
CA PRO A 513 -77.16 15.20 -35.70
C PRO A 513 -76.24 15.49 -36.86
N LEU A 514 -74.94 15.34 -36.64
CA LEU A 514 -73.95 15.60 -37.68
C LEU A 514 -74.09 14.64 -38.86
N PRO A 515 -74.01 15.16 -40.09
CA PRO A 515 -73.98 14.30 -41.27
C PRO A 515 -72.75 13.41 -41.20
N GLU A 516 -72.87 12.16 -41.67
CA GLU A 516 -71.81 11.19 -41.49
C GLU A 516 -70.51 11.60 -42.20
N GLY A 517 -69.39 11.44 -41.49
CA GLY A 517 -68.08 11.72 -42.04
C GLY A 517 -67.73 13.20 -42.07
N TYR A 518 -68.60 14.02 -41.47
CA TYR A 518 -68.41 15.47 -41.48
C TYR A 518 -68.01 16.01 -40.11
N ILE A 519 -66.82 16.60 -40.03
CA ILE A 519 -66.29 17.13 -38.78
C ILE A 519 -65.82 18.57 -38.95
N PRO A 520 -66.76 19.54 -38.93
CA PRO A 520 -66.46 20.93 -39.26
C PRO A 520 -65.43 21.54 -38.31
N LYS A 521 -64.56 22.39 -38.87
CA LYS A 521 -63.46 22.96 -38.11
C LYS A 521 -63.98 23.92 -37.05
N PRO A 522 -63.23 24.08 -35.94
CA PRO A 522 -63.66 25.04 -34.92
C PRO A 522 -63.70 26.47 -35.49
N MET A 523 -64.67 27.25 -35.06
CA MET A 523 -64.83 28.61 -35.55
C MET A 523 -63.63 29.47 -35.13
N HIS A 524 -63.12 30.29 -36.05
CA HIS A 524 -61.93 31.07 -35.77
C HIS A 524 -62.27 32.32 -34.98
N ARG A 525 -61.57 32.51 -33.85
CA ARG A 525 -61.83 33.65 -32.97
C ARG A 525 -60.55 34.38 -32.62
N ASN A 526 -60.54 35.67 -32.91
CA ASN A 526 -59.51 36.56 -32.37
C ASN A 526 -59.87 36.97 -30.95
N ASN A 527 -58.99 37.73 -30.32
CA ASN A 527 -59.12 38.10 -28.92
C ASN A 527 -60.42 38.87 -28.62
N SER A 528 -60.93 39.61 -29.60
CA SER A 528 -62.10 40.45 -29.38
C SER A 528 -63.42 39.81 -29.82
N THR A 529 -63.40 38.52 -30.13
CA THR A 529 -64.60 37.83 -30.58
C THR A 529 -65.62 37.66 -29.47
N MET A 530 -65.19 37.03 -28.39
CA MET A 530 -66.11 36.71 -27.29
C MET A 530 -66.62 38.01 -26.70
N LYS A 531 -65.77 39.02 -26.68
CA LYS A 531 -66.15 40.31 -26.13
C LYS A 531 -67.25 40.95 -26.95
N MET A 532 -67.14 40.89 -28.27
CA MET A 532 -68.18 41.46 -29.12
C MET A 532 -69.48 40.70 -28.94
N LEU A 533 -69.35 39.39 -28.72
CA LEU A 533 -70.51 38.54 -28.47
C LEU A 533 -71.21 38.97 -27.20
N SER A 534 -70.42 39.20 -26.15
CA SER A 534 -70.94 39.62 -24.87
C SER A 534 -71.55 41.02 -24.90
N LEU A 535 -71.01 41.91 -25.73
CA LEU A 535 -71.61 43.22 -25.93
C LEU A 535 -72.93 43.12 -26.65
N TYR A 536 -73.04 42.10 -27.52
CA TYR A 536 -74.30 41.84 -28.20
C TYR A 536 -75.34 41.34 -27.21
N VAL A 537 -74.92 40.40 -26.36
CA VAL A 537 -75.81 39.85 -25.33
C VAL A 537 -76.21 40.97 -24.38
N ALA A 538 -75.28 41.88 -24.14
CA ALA A 538 -75.53 43.05 -23.30
C ALA A 538 -76.54 43.99 -23.94
N LEU A 539 -76.51 44.10 -25.26
CA LEU A 539 -77.48 44.94 -25.96
C LEU A 539 -78.88 44.33 -25.87
N LYS A 540 -78.95 43.01 -26.05
CA LYS A 540 -80.23 42.32 -25.91
C LYS A 540 -80.76 42.40 -24.49
N LYS A 541 -79.86 42.33 -23.51
CA LYS A 541 -80.22 42.46 -22.10
C LYS A 541 -80.63 43.88 -21.73
N LEU A 542 -80.13 44.86 -22.49
CA LEU A 542 -80.44 46.26 -22.22
C LEU A 542 -81.74 46.71 -22.87
N GLU A 543 -82.11 46.11 -24.00
CA GLU A 543 -83.41 46.44 -24.60
C GLU A 543 -84.56 46.00 -23.69
N ASN A 544 -84.36 44.87 -23.01
CA ASN A 544 -85.23 44.43 -21.92
C ASN A 544 -84.52 43.38 -21.07
N PHE A 545 -84.67 43.47 -19.76
CA PHE A 545 -83.93 42.59 -18.86
C PHE A 545 -84.55 41.20 -18.70
N ALA A 546 -85.84 41.08 -19.04
CA ALA A 546 -86.57 39.84 -18.83
C ALA A 546 -86.16 38.70 -19.77
N THR A 547 -85.58 39.04 -20.90
CA THR A 547 -85.36 38.09 -21.99
C THR A 547 -84.43 36.91 -21.67
N ASN A 548 -84.77 35.74 -22.21
CA ASN A 548 -83.90 34.57 -22.17
C ASN A 548 -83.39 34.24 -23.56
N SER A 549 -84.27 34.39 -24.55
CA SER A 549 -83.86 34.31 -25.95
C SER A 549 -83.00 35.53 -26.32
N TYR A 550 -81.94 35.30 -27.09
CA TYR A 550 -81.05 36.38 -27.48
C TYR A 550 -81.04 36.66 -28.99
N LEU A 551 -81.91 35.98 -29.71
CA LEU A 551 -82.08 36.22 -31.15
C LEU A 551 -82.63 37.62 -31.37
N MET A 552 -82.21 38.25 -32.46
CA MET A 552 -82.74 39.56 -32.83
C MET A 552 -84.18 39.43 -33.33
N ALA A 553 -84.96 40.50 -33.15
CA ALA A 553 -86.32 40.54 -33.67
C ALA A 553 -86.26 40.58 -35.20
N PRO A 554 -87.28 40.01 -35.85
CA PRO A 554 -87.32 40.06 -37.32
C PRO A 554 -87.42 41.50 -37.81
N ASP A 555 -86.82 41.79 -38.96
CA ASP A 555 -86.76 43.14 -39.52
C ASP A 555 -86.04 44.13 -38.60
N THR A 556 -84.88 43.72 -38.10
CA THR A 556 -84.03 44.61 -37.33
C THR A 556 -82.56 44.31 -37.64
N SER A 557 -81.68 45.26 -37.32
CA SER A 557 -80.29 45.17 -37.74
C SER A 557 -79.29 45.63 -36.68
N ILE A 558 -78.04 45.18 -36.83
CA ILE A 558 -76.97 45.54 -35.93
C ILE A 558 -75.69 45.79 -36.72
N ILE A 559 -74.80 46.61 -36.18
CA ILE A 559 -73.51 46.89 -36.83
C ILE A 559 -72.38 46.71 -35.82
N LEU A 560 -71.28 46.12 -36.28
CA LEU A 560 -70.09 46.00 -35.45
C LEU A 560 -69.01 46.91 -36.03
N LEU A 561 -68.99 48.16 -35.59
CA LEU A 561 -68.28 49.23 -36.30
C LEU A 561 -66.78 48.97 -36.44
N GLY A 562 -66.18 48.36 -35.44
CA GLY A 562 -64.79 47.95 -35.56
C GLY A 562 -64.78 46.64 -36.31
N ALA A 563 -64.00 46.55 -37.38
CA ALA A 563 -63.99 45.32 -38.16
C ALA A 563 -62.67 45.04 -38.85
N GLU A 564 -62.28 43.77 -38.80
CA GLU A 564 -61.24 43.22 -39.66
C GLU A 564 -61.89 41.99 -40.26
N ARG A 565 -61.50 40.81 -39.80
CA ARG A 565 -62.28 39.62 -40.12
C ARG A 565 -63.66 39.73 -39.47
N GLU A 566 -63.68 40.33 -38.28
CA GLU A 566 -64.87 40.40 -37.41
C GLU A 566 -65.65 39.09 -37.33
N PRO A 567 -65.06 38.07 -36.68
CA PRO A 567 -65.66 36.74 -36.57
C PRO A 567 -67.02 36.78 -35.87
N ALA A 568 -67.18 37.72 -34.96
CA ALA A 568 -68.44 37.88 -34.24
C ALA A 568 -69.61 38.18 -35.18
N VAL A 569 -69.35 38.86 -36.28
CA VAL A 569 -70.40 39.13 -37.27
C VAL A 569 -70.88 37.83 -37.91
N ASN A 570 -69.94 36.88 -38.02
CA ASN A 570 -70.22 35.60 -38.63
C ASN A 570 -70.95 34.68 -37.65
N ILE A 571 -70.48 34.66 -36.42
CA ILE A 571 -71.10 33.87 -35.36
C ILE A 571 -72.49 34.38 -35.05
N LEU A 572 -72.69 35.69 -35.17
CA LEU A 572 -74.00 36.30 -34.98
C LEU A 572 -74.92 35.98 -36.15
N ARG A 573 -74.38 36.06 -37.36
CA ARG A 573 -75.17 35.78 -38.53
C ARG A 573 -75.64 34.32 -38.48
N ARG A 574 -74.79 33.47 -37.91
CA ARG A 574 -75.06 32.04 -37.78
C ARG A 574 -75.99 31.72 -36.60
N PHE A 575 -75.93 32.56 -35.58
CA PHE A 575 -76.78 32.44 -34.40
C PHE A 575 -78.25 32.78 -34.71
N ASN A 576 -78.46 33.67 -35.68
CA ASN A 576 -79.79 34.16 -35.99
C ASN A 576 -80.35 33.63 -37.32
N ARG A 577 -79.83 32.49 -37.77
CA ARG A 577 -80.13 31.99 -39.10
C ARG A 577 -81.61 31.74 -39.32
N ASN A 578 -82.31 31.31 -38.28
CA ASN A 578 -83.73 31.01 -38.39
C ASN A 578 -84.63 32.24 -38.32
N VAL A 579 -84.04 33.38 -37.94
CA VAL A 579 -84.80 34.63 -37.90
C VAL A 579 -84.80 35.29 -39.27
N SER A 580 -85.98 35.69 -39.73
CA SER A 580 -86.10 36.40 -41.00
C SER A 580 -85.56 37.82 -40.92
N ASN A 581 -84.93 38.26 -42.00
CA ASN A 581 -84.58 39.67 -42.18
C ASN A 581 -83.72 40.28 -41.06
N VAL A 582 -82.52 39.75 -40.86
CA VAL A 582 -81.62 40.28 -39.83
C VAL A 582 -80.27 40.70 -40.39
N ARG A 583 -80.16 41.95 -40.83
CA ARG A 583 -78.88 42.46 -41.29
C ARG A 583 -77.85 42.53 -40.16
N ILE A 584 -76.64 42.07 -40.44
CA ILE A 584 -75.53 42.11 -39.48
C ILE A 584 -74.24 42.33 -40.25
N ILE A 585 -73.56 43.45 -39.99
CA ILE A 585 -72.38 43.81 -40.76
C ILE A 585 -71.30 44.51 -39.93
N GLY A 586 -70.06 44.11 -40.14
CA GLY A 586 -68.92 44.87 -39.64
C GLY A 586 -68.71 46.04 -40.58
N MET A 587 -67.97 47.06 -40.16
CA MET A 587 -67.79 48.26 -40.98
C MET A 587 -66.54 49.08 -40.65
N GLY A 588 -65.41 48.40 -40.45
CA GLY A 588 -64.18 49.09 -40.09
C GLY A 588 -63.43 49.68 -41.27
N ASP A 589 -62.38 50.46 -40.98
CA ASP A 589 -61.52 50.98 -42.04
C ASP A 589 -60.55 49.90 -42.51
N ARG A 590 -60.50 48.81 -41.75
CA ARG A 590 -59.64 47.68 -42.05
C ARG A 590 -60.51 46.47 -42.42
N ALA A 591 -61.79 46.72 -42.64
CA ALA A 591 -62.78 45.64 -42.83
C ALA A 591 -62.59 44.78 -44.07
N VAL A 592 -62.70 43.47 -43.86
CA VAL A 592 -62.72 42.48 -44.94
C VAL A 592 -64.15 41.95 -45.12
N GLU A 593 -64.45 41.36 -46.28
CA GLU A 593 -65.78 40.86 -46.60
C GLU A 593 -66.12 39.67 -45.69
N PRO A 594 -67.39 39.51 -45.28
CA PRO A 594 -68.65 40.25 -45.53
C PRO A 594 -68.64 41.73 -45.14
N ASN A 595 -67.90 42.08 -44.11
CA ASN A 595 -67.94 43.44 -43.59
C ASN A 595 -67.47 44.52 -44.58
N ILE A 596 -68.28 45.56 -44.70
CA ILE A 596 -67.98 46.70 -45.56
C ILE A 596 -66.81 47.52 -44.99
N ARG A 597 -65.90 47.93 -45.86
CA ARG A 597 -64.74 48.71 -45.43
C ARG A 597 -64.95 50.20 -45.63
N VAL A 598 -65.01 50.95 -44.51
CA VAL A 598 -65.34 52.37 -44.56
C VAL A 598 -64.84 53.11 -43.31
N ARG A 599 -64.37 54.34 -43.51
CA ARG A 599 -63.89 55.19 -42.42
C ARG A 599 -65.02 55.78 -41.56
N VAL A 600 -64.71 56.02 -40.28
CA VAL A 600 -65.62 56.72 -39.38
C VAL A 600 -64.98 58.04 -38.94
N PRO A 601 -65.68 59.17 -39.09
CA PRO A 601 -67.09 59.42 -39.46
C PRO A 601 -67.47 58.96 -40.85
N PHE A 602 -68.71 58.52 -40.99
CA PHE A 602 -69.23 58.01 -42.25
C PHE A 602 -69.21 59.10 -43.32
N PRO A 603 -69.01 58.69 -44.57
CA PRO A 603 -69.04 59.64 -45.69
C PRO A 603 -70.42 60.28 -45.78
N ILE A 604 -70.47 61.54 -46.15
CA ILE A 604 -71.73 62.28 -46.19
C ILE A 604 -72.76 61.63 -47.11
N ASP A 605 -72.29 60.97 -48.17
CA ASP A 605 -73.17 60.33 -49.13
C ASP A 605 -73.82 59.04 -48.59
N LYS A 606 -73.01 58.21 -47.94
CA LYS A 606 -73.45 56.87 -47.51
C LYS A 606 -74.53 56.93 -46.43
N ASN A 607 -75.53 56.07 -46.57
CA ASN A 607 -76.61 55.99 -45.59
C ASN A 607 -76.46 54.77 -44.68
N ILE A 608 -76.23 55.02 -43.40
CA ILE A 608 -76.06 53.94 -42.42
C ILE A 608 -77.00 54.13 -41.24
N SER A 609 -77.72 53.06 -40.89
CA SER A 609 -78.60 53.06 -39.74
C SER A 609 -78.82 51.64 -39.23
N ALA A 610 -79.11 51.51 -37.95
CA ALA A 610 -79.37 50.22 -37.33
C ALA A 610 -80.10 50.38 -36.01
N ASP A 611 -80.70 49.31 -35.52
CA ASP A 611 -81.32 49.32 -34.19
C ASP A 611 -80.26 49.06 -33.10
N PHE A 612 -79.07 48.64 -33.51
CA PHE A 612 -77.97 48.36 -32.58
C PHE A 612 -76.62 48.66 -33.24
N ILE A 613 -75.65 49.09 -32.44
CA ILE A 613 -74.29 49.36 -32.93
C ILE A 613 -73.24 49.01 -31.87
N ILE A 614 -72.33 48.11 -32.21
CA ILE A 614 -71.24 47.74 -31.32
C ILE A 614 -69.90 48.25 -31.84
N CYS A 615 -69.61 49.52 -31.58
CA CYS A 615 -68.32 50.08 -31.94
C CYS A 615 -67.19 49.42 -31.14
N ASP A 616 -66.05 49.23 -31.79
CA ASP A 616 -64.85 48.69 -31.14
C ASP A 616 -63.63 49.42 -31.69
N ILE A 617 -63.87 50.63 -32.19
CA ILE A 617 -62.84 51.41 -32.86
C ILE A 617 -61.67 51.72 -31.91
N ASN A 618 -60.46 51.58 -32.45
CA ASN A 618 -59.24 51.75 -31.69
C ASN A 618 -58.09 51.95 -32.66
N SER A 619 -57.71 53.20 -32.90
CA SER A 619 -56.61 53.46 -33.82
C SER A 619 -55.31 52.84 -33.30
N TYR A 620 -54.61 52.12 -34.19
CA TYR A 620 -53.34 51.51 -33.85
C TYR A 620 -52.23 52.55 -33.78
N GLU A 621 -52.42 53.64 -34.51
CA GLU A 621 -51.43 54.72 -34.57
C GLU A 621 -51.29 55.43 -33.24
N ASP A 622 -50.05 55.69 -32.82
CA ASP A 622 -49.79 56.56 -31.68
C ASP A 622 -50.16 57.98 -32.10
N GLN A 623 -50.75 58.75 -31.19
CA GLN A 623 -51.29 60.04 -31.57
C GLN A 623 -51.39 61.04 -30.43
N SER A 624 -51.50 62.32 -30.78
CA SER A 624 -51.70 63.40 -29.82
C SER A 624 -53.06 63.29 -29.16
N PHE A 625 -53.17 63.81 -27.93
CA PHE A 625 -54.40 63.68 -27.18
C PHE A 625 -55.58 64.41 -27.82
N GLU A 626 -55.31 65.51 -28.51
CA GLU A 626 -56.38 66.27 -29.14
C GLU A 626 -57.04 65.47 -30.26
N SER A 627 -56.22 64.68 -30.96
CA SER A 627 -56.70 63.88 -32.07
C SER A 627 -57.45 62.64 -31.58
N MET A 628 -56.93 62.02 -30.54
CA MET A 628 -57.61 60.87 -29.92
C MET A 628 -58.96 61.31 -29.37
N PHE A 629 -59.00 62.53 -28.84
CA PHE A 629 -60.20 63.10 -28.25
C PHE A 629 -61.25 63.38 -29.32
N SER A 630 -60.84 64.11 -30.36
CA SER A 630 -61.77 64.47 -31.43
C SER A 630 -62.25 63.22 -32.18
N GLU A 631 -61.36 62.24 -32.31
CA GLU A 631 -61.71 61.01 -33.01
C GLU A 631 -62.72 60.20 -32.19
N THR A 632 -62.48 60.07 -30.89
CA THR A 632 -63.42 59.35 -30.05
C THR A 632 -64.76 60.06 -29.97
N ILE A 633 -64.72 61.38 -30.00
CA ILE A 633 -65.94 62.18 -29.93
C ILE A 633 -66.77 62.00 -31.19
N SER A 634 -66.13 62.06 -32.35
CA SER A 634 -66.83 61.86 -33.62
C SER A 634 -67.34 60.44 -33.75
N VAL A 635 -66.60 59.49 -33.16
CA VAL A 635 -67.01 58.09 -33.16
C VAL A 635 -68.30 57.91 -32.36
N VAL A 636 -68.34 58.45 -31.15
CA VAL A 636 -69.55 58.37 -30.34
C VAL A 636 -70.70 59.18 -30.96
N THR A 637 -70.36 60.26 -31.65
CA THR A 637 -71.36 61.12 -32.28
C THR A 637 -72.09 60.38 -33.40
N THR A 638 -71.32 59.80 -34.32
CA THR A 638 -71.92 59.02 -35.38
C THR A 638 -72.58 57.75 -34.85
N CYS A 639 -72.02 57.16 -33.80
CA CYS A 639 -72.60 55.97 -33.20
C CYS A 639 -73.97 56.24 -32.59
N ALA A 640 -74.13 57.44 -32.03
CA ALA A 640 -75.40 57.82 -31.41
C ALA A 640 -76.41 58.24 -32.48
N SER A 641 -75.92 58.96 -33.48
CA SER A 641 -76.78 59.42 -34.56
C SER A 641 -77.32 58.28 -35.43
N ALA A 642 -76.51 57.23 -35.60
CA ALA A 642 -76.86 56.13 -36.50
C ALA A 642 -77.72 55.01 -35.88
N ALA A 643 -77.90 55.05 -34.57
CA ALA A 643 -78.62 53.97 -33.90
C ALA A 643 -79.33 54.41 -32.62
N THR A 644 -80.38 53.67 -32.26
CA THR A 644 -81.11 53.92 -31.03
C THR A 644 -80.41 53.27 -29.83
N ARG A 645 -79.43 52.42 -30.09
CA ARG A 645 -78.75 51.69 -29.01
C ARG A 645 -77.28 51.41 -29.28
N ALA A 646 -76.48 52.46 -29.33
CA ALA A 646 -75.03 52.31 -29.50
C ALA A 646 -74.37 51.73 -28.25
N LEU A 647 -73.23 51.08 -28.45
CA LEU A 647 -72.48 50.48 -27.34
C LEU A 647 -70.98 50.75 -27.54
N VAL A 648 -70.65 52.03 -27.61
CA VAL A 648 -69.32 52.49 -28.02
C VAL A 648 -68.18 52.11 -27.08
N LYS A 649 -67.04 51.73 -27.65
CA LYS A 649 -65.82 51.53 -26.88
C LYS A 649 -65.17 52.86 -26.53
N ILE A 650 -64.44 52.88 -25.41
CA ILE A 650 -63.57 53.99 -25.05
C ILE A 650 -62.26 53.40 -24.55
N ASN A 651 -61.20 53.61 -25.33
CA ASN A 651 -59.86 53.13 -24.98
C ASN A 651 -59.21 53.85 -23.81
N HIS A 652 -59.55 55.11 -23.63
CA HIS A 652 -58.96 55.91 -22.56
C HIS A 652 -60.06 56.64 -21.80
N PRO A 653 -60.78 55.89 -20.95
CA PRO A 653 -61.98 56.41 -20.27
C PRO A 653 -61.66 57.28 -19.07
N SER A 654 -60.95 58.39 -19.30
CA SER A 654 -60.73 59.40 -18.28
C SER A 654 -62.06 60.11 -18.02
N GLU A 655 -62.20 60.71 -16.84
CA GLU A 655 -63.45 61.37 -16.48
C GLU A 655 -63.74 62.45 -17.50
N TYR A 656 -62.67 63.08 -17.98
CA TYR A 656 -62.79 64.15 -18.98
C TYR A 656 -63.34 63.62 -20.30
N MET A 657 -62.92 62.43 -20.69
CA MET A 657 -63.33 61.87 -21.97
C MET A 657 -64.81 61.53 -21.97
N ILE A 658 -65.22 60.76 -20.97
CA ILE A 658 -66.60 60.32 -20.85
C ILE A 658 -67.54 61.50 -20.64
N ASN A 659 -67.14 62.43 -19.77
CA ASN A 659 -67.96 63.61 -19.55
C ASN A 659 -68.05 64.51 -20.79
N SER A 660 -66.97 64.55 -21.57
CA SER A 660 -66.99 65.31 -22.82
C SER A 660 -67.95 64.68 -23.80
N VAL A 661 -68.01 63.35 -23.75
CA VAL A 661 -68.93 62.62 -24.60
C VAL A 661 -70.37 62.97 -24.21
N ILE A 662 -70.63 63.00 -22.90
CA ILE A 662 -71.97 63.37 -22.42
C ILE A 662 -72.32 64.82 -22.78
N GLU A 663 -71.31 65.68 -22.76
CA GLU A 663 -71.52 67.08 -23.13
C GLU A 663 -71.87 67.17 -24.61
N ARG A 664 -71.28 66.26 -25.40
CA ARG A 664 -71.50 66.25 -26.84
C ARG A 664 -72.89 65.72 -27.17
N LEU A 665 -73.34 64.68 -26.46
CA LEU A 665 -74.70 64.19 -26.63
C LEU A 665 -75.71 65.22 -26.14
N SER A 666 -75.31 66.00 -25.14
CA SER A 666 -76.14 67.10 -24.66
C SER A 666 -76.26 68.21 -25.72
N GLN A 667 -75.19 68.41 -26.48
CA GLN A 667 -75.17 69.45 -27.51
C GLN A 667 -76.03 69.15 -28.75
N LEU A 668 -76.26 67.87 -29.04
CA LEU A 668 -77.09 67.50 -30.18
C LEU A 668 -78.54 67.89 -29.96
N GLY A 669 -79.18 68.44 -30.99
CA GLY A 669 -80.51 69.01 -30.86
C GLY A 669 -81.68 68.07 -30.71
N GLY A 670 -82.44 68.26 -29.65
CA GLY A 670 -83.76 67.65 -29.51
C GLY A 670 -83.82 66.22 -29.00
N VAL A 671 -82.67 65.62 -28.74
CA VAL A 671 -82.62 64.23 -28.28
C VAL A 671 -81.76 64.08 -27.04
N PHE A 672 -82.41 63.96 -25.89
CA PHE A 672 -81.72 63.69 -24.64
C PHE A 672 -81.20 62.27 -24.63
N TYR A 673 -80.00 62.07 -24.10
CA TYR A 673 -79.36 60.76 -24.14
C TYR A 673 -79.08 60.16 -22.77
N HIS A 674 -79.85 59.14 -22.40
CA HIS A 674 -79.48 58.29 -21.28
C HIS A 674 -78.20 57.56 -21.65
N THR A 675 -77.33 57.37 -20.67
CA THR A 675 -76.02 56.77 -20.92
C THR A 675 -75.53 56.01 -19.71
N ALA A 676 -74.70 54.99 -19.93
CA ALA A 676 -74.13 54.24 -18.81
C ALA A 676 -72.80 53.57 -19.15
N LEU A 677 -71.84 53.61 -18.22
CA LEU A 677 -70.58 52.88 -18.45
C LEU A 677 -70.79 51.39 -18.26
N LEU A 678 -69.99 50.57 -18.94
CA LEU A 678 -70.25 49.12 -18.93
C LEU A 678 -68.99 48.29 -19.15
N LYS A 679 -68.99 47.09 -18.60
CA LYS A 679 -67.87 46.17 -18.78
C LYS A 679 -68.29 44.71 -18.70
N THR A 680 -68.09 43.99 -19.81
CA THR A 680 -68.43 42.57 -19.91
C THR A 680 -67.44 41.59 -19.26
N ALA A 681 -67.93 40.40 -18.95
CA ALA A 681 -67.09 39.32 -18.47
C ALA A 681 -66.14 38.82 -19.56
N SER A 682 -66.50 39.06 -20.82
CA SER A 682 -65.70 38.60 -21.95
C SER A 682 -64.53 39.52 -22.31
N GLN A 683 -64.46 40.69 -21.66
CA GLN A 683 -63.33 41.60 -21.81
C GLN A 683 -62.09 41.01 -21.17
N ASN A 684 -60.92 41.46 -21.61
CA ASN A 684 -59.69 41.07 -20.95
C ASN A 684 -59.75 41.54 -19.51
N PRO A 685 -59.31 40.68 -18.58
CA PRO A 685 -59.50 40.90 -17.14
C PRO A 685 -58.90 42.22 -16.67
N TYR A 686 -57.81 42.64 -17.29
CA TYR A 686 -57.10 43.82 -16.82
C TYR A 686 -57.29 45.06 -17.68
N SER A 687 -58.05 44.95 -18.77
CA SER A 687 -58.25 46.12 -19.62
C SER A 687 -59.05 47.16 -18.87
N TYR A 688 -58.62 48.40 -18.96
CA TYR A 688 -59.35 49.52 -18.40
C TYR A 688 -60.31 50.11 -19.42
N GLU A 689 -60.30 49.54 -20.63
CA GLU A 689 -61.16 50.00 -21.72
C GLU A 689 -62.62 49.75 -21.38
N THR A 690 -63.49 50.71 -21.70
CA THR A 690 -64.86 50.66 -21.18
C THR A 690 -65.91 50.89 -22.25
N TYR A 691 -67.04 50.22 -22.14
CA TYR A 691 -68.09 50.41 -23.13
C TYR A 691 -69.21 51.33 -22.66
N ILE A 692 -69.15 52.58 -23.09
CA ILE A 692 -70.25 53.53 -22.87
C ILE A 692 -71.48 53.13 -23.70
N TYR A 693 -72.66 53.21 -23.07
CA TYR A 693 -73.90 52.76 -23.67
C TYR A 693 -74.85 53.94 -23.81
N ILE A 694 -75.08 54.34 -25.06
CA ILE A 694 -75.93 55.48 -25.39
C ILE A 694 -77.33 54.99 -25.75
N THR A 695 -78.35 55.75 -25.35
CA THR A 695 -79.71 55.50 -25.81
C THR A 695 -80.59 56.71 -25.55
N PRO A 696 -81.36 57.14 -26.56
CA PRO A 696 -82.31 58.22 -26.32
C PRO A 696 -83.39 57.85 -25.28
N ILE A 697 -83.81 58.82 -24.49
CA ILE A 697 -85.01 58.68 -23.66
C ILE A 697 -85.78 60.00 -23.69
N ALA A 698 -87.10 59.92 -23.63
CA ALA A 698 -87.94 61.10 -23.80
C ALA A 698 -87.71 62.15 -22.72
N ALA A 699 -87.45 61.71 -21.50
CA ALA A 699 -87.15 62.60 -20.40
C ALA A 699 -85.71 63.10 -20.45
N ALA A 700 -85.48 64.32 -19.98
CA ALA A 700 -84.13 64.80 -19.75
C ALA A 700 -83.51 63.97 -18.61
N VAL A 701 -82.21 63.67 -18.73
CA VAL A 701 -81.58 62.80 -17.73
C VAL A 701 -81.01 63.57 -16.56
N ARG A 702 -81.65 63.42 -15.40
CA ARG A 702 -81.08 63.93 -14.15
C ARG A 702 -79.79 63.18 -13.84
N PHE A 703 -78.81 63.89 -13.30
CA PHE A 703 -77.50 63.32 -12.97
C PHE A 703 -76.83 62.61 -14.14
N PRO A 704 -76.51 63.34 -15.22
CA PRO A 704 -75.96 62.70 -16.42
C PRO A 704 -74.43 62.57 -16.44
N PHE A 705 -73.71 63.52 -15.83
CA PHE A 705 -72.25 63.47 -15.82
C PHE A 705 -71.66 62.49 -14.79
N TYR A 706 -70.51 61.93 -15.12
CA TYR A 706 -69.78 61.04 -14.20
C TYR A 706 -68.83 61.80 -13.29
N SER A 707 -68.57 61.23 -12.12
CA SER A 707 -67.55 61.73 -11.21
C SER A 707 -67.16 60.63 -10.25
N ASN A 708 -65.87 60.27 -10.25
CA ASN A 708 -65.37 59.20 -9.42
C ASN A 708 -66.10 57.88 -9.64
N SER A 709 -66.47 57.61 -10.89
CA SER A 709 -67.13 56.37 -11.27
C SER A 709 -66.16 55.21 -11.22
N ALA A 710 -66.67 54.00 -11.03
CA ALA A 710 -65.84 52.81 -10.87
C ALA A 710 -65.01 52.47 -12.12
N MET A 711 -65.68 52.41 -13.27
CA MET A 711 -65.03 52.02 -14.51
C MET A 711 -63.94 53.01 -14.88
N ILE A 712 -64.16 54.28 -14.54
CA ILE A 712 -63.19 55.32 -14.82
C ILE A 712 -61.99 55.23 -13.89
N ASN A 713 -62.26 55.01 -12.61
CA ASN A 713 -61.20 54.90 -11.61
C ASN A 713 -60.32 53.69 -11.84
N ARG A 714 -60.88 52.66 -12.47
CA ARG A 714 -60.10 51.49 -12.84
C ARG A 714 -58.98 51.91 -13.79
N TYR A 715 -59.22 53.00 -14.52
CA TYR A 715 -58.25 53.52 -15.48
C TYR A 715 -57.36 54.60 -14.88
N MET A 716 -57.97 55.67 -14.38
CA MET A 716 -57.24 56.85 -13.93
C MET A 716 -56.33 56.64 -12.72
N THR A 717 -56.69 55.70 -11.84
CA THR A 717 -55.83 55.41 -10.69
C THR A 717 -54.51 54.79 -11.13
N ALA A 718 -54.57 54.04 -12.22
CA ALA A 718 -53.34 53.52 -12.82
C ALA A 718 -52.53 54.66 -13.43
N VAL A 719 -51.22 54.62 -13.21
CA VAL A 719 -50.31 55.68 -13.67
C VAL A 719 -48.94 55.06 -13.76
N ALA A 720 -47.96 55.82 -14.26
CA ALA A 720 -46.61 55.28 -14.40
C ALA A 720 -46.10 54.81 -13.04
N ASP A 721 -45.49 53.62 -13.03
CA ASP A 721 -45.11 52.98 -11.78
C ASP A 721 -43.68 53.32 -11.36
N ASP A 722 -43.50 53.56 -10.07
CA ASP A 722 -42.19 53.90 -9.51
C ASP A 722 -41.20 52.73 -9.58
N GLU A 723 -41.73 51.52 -9.60
CA GLU A 723 -40.88 50.32 -9.60
C GLU A 723 -41.23 49.36 -10.74
N MET A 724 -40.24 48.59 -11.16
CA MET A 724 -40.43 47.60 -12.22
C MET A 724 -41.36 46.48 -11.78
N PRO A 725 -42.15 45.92 -12.71
CA PRO A 725 -43.13 44.90 -12.36
C PRO A 725 -42.47 43.65 -11.80
N ILE A 726 -43.13 43.01 -10.83
CA ILE A 726 -42.55 41.87 -10.13
C ILE A 726 -42.76 40.57 -10.90
N ILE A 727 -41.69 40.12 -11.55
CA ILE A 727 -41.70 38.84 -12.24
C ILE A 727 -41.61 37.65 -11.28
N PRO A 728 -42.55 36.70 -11.39
CA PRO A 728 -42.60 35.55 -10.48
C PRO A 728 -41.39 34.62 -10.58
N SER A 729 -40.59 34.60 -9.53
CA SER A 729 -39.45 33.71 -9.42
C SER A 729 -39.84 32.26 -9.14
N ILE A 730 -38.99 31.33 -9.52
CA ILE A 730 -39.16 29.93 -9.17
C ILE A 730 -37.98 29.46 -8.31
N HIS A 731 -38.16 29.57 -6.99
CA HIS A 731 -37.11 29.29 -6.03
C HIS A 731 -36.78 27.80 -5.88
N THR A 732 -35.50 27.52 -5.67
CA THR A 732 -35.03 26.15 -5.52
C THR A 732 -34.23 25.99 -4.23
N VAL A 733 -33.83 27.10 -3.64
CA VAL A 733 -33.13 27.04 -2.37
C VAL A 733 -34.03 27.49 -1.24
N ILE A 734 -34.26 26.62 -0.28
CA ILE A 734 -35.04 26.97 0.90
C ILE A 734 -34.16 27.31 2.10
N LYS A 735 -33.79 28.59 2.21
CA LYS A 735 -33.04 29.07 3.35
C LYS A 735 -33.92 28.99 4.59
N GLY A 736 -33.30 28.72 5.75
CA GLY A 736 -34.04 28.72 7.00
C GLY A 736 -34.33 30.13 7.51
N HIS A 737 -35.61 30.50 7.53
CA HIS A 737 -36.05 31.78 8.08
C HIS A 737 -35.34 33.00 7.48
N SER A 738 -35.28 33.07 6.16
CA SER A 738 -34.54 34.13 5.47
C SER A 738 -35.30 35.45 5.25
N ASN A 739 -36.56 35.35 4.83
CA ASN A 739 -37.35 36.52 4.43
C ASN A 739 -36.71 37.31 3.28
N THR A 740 -36.12 36.60 2.33
CA THR A 740 -35.51 37.25 1.17
C THR A 740 -36.14 36.85 -0.16
N TYR A 741 -37.25 36.11 -0.11
CA TYR A 741 -37.86 35.59 -1.33
C TYR A 741 -38.83 36.55 -2.00
N SER A 742 -38.62 36.76 -3.29
CA SER A 742 -39.53 37.54 -4.14
C SER A 742 -40.77 36.72 -4.43
N PRO A 743 -41.88 37.39 -4.80
CA PRO A 743 -43.12 36.66 -5.09
C PRO A 743 -42.95 35.67 -6.24
N GLY A 744 -43.60 34.52 -6.12
CA GLY A 744 -43.38 33.40 -7.00
C GLY A 744 -43.56 32.12 -6.20
N LEU A 745 -42.83 31.06 -6.56
CA LEU A 745 -43.02 29.78 -5.87
C LEU A 745 -41.77 28.91 -5.78
N PHE A 746 -41.61 28.22 -4.67
CA PHE A 746 -40.62 27.17 -4.59
C PHE A 746 -41.11 26.02 -5.45
N CYS A 747 -40.18 25.38 -6.13
CA CYS A 747 -40.52 24.18 -6.90
C CYS A 747 -39.26 23.36 -7.13
N GLY A 748 -39.39 22.04 -7.07
CA GLY A 748 -38.22 21.20 -7.26
C GLY A 748 -38.35 19.82 -6.66
N CYS A 749 -37.24 19.26 -6.20
CA CYS A 749 -37.22 17.91 -5.68
C CYS A 749 -36.17 17.75 -4.57
N VAL A 750 -36.36 16.76 -3.72
CA VAL A 750 -35.39 16.47 -2.65
C VAL A 750 -35.40 14.99 -2.30
N ASP A 751 -34.32 14.48 -1.73
CA ASP A 751 -34.33 13.09 -1.26
C ASP A 751 -35.35 12.97 -0.13
N VAL A 752 -36.05 11.84 -0.08
CA VAL A 752 -37.21 11.72 0.78
C VAL A 752 -36.89 11.81 2.27
N GLN A 753 -35.66 11.46 2.64
CA GLN A 753 -35.23 11.66 4.02
C GLN A 753 -35.17 13.16 4.34
N SER A 754 -34.83 13.95 3.33
CA SER A 754 -34.70 15.40 3.51
C SER A 754 -36.04 16.10 3.38
N ALA A 755 -37.03 15.37 2.88
CA ALA A 755 -38.37 15.92 2.68
C ALA A 755 -39.06 16.51 3.92
N PRO A 756 -39.07 15.77 5.05
CA PRO A 756 -39.65 16.38 6.25
C PRO A 756 -38.94 17.67 6.64
N LEU A 757 -37.64 17.73 6.41
CA LEU A 757 -36.85 18.91 6.75
C LEU A 757 -37.29 20.09 5.92
N ALA A 758 -37.38 19.89 4.60
CA ALA A 758 -37.72 20.98 3.70
C ALA A 758 -39.11 21.55 3.97
N LEU A 759 -40.06 20.69 4.32
CA LEU A 759 -41.39 21.14 4.70
C LEU A 759 -41.36 21.98 5.97
N SER A 760 -40.44 21.62 6.86
CA SER A 760 -40.26 22.36 8.09
C SER A 760 -39.64 23.72 7.82
N GLN A 761 -39.01 23.87 6.67
CA GLN A 761 -38.37 25.15 6.34
C GLN A 761 -39.14 26.02 5.35
N LEU A 762 -39.86 25.40 4.42
CA LEU A 762 -40.63 26.17 3.46
C LEU A 762 -41.93 26.66 4.09
N LYS A 763 -42.20 26.17 5.31
CA LYS A 763 -43.38 26.58 6.06
C LYS A 763 -43.31 28.08 6.37
N SER A 764 -42.10 28.60 6.41
CA SER A 764 -41.87 30.01 6.74
C SER A 764 -42.46 30.94 5.70
N TYR A 765 -42.54 30.48 4.46
CA TYR A 765 -42.97 31.32 3.36
C TYR A 765 -44.26 30.79 2.75
N CYS A 766 -44.19 29.55 2.29
CA CYS A 766 -45.35 28.88 1.70
C CYS A 766 -46.42 28.58 2.76
N SER A 767 -47.68 28.83 2.41
CA SER A 767 -48.78 28.57 3.32
C SER A 767 -49.26 27.13 3.20
N GLU A 768 -49.16 26.59 2.00
CA GLU A 768 -49.51 25.20 1.75
C GLU A 768 -48.60 24.68 0.65
N ALA A 769 -48.24 23.40 0.72
CA ALA A 769 -47.24 22.85 -0.18
C ALA A 769 -47.58 21.45 -0.71
N THR A 770 -47.92 21.36 -1.99
CA THR A 770 -48.16 20.06 -2.61
C THR A 770 -46.84 19.30 -2.76
N THR A 771 -46.87 17.99 -2.52
CA THR A 771 -45.70 17.13 -2.76
C THR A 771 -46.11 15.78 -3.32
N TRP A 772 -45.14 15.08 -3.91
CA TRP A 772 -45.33 13.70 -4.36
C TRP A 772 -44.03 13.04 -4.80
N ARG A 773 -43.84 11.78 -4.40
CA ARG A 773 -42.85 10.94 -5.07
C ARG A 773 -43.48 10.60 -6.40
N VAL A 774 -42.68 10.35 -7.42
CA VAL A 774 -43.23 10.07 -8.73
C VAL A 774 -43.50 8.57 -8.91
N ASP A 775 -42.72 7.75 -8.19
CA ASP A 775 -42.85 6.30 -8.29
C ASP A 775 -42.42 5.66 -6.96
N SER A 776 -42.83 4.41 -6.75
CA SER A 776 -42.44 3.72 -5.53
C SER A 776 -40.94 3.51 -5.46
N ASP A 777 -40.32 3.28 -6.62
CA ASP A 777 -38.88 3.02 -6.69
C ASP A 777 -38.01 4.30 -6.79
N ASP A 778 -38.65 5.44 -6.98
CA ASP A 778 -37.93 6.72 -7.09
C ASP A 778 -37.89 7.47 -5.77
N ASN A 779 -36.70 7.59 -5.18
CA ASN A 779 -36.56 8.17 -3.85
C ASN A 779 -36.92 9.66 -3.71
N LEU A 780 -36.73 10.45 -4.75
CA LEU A 780 -37.00 11.89 -4.66
C LEU A 780 -38.47 12.18 -4.50
N VAL A 781 -38.78 13.19 -3.70
CA VAL A 781 -40.11 13.77 -3.70
C VAL A 781 -40.05 15.14 -4.32
N ASN A 782 -40.88 15.31 -5.34
CA ASN A 782 -41.15 16.60 -5.95
C ASN A 782 -42.01 17.44 -5.02
N ILE A 783 -41.77 18.75 -5.04
CA ILE A 783 -42.43 19.67 -4.14
C ILE A 783 -42.72 20.97 -4.85
N ILE A 784 -43.96 21.41 -4.78
CA ILE A 784 -44.35 22.73 -5.26
C ILE A 784 -45.00 23.47 -4.11
N ALA A 785 -44.63 24.72 -3.94
CA ALA A 785 -45.14 25.50 -2.82
C ALA A 785 -45.05 26.99 -3.10
N ARG A 786 -46.18 27.61 -3.42
CA ARG A 786 -46.14 29.04 -3.70
C ARG A 786 -46.04 29.90 -2.44
N ILE A 787 -45.36 31.03 -2.58
CA ILE A 787 -45.07 31.90 -1.44
C ILE A 787 -46.24 32.81 -1.08
N ASP A 788 -46.74 32.65 0.15
CA ASP A 788 -47.82 33.49 0.63
C ASP A 788 -47.25 34.63 1.47
N PRO A 789 -47.49 35.88 1.04
CA PRO A 789 -47.08 37.08 1.78
C PRO A 789 -47.69 37.14 3.18
N ALA A 790 -48.91 36.63 3.35
CA ALA A 790 -49.55 36.59 4.66
C ALA A 790 -48.80 35.66 5.63
N ARG A 791 -48.31 34.55 5.11
CA ARG A 791 -47.49 33.63 5.90
C ARG A 791 -46.14 34.26 6.27
N ILE A 792 -45.64 35.15 5.42
CA ILE A 792 -44.39 35.83 5.71
C ILE A 792 -44.61 36.89 6.79
N ALA A 793 -45.67 37.66 6.62
CA ALA A 793 -46.05 38.71 7.55
C ALA A 793 -46.39 38.11 8.90
N LEU A 794 -46.76 36.84 8.91
CA LEU A 794 -46.99 36.15 10.17
C LEU A 794 -45.71 35.57 10.77
N GLU A 795 -45.04 34.69 10.01
CA GLU A 795 -43.90 33.93 10.53
C GLU A 795 -42.68 34.78 10.89
N PHE A 796 -42.49 35.92 10.22
CA PHE A 796 -41.31 36.72 10.50
C PHE A 796 -41.47 37.83 11.54
N ARG A 797 -42.59 37.81 12.26
CA ARG A 797 -42.83 38.79 13.32
C ARG A 797 -41.84 38.66 14.48
N THR A 798 -41.37 37.44 14.72
CA THR A 798 -40.37 37.19 15.76
C THR A 798 -39.37 36.17 15.26
N ARG A 799 -38.21 36.10 15.89
CA ARG A 799 -37.09 35.32 15.39
C ARG A 799 -37.14 33.81 15.70
N SER A 800 -38.11 33.38 16.50
CA SER A 800 -38.26 31.95 16.78
C SER A 800 -38.63 31.19 15.52
N ASN A 801 -38.06 29.98 15.36
CA ASN A 801 -38.23 29.22 14.12
C ASN A 801 -38.84 27.84 14.32
N THR A 802 -39.88 27.76 15.15
CA THR A 802 -40.55 26.50 15.44
C THR A 802 -41.40 25.97 14.29
N SER A 803 -41.54 24.66 14.21
CA SER A 803 -42.34 24.01 13.15
C SER A 803 -42.78 22.61 13.59
N ALA A 804 -43.68 22.01 12.82
CA ALA A 804 -44.14 20.66 13.12
C ALA A 804 -43.30 19.62 12.38
N TYR A 805 -41.99 19.73 12.48
CA TYR A 805 -41.06 18.83 11.81
C TYR A 805 -41.23 17.38 12.27
N HIS A 806 -41.57 17.19 13.55
CA HIS A 806 -41.74 15.85 14.10
C HIS A 806 -42.92 15.16 13.44
N GLU A 807 -43.91 15.95 13.02
CA GLU A 807 -45.05 15.41 12.31
C GLU A 807 -44.65 15.04 10.89
N TYR A 808 -43.85 15.91 10.27
CA TYR A 808 -43.44 15.70 8.88
C TYR A 808 -42.53 14.50 8.70
N GLN A 809 -41.75 14.16 9.73
CA GLN A 809 -40.89 12.97 9.63
C GLN A 809 -41.67 11.67 9.80
N ARG A 810 -42.90 11.78 10.28
CA ARG A 810 -43.82 10.64 10.27
C ARG A 810 -44.18 10.27 8.84
N TYR A 811 -44.13 11.26 7.94
CA TYR A 811 -44.54 11.05 6.55
C TYR A 811 -43.66 10.09 5.75
N VAL A 812 -42.34 10.18 5.95
CA VAL A 812 -41.41 9.43 5.10
C VAL A 812 -41.49 7.91 5.33
N PRO A 813 -41.46 7.11 4.25
CA PRO A 813 -41.31 7.53 2.84
C PRO A 813 -42.59 7.47 1.99
N ASN A 814 -43.55 6.63 2.35
CA ASN A 814 -44.76 6.52 1.54
C ASN A 814 -45.83 7.56 1.83
N GLY A 815 -45.64 8.32 2.90
CA GLY A 815 -46.68 9.20 3.39
C GLY A 815 -46.81 10.57 2.76
N LEU A 816 -45.94 10.88 1.80
CA LEU A 816 -46.00 12.21 1.19
C LEU A 816 -46.12 12.24 -0.35
N GLY A 817 -47.13 11.54 -0.86
CA GLY A 817 -47.52 11.66 -2.25
C GLY A 817 -47.00 10.61 -3.21
N PHE A 818 -47.80 10.32 -4.22
CA PHE A 818 -47.41 9.47 -5.34
C PHE A 818 -48.23 9.86 -6.56
N LYS A 819 -47.57 10.23 -7.65
CA LYS A 819 -48.30 10.47 -8.91
C LYS A 819 -47.41 10.36 -10.15
N VAL A 820 -47.69 9.37 -10.98
CA VAL A 820 -46.99 9.16 -12.25
C VAL A 820 -47.26 10.26 -13.26
N ARG A 821 -48.47 10.81 -13.23
CA ARG A 821 -48.88 11.87 -14.15
C ARG A 821 -48.06 13.14 -13.99
N LYS A 822 -47.75 13.79 -15.11
CA LYS A 822 -47.14 15.11 -15.08
C LYS A 822 -48.13 16.12 -14.51
N THR A 823 -47.65 17.01 -13.65
CA THR A 823 -48.50 18.02 -13.05
C THR A 823 -48.18 19.39 -13.62
N ARG A 824 -49.20 20.23 -13.79
CA ARG A 824 -48.99 21.53 -14.42
C ARG A 824 -49.36 22.71 -13.54
N GLU A 825 -48.41 23.18 -12.73
CA GLU A 825 -48.67 24.32 -11.88
C GLU A 825 -48.67 25.63 -12.69
N PHE A 826 -49.43 26.60 -12.22
CA PHE A 826 -49.51 27.89 -12.87
C PHE A 826 -48.80 28.99 -12.08
N ARG A 827 -48.16 29.90 -12.80
CA ARG A 827 -47.53 31.05 -12.18
C ARG A 827 -48.58 32.08 -11.74
N TYR A 828 -49.80 31.90 -12.22
CA TYR A 828 -50.90 32.79 -11.84
C TYR A 828 -52.24 32.08 -11.65
N MET A 829 -52.47 31.59 -10.44
CA MET A 829 -53.64 30.79 -10.10
C MET A 829 -54.94 31.60 -10.05
N HIS A 830 -56.05 30.92 -10.30
CA HIS A 830 -57.39 31.52 -10.22
C HIS A 830 -57.83 31.80 -8.79
N ARG A 831 -58.57 32.89 -8.61
CA ARG A 831 -59.18 33.22 -7.32
C ARG A 831 -60.54 33.92 -7.48
N GLU A 832 -61.43 33.70 -6.52
CA GLU A 832 -62.72 34.38 -6.51
C GLU A 832 -62.52 35.88 -6.28
N VAL A 833 -63.45 36.69 -6.78
CA VAL A 833 -63.27 38.15 -6.77
C VAL A 833 -63.20 38.74 -5.37
N THR A 834 -63.93 38.13 -4.44
CA THR A 834 -64.00 38.66 -3.08
C THR A 834 -62.63 38.60 -2.40
N PHE A 835 -61.90 37.51 -2.68
CA PHE A 835 -60.58 37.31 -2.11
C PHE A 835 -59.58 38.35 -2.62
N ILE A 836 -59.65 38.62 -3.92
CA ILE A 836 -58.78 39.61 -4.54
C ILE A 836 -59.12 41.01 -4.05
N HIS A 837 -60.40 41.27 -3.82
CA HIS A 837 -60.78 42.55 -3.26
C HIS A 837 -60.22 42.69 -1.86
N LYS A 838 -60.18 41.57 -1.15
CA LYS A 838 -59.65 41.58 0.21
C LYS A 838 -58.16 41.88 0.18
N LEU A 839 -57.44 41.29 -0.78
CA LEU A 839 -56.02 41.56 -0.90
C LEU A 839 -55.73 42.99 -1.33
N MET A 840 -56.62 43.57 -2.14
CA MET A 840 -56.48 44.98 -2.52
C MET A 840 -56.70 45.87 -1.30
N MET A 841 -57.63 45.45 -0.45
CA MET A 841 -57.89 46.15 0.80
C MET A 841 -56.63 46.13 1.64
N TYR A 842 -56.04 44.94 1.76
CA TYR A 842 -54.85 44.77 2.58
C TYR A 842 -53.65 45.53 2.04
N ALA A 843 -53.55 45.66 0.72
CA ALA A 843 -52.46 46.42 0.14
C ALA A 843 -52.64 47.90 0.41
N LEU A 844 -53.88 48.36 0.30
CA LEU A 844 -54.18 49.77 0.51
C LEU A 844 -53.91 50.15 1.97
N ILE A 845 -54.47 49.35 2.88
CA ILE A 845 -54.30 49.60 4.31
C ILE A 845 -52.87 49.43 4.78
N ARG A 846 -52.13 48.52 4.15
CA ARG A 846 -50.74 48.31 4.54
C ARG A 846 -49.86 49.47 4.09
N GLU A 847 -50.05 49.94 2.86
CA GLU A 847 -49.31 51.09 2.39
C GLU A 847 -49.69 52.33 3.21
N GLN A 848 -50.97 52.39 3.60
CA GLN A 848 -51.45 53.50 4.43
C GLN A 848 -50.86 53.45 5.84
N ILE A 849 -50.54 52.25 6.30
CA ILE A 849 -50.07 52.02 7.66
C ILE A 849 -48.57 52.24 7.80
N SER A 850 -47.83 51.90 6.75
CA SER A 850 -46.39 52.13 6.75
C SER A 850 -46.06 53.62 6.82
N LEU A 851 -46.94 54.45 6.28
CA LEU A 851 -46.76 55.90 6.32
C LEU A 851 -46.86 56.51 7.73
N THR A 852 -47.68 55.90 8.59
CA THR A 852 -47.86 56.41 9.95
C THR A 852 -46.65 56.24 10.86
N GLU A 853 -46.37 57.27 11.66
CA GLU A 853 -45.25 57.26 12.60
C GLU A 853 -45.71 56.97 14.03
N ASN A 854 -44.83 56.34 14.81
CA ASN A 854 -45.02 56.17 16.24
C ASN A 854 -46.32 55.47 16.66
N MET A 855 -46.62 54.33 16.04
CA MET A 855 -47.82 53.57 16.38
C MET A 855 -47.46 52.28 17.12
N THR A 856 -47.92 52.17 18.36
CA THR A 856 -47.59 51.02 19.21
C THR A 856 -48.16 49.66 18.80
N GLN A 857 -49.34 49.64 18.20
CA GLN A 857 -50.00 48.37 17.89
C GLN A 857 -51.13 48.45 16.86
N VAL A 858 -51.41 47.32 16.22
CA VAL A 858 -52.54 47.19 15.31
C VAL A 858 -53.60 46.24 15.87
N VAL A 859 -54.79 46.78 16.12
CA VAL A 859 -55.89 46.01 16.67
C VAL A 859 -56.94 45.74 15.61
N SER A 860 -56.86 44.57 14.99
CA SER A 860 -57.87 44.16 14.03
C SER A 860 -59.02 43.44 14.72
N ILE A 861 -60.06 44.18 15.06
CA ILE A 861 -61.30 43.57 15.56
C ILE A 861 -61.93 42.77 14.42
N GLY A 862 -62.52 41.62 14.74
CA GLY A 862 -63.09 40.78 13.71
C GLY A 862 -62.03 40.24 12.78
N GLY A 863 -60.87 39.91 13.33
CA GLY A 863 -59.73 39.50 12.53
C GLY A 863 -59.69 38.04 12.11
N ARG A 864 -60.70 37.27 12.52
CA ARG A 864 -60.85 35.86 12.14
C ARG A 864 -59.55 35.09 12.36
N ASN A 865 -59.18 34.23 11.39
CA ASN A 865 -57.93 33.50 11.51
C ASN A 865 -56.72 34.32 11.05
N LEU A 866 -56.45 35.41 11.76
CA LEU A 866 -55.29 36.28 11.52
C LEU A 866 -55.21 36.78 10.09
N ALA A 867 -56.36 36.99 9.46
CA ALA A 867 -56.38 37.29 8.03
C ALA A 867 -55.81 38.66 7.65
N ASP A 868 -55.83 39.62 8.58
CA ASP A 868 -55.35 40.97 8.28
C ASP A 868 -53.84 41.13 8.54
N ILE A 869 -53.19 40.02 8.89
CA ILE A 869 -51.79 40.02 9.33
C ILE A 869 -50.84 40.57 8.25
N SER A 870 -51.25 40.47 6.99
CA SER A 870 -50.45 40.96 5.89
C SER A 870 -50.26 42.47 5.93
N VAL A 871 -51.23 43.16 6.52
CA VAL A 871 -51.18 44.62 6.63
C VAL A 871 -50.16 45.12 7.65
N VAL A 872 -50.17 44.50 8.84
CA VAL A 872 -49.36 44.95 9.96
C VAL A 872 -47.85 44.68 9.79
N PRO A 873 -47.03 45.70 10.06
CA PRO A 873 -45.56 45.62 10.04
C PRO A 873 -45.03 44.65 11.08
N LEU A 874 -43.90 44.01 10.78
CA LEU A 874 -43.34 42.96 11.64
C LEU A 874 -42.98 43.43 13.07
N ASN A 875 -42.76 44.72 13.23
CA ASN A 875 -42.44 45.28 14.54
C ASN A 875 -43.61 45.32 15.51
N MET A 876 -44.63 46.11 15.17
CA MET A 876 -45.72 46.42 16.09
C MET A 876 -46.58 45.21 16.46
N LYS A 877 -47.06 45.19 17.70
CA LYS A 877 -47.89 44.10 18.20
C LYS A 877 -49.23 44.03 17.49
N TYR A 878 -49.69 42.80 17.23
CA TYR A 878 -50.96 42.56 16.56
C TYR A 878 -52.00 42.03 17.55
N VAL A 879 -53.23 42.47 17.43
CA VAL A 879 -54.29 42.05 18.35
C VAL A 879 -55.59 41.71 17.62
N VAL A 880 -56.11 40.51 17.84
CA VAL A 880 -57.38 40.09 17.23
C VAL A 880 -58.50 40.11 18.25
N ILE A 881 -59.68 40.57 17.84
CA ILE A 881 -60.84 40.62 18.74
C ILE A 881 -62.06 39.92 18.12
N ASP A 882 -61.79 38.86 17.34
CA ASP A 882 -62.85 38.04 16.75
C ASP A 882 -63.12 36.82 17.62
N PRO A 883 -64.38 36.64 18.06
CA PRO A 883 -64.76 35.46 18.85
C PRO A 883 -64.50 34.18 18.09
N ALA A 884 -64.65 34.24 16.77
CA ALA A 884 -64.47 33.10 15.90
C ALA A 884 -63.02 32.59 15.88
N THR A 885 -62.08 33.47 16.21
CA THR A 885 -60.66 33.10 16.17
C THR A 885 -60.35 31.94 17.12
N ARG A 886 -59.62 30.96 16.61
CA ARG A 886 -59.12 29.87 17.43
C ARG A 886 -57.94 30.34 18.29
N ILE A 887 -57.81 29.79 19.48
CA ILE A 887 -56.74 30.18 20.39
C ILE A 887 -55.53 29.25 20.28
N GLU A 888 -54.35 29.83 20.10
CA GLU A 888 -53.11 29.07 20.08
C GLU A 888 -52.06 29.81 20.89
N THR A 889 -52.06 29.59 22.20
CA THR A 889 -51.23 30.36 23.12
C THR A 889 -49.74 30.22 22.84
N LEU A 890 -49.34 29.08 22.30
CA LEU A 890 -47.95 28.89 21.90
C LEU A 890 -47.61 29.76 20.69
N THR A 891 -48.47 29.75 19.68
CA THR A 891 -48.29 30.60 18.51
C THR A 891 -48.40 32.08 18.87
N GLN A 892 -49.30 32.39 19.80
CA GLN A 892 -49.50 33.77 20.23
C GLN A 892 -48.27 34.28 20.95
N GLU A 893 -47.77 33.50 21.90
CA GLU A 893 -46.60 33.86 22.67
C GLU A 893 -45.35 33.93 21.79
N LYS A 894 -45.26 33.02 20.83
CA LYS A 894 -44.07 32.94 19.97
C LYS A 894 -44.05 33.97 18.84
N LYS A 895 -45.23 34.49 18.48
CA LYS A 895 -45.30 35.39 17.33
C LYS A 895 -45.81 36.80 17.67
N ASN A 896 -45.89 37.11 18.96
CA ASN A 896 -46.32 38.44 19.41
C ASN A 896 -47.72 38.82 18.92
N ILE A 897 -48.70 37.97 19.23
CA ILE A 897 -50.09 38.22 18.83
C ILE A 897 -51.08 37.96 19.97
N GLU A 898 -51.53 39.02 20.64
CA GLU A 898 -52.59 38.89 21.62
C GLU A 898 -53.92 38.61 20.91
N VAL A 899 -54.77 37.76 21.50
CA VAL A 899 -56.07 37.45 20.92
C VAL A 899 -57.17 37.48 21.98
N GLN A 900 -58.06 38.47 21.89
CA GLN A 900 -59.13 38.65 22.86
C GLN A 900 -60.16 37.52 22.90
N SER A 901 -60.45 36.94 21.75
CA SER A 901 -61.40 35.83 21.61
C SER A 901 -62.77 36.10 22.25
N ARG A 902 -63.19 37.36 22.24
CA ARG A 902 -64.48 37.77 22.77
C ARG A 902 -65.13 38.71 21.75
N PRO A 903 -66.47 38.81 21.76
CA PRO A 903 -67.08 39.82 20.86
C PRO A 903 -66.67 41.24 21.24
N PHE A 904 -66.43 42.08 20.23
CA PHE A 904 -66.17 43.49 20.44
C PHE A 904 -67.46 44.20 20.87
N GLN A 905 -67.34 45.14 21.79
CA GLN A 905 -68.51 45.89 22.24
C GLN A 905 -68.51 47.29 21.62
N PHE A 906 -69.45 47.53 20.71
CA PHE A 906 -69.51 48.78 19.98
C PHE A 906 -70.12 49.95 20.76
N ASP A 907 -70.72 49.65 21.90
CA ASP A 907 -71.30 50.71 22.74
C ASP A 907 -70.19 51.64 23.22
N ALA A 908 -70.44 52.95 23.16
CA ALA A 908 -69.39 53.94 23.44
C ALA A 908 -68.88 53.92 24.88
N ALA A 909 -69.76 53.60 25.82
CA ALA A 909 -69.37 53.53 27.23
C ALA A 909 -68.40 52.39 27.49
N ASN A 910 -68.56 51.29 26.75
CA ASN A 910 -67.72 50.12 26.90
C ASN A 910 -66.41 50.20 26.10
N MET A 911 -66.32 51.21 25.25
CA MET A 911 -65.19 51.35 24.35
C MET A 911 -63.87 51.54 25.08
N ASP A 912 -62.82 50.94 24.53
CA ASP A 912 -61.49 51.02 25.12
C ASP A 912 -60.43 51.14 24.03
N LEU A 913 -60.36 52.29 23.39
CA LEU A 913 -59.35 52.54 22.36
C LEU A 913 -58.06 53.09 22.99
N GLU A 914 -56.97 52.37 22.77
CA GLU A 914 -55.66 52.82 23.23
C GLU A 914 -55.09 53.91 22.33
N ASN A 915 -54.24 54.76 22.90
CA ASN A 915 -53.50 55.74 22.12
C ASN A 915 -52.44 55.07 21.26
N ASN A 916 -52.11 55.70 20.13
CA ASN A 916 -51.14 55.17 19.16
C ASN A 916 -51.52 53.82 18.55
N SER A 917 -52.82 53.56 18.40
CA SER A 917 -53.28 52.29 17.88
C SER A 917 -54.00 52.38 16.53
N ILE A 918 -53.85 51.33 15.73
CA ILE A 918 -54.52 51.26 14.43
C ILE A 918 -55.62 50.20 14.44
N TYR A 919 -56.87 50.65 14.53
CA TYR A 919 -57.99 49.75 14.64
C TYR A 919 -58.59 49.35 13.30
N LEU A 920 -58.44 48.08 12.93
CA LEU A 920 -58.98 47.57 11.68
C LEU A 920 -60.42 47.06 11.84
N PHE A 921 -61.32 47.59 11.02
CA PHE A 921 -62.70 47.16 11.01
C PHE A 921 -63.07 46.74 9.60
N ILE A 922 -62.30 45.81 9.05
CA ILE A 922 -62.45 45.42 7.65
C ILE A 922 -63.59 44.42 7.46
N ALA A 923 -64.73 44.92 6.99
CA ALA A 923 -65.91 44.12 6.71
C ALA A 923 -66.45 43.39 7.94
N VAL A 924 -66.17 43.92 9.12
CA VAL A 924 -66.67 43.32 10.36
C VAL A 924 -67.89 44.07 10.89
N ILE A 925 -68.00 45.32 10.47
CA ILE A 925 -69.05 46.21 10.96
C ILE A 925 -70.44 45.79 10.49
N MET A 926 -70.49 45.09 9.36
CA MET A 926 -71.74 44.76 8.69
C MET A 926 -72.44 43.50 9.23
N ASN A 927 -71.77 42.77 10.11
CA ASN A 927 -72.32 41.51 10.62
C ASN A 927 -72.31 41.38 12.13
N GLU A 928 -73.34 40.73 12.66
CA GLU A 928 -73.37 40.33 14.06
C GLU A 928 -72.40 39.17 14.25
N PRO A 929 -71.90 38.97 15.48
CA PRO A 929 -70.89 37.93 15.75
C PRO A 929 -71.32 36.52 15.35
N ASN A 930 -72.61 36.21 15.47
CA ASN A 930 -73.14 34.91 15.06
C ASN A 930 -73.29 34.78 13.53
N GLY A 931 -73.11 35.90 12.84
CA GLY A 931 -73.13 35.93 11.39
C GLY A 931 -74.37 36.51 10.74
N ALA A 932 -75.46 36.66 11.49
CA ALA A 932 -76.65 37.31 10.97
C ALA A 932 -76.37 38.79 10.70
N ALA A 933 -76.84 39.29 9.56
CA ALA A 933 -76.59 40.67 9.20
C ALA A 933 -77.29 41.66 10.13
N THR A 934 -76.55 42.69 10.55
CA THR A 934 -77.13 43.80 11.30
C THR A 934 -77.82 44.79 10.37
N PRO A 935 -78.97 45.35 10.80
CA PRO A 935 -79.69 46.37 10.02
C PRO A 935 -78.85 47.63 9.85
N ALA A 936 -78.99 48.32 8.72
CA ALA A 936 -78.08 49.39 8.35
C ALA A 936 -78.01 50.56 9.34
N ARG A 937 -79.14 50.85 9.99
CA ARG A 937 -79.16 51.91 10.98
C ARG A 937 -78.28 51.55 12.18
N MET A 938 -78.26 50.27 12.55
CA MET A 938 -77.39 49.78 13.60
C MET A 938 -75.91 49.84 13.21
N GLN A 939 -75.65 49.68 11.92
CA GLN A 939 -74.29 49.78 11.39
C GLN A 939 -73.79 51.21 11.48
N MET A 940 -74.61 52.14 11.01
CA MET A 940 -74.25 53.56 11.06
C MET A 940 -74.14 54.01 12.50
N ASP A 941 -74.93 53.39 13.38
CA ASP A 941 -74.89 53.70 14.80
C ASP A 941 -73.56 53.25 15.42
N LYS A 942 -73.14 52.01 15.16
CA LYS A 942 -71.87 51.55 15.71
C LYS A 942 -70.65 52.26 15.08
N ILE A 943 -70.78 52.69 13.83
CA ILE A 943 -69.74 53.54 13.24
C ILE A 943 -69.69 54.87 13.98
N ARG A 944 -70.85 55.40 14.33
CA ARG A 944 -70.92 56.66 15.07
C ARG A 944 -70.31 56.50 16.45
N ASN A 945 -70.47 55.32 17.04
CA ASN A 945 -69.88 55.04 18.35
C ASN A 945 -68.37 54.88 18.32
N VAL A 946 -67.85 54.20 17.30
CA VAL A 946 -66.40 54.10 17.14
C VAL A 946 -65.82 55.47 16.80
N ALA A 947 -66.61 56.31 16.16
CA ALA A 947 -66.18 57.66 15.85
C ALA A 947 -66.08 58.53 17.10
N THR A 948 -67.16 58.55 17.91
CA THR A 948 -67.16 59.33 19.14
C THR A 948 -66.19 58.81 20.20
N ALA A 949 -65.98 57.50 20.22
CA ALA A 949 -65.05 56.90 21.19
C ALA A 949 -63.60 57.29 20.91
N MET A 950 -63.29 57.56 19.65
CA MET A 950 -61.94 57.94 19.27
C MET A 950 -61.69 59.43 19.43
N LEU A 951 -62.74 60.18 19.73
CA LEU A 951 -62.66 61.63 19.79
C LEU A 951 -61.70 62.10 20.88
N THR A 952 -61.59 61.30 21.94
CA THR A 952 -60.73 61.65 23.07
C THR A 952 -59.26 61.28 22.85
N ARG A 953 -59.01 60.17 22.17
CA ARG A 953 -57.65 59.64 22.03
C ARG A 953 -56.72 60.55 21.23
N THR A 954 -55.51 60.74 21.73
CA THR A 954 -54.53 61.65 21.12
C THR A 954 -53.98 61.18 19.77
N ASN A 955 -53.92 59.87 19.58
CA ASN A 955 -53.40 59.31 18.34
C ASN A 955 -53.98 57.93 18.09
N CYS A 956 -54.80 57.81 17.04
CA CYS A 956 -55.49 56.57 16.73
C CYS A 956 -55.92 56.62 15.29
N VAL A 957 -56.11 55.46 14.67
CA VAL A 957 -56.59 55.43 13.29
C VAL A 957 -57.46 54.21 12.97
N ALA A 958 -58.75 54.46 12.76
CA ALA A 958 -59.68 53.38 12.41
C ALA A 958 -59.85 53.22 10.90
N TYR A 959 -60.04 51.96 10.49
CA TYR A 959 -60.27 51.62 9.09
C TYR A 959 -61.55 50.81 8.96
N ILE A 960 -62.69 51.50 8.93
CA ILE A 960 -63.99 50.84 8.90
C ILE A 960 -64.50 50.56 7.48
N SER A 961 -64.31 49.34 7.01
CA SER A 961 -64.86 48.93 5.71
C SER A 961 -66.37 48.79 5.75
N PHE A 962 -67.04 49.17 4.66
CA PHE A 962 -68.49 49.06 4.55
C PHE A 962 -68.91 49.10 3.08
N TYR A 963 -70.13 48.68 2.78
CA TYR A 963 -70.63 48.71 1.40
C TYR A 963 -71.51 49.92 1.11
N GLU A 964 -71.22 50.62 0.01
CA GLU A 964 -72.02 51.77 -0.41
C GLU A 964 -73.35 51.31 -1.02
N ALA A 965 -74.39 52.13 -0.87
CA ALA A 965 -75.72 51.76 -1.36
C ALA A 965 -75.81 51.62 -2.88
N GLY A 966 -74.99 52.40 -3.58
CA GLY A 966 -75.12 52.54 -5.02
C GLY A 966 -74.94 51.23 -5.74
N ILE A 967 -74.16 50.33 -5.15
CA ILE A 967 -73.88 49.05 -5.77
C ILE A 967 -75.17 48.25 -5.99
N ILE A 968 -76.14 48.36 -5.07
CA ILE A 968 -77.38 47.61 -5.26
C ILE A 968 -78.15 48.12 -6.47
N THR A 969 -78.00 49.42 -6.76
CA THR A 969 -78.64 49.99 -7.93
C THR A 969 -77.98 49.45 -9.20
N ARG A 970 -76.69 49.14 -9.10
CA ARG A 970 -75.94 48.70 -10.27
C ARG A 970 -76.10 47.21 -10.56
N LEU A 971 -76.16 46.41 -9.50
CA LEU A 971 -76.31 44.96 -9.66
C LEU A 971 -77.76 44.56 -9.96
N ASP A 972 -78.69 45.48 -9.75
CA ASP A 972 -80.06 45.27 -10.21
C ASP A 972 -80.12 45.29 -11.73
N GLN A 973 -79.20 46.04 -12.35
CA GLN A 973 -79.19 46.23 -13.80
C GLN A 973 -78.11 45.40 -14.52
N SER A 974 -77.14 44.89 -13.77
CA SER A 974 -76.04 44.10 -14.35
C SER A 974 -76.32 42.59 -14.41
N THR A 975 -75.41 41.86 -15.05
CA THR A 975 -75.56 40.41 -15.20
C THR A 975 -74.36 39.62 -14.65
N ALA A 976 -73.16 40.19 -14.76
CA ALA A 976 -71.94 39.47 -14.39
C ALA A 976 -71.69 39.47 -12.89
N HIS A 977 -72.53 38.77 -12.15
CA HIS A 977 -72.35 38.63 -10.72
C HIS A 977 -72.70 37.20 -10.29
N LYS A 978 -71.79 36.28 -10.57
CA LYS A 978 -71.97 34.89 -10.16
C LYS A 978 -71.92 34.73 -8.64
N THR A 979 -71.18 35.61 -7.97
CA THR A 979 -71.00 35.52 -6.52
C THR A 979 -71.85 36.56 -5.79
N ILE A 980 -71.59 37.83 -6.07
CA ILE A 980 -72.39 38.92 -5.51
C ILE A 980 -73.82 38.84 -6.04
N ARG A 981 -74.79 39.20 -5.21
CA ARG A 981 -76.20 39.18 -5.63
C ARG A 981 -76.92 40.42 -5.12
N VAL A 982 -78.25 40.34 -5.07
CA VAL A 982 -79.07 41.38 -4.45
C VAL A 982 -80.40 40.81 -3.96
N GLU A 983 -80.33 39.88 -3.01
CA GLU A 983 -81.56 39.29 -2.47
C GLU A 983 -82.38 40.33 -1.70
N GLU A 984 -83.57 40.63 -2.22
CA GLU A 984 -84.47 41.64 -1.66
C GLU A 984 -83.78 42.99 -1.40
N GLY A 985 -82.89 43.38 -2.29
CA GLY A 985 -82.22 44.68 -2.22
C GLY A 985 -80.99 44.77 -1.34
N ARG A 986 -80.59 43.67 -0.72
CA ARG A 986 -79.38 43.65 0.10
C ARG A 986 -78.23 42.90 -0.58
N LEU A 987 -77.01 43.37 -0.37
CA LEU A 987 -75.83 42.69 -0.91
C LEU A 987 -75.64 41.32 -0.29
N LYS A 988 -75.18 40.36 -1.10
CA LYS A 988 -74.94 39.01 -0.60
C LYS A 988 -73.58 38.47 -1.06
N VAL A 989 -72.50 39.01 -0.50
CA VAL A 989 -71.16 38.56 -0.85
C VAL A 989 -70.92 37.13 -0.39
N ALA A 990 -70.24 36.35 -1.25
CA ALA A 990 -69.88 34.97 -0.95
C ALA A 990 -71.03 34.13 -0.40
N ASN A 991 -70.79 33.49 0.75
CA ASN A 991 -71.79 32.66 1.42
C ASN A 991 -72.45 33.32 2.64
N TYR A 992 -72.12 34.58 2.88
CA TYR A 992 -72.72 35.33 3.98
C TYR A 992 -74.19 35.66 3.71
N VAL A 993 -74.94 35.84 4.80
CA VAL A 993 -76.35 36.23 4.72
C VAL A 993 -76.42 37.63 4.11
N PRO A 994 -77.49 37.93 3.35
CA PRO A 994 -77.57 39.27 2.74
C PRO A 994 -77.58 40.39 3.78
N VAL A 995 -76.93 41.50 3.44
CA VAL A 995 -76.72 42.59 4.39
C VAL A 995 -77.02 43.96 3.77
N ASP A 996 -77.84 44.76 4.45
CA ASP A 996 -78.18 46.10 3.99
C ASP A 996 -76.95 47.02 4.00
N THR A 997 -76.89 47.92 3.02
CA THR A 997 -75.71 48.76 2.81
C THR A 997 -75.92 50.21 3.25
N LEU A 998 -74.85 50.83 3.74
CA LEU A 998 -74.88 52.24 4.11
C LEU A 998 -74.82 53.14 2.87
N VAL A 999 -75.44 54.31 2.95
CA VAL A 999 -75.28 55.34 1.93
C VAL A 999 -74.12 56.26 2.30
N GLU A 1000 -73.24 56.53 1.34
CA GLU A 1000 -72.02 57.30 1.60
C GLU A 1000 -72.28 58.74 2.06
N ALA A 1001 -73.34 59.36 1.53
CA ALA A 1001 -73.60 60.76 1.83
C ALA A 1001 -74.03 60.96 3.29
N ASP A 1002 -74.95 60.12 3.76
CA ASP A 1002 -75.41 60.18 5.13
C ASP A 1002 -74.29 59.85 6.13
N VAL A 1003 -73.38 58.96 5.72
CA VAL A 1003 -72.25 58.59 6.57
C VAL A 1003 -71.23 59.72 6.68
N THR A 1004 -70.89 60.34 5.56
CA THR A 1004 -69.98 61.48 5.58
C THR A 1004 -70.60 62.66 6.33
N LEU A 1005 -71.91 62.84 6.19
CA LEU A 1005 -72.62 63.91 6.89
C LEU A 1005 -72.59 63.64 8.40
N MET A 1006 -72.72 62.36 8.75
CA MET A 1006 -72.70 61.96 10.15
C MET A 1006 -71.32 62.18 10.76
N LEU A 1007 -70.27 61.82 10.01
CA LEU A 1007 -68.90 62.05 10.46
C LEU A 1007 -68.55 63.53 10.55
N ARG A 1008 -69.15 64.35 9.69
CA ARG A 1008 -69.01 65.79 9.82
C ARG A 1008 -69.69 66.29 11.10
N ASP A 1009 -70.83 65.67 11.42
CA ASP A 1009 -71.53 66.00 12.66
C ASP A 1009 -70.75 65.57 13.91
N ILE A 1010 -70.00 64.48 13.81
CA ILE A 1010 -69.13 64.03 14.90
C ILE A 1010 -67.93 64.97 15.10
N GLY A 1011 -67.50 65.61 14.01
CA GLY A 1011 -66.38 66.52 14.06
C GLY A 1011 -65.03 65.85 13.94
N ILE A 1012 -65.03 64.52 13.84
CA ILE A 1012 -63.80 63.75 13.68
C ILE A 1012 -63.20 63.91 12.27
N THR A 1013 -61.88 63.91 12.20
CA THR A 1013 -61.18 63.88 10.91
C THR A 1013 -61.48 62.56 10.22
N HIS A 1014 -61.76 62.60 8.92
CA HIS A 1014 -62.10 61.38 8.20
C HIS A 1014 -61.73 61.44 6.72
N GLU A 1015 -61.65 60.27 6.09
CA GLU A 1015 -61.34 60.17 4.67
C GLU A 1015 -61.87 58.86 4.12
N ILE A 1016 -62.74 58.93 3.11
CA ILE A 1016 -63.30 57.73 2.50
C ILE A 1016 -62.46 57.23 1.32
N ILE A 1017 -61.46 56.39 1.61
CA ILE A 1017 -60.56 55.87 0.58
C ILE A 1017 -60.92 54.46 0.13
N ARG A 1018 -60.56 54.12 -1.11
CA ARG A 1018 -60.73 52.77 -1.64
C ARG A 1018 -59.46 52.35 -2.36
N PRO A 1019 -59.19 51.03 -2.41
CA PRO A 1019 -57.99 50.55 -3.12
C PRO A 1019 -58.03 50.86 -4.62
N SER A 1020 -56.86 51.14 -5.18
CA SER A 1020 -56.74 51.55 -6.57
C SER A 1020 -56.23 50.42 -7.46
N THR A 1021 -56.08 50.71 -8.75
CA THR A 1021 -55.50 49.76 -9.69
C THR A 1021 -54.08 49.29 -9.30
N PRO A 1022 -53.17 50.22 -8.93
CA PRO A 1022 -51.85 49.74 -8.52
C PRO A 1022 -51.89 48.79 -7.34
N GLU A 1023 -52.85 48.97 -6.42
CA GLU A 1023 -53.02 48.03 -5.32
C GLU A 1023 -53.45 46.66 -5.82
N LEU A 1024 -54.23 46.64 -6.90
CA LEU A 1024 -54.67 45.39 -7.52
C LEU A 1024 -53.48 44.66 -8.14
N ILE A 1025 -52.66 45.41 -8.86
CA ILE A 1025 -51.45 44.84 -9.46
C ILE A 1025 -50.51 44.35 -8.36
N ASP A 1026 -50.48 45.06 -7.23
CA ASP A 1026 -49.65 44.66 -6.10
C ASP A 1026 -50.13 43.35 -5.52
N ALA A 1027 -51.45 43.21 -5.40
CA ALA A 1027 -52.04 42.00 -4.84
C ALA A 1027 -51.74 40.82 -5.74
N CYS A 1028 -52.03 40.99 -7.02
CA CYS A 1028 -51.85 39.91 -7.98
C CYS A 1028 -50.40 39.50 -8.15
N SER A 1029 -49.50 40.48 -8.05
CA SER A 1029 -48.08 40.17 -8.19
C SER A 1029 -47.57 39.45 -6.96
N ASN A 1030 -47.80 40.04 -5.79
CA ASN A 1030 -47.25 39.51 -4.55
C ASN A 1030 -47.80 38.14 -4.22
N TYR A 1031 -49.07 37.91 -4.58
CA TYR A 1031 -49.70 36.63 -4.26
C TYR A 1031 -49.58 35.56 -5.34
N GLY A 1032 -49.13 35.95 -6.53
CA GLY A 1032 -49.04 35.02 -7.65
C GLY A 1032 -50.40 34.68 -8.22
N ILE A 1033 -51.29 35.66 -8.22
CA ILE A 1033 -52.68 35.47 -8.64
C ILE A 1033 -53.04 36.17 -9.95
N ARG A 1034 -53.75 35.48 -10.84
CA ARG A 1034 -54.39 36.13 -11.99
C ARG A 1034 -55.90 36.38 -11.76
N LEU A 1035 -56.38 37.54 -12.21
CA LEU A 1035 -57.73 38.03 -11.89
C LEU A 1035 -58.93 37.23 -12.43
N GLY A 1036 -58.81 36.65 -13.61
CA GLY A 1036 -59.92 35.95 -14.21
C GLY A 1036 -60.88 36.90 -14.90
N SER A 1037 -61.93 36.39 -15.53
CA SER A 1037 -62.80 37.24 -16.35
C SER A 1037 -63.94 37.90 -15.61
N THR A 1038 -64.80 37.06 -15.01
CA THR A 1038 -65.97 37.58 -14.31
C THR A 1038 -65.52 38.43 -13.15
N GLY A 1039 -64.39 38.05 -12.57
CA GLY A 1039 -63.79 38.81 -11.50
C GLY A 1039 -63.33 40.15 -12.00
N GLY A 1040 -62.81 40.19 -13.22
CA GLY A 1040 -62.32 41.43 -13.79
C GLY A 1040 -63.45 42.34 -14.23
N ALA A 1041 -64.62 41.76 -14.48
CA ALA A 1041 -65.77 42.55 -14.85
C ALA A 1041 -66.41 43.17 -13.62
N VAL A 1042 -66.59 42.36 -12.57
CA VAL A 1042 -67.26 42.87 -11.36
C VAL A 1042 -66.35 43.59 -10.35
N LEU A 1043 -65.05 43.45 -10.49
CA LEU A 1043 -64.12 44.02 -9.51
C LEU A 1043 -64.18 45.53 -9.42
N ASP A 1044 -64.44 46.21 -10.54
CA ASP A 1044 -64.46 47.66 -10.53
C ASP A 1044 -65.66 48.18 -9.74
N VAL A 1045 -66.84 47.72 -10.11
CA VAL A 1045 -68.07 48.17 -9.45
C VAL A 1045 -68.13 47.69 -8.00
N PHE A 1046 -67.56 46.53 -7.72
CA PHE A 1046 -67.60 46.00 -6.35
C PHE A 1046 -66.60 46.71 -5.44
N ASN A 1047 -65.35 46.79 -5.89
CA ASN A 1047 -64.31 47.44 -5.10
C ASN A 1047 -64.51 48.95 -4.94
N HIS A 1048 -65.07 49.60 -5.94
CA HIS A 1048 -65.37 51.03 -5.80
C HIS A 1048 -66.48 51.24 -4.79
N TYR A 1049 -67.34 50.24 -4.65
CA TYR A 1049 -68.46 50.34 -3.72
C TYR A 1049 -68.26 49.51 -2.47
N SER A 1050 -67.00 49.37 -2.06
CA SER A 1050 -66.66 48.93 -0.72
C SER A 1050 -65.64 49.89 -0.15
N PRO A 1051 -66.06 51.12 0.17
CA PRO A 1051 -65.15 52.13 0.71
C PRO A 1051 -64.60 51.75 2.08
N VAL A 1052 -63.37 52.14 2.39
CA VAL A 1052 -62.85 52.02 3.74
C VAL A 1052 -62.83 53.40 4.41
N ILE A 1053 -63.66 53.58 5.42
CA ILE A 1053 -63.64 54.81 6.20
C ILE A 1053 -62.29 54.88 6.92
N LYS A 1054 -61.66 56.04 6.89
CA LYS A 1054 -60.38 56.23 7.54
C LYS A 1054 -60.47 57.28 8.64
N LEU A 1055 -60.96 56.89 9.80
CA LEU A 1055 -61.01 57.78 10.95
C LEU A 1055 -59.60 58.02 11.48
N VAL A 1056 -59.31 59.25 11.91
CA VAL A 1056 -57.97 59.60 12.38
C VAL A 1056 -57.98 60.63 13.52
N ARG A 1057 -57.07 60.44 14.47
CA ARG A 1057 -56.90 61.39 15.57
C ARG A 1057 -55.41 61.69 15.81
N LYS B 135 -31.00 -73.58 -11.81
CA LYS B 135 -30.50 -74.70 -12.63
C LYS B 135 -30.16 -75.95 -11.82
N VAL B 136 -28.92 -76.04 -11.31
CA VAL B 136 -28.57 -77.07 -10.33
C VAL B 136 -28.79 -76.63 -8.87
N ILE B 137 -29.26 -77.55 -8.04
CA ILE B 137 -29.46 -77.25 -6.61
C ILE B 137 -28.11 -77.03 -5.97
N PHE B 138 -28.01 -75.98 -5.16
CA PHE B 138 -26.73 -75.68 -4.50
C PHE B 138 -26.98 -75.00 -3.14
N ASN B 139 -26.80 -75.77 -2.07
CA ASN B 139 -27.17 -75.33 -0.74
C ASN B 139 -26.37 -74.13 -0.22
N GLY B 140 -25.18 -73.96 -0.77
CA GLY B 140 -24.35 -72.84 -0.39
C GLY B 140 -24.82 -71.57 -1.06
N LEU B 141 -24.27 -70.44 -0.65
CA LEU B 141 -24.45 -69.20 -1.37
C LEU B 141 -23.74 -69.31 -2.72
N ASP B 142 -24.40 -68.88 -3.79
CA ASP B 142 -23.83 -69.00 -5.13
C ASP B 142 -23.01 -67.76 -5.45
N VAL B 143 -21.88 -67.62 -4.76
CA VAL B 143 -21.06 -66.42 -4.87
C VAL B 143 -20.54 -66.26 -6.29
N ASN B 144 -20.46 -65.03 -6.78
CA ASN B 144 -19.94 -64.82 -8.12
C ASN B 144 -19.22 -63.49 -8.42
N THR B 145 -18.81 -62.77 -7.39
CA THR B 145 -17.96 -61.58 -7.53
C THR B 145 -17.08 -61.42 -6.31
N GLU B 146 -16.04 -60.59 -6.45
CA GLU B 146 -15.13 -60.29 -5.34
C GLU B 146 -15.00 -58.79 -5.16
N VAL B 147 -15.66 -58.25 -4.15
CA VAL B 147 -15.41 -56.86 -3.78
C VAL B 147 -13.99 -56.73 -3.21
N GLN B 148 -13.28 -55.70 -3.65
CA GLN B 148 -11.98 -55.38 -3.09
C GLN B 148 -12.19 -54.64 -1.79
N PRO B 149 -11.19 -54.67 -0.90
CA PRO B 149 -11.22 -53.73 0.22
C PRO B 149 -11.20 -52.30 -0.32
N LEU B 150 -11.92 -51.39 0.32
CA LEU B 150 -12.06 -50.03 -0.22
C LEU B 150 -10.85 -49.15 0.05
N SER B 151 -9.93 -49.64 0.87
CA SER B 151 -8.69 -48.91 1.14
C SER B 151 -7.60 -49.83 1.69
N ASP B 152 -6.35 -49.56 1.32
CA ASP B 152 -5.22 -50.25 1.94
C ASP B 152 -4.72 -49.37 3.08
N ASP B 153 -5.60 -49.17 4.06
CA ASP B 153 -5.36 -48.23 5.15
C ASP B 153 -4.21 -48.61 6.11
N PHE B 154 -3.93 -49.91 6.23
CA PHE B 154 -2.99 -50.37 7.24
C PHE B 154 -2.00 -51.41 6.73
N LYS B 155 -0.72 -51.10 6.82
CA LYS B 155 0.33 -52.10 6.69
C LYS B 155 0.18 -53.02 7.90
N GLN B 156 0.28 -54.33 7.70
CA GLN B 156 -0.01 -55.28 8.79
C GLN B 156 1.22 -56.05 9.31
N ILE B 157 2.13 -55.33 9.96
CA ILE B 157 3.33 -55.90 10.55
C ILE B 157 2.97 -56.85 11.68
N SER B 158 3.95 -57.63 12.15
CA SER B 158 3.63 -58.69 13.11
C SER B 158 4.35 -58.63 14.48
N ASP B 159 5.60 -58.21 14.48
CA ASP B 159 6.37 -58.12 15.73
C ASP B 159 7.05 -56.75 15.85
N PRO B 160 6.26 -55.73 16.20
CA PRO B 160 6.45 -54.31 15.89
C PRO B 160 7.74 -53.66 16.41
N LYS B 161 8.30 -52.77 15.60
CA LYS B 161 9.55 -52.09 15.92
C LYS B 161 9.28 -50.73 16.54
N GLY B 162 9.80 -50.49 17.74
CA GLY B 162 9.60 -49.21 18.40
C GLY B 162 10.37 -48.06 17.77
N TYR B 163 9.99 -46.83 18.08
CA TYR B 163 10.73 -45.69 17.56
C TYR B 163 12.01 -45.45 18.37
N LEU B 164 12.11 -46.11 19.52
CA LEU B 164 13.29 -45.97 20.37
C LEU B 164 13.82 -47.34 20.73
N THR B 165 15.14 -47.43 20.91
CA THR B 165 15.76 -48.64 21.43
C THR B 165 16.87 -48.27 22.38
N TYR B 166 17.25 -49.23 23.21
CA TYR B 166 18.48 -49.11 23.97
C TYR B 166 19.71 -49.33 23.09
N SER B 167 20.81 -48.69 23.44
CA SER B 167 22.05 -48.90 22.73
C SER B 167 23.15 -48.82 23.76
N VAL B 168 24.08 -49.75 23.70
CA VAL B 168 25.00 -49.93 24.81
C VAL B 168 26.44 -49.89 24.39
N LYS B 169 27.22 -49.08 25.08
CA LYS B 169 28.67 -49.08 24.89
C LYS B 169 29.29 -49.83 26.05
N TYR B 170 29.97 -50.93 25.74
CA TYR B 170 30.63 -51.73 26.77
C TYR B 170 32.07 -51.31 26.96
N GLU B 171 32.56 -51.39 28.21
CA GLU B 171 33.99 -51.23 28.44
C GLU B 171 34.61 -52.60 28.22
N ASP B 172 35.32 -52.74 27.09
CA ASP B 172 35.74 -54.04 26.60
C ASP B 172 36.61 -54.79 27.61
N GLN B 173 37.32 -54.04 28.45
CA GLN B 173 38.19 -54.65 29.45
C GLN B 173 37.43 -55.46 30.51
N PHE B 174 36.22 -55.03 30.86
CA PHE B 174 35.47 -55.71 31.92
C PHE B 174 34.39 -56.62 31.35
N THR B 175 33.99 -56.33 30.11
CA THR B 175 33.02 -57.14 29.39
C THR B 175 33.57 -58.55 29.15
N LYS B 176 32.73 -59.55 29.39
CA LYS B 176 33.06 -60.91 29.02
C LYS B 176 32.45 -61.14 27.66
N LYS B 177 33.24 -61.58 26.70
CA LYS B 177 32.75 -61.78 25.34
C LYS B 177 31.70 -62.88 25.26
N ASP B 178 31.82 -63.88 26.13
CA ASP B 178 30.95 -65.05 26.11
C ASP B 178 29.50 -64.70 26.44
N LYS B 179 28.58 -65.28 25.67
CA LYS B 179 27.14 -65.07 25.89
C LYS B 179 26.71 -65.69 27.22
N LEU B 180 25.91 -64.96 27.99
CA LEU B 180 25.40 -65.45 29.26
C LEU B 180 24.30 -66.50 29.07
N ARG B 181 24.28 -67.52 29.93
CA ARG B 181 23.32 -68.61 29.79
C ARG B 181 22.62 -68.98 31.09
N ALA B 182 21.30 -69.15 31.01
CA ALA B 182 20.48 -69.55 32.14
C ALA B 182 19.63 -70.77 31.76
N SER B 183 18.53 -70.97 32.46
CA SER B 183 17.57 -72.00 32.07
C SER B 183 17.13 -71.66 30.65
N GLU B 184 16.88 -72.67 29.83
CA GLU B 184 16.60 -72.39 28.43
C GLU B 184 15.35 -71.52 28.24
N ALA B 185 14.29 -71.75 29.02
CA ALA B 185 13.06 -70.97 28.86
C ALA B 185 13.25 -69.55 29.39
N ASP B 186 13.83 -69.50 30.58
CA ASP B 186 14.13 -68.23 31.21
C ASP B 186 15.14 -67.46 30.34
N ASP B 187 16.02 -68.16 29.63
CA ASP B 187 16.87 -67.48 28.63
C ASP B 187 16.05 -67.01 27.44
N ARG B 188 14.99 -67.72 27.11
CA ARG B 188 14.19 -67.34 25.96
C ARG B 188 13.55 -66.00 26.25
N ILE B 189 13.23 -65.74 27.52
CA ILE B 189 12.59 -64.47 27.86
C ILE B 189 13.57 -63.40 28.29
N VAL B 190 14.26 -63.71 29.37
CA VAL B 190 15.23 -62.84 30.01
C VAL B 190 16.49 -62.59 29.17
N GLY B 191 16.82 -63.53 28.28
CA GLY B 191 18.11 -63.57 27.62
C GLY B 191 18.59 -62.39 26.78
N PRO B 192 17.76 -61.86 25.87
CA PRO B 192 18.20 -60.69 25.11
C PRO B 192 18.55 -59.52 26.01
N THR B 193 17.83 -59.41 27.13
CA THR B 193 18.09 -58.35 28.09
C THR B 193 19.40 -58.56 28.85
N VAL B 194 19.63 -59.77 29.35
CA VAL B 194 20.82 -60.02 30.16
C VAL B 194 22.08 -59.99 29.32
N ASN B 195 21.92 -60.12 28.01
CA ASN B 195 23.04 -59.95 27.11
C ASN B 195 23.27 -58.48 26.74
N LEU B 196 22.19 -57.74 26.53
CA LEU B 196 22.33 -56.32 26.21
C LEU B 196 22.94 -55.53 27.37
N PHE B 197 22.58 -55.87 28.60
CA PHE B 197 23.17 -55.21 29.75
C PHE B 197 24.11 -56.16 30.46
N LYS B 198 25.01 -56.78 29.69
CA LYS B 198 25.98 -57.69 30.25
C LYS B 198 26.93 -56.88 31.11
N TYR B 199 27.55 -57.53 32.08
CA TYR B 199 28.46 -56.86 33.00
C TYR B 199 29.50 -56.16 32.16
N GLY B 200 29.85 -54.95 32.55
CA GLY B 200 30.85 -54.16 31.84
C GLY B 200 30.29 -53.24 30.78
N ALA B 201 28.97 -53.24 30.62
CA ALA B 201 28.36 -52.21 29.80
C ALA B 201 28.64 -50.88 30.49
N ALA B 202 29.09 -49.91 29.70
CA ALA B 202 29.53 -48.65 30.29
C ALA B 202 28.46 -47.57 30.20
N VAL B 203 27.79 -47.49 29.07
CA VAL B 203 26.68 -46.54 28.95
C VAL B 203 25.52 -47.10 28.14
N VAL B 204 24.35 -47.15 28.78
CA VAL B 204 23.15 -47.59 28.10
C VAL B 204 22.28 -46.39 27.82
N ASN B 205 22.31 -45.96 26.56
CA ASN B 205 21.50 -44.85 26.07
C ASN B 205 20.15 -45.27 25.48
N ILE B 206 19.23 -44.32 25.42
CA ILE B 206 17.99 -44.47 24.66
C ILE B 206 18.06 -43.65 23.36
N ASP B 207 18.11 -44.35 22.23
CA ASP B 207 18.28 -43.66 20.95
C ASP B 207 17.08 -43.91 20.04
N LEU B 208 16.91 -43.08 19.01
CA LEU B 208 15.92 -43.37 17.97
C LEU B 208 16.31 -44.65 17.26
N ASN B 209 15.31 -45.47 16.99
CA ASN B 209 15.56 -46.79 16.44
C ASN B 209 16.05 -46.74 15.00
N ARG B 210 17.32 -47.08 14.79
CA ARG B 210 17.89 -47.09 13.44
C ARG B 210 17.19 -48.10 12.55
N ASP B 211 16.71 -49.19 13.14
CA ASP B 211 16.09 -50.24 12.34
C ASP B 211 14.66 -49.89 11.92
N PHE B 212 14.11 -48.82 12.48
CA PHE B 212 12.79 -48.35 12.05
C PHE B 212 12.88 -47.06 11.26
N PHE B 213 13.65 -46.11 11.76
CA PHE B 213 13.95 -44.93 10.97
C PHE B 213 15.12 -45.26 10.04
N ASP B 214 14.82 -46.12 9.07
CA ASP B 214 15.82 -46.70 8.18
C ASP B 214 16.39 -45.65 7.24
N THR B 215 17.55 -45.94 6.69
CA THR B 215 18.20 -45.05 5.73
C THR B 215 17.29 -44.82 4.52
N ALA B 216 16.42 -45.79 4.24
CA ALA B 216 15.45 -45.68 3.17
C ALA B 216 14.48 -44.51 3.41
N THR B 217 14.30 -44.13 4.66
CA THR B 217 13.48 -42.97 5.01
C THR B 217 14.31 -41.69 5.00
N GLY B 218 15.57 -41.80 4.55
CA GLY B 218 16.42 -40.66 4.25
C GLY B 218 17.20 -40.17 5.46
N ILE B 219 16.84 -40.71 6.62
CA ILE B 219 17.45 -40.34 7.88
C ILE B 219 18.81 -41.02 8.06
N ASP B 220 19.69 -40.40 8.83
CA ASP B 220 20.92 -41.04 9.28
C ASP B 220 21.09 -40.75 10.75
N LEU B 221 21.09 -41.79 11.57
CA LEU B 221 21.11 -41.62 13.02
C LEU B 221 22.48 -41.80 13.67
N THR B 222 23.52 -41.90 12.85
CA THR B 222 24.84 -42.34 13.33
C THR B 222 25.45 -41.42 14.38
N LYS B 223 25.08 -40.15 14.34
CA LYS B 223 25.63 -39.18 15.28
C LYS B 223 24.71 -38.89 16.46
N GLY B 224 23.64 -39.67 16.57
CA GLY B 224 22.71 -39.53 17.69
C GLY B 224 21.57 -38.56 17.48
N ILE B 225 21.51 -37.95 16.30
CA ILE B 225 20.36 -37.17 15.91
C ILE B 225 20.02 -37.53 14.48
N PRO B 226 18.74 -37.43 14.12
CA PRO B 226 18.34 -37.63 12.73
C PRO B 226 18.98 -36.59 11.82
N LEU B 227 19.34 -36.95 10.60
CA LEU B 227 20.03 -36.01 9.71
C LEU B 227 19.69 -36.21 8.24
N VAL B 228 18.54 -35.71 7.83
CA VAL B 228 18.15 -35.79 6.42
C VAL B 228 18.93 -34.79 5.57
N GLN B 229 19.22 -35.16 4.32
CA GLN B 229 20.09 -34.37 3.48
C GLN B 229 19.48 -33.09 2.91
N ASP B 230 19.21 -33.09 1.61
CA ASP B 230 18.77 -31.86 0.95
C ASP B 230 17.26 -31.65 1.15
N LEU B 231 16.87 -31.41 2.39
CA LEU B 231 15.47 -31.18 2.74
C LEU B 231 15.24 -29.68 2.98
N LEU B 232 15.78 -29.15 4.07
CA LEU B 232 15.57 -27.74 4.41
C LEU B 232 16.79 -26.84 4.29
N VAL B 233 17.56 -27.01 3.22
CA VAL B 233 18.84 -26.30 3.09
C VAL B 233 18.73 -24.78 2.95
N PRO B 234 19.43 -24.04 3.82
CA PRO B 234 19.52 -22.57 3.78
C PRO B 234 20.24 -22.09 2.54
N ILE B 235 19.86 -20.91 2.06
CA ILE B 235 20.50 -20.33 0.88
C ILE B 235 21.38 -19.14 1.25
N GLY B 236 22.33 -18.81 0.38
CA GLY B 236 23.18 -17.66 0.60
C GLY B 236 24.31 -17.90 1.59
N VAL B 237 24.59 -19.16 1.90
CA VAL B 237 25.63 -19.47 2.87
C VAL B 237 26.83 -20.24 2.32
N THR B 238 27.88 -20.31 3.13
CA THR B 238 29.12 -20.98 2.76
C THR B 238 28.87 -22.48 2.64
N ALA B 239 29.70 -23.16 1.86
CA ALA B 239 29.44 -24.54 1.47
C ALA B 239 29.28 -25.53 2.62
N GLY B 240 29.96 -25.30 3.74
CA GLY B 240 29.83 -26.19 4.88
C GLY B 240 28.64 -25.88 5.80
N ALA B 241 27.97 -24.76 5.52
CA ALA B 241 26.99 -24.21 6.46
C ALA B 241 25.59 -24.83 6.41
N GLU B 242 25.31 -25.67 5.43
CA GLU B 242 23.99 -26.29 5.37
C GLU B 242 23.71 -27.26 6.52
N GLN B 243 24.75 -27.85 7.09
CA GLN B 243 24.63 -29.09 7.88
C GLN B 243 23.72 -29.06 9.10
N SER B 244 23.65 -27.93 9.81
CA SER B 244 22.87 -27.87 11.04
C SER B 244 21.38 -28.05 10.70
N ALA B 245 20.99 -27.57 9.52
CA ALA B 245 19.63 -27.71 9.06
C ALA B 245 19.25 -29.16 8.89
N GLU B 246 20.25 -30.00 8.65
CA GLU B 246 20.03 -31.44 8.47
C GLU B 246 19.37 -32.00 9.73
N TYR B 247 19.58 -31.35 10.86
CA TYR B 247 18.95 -31.79 12.09
C TYR B 247 17.46 -31.50 12.07
N VAL B 248 17.08 -30.28 11.69
CA VAL B 248 15.67 -29.89 11.73
C VAL B 248 14.89 -30.75 10.78
N SER B 249 15.42 -30.82 9.57
CA SER B 249 14.82 -31.62 8.53
C SER B 249 14.77 -33.07 8.98
N GLY B 250 15.78 -33.50 9.74
CA GLY B 250 15.82 -34.85 10.24
C GLY B 250 14.59 -35.09 11.10
N LEU B 251 14.34 -34.17 12.02
CA LEU B 251 13.20 -34.29 12.91
C LEU B 251 11.93 -34.37 12.09
N LEU B 252 11.86 -33.57 11.04
CA LEU B 252 10.66 -33.55 10.22
C LEU B 252 10.38 -34.95 9.69
N MET B 253 11.40 -35.59 9.11
CA MET B 253 11.16 -36.89 8.53
C MET B 253 10.77 -37.86 9.61
N VAL B 254 11.37 -37.74 10.79
CA VAL B 254 11.01 -38.62 11.88
C VAL B 254 9.53 -38.40 12.16
N LEU B 255 9.16 -37.14 12.31
CA LEU B 255 7.77 -36.78 12.53
C LEU B 255 6.92 -37.35 11.41
N PHE B 256 7.39 -37.19 10.18
CA PHE B 256 6.64 -37.62 9.03
C PHE B 256 6.49 -39.12 9.11
N LYS B 257 7.58 -39.81 9.40
CA LYS B 257 7.56 -41.26 9.44
C LYS B 257 6.67 -41.74 10.58
N VAL B 258 6.47 -40.92 11.62
CA VAL B 258 5.51 -41.30 12.63
C VAL B 258 4.07 -41.04 12.21
N MET B 259 3.84 -39.92 11.53
CA MET B 259 2.48 -39.57 11.14
C MET B 259 1.93 -40.58 10.15
N THR B 260 2.82 -41.24 9.43
CA THR B 260 2.45 -42.26 8.46
C THR B 260 2.73 -43.71 8.89
N ASP B 261 2.93 -43.96 10.18
CA ASP B 261 3.06 -45.34 10.65
C ASP B 261 1.67 -45.95 10.73
N ASN B 262 1.19 -46.45 9.60
CA ASN B 262 -0.12 -47.07 9.54
C ASN B 262 -0.07 -48.53 9.91
N ARG B 263 1.02 -48.91 10.57
CA ARG B 263 1.21 -50.29 10.98
C ARG B 263 0.15 -50.76 11.94
N LEU B 264 -0.24 -52.02 11.79
CA LEU B 264 -1.35 -52.60 12.52
C LEU B 264 -0.91 -53.96 12.98
N VAL B 265 -0.63 -54.13 14.28
CA VAL B 265 -0.02 -55.38 14.77
C VAL B 265 -0.92 -56.63 14.72
N ILE B 266 -0.37 -57.73 14.25
CA ILE B 266 -1.06 -59.01 14.32
C ILE B 266 -0.18 -59.86 15.23
N VAL B 267 -0.78 -60.79 15.97
CA VAL B 267 0.01 -61.58 16.89
C VAL B 267 1.02 -62.42 16.11
N GLY B 268 2.27 -62.42 16.56
CA GLY B 268 3.35 -63.09 15.86
C GLY B 268 3.62 -64.43 16.50
N GLU B 269 4.82 -64.96 16.31
CA GLU B 269 5.19 -66.19 16.99
C GLU B 269 5.21 -65.92 18.48
N THR B 270 4.60 -66.81 19.27
CA THR B 270 4.45 -66.59 20.70
C THR B 270 4.49 -67.89 21.49
N THR B 271 5.56 -68.12 22.23
CA THR B 271 5.63 -69.26 23.15
C THR B 271 4.78 -69.10 24.40
N THR B 272 4.23 -70.21 24.86
CA THR B 272 3.63 -70.26 26.19
C THR B 272 4.40 -71.29 26.99
N PRO B 273 5.33 -70.83 27.86
CA PRO B 273 6.20 -71.66 28.69
C PRO B 273 5.40 -72.40 29.73
N MET B 274 5.81 -73.61 30.09
CA MET B 274 5.23 -74.29 31.24
C MET B 274 5.68 -73.51 32.47
N SER B 275 4.79 -73.28 33.42
CA SER B 275 5.10 -72.38 34.52
C SER B 275 6.23 -72.89 35.43
N ASN B 276 6.35 -74.20 35.56
CA ASN B 276 7.38 -74.77 36.43
C ASN B 276 8.79 -74.55 35.90
N THR B 277 8.91 -74.33 34.60
CA THR B 277 10.22 -74.14 33.98
C THR B 277 10.76 -72.71 34.14
N LEU B 278 9.92 -71.81 34.66
CA LEU B 278 10.32 -70.41 34.84
C LEU B 278 10.68 -70.07 36.27
N SER B 279 11.76 -69.32 36.44
CA SER B 279 12.14 -68.76 37.74
C SER B 279 11.05 -67.79 38.17
N THR B 280 10.72 -67.78 39.46
CA THR B 280 9.48 -67.13 39.90
C THR B 280 9.48 -65.65 39.59
N VAL B 281 10.66 -65.05 39.58
CA VAL B 281 10.78 -63.64 39.25
C VAL B 281 10.31 -63.42 37.80
N VAL B 282 10.54 -64.40 36.94
CA VAL B 282 10.05 -64.32 35.56
C VAL B 282 8.55 -64.59 35.51
N ASN B 283 8.09 -65.51 36.36
CA ASN B 283 6.67 -65.85 36.40
C ASN B 283 5.79 -64.68 36.82
N ASN B 284 6.26 -63.88 37.75
CA ASN B 284 5.52 -62.70 38.18
C ASN B 284 5.42 -61.68 37.05
N VAL B 285 6.46 -61.69 36.22
CA VAL B 285 6.52 -60.80 35.07
C VAL B 285 5.67 -61.35 33.91
N LEU B 286 5.78 -62.65 33.67
CA LEU B 286 5.08 -63.31 32.56
C LEU B 286 3.57 -63.33 32.74
N ARG B 287 2.87 -63.04 31.65
CA ARG B 287 1.42 -63.15 31.60
C ARG B 287 1.03 -64.18 30.56
N THR B 288 1.00 -65.45 30.97
CA THR B 288 0.56 -66.56 30.12
C THR B 288 1.49 -66.85 28.95
N THR B 289 1.54 -65.93 27.99
CA THR B 289 2.26 -66.14 26.74
C THR B 289 2.98 -64.85 26.40
N TYR B 290 3.91 -64.90 25.45
CA TYR B 290 4.65 -63.71 25.06
C TYR B 290 5.23 -63.90 23.67
N HIS B 291 5.53 -62.80 22.97
CA HIS B 291 6.17 -62.93 21.66
C HIS B 291 7.59 -63.47 21.75
N ASN B 292 7.96 -64.30 20.79
CA ASN B 292 9.30 -64.90 20.79
C ASN B 292 10.36 -63.83 20.66
N ASN B 293 10.03 -62.78 19.92
CA ASN B 293 10.89 -61.62 19.83
C ASN B 293 10.66 -60.75 21.06
N VAL B 294 11.19 -61.19 22.20
CA VAL B 294 10.82 -60.64 23.50
C VAL B 294 11.20 -59.18 23.63
N GLY B 295 12.29 -58.81 22.97
CA GLY B 295 12.78 -57.45 23.04
C GLY B 295 13.49 -57.26 24.35
N VAL B 296 14.00 -56.05 24.57
CA VAL B 296 14.80 -55.81 25.75
C VAL B 296 14.18 -54.79 26.69
N ASN B 297 13.99 -55.19 27.94
CA ASN B 297 13.62 -54.26 28.98
C ASN B 297 14.47 -54.50 30.23
N PRO B 298 14.88 -53.43 30.93
CA PRO B 298 15.75 -53.52 32.11
C PRO B 298 15.16 -54.35 33.25
N ALA B 299 13.84 -54.36 33.39
CA ALA B 299 13.19 -55.00 34.53
C ALA B 299 13.41 -56.51 34.53
N LEU B 300 13.79 -57.06 33.39
CA LEU B 300 14.10 -58.48 33.30
C LEU B 300 15.45 -58.84 33.92
N LEU B 301 16.28 -57.83 34.16
CA LEU B 301 17.58 -58.05 34.81
C LEU B 301 17.42 -58.39 36.27
N ARG B 302 16.22 -58.18 36.79
CA ARG B 302 15.95 -58.40 38.21
C ARG B 302 16.30 -59.81 38.56
N ASP B 303 16.96 -59.97 39.71
CA ASP B 303 17.39 -61.27 40.23
C ASP B 303 18.03 -62.13 39.13
N PHE B 304 18.82 -61.48 38.28
CA PHE B 304 19.38 -62.13 37.09
C PHE B 304 20.61 -61.41 36.55
N THR B 305 21.07 -60.39 37.25
CA THR B 305 22.31 -59.77 36.86
C THR B 305 23.34 -59.80 37.99
N GLN B 306 24.59 -59.98 37.60
CA GLN B 306 25.68 -60.11 38.56
C GLN B 306 25.91 -58.80 39.31
N VAL B 307 25.57 -57.69 38.68
CA VAL B 307 25.85 -56.37 39.24
C VAL B 307 24.86 -56.08 40.34
N ASN B 308 25.32 -56.19 41.59
CA ASN B 308 24.41 -56.22 42.74
C ASN B 308 23.59 -54.96 42.92
N TRP B 309 24.24 -53.81 42.83
CA TRP B 309 23.55 -52.58 43.14
C TRP B 309 22.45 -52.37 42.13
N LEU B 310 22.70 -52.85 40.92
CA LEU B 310 21.74 -52.66 39.85
C LEU B 310 20.51 -53.44 40.17
N ASN B 311 20.71 -54.71 40.53
CA ASN B 311 19.61 -55.61 40.80
C ASN B 311 18.86 -55.21 42.06
N ARG B 312 19.56 -54.54 42.96
CA ARG B 312 18.91 -54.01 44.15
C ARG B 312 18.02 -52.84 43.78
N ASP B 313 18.55 -51.92 42.97
CA ASP B 313 17.79 -50.72 42.60
C ASP B 313 16.59 -51.05 41.71
N ILE B 314 16.79 -52.01 40.82
CA ILE B 314 15.73 -52.52 39.97
C ILE B 314 14.67 -53.22 40.80
N THR B 315 15.09 -54.07 41.74
CA THR B 315 14.15 -54.77 42.58
C THR B 315 13.36 -53.77 43.43
N ASN B 316 14.01 -52.66 43.77
CA ASN B 316 13.36 -51.63 44.56
C ASN B 316 12.31 -50.90 43.77
N MET B 317 12.65 -50.49 42.56
CA MET B 317 11.67 -49.82 41.72
C MET B 317 10.51 -50.74 41.38
N LEU B 318 10.79 -52.03 41.21
CA LEU B 318 9.73 -52.99 40.90
C LEU B 318 8.88 -53.31 42.12
N GLN B 319 9.44 -53.12 43.30
CA GLN B 319 8.67 -53.37 44.53
C GLN B 319 7.94 -52.14 45.03
N GLN B 320 8.10 -51.03 44.32
CA GLN B 320 7.27 -49.85 44.55
C GLN B 320 5.85 -50.14 44.12
N ALA B 321 4.89 -49.53 44.81
CA ALA B 321 3.49 -49.66 44.41
C ALA B 321 3.24 -48.98 43.06
N GLY B 322 4.00 -47.93 42.78
CA GLY B 322 3.74 -47.10 41.62
C GLY B 322 4.16 -47.72 40.29
N THR B 323 4.97 -48.78 40.35
CA THR B 323 5.48 -49.40 39.14
C THR B 323 5.38 -50.92 39.20
N LYS B 324 5.02 -51.54 38.08
CA LYS B 324 4.80 -52.97 38.03
C LYS B 324 4.98 -53.45 36.61
N TYR B 325 6.06 -54.18 36.37
CA TYR B 325 6.36 -54.74 35.06
C TYR B 325 5.57 -55.99 34.76
N GLY B 326 5.35 -56.24 33.48
CA GLY B 326 4.66 -57.45 33.04
C GLY B 326 5.00 -57.77 31.58
N LEU B 327 4.86 -59.01 31.19
CA LEU B 327 5.21 -59.34 29.82
C LEU B 327 4.28 -60.39 29.29
N GLY B 328 3.46 -60.02 28.30
CA GLY B 328 2.55 -60.97 27.69
C GLY B 328 1.10 -60.57 27.59
N LEU B 329 0.24 -61.57 27.52
CA LEU B 329 -1.16 -61.41 27.17
C LEU B 329 -1.99 -60.74 28.27
N THR B 330 -1.95 -59.41 28.31
CA THR B 330 -2.69 -58.68 29.35
C THR B 330 -4.20 -58.75 29.23
N GLU B 331 -4.74 -58.83 28.02
CA GLU B 331 -6.20 -58.88 27.86
C GLU B 331 -6.70 -59.58 26.60
N THR B 332 -7.95 -60.03 26.61
CA THR B 332 -8.46 -60.82 25.49
C THR B 332 -9.94 -60.55 25.21
N ARG B 333 -10.21 -59.82 24.13
CA ARG B 333 -11.59 -59.59 23.71
C ARG B 333 -12.03 -60.60 22.65
N LEU B 334 -13.14 -61.29 22.93
CA LEU B 334 -13.71 -62.29 22.03
C LEU B 334 -14.95 -61.77 21.30
N ASP B 335 -15.36 -62.47 20.24
CA ASP B 335 -16.56 -62.14 19.48
C ASP B 335 -17.79 -62.42 20.35
N TYR B 336 -18.85 -61.65 20.16
CA TYR B 336 -20.07 -61.84 20.93
C TYR B 336 -20.88 -62.97 20.34
N VAL B 337 -20.50 -63.44 19.16
CA VAL B 337 -21.26 -64.49 18.49
C VAL B 337 -20.43 -65.74 18.21
N ARG B 338 -19.26 -65.54 17.62
CA ARG B 338 -18.32 -66.64 17.39
C ARG B 338 -17.70 -67.20 18.68
N LEU B 339 -17.59 -66.35 19.69
CA LEU B 339 -16.96 -66.69 20.97
C LEU B 339 -15.44 -66.94 20.90
N VAL B 340 -14.88 -66.80 19.69
CA VAL B 340 -13.44 -66.87 19.47
C VAL B 340 -12.75 -65.56 19.89
N LYS B 341 -11.48 -65.61 20.26
CA LYS B 341 -10.77 -64.36 20.57
C LYS B 341 -10.52 -63.49 19.34
N THR B 342 -10.70 -62.19 19.47
CA THR B 342 -10.48 -61.29 18.36
C THR B 342 -9.30 -60.38 18.65
N ILE B 343 -9.45 -59.50 19.62
CA ILE B 343 -8.38 -58.53 19.87
C ILE B 343 -7.70 -58.78 21.19
N VAL B 344 -6.45 -59.20 21.13
CA VAL B 344 -5.69 -59.40 22.35
C VAL B 344 -4.91 -58.14 22.67
N GLY B 345 -4.38 -58.08 23.89
CA GLY B 345 -3.60 -56.95 24.32
C GLY B 345 -2.39 -57.51 25.03
N HIS B 346 -1.25 -57.44 24.34
CA HIS B 346 0.01 -57.94 24.87
C HIS B 346 0.85 -56.83 25.47
N ALA B 347 1.58 -57.14 26.54
CA ALA B 347 2.54 -56.18 27.06
C ALA B 347 3.91 -56.42 26.43
N LEU B 348 4.13 -55.82 25.26
CA LEU B 348 5.41 -55.87 24.56
C LEU B 348 6.50 -54.99 25.20
N ASN B 349 7.75 -55.37 25.01
CA ASN B 349 8.87 -54.48 25.30
C ASN B 349 9.06 -53.50 24.16
N ILE B 350 8.38 -52.36 24.23
CA ILE B 350 8.39 -51.39 23.14
C ILE B 350 8.28 -49.98 23.73
N ASP B 351 8.77 -48.98 23.00
CA ASP B 351 8.61 -47.58 23.41
C ASP B 351 7.13 -47.19 23.42
N HIS B 352 6.73 -46.37 24.38
CA HIS B 352 5.32 -46.00 24.48
C HIS B 352 4.85 -45.17 23.29
N PHE B 353 5.76 -44.50 22.58
CA PHE B 353 5.36 -43.72 21.41
C PHE B 353 4.83 -44.60 20.29
N ALA B 354 5.63 -45.58 19.90
CA ALA B 354 5.20 -46.51 18.85
C ALA B 354 4.02 -47.35 19.30
N ALA B 355 3.96 -47.66 20.59
CA ALA B 355 2.82 -48.42 21.10
C ALA B 355 1.57 -47.58 21.02
N SER B 356 1.74 -46.28 21.19
CA SER B 356 0.61 -45.37 21.15
C SER B 356 0.11 -45.17 19.72
N VAL B 357 1.04 -45.11 18.77
CA VAL B 357 0.67 -45.04 17.36
C VAL B 357 -0.03 -46.33 16.92
N LEU B 358 0.53 -47.47 17.28
CA LEU B 358 -0.07 -48.76 16.93
C LEU B 358 -1.47 -48.88 17.52
N ASN B 359 -1.61 -48.53 18.79
CA ASN B 359 -2.90 -48.55 19.44
C ASN B 359 -3.91 -47.58 18.84
N ILE B 360 -3.43 -46.43 18.37
CA ILE B 360 -4.33 -45.51 17.71
C ILE B 360 -4.85 -46.16 16.45
N ASN B 361 -3.97 -46.91 15.78
CA ASN B 361 -4.39 -47.53 14.54
C ASN B 361 -5.45 -48.62 14.74
N LEU B 362 -5.15 -49.56 15.64
CA LEU B 362 -6.06 -50.65 15.89
C LEU B 362 -7.36 -50.10 16.42
N ARG B 363 -7.28 -49.02 17.19
CA ARG B 363 -8.49 -48.40 17.72
C ARG B 363 -9.32 -47.85 16.57
N ALA B 364 -8.63 -47.28 15.59
CA ALA B 364 -9.33 -46.70 14.45
C ALA B 364 -10.07 -47.78 13.70
N LEU B 365 -9.48 -48.97 13.66
CA LEU B 365 -10.11 -50.09 12.99
C LEU B 365 -11.29 -50.67 13.77
N MET B 366 -11.10 -50.85 15.07
CA MET B 366 -12.10 -51.52 15.90
C MET B 366 -13.31 -50.66 16.25
N GLU B 367 -13.09 -49.37 16.45
CA GLU B 367 -14.18 -48.51 16.89
C GLU B 367 -15.05 -47.98 15.76
N ALA B 368 -14.60 -48.20 14.52
CA ALA B 368 -15.37 -47.78 13.35
C ALA B 368 -16.69 -48.53 13.21
N ASN B 369 -16.74 -49.75 13.73
CA ASN B 369 -17.93 -50.62 13.65
C ASN B 369 -18.44 -50.87 12.23
N VAL B 370 -17.57 -50.71 11.24
CA VAL B 370 -17.93 -51.10 9.88
C VAL B 370 -17.17 -52.36 9.50
N THR B 371 -17.84 -53.24 8.76
CA THR B 371 -17.27 -54.53 8.41
C THR B 371 -17.00 -54.59 6.92
N ALA B 372 -16.58 -55.75 6.43
CA ALA B 372 -16.41 -55.94 5.00
C ALA B 372 -17.75 -55.89 4.29
N ASP B 373 -18.81 -56.26 4.99
CA ASP B 373 -20.14 -56.36 4.37
C ASP B 373 -20.61 -55.00 3.86
N ASP B 374 -20.17 -53.94 4.52
CA ASP B 374 -20.53 -52.58 4.13
C ASP B 374 -20.03 -52.25 2.71
N ARG B 375 -19.05 -53.01 2.23
CA ARG B 375 -18.54 -52.84 0.87
C ARG B 375 -19.64 -53.01 -0.17
N ILE B 376 -20.65 -53.82 0.13
CA ILE B 376 -21.70 -54.03 -0.86
C ILE B 376 -22.38 -52.70 -1.17
N LYS B 377 -22.42 -51.79 -0.20
CA LYS B 377 -23.02 -50.48 -0.45
C LYS B 377 -22.24 -49.76 -1.56
N ALA B 378 -20.92 -49.84 -1.50
CA ALA B 378 -20.14 -49.24 -2.58
C ALA B 378 -20.47 -49.94 -3.88
N LEU B 379 -20.61 -51.27 -3.82
CA LEU B 379 -21.00 -52.01 -5.01
C LEU B 379 -22.38 -51.59 -5.47
N GLN B 380 -23.26 -51.39 -4.50
CA GLN B 380 -24.63 -51.08 -4.86
C GLN B 380 -24.65 -49.74 -5.53
N ALA B 381 -23.65 -48.90 -5.21
CA ALA B 381 -23.56 -47.61 -5.87
C ALA B 381 -23.12 -47.75 -7.31
N HIS B 382 -22.15 -48.63 -7.57
CA HIS B 382 -21.60 -48.75 -8.92
C HIS B 382 -22.28 -49.77 -9.79
N SER B 383 -23.32 -50.43 -9.27
CA SER B 383 -24.05 -51.41 -10.05
C SER B 383 -25.45 -50.89 -10.32
N MET B 384 -26.10 -51.44 -11.34
CA MET B 384 -27.37 -50.94 -11.86
C MET B 384 -28.39 -50.91 -10.74
N ILE B 385 -29.27 -49.92 -10.79
CA ILE B 385 -30.22 -49.71 -9.69
C ILE B 385 -31.07 -50.95 -9.44
N SER B 386 -31.39 -51.19 -8.17
CA SER B 386 -32.14 -52.36 -7.75
C SER B 386 -31.43 -53.69 -8.05
N THR B 387 -30.12 -53.65 -8.18
CA THR B 387 -29.31 -54.86 -8.18
C THR B 387 -29.27 -55.43 -6.73
N GLN B 388 -29.22 -56.74 -6.61
CA GLN B 388 -29.19 -57.37 -5.29
C GLN B 388 -27.81 -57.93 -4.95
N PHE B 389 -27.44 -57.89 -3.68
CA PHE B 389 -26.16 -58.45 -3.25
C PHE B 389 -26.31 -59.35 -2.04
N HIS B 390 -25.79 -60.57 -2.16
CA HIS B 390 -26.01 -61.57 -1.14
C HIS B 390 -24.74 -61.99 -0.42
N GLY B 391 -24.88 -62.30 0.86
CA GLY B 391 -23.84 -62.96 1.63
C GLY B 391 -22.63 -62.08 1.83
N PRO B 392 -21.61 -62.58 2.54
CA PRO B 392 -21.65 -63.82 3.32
C PRO B 392 -21.85 -63.54 4.82
N ASN B 393 -22.20 -62.31 5.18
CA ASN B 393 -22.47 -61.94 6.57
C ASN B 393 -21.34 -62.29 7.52
N GLN B 394 -20.11 -61.90 7.15
CA GLN B 394 -18.97 -62.22 7.98
C GLN B 394 -19.04 -61.57 9.36
N GLY B 395 -19.59 -60.37 9.42
CA GLY B 395 -19.75 -59.71 10.71
C GLY B 395 -18.46 -59.18 11.29
N ALA B 396 -18.40 -59.16 12.63
CA ALA B 396 -17.35 -58.46 13.35
C ALA B 396 -15.96 -58.98 13.05
N LEU B 397 -15.90 -60.26 12.66
CA LEU B 397 -14.63 -60.91 12.40
C LEU B 397 -13.85 -60.29 11.24
N ARG B 398 -14.52 -59.54 10.38
CA ARG B 398 -13.84 -58.92 9.25
C ARG B 398 -14.09 -57.42 9.26
N PRO B 399 -13.44 -56.70 10.20
CA PRO B 399 -13.54 -55.26 10.39
C PRO B 399 -12.88 -54.54 9.24
N GLU B 400 -13.32 -53.31 9.01
CA GLU B 400 -12.82 -52.52 7.90
C GLU B 400 -12.95 -51.06 8.32
N LEU B 401 -12.06 -50.20 7.83
CA LEU B 401 -12.21 -48.77 8.03
C LEU B 401 -13.32 -48.24 7.15
N ALA B 402 -14.04 -47.22 7.62
CA ALA B 402 -15.05 -46.57 6.78
C ALA B 402 -14.37 -45.70 5.75
N PHE B 403 -15.03 -45.51 4.61
CA PHE B 403 -14.51 -44.64 3.56
C PHE B 403 -14.36 -43.23 4.12
N ASP B 404 -13.20 -42.60 3.93
CA ASP B 404 -12.93 -41.31 4.55
C ASP B 404 -13.40 -40.18 3.65
N HIS B 405 -14.72 -40.05 3.54
CA HIS B 405 -15.33 -39.17 2.56
C HIS B 405 -14.93 -37.72 2.78
N ASP B 406 -14.76 -37.34 4.05
CA ASP B 406 -14.37 -35.97 4.36
C ASP B 406 -12.99 -35.63 3.78
N HIS B 407 -12.11 -36.62 3.74
CA HIS B 407 -10.76 -36.42 3.26
C HIS B 407 -10.72 -36.49 1.76
N ILE B 408 -11.39 -37.52 1.23
CA ILE B 408 -11.37 -37.79 -0.20
C ILE B 408 -11.97 -36.61 -0.93
N ILE B 409 -12.98 -35.98 -0.33
CA ILE B 409 -13.56 -34.83 -1.02
C ILE B 409 -12.62 -33.62 -1.08
N ARG B 410 -11.86 -33.38 0.00
CA ARG B 410 -10.90 -32.28 -0.01
C ARG B 410 -9.79 -32.58 -0.99
N CYS B 411 -9.34 -33.84 -1.01
CA CYS B 411 -8.29 -34.26 -1.91
C CYS B 411 -8.74 -34.16 -3.35
N LEU B 412 -10.05 -34.32 -3.56
CA LEU B 412 -10.64 -34.22 -4.89
C LEU B 412 -10.72 -32.78 -5.37
N MET B 413 -11.13 -31.87 -4.49
CA MET B 413 -11.17 -30.48 -4.90
C MET B 413 -9.76 -30.00 -5.20
N LEU B 414 -8.82 -30.42 -4.35
CA LEU B 414 -7.44 -29.99 -4.49
C LEU B 414 -6.87 -30.54 -5.80
N ALA B 415 -7.14 -31.80 -6.06
CA ALA B 415 -6.68 -32.43 -7.29
C ALA B 415 -7.33 -31.81 -8.52
N ALA B 416 -8.58 -31.37 -8.38
CA ALA B 416 -9.28 -30.75 -9.50
C ALA B 416 -8.66 -29.40 -9.82
N ALA B 417 -8.30 -28.66 -8.78
CA ALA B 417 -7.61 -27.39 -8.97
C ALA B 417 -6.23 -27.57 -9.59
N ASN B 418 -5.53 -28.63 -9.22
CA ASN B 418 -4.14 -28.76 -9.65
C ASN B 418 -3.97 -29.55 -10.93
N TYR B 419 -4.94 -30.41 -11.20
CA TYR B 419 -4.87 -31.29 -12.37
C TYR B 419 -6.22 -31.28 -13.04
N PRO B 420 -6.51 -30.22 -13.80
CA PRO B 420 -7.85 -30.05 -14.36
C PRO B 420 -8.19 -31.24 -15.27
N ARG B 421 -7.16 -31.83 -15.86
CA ARG B 421 -7.30 -33.03 -16.69
C ARG B 421 -7.92 -34.20 -15.92
N LEU B 422 -8.06 -34.04 -14.61
CA LEU B 422 -8.71 -35.05 -13.79
C LEU B 422 -10.13 -35.27 -14.28
N GLU B 423 -10.73 -34.20 -14.82
CA GLU B 423 -12.06 -34.28 -15.40
C GLU B 423 -12.07 -35.44 -16.40
N GLY B 424 -11.07 -35.46 -17.26
CA GLY B 424 -10.99 -36.45 -18.31
C GLY B 424 -10.79 -37.86 -17.79
N ILE B 425 -10.14 -38.00 -16.64
CA ILE B 425 -10.02 -39.32 -16.02
C ILE B 425 -11.41 -39.78 -15.68
N ILE B 426 -12.13 -38.91 -14.97
CA ILE B 426 -13.42 -39.22 -14.41
C ILE B 426 -14.39 -39.48 -15.55
N VAL B 427 -14.35 -38.61 -16.55
CA VAL B 427 -15.25 -38.76 -17.67
C VAL B 427 -14.99 -40.09 -18.33
N GLN B 428 -13.71 -40.45 -18.44
CA GLN B 428 -13.36 -41.69 -19.14
C GLN B 428 -14.04 -42.85 -18.43
N ILE B 429 -14.02 -42.80 -17.10
CA ILE B 429 -14.59 -43.87 -16.30
C ILE B 429 -16.06 -43.96 -16.66
N ASN B 430 -16.74 -42.82 -16.61
CA ASN B 430 -18.16 -42.80 -16.84
C ASN B 430 -18.39 -43.27 -18.25
N THR B 431 -17.52 -42.82 -19.16
CA THR B 431 -17.70 -43.18 -20.55
C THR B 431 -17.51 -44.69 -20.74
N GLY B 432 -16.57 -45.26 -20.00
CA GLY B 432 -16.31 -46.67 -20.16
C GLY B 432 -17.56 -47.39 -19.71
N TYR B 433 -18.16 -46.88 -18.65
CA TYR B 433 -19.35 -47.52 -18.13
C TYR B 433 -20.46 -47.45 -19.15
N VAL B 434 -20.60 -46.33 -19.85
CA VAL B 434 -21.71 -46.23 -20.78
C VAL B 434 -21.47 -47.24 -21.88
N ALA B 435 -20.20 -47.43 -22.23
CA ALA B 435 -19.89 -48.39 -23.27
C ALA B 435 -20.25 -49.81 -22.80
N SER B 436 -20.06 -50.07 -21.51
CA SER B 436 -20.39 -51.37 -20.97
C SER B 436 -21.89 -51.50 -20.69
N ALA B 437 -22.62 -50.39 -20.72
CA ALA B 437 -24.05 -50.49 -20.54
C ALA B 437 -24.64 -51.12 -21.78
N ASN B 438 -23.91 -50.99 -22.89
CA ASN B 438 -24.35 -51.45 -24.21
C ASN B 438 -25.72 -50.89 -24.54
N VAL B 439 -25.88 -49.58 -24.36
CA VAL B 439 -27.19 -48.93 -24.45
C VAL B 439 -27.50 -48.42 -25.86
N ILE B 440 -26.50 -47.92 -26.57
CA ILE B 440 -26.72 -47.44 -27.94
C ILE B 440 -25.70 -48.04 -28.89
N ARG B 441 -26.12 -48.25 -30.14
CA ARG B 441 -25.27 -48.88 -31.13
C ARG B 441 -25.63 -48.36 -32.51
N PRO B 442 -24.72 -47.58 -33.13
CA PRO B 442 -25.05 -46.99 -34.43
C PRO B 442 -25.26 -48.06 -35.50
N VAL B 443 -26.21 -47.80 -36.38
CA VAL B 443 -26.44 -48.66 -37.53
C VAL B 443 -26.13 -47.86 -38.81
N SER B 444 -25.78 -48.55 -39.89
CA SER B 444 -25.52 -47.92 -41.18
C SER B 444 -26.79 -47.32 -41.78
N GLU B 445 -27.94 -47.84 -41.38
CA GLU B 445 -29.22 -47.46 -41.96
C GLU B 445 -29.75 -46.13 -41.41
N LYS B 446 -29.48 -45.04 -42.14
CA LYS B 446 -29.97 -43.73 -41.78
C LYS B 446 -31.46 -43.61 -42.06
N ARG B 447 -32.16 -42.75 -41.30
CA ARG B 447 -33.56 -42.46 -41.57
C ARG B 447 -33.91 -41.03 -41.16
N TYR B 448 -33.10 -40.08 -41.62
CA TYR B 448 -33.31 -38.66 -41.37
C TYR B 448 -34.57 -38.13 -42.05
N PHE B 449 -35.01 -38.83 -43.09
CA PHE B 449 -36.13 -38.35 -43.88
C PHE B 449 -37.22 -39.41 -44.01
N PRO B 450 -38.47 -38.95 -44.20
CA PRO B 450 -39.64 -39.77 -44.50
C PRO B 450 -39.54 -40.33 -45.91
N GLU B 451 -40.32 -41.36 -46.21
CA GLU B 451 -40.28 -42.00 -47.53
C GLU B 451 -40.56 -40.98 -48.65
N ASN B 452 -39.75 -41.05 -49.70
CA ASN B 452 -39.85 -40.19 -50.89
C ASN B 452 -39.43 -38.72 -50.73
N LEU B 453 -39.37 -38.23 -49.50
CA LEU B 453 -39.01 -36.83 -49.27
C LEU B 453 -37.57 -36.49 -49.69
N GLU B 454 -36.68 -37.47 -49.58
CA GLU B 454 -35.27 -37.22 -49.92
C GLU B 454 -35.12 -36.93 -51.41
N GLN B 455 -35.71 -37.79 -52.22
CA GLN B 455 -35.62 -37.65 -53.68
C GLN B 455 -36.61 -36.62 -54.20
N ASN B 456 -37.50 -36.16 -53.32
CA ASN B 456 -38.40 -35.05 -53.64
C ASN B 456 -37.64 -33.75 -53.85
N GLN B 457 -37.99 -33.01 -54.90
CA GLN B 457 -37.22 -31.83 -55.26
C GLN B 457 -37.78 -30.53 -54.68
N SER B 458 -39.05 -30.56 -54.29
CA SER B 458 -39.65 -29.42 -53.61
C SER B 458 -39.01 -29.22 -52.25
N ALA B 459 -38.54 -30.31 -51.66
CA ALA B 459 -37.98 -30.30 -50.31
C ALA B 459 -36.46 -30.14 -50.24
N ALA B 460 -35.81 -29.95 -51.39
CA ALA B 460 -34.36 -30.10 -51.49
C ALA B 460 -33.54 -29.19 -50.56
N ARG B 461 -34.06 -27.99 -50.29
CA ARG B 461 -33.40 -27.05 -49.40
C ARG B 461 -33.38 -27.61 -47.98
N LEU B 462 -34.49 -28.22 -47.60
CA LEU B 462 -34.63 -28.81 -46.28
C LEU B 462 -33.66 -29.97 -46.12
N VAL B 463 -33.68 -30.90 -47.07
CA VAL B 463 -32.81 -32.07 -46.97
C VAL B 463 -31.34 -31.68 -47.03
N SER B 464 -31.02 -30.60 -47.73
CA SER B 464 -29.66 -30.09 -47.72
C SER B 464 -29.27 -29.59 -46.33
N ALA B 465 -30.18 -28.86 -45.68
CA ALA B 465 -29.93 -28.39 -44.31
C ALA B 465 -29.82 -29.53 -43.27
N VAL B 466 -30.62 -30.57 -43.46
CA VAL B 466 -30.60 -31.71 -42.54
C VAL B 466 -29.30 -32.49 -42.73
N LYS B 467 -28.97 -32.81 -43.99
CA LYS B 467 -27.76 -33.59 -44.29
C LYS B 467 -26.54 -32.80 -43.86
N ALA B 468 -26.65 -31.48 -43.89
CA ALA B 468 -25.57 -30.64 -43.37
C ALA B 468 -25.47 -30.82 -41.86
N ARG B 469 -26.57 -30.64 -41.16
CA ARG B 469 -26.52 -30.63 -39.69
C ARG B 469 -26.15 -31.97 -39.04
N ALA B 470 -26.55 -33.07 -39.68
CA ALA B 470 -26.20 -34.41 -39.21
C ALA B 470 -24.77 -34.81 -39.57
N SER B 471 -24.22 -35.75 -38.81
CA SER B 471 -22.92 -36.31 -39.14
C SER B 471 -22.99 -37.83 -38.98
N GLU B 472 -21.98 -38.53 -39.50
CA GLU B 472 -21.92 -39.98 -39.32
C GLU B 472 -21.82 -40.29 -37.84
N ALA B 473 -22.54 -41.31 -37.40
CA ALA B 473 -22.64 -41.61 -35.98
C ALA B 473 -21.40 -42.32 -35.44
N ASP B 474 -20.50 -41.57 -34.81
CA ASP B 474 -19.45 -42.19 -34.03
C ASP B 474 -20.05 -42.48 -32.67
N ILE B 475 -20.05 -43.75 -32.29
CA ILE B 475 -20.65 -44.16 -31.02
C ILE B 475 -19.89 -43.52 -29.87
N SER B 476 -18.59 -43.30 -30.05
CA SER B 476 -17.72 -42.84 -28.99
C SER B 476 -18.10 -41.45 -28.51
N SER B 477 -18.50 -40.59 -29.43
CA SER B 477 -19.02 -39.27 -29.07
C SER B 477 -20.38 -39.34 -28.38
N ILE B 478 -21.18 -40.37 -28.68
CA ILE B 478 -22.47 -40.51 -28.00
C ILE B 478 -22.32 -40.99 -26.56
N HIS B 479 -21.47 -42.00 -26.38
CA HIS B 479 -21.12 -42.46 -25.05
C HIS B 479 -20.52 -41.29 -24.31
N LEU B 480 -19.79 -40.46 -25.05
CA LEU B 480 -19.16 -39.31 -24.44
C LEU B 480 -20.17 -38.27 -23.97
N ALA B 481 -21.19 -38.02 -24.78
CA ALA B 481 -22.19 -37.01 -24.41
C ALA B 481 -23.00 -37.48 -23.20
N ILE B 482 -23.35 -38.76 -23.22
CA ILE B 482 -24.08 -39.35 -22.12
C ILE B 482 -23.24 -39.25 -20.86
N ALA B 483 -21.97 -39.61 -20.95
CA ALA B 483 -21.09 -39.56 -19.78
C ALA B 483 -20.89 -38.14 -19.29
N ARG B 484 -20.85 -37.19 -20.22
CA ARG B 484 -20.68 -35.78 -19.87
C ARG B 484 -21.91 -35.28 -19.13
N GLU B 485 -23.05 -35.91 -19.37
CA GLU B 485 -24.26 -35.52 -18.65
C GLU B 485 -24.18 -35.73 -17.13
N VAL B 486 -23.31 -36.63 -16.67
CA VAL B 486 -23.16 -36.87 -15.22
C VAL B 486 -21.78 -36.56 -14.65
N SER B 487 -20.78 -36.45 -15.52
CA SER B 487 -19.43 -36.15 -15.06
C SER B 487 -19.31 -34.71 -14.58
N PRO B 488 -18.44 -34.46 -13.60
CA PRO B 488 -18.09 -33.10 -13.18
C PRO B 488 -17.43 -32.33 -14.31
N MET B 489 -17.70 -31.03 -14.39
CA MET B 489 -17.09 -30.18 -15.40
C MET B 489 -16.18 -29.18 -14.72
N PHE B 490 -14.88 -29.33 -14.91
CA PHE B 490 -13.94 -28.37 -14.34
C PHE B 490 -13.58 -27.38 -15.42
N ASN B 491 -13.01 -27.87 -16.51
CA ASN B 491 -12.82 -27.05 -17.69
C ASN B 491 -14.18 -26.68 -18.30
N VAL B 492 -14.38 -25.41 -18.66
CA VAL B 492 -15.68 -24.95 -19.18
C VAL B 492 -15.96 -25.47 -20.61
N HIS B 493 -17.21 -25.82 -20.87
CA HIS B 493 -17.58 -26.30 -22.20
C HIS B 493 -17.90 -25.17 -23.18
N GLU B 494 -17.60 -25.40 -24.45
CA GLU B 494 -17.96 -24.47 -25.50
C GLU B 494 -18.76 -25.20 -26.58
N LEU B 495 -19.75 -24.53 -27.14
CA LEU B 495 -20.50 -25.08 -28.25
C LEU B 495 -19.62 -25.15 -29.49
N LYS B 496 -19.72 -26.25 -30.23
CA LYS B 496 -19.10 -26.35 -31.54
C LYS B 496 -19.81 -25.31 -32.41
N LYS B 497 -19.06 -24.54 -33.17
CA LYS B 497 -19.64 -23.39 -33.87
C LYS B 497 -20.71 -23.75 -34.90
N ILE B 498 -21.83 -23.04 -34.87
CA ILE B 498 -22.89 -23.22 -35.86
C ILE B 498 -22.89 -22.01 -36.78
N ALA B 499 -22.99 -22.25 -38.09
CA ALA B 499 -22.87 -21.17 -39.07
C ALA B 499 -24.18 -20.79 -39.78
N GLU B 500 -25.33 -21.21 -39.23
CA GLU B 500 -26.62 -20.92 -39.88
C GLU B 500 -26.94 -19.42 -39.94
N SER B 501 -27.51 -19.02 -41.07
CA SER B 501 -27.85 -17.62 -41.33
C SER B 501 -29.34 -17.35 -41.10
N PHE B 502 -30.13 -18.42 -41.07
CA PHE B 502 -31.58 -18.36 -40.91
C PHE B 502 -32.32 -17.62 -42.00
N GLU B 503 -31.81 -17.75 -43.23
CA GLU B 503 -32.49 -17.19 -44.39
C GLU B 503 -33.73 -18.02 -44.71
N ASP B 504 -33.49 -19.24 -45.21
CA ASP B 504 -34.56 -20.16 -45.54
C ASP B 504 -35.22 -20.69 -44.27
N PRO B 505 -36.49 -21.11 -44.38
CA PRO B 505 -37.21 -21.81 -43.30
C PRO B 505 -36.51 -23.10 -42.89
N SER B 506 -35.76 -23.71 -43.80
CA SER B 506 -35.03 -24.95 -43.52
C SER B 506 -34.04 -24.78 -42.35
N SER B 507 -33.70 -23.53 -42.06
CA SER B 507 -32.82 -23.18 -40.94
C SER B 507 -33.40 -23.66 -39.61
N ILE B 508 -34.71 -23.90 -39.62
CA ILE B 508 -35.43 -24.41 -38.45
C ILE B 508 -34.79 -25.71 -37.99
N VAL B 509 -34.13 -26.40 -38.91
CA VAL B 509 -33.41 -27.63 -38.60
C VAL B 509 -32.48 -27.42 -37.42
N VAL B 510 -31.68 -26.35 -37.45
CA VAL B 510 -30.73 -26.10 -36.38
C VAL B 510 -31.47 -25.89 -35.06
N VAL B 511 -32.62 -25.25 -35.13
CA VAL B 511 -33.42 -25.00 -33.93
C VAL B 511 -33.77 -26.34 -33.29
N LEU B 512 -34.15 -27.31 -34.11
CA LEU B 512 -34.53 -28.61 -33.59
C LEU B 512 -33.34 -29.26 -32.91
N GLU B 513 -32.18 -29.08 -33.53
CA GLU B 513 -30.94 -29.70 -33.06
C GLU B 513 -30.69 -29.17 -31.67
N PHE B 514 -31.13 -27.94 -31.41
CA PHE B 514 -30.99 -27.36 -30.09
C PHE B 514 -32.06 -27.88 -29.12
N ILE B 515 -33.31 -27.91 -29.56
CA ILE B 515 -34.38 -28.38 -28.69
C ILE B 515 -34.13 -29.82 -28.32
N LEU B 516 -33.69 -30.61 -29.31
CA LEU B 516 -33.38 -32.01 -29.10
C LEU B 516 -32.26 -32.12 -28.08
N PHE B 517 -31.25 -31.28 -28.24
CA PHE B 517 -30.11 -31.34 -27.36
C PHE B 517 -30.57 -30.98 -25.95
N ALA B 518 -31.57 -30.10 -25.88
CA ALA B 518 -32.10 -29.65 -24.60
C ALA B 518 -32.90 -30.75 -23.89
N LEU B 519 -33.41 -31.69 -24.67
CA LEU B 519 -34.20 -32.78 -24.12
C LEU B 519 -33.33 -33.97 -23.73
N PHE B 520 -32.36 -34.29 -24.57
CA PHE B 520 -31.50 -35.44 -24.32
C PHE B 520 -30.44 -35.13 -23.27
N PHE B 521 -29.81 -33.96 -23.37
CA PHE B 521 -28.77 -33.57 -22.43
C PHE B 521 -29.06 -32.17 -21.91
N PRO B 522 -30.06 -32.06 -21.02
CA PRO B 522 -30.39 -30.77 -20.42
C PRO B 522 -29.19 -30.19 -19.69
N THR B 523 -28.35 -31.05 -19.15
CA THR B 523 -27.18 -30.60 -18.42
C THR B 523 -26.13 -29.95 -19.33
N GLU B 524 -25.71 -30.66 -20.38
CA GLU B 524 -24.75 -30.09 -21.33
C GLU B 524 -25.37 -28.90 -22.03
N PHE B 525 -26.68 -28.95 -22.23
CA PHE B 525 -27.34 -27.83 -22.86
C PHE B 525 -27.21 -26.63 -21.94
N ASN B 526 -27.41 -26.84 -20.65
CA ASN B 526 -27.32 -25.74 -19.71
C ASN B 526 -25.90 -25.20 -19.70
N ARG B 527 -24.92 -26.09 -19.85
CA ARG B 527 -23.51 -25.67 -19.81
C ARG B 527 -23.14 -24.78 -20.99
N ILE B 528 -23.79 -24.99 -22.13
CA ILE B 528 -23.47 -24.21 -23.32
C ILE B 528 -24.68 -23.43 -23.83
N LYS B 529 -25.63 -23.16 -22.95
CA LYS B 529 -26.88 -22.53 -23.36
C LYS B 529 -26.68 -21.10 -23.88
N GLY B 530 -25.67 -20.39 -23.39
CA GLY B 530 -25.42 -19.05 -23.88
C GLY B 530 -24.94 -19.07 -25.32
N ASP B 531 -24.02 -19.99 -25.60
CA ASP B 531 -23.48 -20.13 -26.95
C ASP B 531 -24.61 -20.53 -27.89
N ILE B 532 -25.59 -21.25 -27.35
CA ILE B 532 -26.79 -21.57 -28.10
C ILE B 532 -27.58 -20.29 -28.37
N GLN B 533 -27.63 -19.43 -27.36
CA GLN B 533 -28.43 -18.22 -27.44
C GLN B 533 -27.88 -17.33 -28.52
N ASN B 534 -26.58 -17.42 -28.77
CA ASN B 534 -26.01 -16.55 -29.80
C ASN B 534 -26.59 -16.86 -31.18
N VAL B 535 -26.87 -18.14 -31.43
CA VAL B 535 -27.42 -18.57 -32.71
C VAL B 535 -28.92 -18.33 -32.75
N LEU B 536 -29.56 -18.62 -31.62
CA LEU B 536 -30.98 -18.42 -31.48
C LEU B 536 -31.33 -16.94 -31.70
N LEU B 537 -30.42 -16.04 -31.34
CA LEU B 537 -30.64 -14.62 -31.55
C LEU B 537 -30.62 -14.20 -33.01
N LEU B 538 -29.82 -14.90 -33.82
CA LEU B 538 -29.86 -14.64 -35.26
C LEU B 538 -31.20 -15.13 -35.78
N PHE B 539 -31.62 -16.30 -35.29
CA PHE B 539 -32.89 -16.89 -35.68
C PHE B 539 -34.06 -15.95 -35.37
N PHE B 540 -34.13 -15.46 -34.15
CA PHE B 540 -35.20 -14.52 -33.77
C PHE B 540 -35.11 -13.16 -34.43
N SER B 541 -33.90 -12.62 -34.51
CA SER B 541 -33.70 -11.29 -35.07
C SER B 541 -34.11 -11.28 -36.53
N ARG B 542 -33.98 -12.44 -37.18
CA ARG B 542 -34.48 -12.52 -38.56
C ARG B 542 -35.98 -12.80 -38.62
N TRP B 543 -36.41 -13.93 -38.03
CA TRP B 543 -37.81 -14.35 -38.11
C TRP B 543 -38.81 -13.45 -37.38
N TYR B 544 -38.41 -12.92 -36.23
CA TYR B 544 -39.30 -12.05 -35.46
C TYR B 544 -38.59 -10.77 -35.07
N PRO B 545 -38.32 -9.90 -36.05
CA PRO B 545 -37.54 -8.69 -35.75
C PRO B 545 -38.16 -7.78 -34.68
N VAL B 546 -39.48 -7.71 -34.64
CA VAL B 546 -40.14 -6.80 -33.71
C VAL B 546 -40.05 -7.31 -32.26
N GLU B 547 -40.44 -8.56 -32.07
CA GLU B 547 -40.35 -9.17 -30.75
C GLU B 547 -38.88 -9.23 -30.38
N TYR B 548 -38.00 -9.39 -31.36
CA TYR B 548 -36.59 -9.46 -31.08
C TYR B 548 -36.11 -8.14 -30.55
N GLY B 549 -36.69 -7.06 -31.06
CA GLY B 549 -36.30 -5.75 -30.60
C GLY B 549 -36.78 -5.54 -29.19
N ILE B 550 -38.02 -5.97 -28.93
CA ILE B 550 -38.62 -5.82 -27.60
C ILE B 550 -37.89 -6.66 -26.55
N PHE B 551 -37.38 -7.80 -26.97
CA PHE B 551 -36.69 -8.70 -26.05
C PHE B 551 -35.29 -8.17 -25.78
N VAL B 552 -34.60 -7.83 -26.86
CA VAL B 552 -33.19 -7.45 -26.75
C VAL B 552 -33.00 -6.06 -26.14
N GLN B 553 -34.03 -5.23 -26.17
CA GLN B 553 -33.94 -3.94 -25.48
C GLN B 553 -33.84 -4.17 -23.98
N ARG B 554 -34.45 -5.25 -23.51
CA ARG B 554 -34.40 -5.61 -22.10
C ARG B 554 -32.98 -5.99 -21.71
N GLY B 555 -32.24 -6.52 -22.68
CA GLY B 555 -30.87 -6.98 -22.48
C GLY B 555 -30.70 -8.42 -22.89
N ALA B 556 -29.47 -8.78 -23.28
CA ALA B 556 -29.17 -10.14 -23.71
C ALA B 556 -28.80 -11.03 -22.52
N THR B 557 -28.72 -10.41 -21.35
CA THR B 557 -28.41 -11.17 -20.14
C THR B 557 -29.25 -10.67 -18.98
N TYR B 558 -29.00 -11.23 -17.81
CA TYR B 558 -29.57 -10.74 -16.58
C TYR B 558 -28.76 -11.27 -15.42
N THR B 559 -28.95 -10.67 -14.26
CA THR B 559 -28.39 -11.21 -13.04
C THR B 559 -29.51 -11.34 -12.01
N ILE B 560 -29.56 -12.47 -11.31
CA ILE B 560 -30.44 -12.56 -10.15
C ILE B 560 -29.86 -11.66 -9.08
N ASN B 561 -30.74 -10.88 -8.45
CA ASN B 561 -30.33 -9.92 -7.42
C ASN B 561 -30.23 -10.60 -6.06
N ALA B 562 -29.58 -9.93 -5.10
CA ALA B 562 -29.51 -10.44 -3.74
C ALA B 562 -30.90 -10.51 -3.11
N ALA B 563 -31.81 -9.70 -3.63
CA ALA B 563 -33.22 -9.75 -3.26
C ALA B 563 -33.98 -10.79 -4.08
N GLY B 564 -33.30 -11.36 -5.08
CA GLY B 564 -33.88 -12.39 -5.92
C GLY B 564 -34.62 -11.92 -7.15
N GLU B 565 -34.78 -10.60 -7.31
CA GLU B 565 -35.37 -10.05 -8.52
C GLU B 565 -34.39 -10.15 -9.69
N PHE B 566 -34.90 -10.39 -10.90
CA PHE B 566 -34.06 -10.37 -12.09
C PHE B 566 -33.65 -8.94 -12.48
N GLU B 567 -32.43 -8.77 -12.96
CA GLU B 567 -31.93 -7.47 -13.40
C GLU B 567 -31.28 -7.65 -14.77
N PHE B 568 -32.05 -7.40 -15.82
CA PHE B 568 -31.55 -7.54 -17.18
C PHE B 568 -30.57 -6.43 -17.61
N SER B 569 -29.61 -6.80 -18.46
CA SER B 569 -28.50 -5.92 -18.80
C SER B 569 -28.92 -4.64 -19.51
N GLY B 570 -29.95 -4.75 -20.34
CA GLY B 570 -30.39 -3.62 -21.15
C GLY B 570 -29.58 -3.46 -22.42
N ARG B 571 -28.64 -4.38 -22.66
CA ARG B 571 -27.71 -4.24 -23.78
C ARG B 571 -27.69 -5.51 -24.63
N ASN B 572 -27.49 -5.32 -25.94
CA ASN B 572 -27.40 -6.44 -26.87
C ASN B 572 -25.95 -6.91 -27.11
N GLU B 573 -25.33 -7.50 -26.10
CA GLU B 573 -23.99 -8.05 -26.25
C GLU B 573 -24.05 -9.51 -26.68
N LYS B 574 -23.10 -9.93 -27.52
CA LYS B 574 -22.92 -11.35 -27.80
C LYS B 574 -22.38 -12.05 -26.57
N TRP B 575 -22.94 -13.23 -26.27
CA TRP B 575 -22.52 -14.01 -25.11
C TRP B 575 -21.17 -14.68 -25.36
N ASP B 576 -20.38 -14.84 -24.29
CA ASP B 576 -19.16 -15.66 -24.31
C ASP B 576 -19.15 -16.54 -23.08
N GLN B 577 -18.52 -17.70 -23.20
CA GLN B 577 -18.51 -18.69 -22.12
C GLN B 577 -17.78 -18.18 -20.88
N ALA B 578 -16.96 -17.17 -21.08
CA ALA B 578 -16.26 -16.53 -19.97
C ALA B 578 -17.31 -16.01 -19.00
N LEU B 579 -18.48 -15.67 -19.53
CA LEU B 579 -19.59 -15.20 -18.72
C LEU B 579 -20.28 -16.32 -17.94
N TYR B 580 -20.05 -17.57 -18.33
CA TYR B 580 -20.79 -18.69 -17.72
C TYR B 580 -20.53 -18.74 -16.23
N LEU B 581 -19.30 -18.39 -15.85
CA LEU B 581 -18.94 -18.30 -14.45
C LEU B 581 -19.24 -16.91 -13.86
N SER B 582 -19.62 -15.97 -14.72
CA SER B 582 -19.94 -14.62 -14.27
C SER B 582 -21.35 -14.62 -13.68
N GLU B 583 -21.76 -13.49 -13.10
CA GLU B 583 -23.07 -13.41 -12.47
C GLU B 583 -24.21 -13.55 -13.47
N HIS B 584 -23.91 -13.26 -14.73
CA HIS B 584 -24.89 -13.17 -15.80
C HIS B 584 -25.43 -14.52 -16.29
N PHE B 585 -26.64 -14.51 -16.83
CA PHE B 585 -27.19 -15.67 -17.53
C PHE B 585 -27.65 -15.18 -18.89
N PRO B 586 -27.74 -16.07 -19.90
CA PRO B 586 -28.42 -15.68 -21.14
C PRO B 586 -29.88 -15.31 -20.89
N ALA B 587 -30.36 -14.24 -21.54
CA ALA B 587 -31.73 -13.76 -21.36
C ALA B 587 -32.85 -14.62 -21.96
N LEU B 588 -32.54 -15.41 -22.99
CA LEU B 588 -33.53 -16.28 -23.61
C LEU B 588 -34.11 -17.29 -22.61
N PHE B 589 -33.30 -17.68 -21.64
CA PHE B 589 -33.68 -18.75 -20.74
C PHE B 589 -34.13 -18.26 -19.37
N SER B 590 -34.37 -16.95 -19.27
CA SER B 590 -34.88 -16.34 -18.05
C SER B 590 -36.28 -16.84 -17.69
N ASP B 591 -37.04 -17.23 -18.72
CA ASP B 591 -38.45 -17.63 -18.56
C ASP B 591 -39.30 -16.53 -17.93
N VAL B 592 -38.84 -15.29 -18.08
CA VAL B 592 -39.60 -14.12 -17.66
C VAL B 592 -40.41 -13.61 -18.85
N PRO B 593 -41.75 -13.51 -18.67
CA PRO B 593 -42.61 -13.02 -19.75
C PRO B 593 -42.28 -11.57 -20.07
N LEU B 594 -42.40 -11.21 -21.35
CA LEU B 594 -42.22 -9.84 -21.78
C LEU B 594 -43.45 -9.38 -22.54
N ALA B 595 -43.74 -8.09 -22.49
CA ALA B 595 -45.03 -7.58 -22.92
C ALA B 595 -45.35 -7.81 -24.40
N GLY B 596 -44.33 -7.79 -25.25
CA GLY B 596 -44.56 -7.91 -26.68
C GLY B 596 -43.56 -8.84 -27.33
N ALA B 597 -42.86 -9.60 -26.51
CA ALA B 597 -41.86 -10.57 -26.97
C ALA B 597 -42.38 -11.98 -26.71
N ASN B 598 -43.69 -12.16 -26.80
CA ASN B 598 -44.31 -13.41 -26.40
C ASN B 598 -43.91 -14.65 -27.20
N THR B 599 -43.78 -14.52 -28.52
CA THR B 599 -43.44 -15.66 -29.36
C THR B 599 -42.04 -16.17 -29.07
N ILE B 600 -41.15 -15.24 -28.71
CA ILE B 600 -39.80 -15.60 -28.31
C ILE B 600 -39.84 -16.44 -27.05
N ILE B 601 -40.54 -15.96 -26.02
CA ILE B 601 -40.63 -16.65 -24.74
C ILE B 601 -41.33 -18.01 -24.90
N ALA B 602 -42.28 -18.05 -25.82
CA ALA B 602 -42.99 -19.29 -26.13
C ALA B 602 -42.04 -20.31 -26.74
N ILE B 603 -41.27 -19.90 -27.74
CA ILE B 603 -40.35 -20.84 -28.38
C ILE B 603 -39.29 -21.27 -27.37
N MET B 604 -38.97 -20.37 -26.44
CA MET B 604 -38.02 -20.69 -25.38
C MET B 604 -38.60 -21.65 -24.36
N ARG B 605 -39.92 -21.76 -24.32
CA ARG B 605 -40.56 -22.76 -23.47
C ARG B 605 -40.28 -24.16 -23.98
N LEU B 606 -39.91 -24.26 -25.26
CA LEU B 606 -39.66 -25.56 -25.87
C LEU B 606 -38.37 -26.19 -25.39
N PHE B 607 -37.50 -25.38 -24.80
CA PHE B 607 -36.20 -25.84 -24.32
C PHE B 607 -36.22 -26.36 -22.88
N THR B 608 -37.39 -26.35 -22.25
CA THR B 608 -37.51 -26.79 -20.86
C THR B 608 -37.25 -28.30 -20.71
N PRO B 609 -36.41 -28.67 -19.73
CA PRO B 609 -36.03 -30.05 -19.45
C PRO B 609 -37.22 -30.93 -19.03
N GLN B 610 -37.17 -32.19 -19.44
CA GLN B 610 -38.28 -33.11 -19.21
C GLN B 610 -37.96 -34.17 -18.16
N GLY B 611 -36.90 -33.94 -17.40
CA GLY B 611 -36.43 -34.91 -16.43
C GLY B 611 -36.91 -34.70 -15.01
N PHE B 612 -36.13 -35.21 -14.06
CA PHE B 612 -36.46 -35.06 -12.65
C PHE B 612 -35.19 -34.94 -11.82
N LEU B 613 -35.36 -34.54 -10.56
CA LEU B 613 -34.22 -34.29 -9.70
C LEU B 613 -33.99 -35.39 -8.68
N ARG B 614 -33.36 -36.48 -9.13
CA ARG B 614 -33.08 -37.62 -8.27
C ARG B 614 -32.03 -37.29 -7.23
N THR B 615 -32.27 -37.73 -6.00
CA THR B 615 -31.23 -37.70 -4.97
C THR B 615 -30.20 -38.76 -5.31
N ASP B 616 -28.94 -38.51 -4.96
CA ASP B 616 -27.89 -39.49 -5.17
C ASP B 616 -27.85 -40.45 -3.98
N ASP B 617 -28.84 -41.34 -3.92
CA ASP B 617 -29.12 -42.19 -2.77
C ASP B 617 -27.99 -43.13 -2.37
N LEU B 618 -27.56 -43.94 -3.33
CA LEU B 618 -26.55 -44.96 -3.09
C LEU B 618 -25.17 -44.35 -2.84
N ALA B 619 -24.87 -43.26 -3.53
CA ALA B 619 -23.59 -42.58 -3.35
C ALA B 619 -23.51 -42.02 -1.94
N ILE B 620 -24.68 -41.61 -1.42
CA ILE B 620 -24.74 -41.15 -0.05
C ILE B 620 -24.54 -42.30 0.92
N ALA B 621 -25.26 -43.40 0.69
CA ALA B 621 -25.17 -44.56 1.59
C ALA B 621 -23.78 -45.19 1.59
N ALA B 622 -23.11 -45.12 0.45
CA ALA B 622 -21.77 -45.69 0.30
C ALA B 622 -20.76 -44.73 0.88
N ASN B 623 -21.25 -43.57 1.29
CA ASN B 623 -20.41 -42.54 1.87
C ASN B 623 -19.35 -42.09 0.88
N PHE B 624 -19.73 -41.96 -0.39
CA PHE B 624 -18.86 -41.45 -1.44
C PHE B 624 -18.74 -39.92 -1.31
N PRO B 625 -17.63 -39.37 -1.83
CA PRO B 625 -17.42 -37.92 -1.80
C PRO B 625 -18.50 -37.18 -2.58
N ARG B 626 -18.92 -36.04 -2.05
CA ARG B 626 -19.98 -35.23 -2.66
C ARG B 626 -19.77 -33.78 -2.28
N ALA B 627 -19.51 -32.93 -3.25
CA ALA B 627 -19.35 -31.51 -2.98
C ALA B 627 -20.63 -30.84 -2.46
N SER B 628 -21.80 -31.28 -2.96
CA SER B 628 -23.07 -30.70 -2.55
C SER B 628 -23.53 -31.14 -1.17
N ARG B 629 -24.21 -30.25 -0.45
CA ARG B 629 -24.72 -30.57 0.87
C ARG B 629 -25.97 -31.46 0.79
N ASN B 630 -26.59 -31.50 -0.39
CA ASN B 630 -27.47 -32.61 -0.73
C ASN B 630 -27.39 -32.93 -2.23
N PRO B 631 -26.69 -34.02 -2.56
CA PRO B 631 -26.37 -34.47 -3.92
C PRO B 631 -27.64 -34.82 -4.69
N GLN B 632 -27.62 -34.54 -5.98
CA GLN B 632 -28.85 -34.53 -6.76
C GLN B 632 -28.53 -34.35 -8.25
N THR B 633 -28.27 -35.45 -8.95
CA THR B 633 -28.16 -35.36 -10.39
C THR B 633 -29.55 -35.21 -11.00
N TYR B 634 -29.64 -34.47 -12.09
CA TYR B 634 -30.90 -34.30 -12.78
C TYR B 634 -30.99 -35.29 -13.94
N ILE B 635 -31.73 -36.37 -13.76
CA ILE B 635 -31.93 -37.34 -14.85
C ILE B 635 -32.86 -36.78 -15.92
N PRO B 636 -32.39 -36.75 -17.18
CA PRO B 636 -33.06 -36.12 -18.32
C PRO B 636 -34.45 -36.65 -18.63
N TYR B 637 -34.72 -37.93 -18.36
CA TYR B 637 -36.07 -38.46 -18.59
C TYR B 637 -36.49 -39.54 -17.63
N THR B 638 -37.75 -39.46 -17.21
CA THR B 638 -38.36 -40.40 -16.28
C THR B 638 -38.59 -41.76 -16.93
N ASN B 639 -38.49 -42.82 -16.14
CA ASN B 639 -38.89 -44.14 -16.60
C ASN B 639 -40.38 -44.12 -16.90
N GLN B 640 -40.79 -44.70 -18.02
CA GLN B 640 -42.20 -44.68 -18.40
C GLN B 640 -42.82 -46.07 -18.39
N ARG B 641 -42.84 -46.70 -17.21
CA ARG B 641 -43.41 -48.03 -17.09
C ARG B 641 -44.92 -48.02 -17.34
N GLY B 642 -45.39 -48.97 -18.13
CA GLY B 642 -46.82 -49.26 -18.21
C GLY B 642 -47.67 -48.34 -19.06
N THR B 643 -47.07 -47.30 -19.62
CA THR B 643 -47.84 -46.33 -20.39
C THR B 643 -48.13 -46.79 -21.82
N VAL B 644 -49.35 -46.54 -22.26
CA VAL B 644 -49.71 -46.77 -23.65
C VAL B 644 -48.90 -45.82 -24.52
N THR B 645 -48.66 -44.62 -23.98
CA THR B 645 -47.98 -43.56 -24.71
C THR B 645 -46.85 -42.98 -23.89
N ASN B 646 -45.75 -42.63 -24.56
CA ASN B 646 -44.56 -42.12 -23.90
C ASN B 646 -44.61 -40.60 -23.68
N GLU B 647 -44.56 -40.16 -22.42
CA GLU B 647 -44.71 -38.73 -22.12
C GLU B 647 -43.61 -37.86 -22.72
N PHE B 648 -42.41 -38.41 -22.81
CA PHE B 648 -41.30 -37.70 -23.44
C PHE B 648 -41.68 -37.45 -24.88
N ALA B 649 -42.13 -38.50 -25.55
CA ALA B 649 -42.46 -38.43 -26.97
C ALA B 649 -43.64 -37.51 -27.25
N SER B 650 -44.61 -37.49 -26.34
CA SER B 650 -45.76 -36.58 -26.50
C SER B 650 -45.33 -35.13 -26.30
N ARG B 651 -44.35 -34.92 -25.43
CA ARG B 651 -43.79 -33.59 -25.26
C ARG B 651 -43.09 -33.17 -26.55
N PHE B 652 -42.38 -34.10 -27.17
CA PHE B 652 -41.75 -33.81 -28.45
C PHE B 652 -42.82 -33.54 -29.51
N ARG B 653 -43.97 -34.15 -29.34
CA ARG B 653 -45.08 -33.97 -30.27
C ARG B 653 -45.59 -32.53 -30.20
N THR B 654 -45.84 -32.05 -28.98
CA THR B 654 -46.32 -30.67 -28.83
C THR B 654 -45.26 -29.65 -29.29
N ILE B 655 -44.01 -29.99 -29.04
CA ILE B 655 -42.90 -29.16 -29.47
C ILE B 655 -42.91 -29.03 -30.99
N VAL B 656 -43.01 -30.17 -31.70
CA VAL B 656 -43.00 -30.12 -33.15
C VAL B 656 -44.27 -29.51 -33.72
N ALA B 657 -45.35 -29.50 -32.94
CA ALA B 657 -46.56 -28.81 -33.36
C ALA B 657 -46.31 -27.32 -33.38
N THR B 658 -45.72 -26.80 -32.30
CA THR B 658 -45.38 -25.38 -32.24
C THR B 658 -44.34 -25.00 -33.29
N LEU B 659 -43.39 -25.91 -33.53
CA LEU B 659 -42.36 -25.68 -34.55
C LEU B 659 -42.95 -25.66 -35.94
N ALA B 660 -43.92 -26.52 -36.18
CA ALA B 660 -44.60 -26.54 -37.46
C ALA B 660 -45.31 -25.21 -37.64
N ASN B 661 -45.85 -24.66 -36.56
CA ASN B 661 -46.54 -23.37 -36.67
C ASN B 661 -45.60 -22.22 -36.99
N VAL B 662 -44.45 -22.19 -36.32
CA VAL B 662 -43.47 -21.13 -36.54
C VAL B 662 -42.90 -21.18 -37.96
N VAL B 663 -42.48 -22.37 -38.37
CA VAL B 663 -41.90 -22.56 -39.69
C VAL B 663 -42.96 -22.30 -40.75
N ASN B 664 -44.22 -22.53 -40.38
CA ASN B 664 -45.31 -22.25 -41.30
C ASN B 664 -45.47 -20.77 -41.54
N GLU B 665 -45.59 -20.00 -40.46
CA GLU B 665 -45.80 -18.56 -40.62
C GLU B 665 -44.61 -17.90 -41.32
N ARG B 666 -43.40 -18.39 -41.07
CA ARG B 666 -42.26 -17.91 -41.84
C ARG B 666 -42.41 -18.31 -43.30
N ALA B 667 -42.95 -19.50 -43.54
CA ALA B 667 -43.12 -19.98 -44.91
C ALA B 667 -44.13 -19.16 -45.70
N VAL B 668 -45.17 -18.66 -45.02
CA VAL B 668 -46.18 -17.86 -45.70
C VAL B 668 -45.73 -16.40 -45.86
N GLN B 669 -44.94 -15.91 -44.91
CA GLN B 669 -44.34 -14.58 -45.08
C GLN B 669 -43.31 -14.56 -46.21
N ASP B 670 -42.71 -15.71 -46.48
CA ASP B 670 -41.70 -15.83 -47.53
C ASP B 670 -42.31 -16.23 -48.87
N ASP B 671 -43.64 -16.25 -48.94
CA ASP B 671 -44.40 -16.56 -50.16
C ASP B 671 -43.92 -17.82 -50.87
N MET B 672 -43.34 -18.74 -50.10
CA MET B 672 -42.79 -19.98 -50.66
C MET B 672 -43.90 -20.99 -50.95
N GLN B 673 -43.63 -21.88 -51.89
CA GLN B 673 -44.64 -22.77 -52.46
C GLN B 673 -45.26 -23.73 -51.46
N LYS B 674 -46.50 -24.14 -51.74
CA LYS B 674 -47.22 -25.06 -50.89
C LYS B 674 -46.49 -26.40 -50.74
N ALA B 675 -45.81 -26.81 -51.82
CA ALA B 675 -45.12 -28.09 -51.86
C ALA B 675 -43.99 -28.20 -50.84
N THR B 676 -43.10 -27.21 -50.85
CA THR B 676 -41.96 -27.21 -49.95
C THR B 676 -42.42 -27.11 -48.51
N ARG B 677 -43.52 -26.39 -48.31
CA ARG B 677 -44.04 -26.19 -46.96
C ARG B 677 -44.61 -27.51 -46.40
N SER B 678 -45.41 -28.19 -47.22
CA SER B 678 -45.98 -29.46 -46.82
C SER B 678 -44.87 -30.47 -46.59
N CYS B 679 -43.78 -30.36 -47.36
CA CYS B 679 -42.63 -31.24 -47.18
C CYS B 679 -41.94 -31.01 -45.84
N THR B 680 -41.82 -29.75 -45.44
CA THR B 680 -41.23 -29.43 -44.15
C THR B 680 -42.09 -30.02 -43.05
N LYS B 681 -43.40 -29.93 -43.21
CA LYS B 681 -44.29 -30.56 -42.23
C LYS B 681 -44.14 -32.07 -42.21
N GLN B 682 -43.89 -32.66 -43.38
CA GLN B 682 -43.77 -34.11 -43.49
C GLN B 682 -42.54 -34.59 -42.76
N TRP B 683 -41.46 -33.82 -42.89
CA TRP B 683 -40.25 -34.12 -42.14
C TRP B 683 -40.45 -33.93 -40.65
N LEU B 684 -41.25 -32.94 -40.27
CA LEU B 684 -41.47 -32.69 -38.85
C LEU B 684 -42.20 -33.85 -38.21
N ARG B 685 -43.29 -34.28 -38.83
CA ARG B 685 -44.01 -35.43 -38.29
C ARG B 685 -43.22 -36.74 -38.38
N HIS B 686 -42.38 -36.88 -39.42
CA HIS B 686 -41.50 -38.05 -39.50
C HIS B 686 -40.51 -38.05 -38.33
N LEU B 687 -40.06 -36.86 -37.96
CA LEU B 687 -39.18 -36.73 -36.80
C LEU B 687 -39.94 -37.16 -35.58
N GLU B 688 -41.21 -36.79 -35.53
CA GLU B 688 -42.03 -37.11 -34.36
C GLU B 688 -42.22 -38.62 -34.23
N THR B 689 -42.36 -39.31 -35.35
CA THR B 689 -42.52 -40.76 -35.33
C THR B 689 -41.23 -41.42 -34.89
N GLN B 690 -40.11 -40.92 -35.44
CA GLN B 690 -38.81 -41.48 -35.09
C GLN B 690 -38.54 -41.30 -33.61
N PHE B 691 -39.03 -40.19 -33.08
CA PHE B 691 -38.81 -39.85 -31.68
C PHE B 691 -39.68 -40.68 -30.77
N ASP B 692 -40.92 -40.94 -31.16
CA ASP B 692 -41.75 -41.80 -30.32
C ASP B 692 -41.04 -43.15 -30.26
N ASN B 693 -40.65 -43.59 -31.47
CA ASN B 693 -40.08 -44.90 -31.68
C ASN B 693 -38.80 -45.11 -30.89
N ILE B 694 -38.00 -44.06 -30.76
CA ILE B 694 -36.73 -44.19 -30.06
C ILE B 694 -36.88 -43.94 -28.57
N ALA B 695 -37.78 -43.01 -28.22
CA ALA B 695 -37.92 -42.57 -26.83
C ALA B 695 -38.45 -43.71 -25.99
N VAL B 696 -39.20 -44.61 -26.61
CA VAL B 696 -39.69 -45.77 -25.87
C VAL B 696 -38.50 -46.54 -25.26
N ALA B 697 -37.35 -46.43 -25.90
CA ALA B 697 -36.10 -47.05 -25.44
C ALA B 697 -35.08 -46.06 -24.86
N HIS B 698 -35.53 -44.86 -24.53
CA HIS B 698 -34.61 -43.86 -23.99
C HIS B 698 -34.93 -43.66 -22.54
N THR B 699 -36.18 -43.27 -22.30
CA THR B 699 -36.69 -43.02 -20.99
C THR B 699 -36.63 -44.28 -20.13
N ASP B 700 -36.85 -45.42 -20.76
CA ASP B 700 -36.95 -46.67 -20.01
C ASP B 700 -35.65 -47.50 -19.88
N HIS B 701 -34.59 -47.11 -20.59
CA HIS B 701 -33.31 -47.81 -20.45
C HIS B 701 -32.14 -46.90 -20.06
N LEU B 702 -31.91 -45.84 -20.83
CA LEU B 702 -30.78 -44.96 -20.59
C LEU B 702 -30.90 -44.28 -19.24
N SER B 703 -32.14 -44.05 -18.82
CA SER B 703 -32.40 -43.29 -17.60
C SER B 703 -31.89 -44.02 -16.37
N VAL B 704 -31.91 -45.35 -16.40
CA VAL B 704 -31.37 -46.08 -15.27
C VAL B 704 -29.86 -46.14 -15.35
N VAL B 705 -29.31 -45.86 -16.53
CA VAL B 705 -27.87 -45.73 -16.66
C VAL B 705 -27.38 -44.37 -16.14
N TYR B 706 -28.19 -43.32 -16.32
CA TYR B 706 -27.90 -42.06 -15.68
C TYR B 706 -28.10 -42.20 -14.19
N ALA B 707 -29.16 -42.91 -13.81
CA ALA B 707 -29.48 -43.05 -12.41
C ALA B 707 -28.41 -43.87 -11.72
N THR B 708 -27.76 -44.76 -12.46
CA THR B 708 -26.69 -45.55 -11.86
C THR B 708 -25.33 -44.84 -11.88
N MET B 709 -25.06 -44.07 -12.92
CA MET B 709 -23.80 -43.33 -12.99
C MET B 709 -23.84 -42.12 -12.11
N SER B 710 -25.04 -41.75 -11.68
CA SER B 710 -25.19 -40.64 -10.73
C SER B 710 -24.57 -41.02 -9.40
N ASN B 711 -24.57 -42.32 -9.10
CA ASN B 711 -24.06 -42.85 -7.85
C ASN B 711 -22.56 -43.16 -7.80
N PHE B 712 -21.88 -43.06 -8.93
CA PHE B 712 -20.46 -43.41 -8.99
C PHE B 712 -19.68 -42.48 -8.05
N MET B 713 -18.60 -43.00 -7.49
CA MET B 713 -17.86 -42.29 -6.45
C MET B 713 -17.24 -40.97 -6.88
N LEU B 714 -16.78 -40.91 -8.12
CA LEU B 714 -16.05 -39.73 -8.57
C LEU B 714 -16.93 -38.62 -9.17
N ASN B 715 -18.23 -38.91 -9.32
CA ASN B 715 -19.18 -37.91 -9.81
C ASN B 715 -19.62 -36.97 -8.69
N PHE B 716 -18.67 -36.36 -7.99
CA PHE B 716 -19.00 -35.63 -6.77
C PHE B 716 -19.87 -34.36 -6.90
N THR B 717 -19.74 -33.65 -8.03
CA THR B 717 -20.49 -32.42 -8.23
C THR B 717 -21.97 -32.62 -8.61
N ASN B 718 -22.82 -31.66 -8.22
CA ASN B 718 -24.14 -31.49 -8.83
C ASN B 718 -24.06 -30.91 -10.24
N ASN B 719 -24.93 -31.38 -11.13
CA ASN B 719 -24.80 -31.08 -12.56
C ASN B 719 -25.87 -30.12 -13.06
N PHE B 720 -27.04 -30.18 -12.46
CA PHE B 720 -28.15 -29.34 -12.88
C PHE B 720 -29.15 -29.26 -11.73
N SER B 721 -30.14 -28.38 -11.88
CA SER B 721 -31.24 -28.32 -10.94
C SER B 721 -32.56 -28.46 -11.72
N GLY B 722 -32.45 -28.33 -13.04
CA GLY B 722 -33.61 -28.41 -13.91
C GLY B 722 -34.12 -27.03 -14.28
N ASN B 723 -33.68 -26.02 -13.56
CA ASN B 723 -34.07 -24.64 -13.83
C ASN B 723 -33.00 -23.92 -14.62
N HIS B 724 -33.19 -23.80 -15.92
CA HIS B 724 -32.22 -23.12 -16.78
C HIS B 724 -32.09 -21.66 -16.39
N ALA B 725 -33.18 -21.11 -15.85
CA ALA B 725 -33.27 -19.70 -15.50
C ALA B 725 -32.33 -19.24 -14.39
N THR B 726 -31.95 -20.17 -13.51
CA THR B 726 -31.20 -19.77 -12.32
C THR B 726 -30.02 -20.66 -11.94
N PHE B 727 -29.91 -21.83 -12.55
CA PHE B 727 -28.82 -22.72 -12.18
C PHE B 727 -27.46 -22.18 -12.58
N LYS B 728 -26.50 -22.33 -11.67
CA LYS B 728 -25.10 -22.02 -11.93
C LYS B 728 -24.28 -22.86 -10.98
N PRO B 729 -23.24 -23.53 -11.50
CA PRO B 729 -22.49 -24.48 -10.68
C PRO B 729 -21.86 -23.78 -9.49
N ASP B 730 -21.82 -24.45 -8.35
CA ASP B 730 -21.20 -23.85 -7.18
C ASP B 730 -19.72 -23.71 -7.53
N GLN B 731 -19.14 -22.55 -7.22
CA GLN B 731 -17.77 -22.29 -7.67
C GLN B 731 -16.80 -22.27 -6.52
N TYR B 732 -16.36 -23.45 -6.11
CA TYR B 732 -15.33 -23.56 -5.10
C TYR B 732 -13.96 -23.22 -5.67
N VAL B 733 -13.09 -22.70 -4.81
CA VAL B 733 -11.72 -22.42 -5.14
C VAL B 733 -10.84 -22.84 -3.97
N ILE B 734 -9.56 -23.06 -4.26
CA ILE B 734 -8.58 -23.30 -3.21
C ILE B 734 -7.89 -21.98 -2.85
N THR B 735 -8.58 -21.13 -2.10
CA THR B 735 -8.00 -19.87 -1.68
C THR B 735 -6.81 -20.09 -0.79
N SER B 736 -5.71 -19.38 -1.07
CA SER B 736 -4.58 -19.28 -0.16
C SER B 736 -4.39 -17.84 0.28
N PRO B 737 -4.45 -17.58 1.59
CA PRO B 737 -4.35 -16.21 2.09
C PRO B 737 -3.03 -15.55 1.68
N GLU B 738 -1.97 -16.34 1.59
CA GLU B 738 -0.69 -15.83 1.12
C GLU B 738 -0.39 -16.25 -0.33
N GLY B 739 -1.35 -15.99 -1.20
CA GLY B 739 -1.29 -16.38 -2.60
C GLY B 739 -2.55 -15.89 -3.29
N SER B 740 -2.79 -16.40 -4.49
CA SER B 740 -4.02 -16.13 -5.22
C SER B 740 -4.80 -17.43 -5.41
N TYR B 741 -6.12 -17.36 -5.30
CA TYR B 741 -6.95 -18.56 -5.38
C TYR B 741 -6.91 -19.28 -6.74
N LYS B 742 -6.98 -20.60 -6.71
CA LYS B 742 -7.13 -21.38 -7.93
C LYS B 742 -8.57 -21.85 -7.99
N PRO B 743 -9.36 -21.33 -8.95
CA PRO B 743 -10.71 -21.85 -9.12
C PRO B 743 -10.68 -23.29 -9.58
N ILE B 744 -11.63 -24.11 -9.14
CA ILE B 744 -11.69 -25.49 -9.61
C ILE B 744 -12.24 -25.46 -11.03
N ILE B 745 -13.32 -24.72 -11.22
CA ILE B 745 -13.94 -24.61 -12.52
C ILE B 745 -13.41 -23.36 -13.19
N GLU B 746 -12.78 -23.52 -14.35
CA GLU B 746 -12.15 -22.40 -15.04
C GLU B 746 -12.22 -22.62 -16.53
N ARG B 747 -12.28 -21.53 -17.30
CA ARG B 747 -12.26 -21.65 -18.74
C ARG B 747 -10.82 -21.67 -19.20
N GLN B 748 -10.04 -22.59 -18.63
CA GLN B 748 -8.60 -22.67 -18.90
C GLN B 748 -8.37 -23.00 -20.36
N GLY B 749 -9.38 -23.60 -20.98
CA GLY B 749 -9.44 -23.72 -22.42
C GLY B 749 -8.59 -24.87 -22.94
N GLU B 750 -7.85 -25.52 -22.04
CA GLU B 750 -7.17 -26.76 -22.39
C GLU B 750 -8.29 -27.74 -22.68
N THR B 751 -8.14 -28.48 -23.77
CA THR B 751 -9.29 -29.19 -24.30
C THR B 751 -9.46 -30.61 -23.76
N VAL B 752 -8.49 -31.06 -22.96
CA VAL B 752 -8.49 -32.41 -22.41
C VAL B 752 -8.65 -33.45 -23.53
N ASP B 753 -7.85 -33.29 -24.58
CA ASP B 753 -8.00 -34.06 -25.81
C ASP B 753 -9.37 -33.87 -26.48
N GLY B 754 -9.82 -32.62 -26.56
CA GLY B 754 -11.03 -32.26 -27.29
C GLY B 754 -12.33 -32.40 -26.52
N LEU B 755 -12.23 -32.85 -25.27
CA LEU B 755 -13.40 -33.17 -24.45
C LEU B 755 -14.37 -32.00 -24.17
N THR B 756 -13.86 -30.77 -24.11
CA THR B 756 -14.68 -29.62 -23.71
C THR B 756 -15.47 -28.91 -24.82
N ILE B 757 -15.32 -29.34 -26.07
CA ILE B 757 -16.17 -28.83 -27.15
C ILE B 757 -17.38 -29.76 -27.38
N ILE B 758 -18.53 -29.17 -27.72
CA ILE B 758 -19.78 -29.92 -27.80
C ILE B 758 -20.43 -29.86 -29.18
N ASP B 759 -20.50 -31.00 -29.87
CA ASP B 759 -21.31 -31.06 -31.10
C ASP B 759 -22.76 -31.37 -30.73
N THR B 760 -23.65 -30.42 -31.03
CA THR B 760 -25.07 -30.67 -30.88
C THR B 760 -25.57 -31.62 -31.98
N SER B 761 -24.76 -31.72 -33.03
CA SER B 761 -25.11 -32.48 -34.23
C SER B 761 -25.37 -33.93 -33.84
N ILE B 762 -24.76 -34.34 -32.74
CA ILE B 762 -24.82 -35.73 -32.29
C ILE B 762 -26.27 -36.15 -32.00
N VAL B 763 -27.15 -35.18 -31.77
CA VAL B 763 -28.54 -35.57 -31.54
C VAL B 763 -29.19 -36.20 -32.76
N TRP B 764 -28.76 -35.81 -33.96
CA TRP B 764 -29.36 -36.40 -35.17
C TRP B 764 -29.16 -37.92 -35.29
N PRO B 765 -27.91 -38.41 -35.13
CA PRO B 765 -27.74 -39.87 -35.14
C PRO B 765 -28.52 -40.57 -34.04
N ILE B 766 -28.67 -39.92 -32.89
CA ILE B 766 -29.40 -40.48 -31.77
C ILE B 766 -30.86 -40.68 -32.13
N LEU B 767 -31.47 -39.64 -32.69
CA LEU B 767 -32.85 -39.72 -33.16
C LEU B 767 -32.97 -40.67 -34.34
N CYS B 768 -31.92 -40.73 -35.18
CA CYS B 768 -32.00 -41.45 -36.44
C CYS B 768 -31.16 -42.70 -36.52
N GLN B 769 -29.91 -42.57 -36.94
CA GLN B 769 -29.10 -43.77 -37.17
C GLN B 769 -28.38 -44.36 -35.94
N CYS B 770 -29.17 -44.83 -34.98
CA CYS B 770 -28.66 -45.59 -33.83
C CYS B 770 -29.77 -46.51 -33.33
N THR B 771 -29.39 -47.66 -32.79
CA THR B 771 -30.38 -48.62 -32.28
C THR B 771 -30.13 -48.98 -30.83
N TYR B 772 -31.21 -49.38 -30.16
CA TYR B 772 -31.22 -49.61 -28.73
C TYR B 772 -31.74 -51.02 -28.48
N PRO B 773 -31.23 -51.68 -27.44
CA PRO B 773 -31.66 -53.05 -27.13
C PRO B 773 -33.16 -53.16 -26.88
N LEU B 774 -33.76 -52.12 -26.30
CA LEU B 774 -35.21 -52.07 -26.14
C LEU B 774 -35.98 -51.73 -27.42
N VAL B 775 -35.41 -50.87 -28.25
CA VAL B 775 -36.03 -50.46 -29.50
C VAL B 775 -36.17 -51.63 -30.47
N ARG B 776 -35.22 -52.56 -30.41
CA ARG B 776 -35.19 -53.71 -31.31
C ARG B 776 -36.38 -54.63 -31.07
N GLN B 777 -36.90 -54.61 -29.85
CA GLN B 777 -38.04 -55.44 -29.47
C GLN B 777 -39.37 -54.79 -29.88
N SER B 786 -38.22 -58.14 -34.48
CA SER B 786 -38.63 -58.17 -33.07
C SER B 786 -37.71 -59.02 -32.20
N ILE B 787 -36.42 -58.99 -32.51
CA ILE B 787 -35.43 -59.69 -31.68
C ILE B 787 -35.32 -59.06 -30.29
N MET B 788 -35.13 -59.90 -29.28
CA MET B 788 -34.99 -59.41 -27.91
C MET B 788 -33.60 -59.62 -27.33
N GLU B 789 -32.72 -58.64 -27.52
CA GLU B 789 -31.41 -58.66 -26.90
C GLU B 789 -31.59 -58.62 -25.38
N GLU B 790 -30.86 -59.48 -24.68
CA GLU B 790 -30.84 -59.38 -23.23
C GLU B 790 -30.11 -58.10 -22.85
N ILE B 791 -30.63 -57.36 -21.87
CA ILE B 791 -29.98 -56.15 -21.39
C ILE B 791 -28.71 -56.52 -20.64
N VAL B 792 -27.69 -55.68 -20.72
CA VAL B 792 -26.43 -55.95 -20.04
C VAL B 792 -26.33 -55.22 -18.71
N TYR B 793 -25.99 -55.96 -17.66
CA TYR B 793 -25.80 -55.35 -16.36
C TYR B 793 -24.35 -55.56 -16.01
N PRO B 794 -23.53 -54.55 -16.28
CA PRO B 794 -22.06 -54.57 -16.14
C PRO B 794 -21.58 -54.80 -14.71
N ASP B 795 -20.45 -55.49 -14.56
CA ASP B 795 -19.86 -55.69 -13.23
C ASP B 795 -19.48 -54.36 -12.62
N PRO B 796 -19.91 -54.12 -11.39
CA PRO B 796 -19.60 -52.89 -10.66
C PRO B 796 -18.09 -52.74 -10.51
N SER B 797 -17.42 -53.88 -10.43
CA SER B 797 -16.03 -53.94 -10.01
C SER B 797 -15.07 -53.13 -10.88
N THR B 798 -15.39 -52.96 -12.16
CA THR B 798 -14.49 -52.22 -13.05
C THR B 798 -14.44 -50.74 -12.67
N THR B 799 -15.56 -50.04 -12.79
CA THR B 799 -15.58 -48.62 -12.44
C THR B 799 -15.35 -48.42 -10.95
N LEU B 800 -15.73 -49.39 -10.12
CA LEU B 800 -15.47 -49.26 -8.69
C LEU B 800 -13.97 -49.28 -8.42
N SER B 801 -13.27 -50.27 -8.98
CA SER B 801 -11.83 -50.32 -8.82
C SER B 801 -11.11 -49.14 -9.48
N GLN B 802 -11.64 -48.64 -10.59
CA GLN B 802 -11.01 -47.51 -11.27
C GLN B 802 -11.16 -46.27 -10.42
N SER B 803 -12.33 -46.15 -9.81
CA SER B 803 -12.61 -45.02 -8.94
C SER B 803 -11.72 -45.10 -7.71
N LEU B 804 -11.58 -46.30 -7.16
CA LEU B 804 -10.78 -46.51 -5.98
C LEU B 804 -9.34 -46.17 -6.28
N SER B 805 -8.88 -46.50 -7.49
CA SER B 805 -7.50 -46.25 -7.85
C SER B 805 -7.26 -44.76 -8.00
N VAL B 806 -8.21 -44.07 -8.60
CA VAL B 806 -8.08 -42.63 -8.75
C VAL B 806 -8.03 -41.98 -7.37
N ALA B 807 -8.99 -42.37 -6.53
CA ALA B 807 -9.16 -41.77 -5.21
C ALA B 807 -7.94 -42.02 -4.36
N GLN B 808 -7.52 -43.26 -4.32
CA GLN B 808 -6.38 -43.66 -3.50
C GLN B 808 -5.13 -42.97 -4.00
N VAL B 809 -5.05 -42.73 -5.30
CA VAL B 809 -3.87 -42.07 -5.83
C VAL B 809 -3.80 -40.62 -5.43
N LEU B 810 -4.87 -39.87 -5.67
CA LEU B 810 -4.83 -38.45 -5.36
C LEU B 810 -4.93 -38.16 -3.86
N SER B 811 -5.39 -39.15 -3.12
CA SER B 811 -5.46 -39.06 -1.67
C SER B 811 -4.06 -38.90 -1.07
N LYS B 812 -3.08 -39.52 -1.72
CA LYS B 812 -1.72 -39.50 -1.20
C LYS B 812 -0.83 -38.70 -2.12
N LEU B 813 -1.46 -38.05 -3.10
CA LEU B 813 -0.73 -37.21 -4.04
C LEU B 813 -0.17 -35.96 -3.39
N THR B 814 -0.86 -35.49 -2.37
CA THR B 814 -0.60 -34.19 -1.80
C THR B 814 0.19 -34.24 -0.50
N LEU B 815 0.46 -35.45 0.00
CA LEU B 815 0.88 -35.63 1.38
C LEU B 815 2.13 -34.85 1.78
N PRO B 816 3.25 -34.97 1.03
CA PRO B 816 4.40 -34.17 1.46
C PRO B 816 4.18 -32.64 1.46
N ASP B 817 3.43 -32.15 0.46
CA ASP B 817 3.16 -30.71 0.39
C ASP B 817 2.33 -30.32 1.61
N ALA B 818 1.34 -31.15 1.89
CA ALA B 818 0.41 -30.92 2.98
C ALA B 818 1.09 -30.93 4.34
N PHE B 819 2.04 -31.84 4.51
CA PHE B 819 2.76 -32.00 5.76
C PHE B 819 3.63 -30.78 5.97
N ILE B 820 4.40 -30.42 4.94
CA ILE B 820 5.30 -29.30 5.08
C ILE B 820 4.53 -28.02 5.39
N ASN B 821 3.44 -27.81 4.66
CA ASN B 821 2.61 -26.62 4.86
C ASN B 821 1.97 -26.63 6.23
N MET B 822 1.71 -27.83 6.75
CA MET B 822 1.14 -27.96 8.06
C MET B 822 2.15 -27.43 9.05
N ILE B 823 3.42 -27.79 8.82
CA ILE B 823 4.48 -27.37 9.72
C ILE B 823 4.70 -25.84 9.72
N LEU B 824 4.66 -25.24 8.54
CA LEU B 824 4.97 -23.82 8.41
C LEU B 824 3.76 -22.93 8.47
N SER B 825 2.59 -23.51 8.76
CA SER B 825 1.34 -22.76 8.67
C SER B 825 1.31 -21.55 9.61
N GLY B 826 1.98 -21.67 10.75
CA GLY B 826 2.07 -20.56 11.66
C GLY B 826 3.16 -19.57 11.29
N GLY B 827 3.96 -19.93 10.29
CA GLY B 827 5.20 -19.23 10.00
C GLY B 827 5.07 -17.90 9.30
N ASP B 828 3.89 -17.61 8.77
CA ASP B 828 3.62 -16.30 8.18
C ASP B 828 3.69 -15.24 9.27
N SER B 829 4.06 -14.03 8.90
CA SER B 829 4.30 -13.01 9.92
C SER B 829 4.04 -11.59 9.46
N VAL B 830 3.82 -10.69 10.42
CA VAL B 830 3.69 -9.28 10.13
C VAL B 830 4.70 -8.45 10.94
N VAL B 831 5.32 -7.48 10.27
CA VAL B 831 6.15 -6.52 10.97
C VAL B 831 5.25 -5.72 11.89
N MET B 832 5.67 -5.55 13.14
CA MET B 832 4.89 -4.78 14.10
C MET B 832 5.78 -3.97 15.04
N ARG B 833 5.45 -2.69 15.16
CA ARG B 833 6.08 -1.84 16.16
C ARG B 833 5.46 -2.09 17.52
N THR B 834 6.24 -1.88 18.58
CA THR B 834 5.75 -1.98 19.93
C THR B 834 6.21 -0.76 20.69
N TYR B 835 5.32 0.24 20.78
CA TYR B 835 5.64 1.47 21.49
C TYR B 835 5.59 1.24 23.01
N GLN B 836 6.44 1.95 23.76
CA GLN B 836 6.51 1.71 25.20
C GLN B 836 5.82 2.79 26.02
N THR B 837 4.66 2.42 26.57
CA THR B 837 3.77 3.36 27.25
C THR B 837 4.24 3.85 28.62
N GLU B 838 5.17 3.14 29.24
CA GLU B 838 5.66 3.55 30.55
C GLU B 838 7.15 3.27 30.79
N ALA B 839 7.70 3.90 31.82
CA ALA B 839 9.12 3.80 32.14
C ALA B 839 9.52 2.39 32.53
N ASP B 840 10.74 2.02 32.19
CA ASP B 840 11.29 0.69 32.46
C ASP B 840 10.47 -0.43 31.82
N ASP B 841 9.87 -0.14 30.66
CA ASP B 841 9.24 -1.17 29.86
C ASP B 841 10.31 -1.89 29.05
N ASP B 842 10.29 -3.21 29.11
CA ASP B 842 11.12 -4.03 28.22
C ASP B 842 10.57 -3.83 26.81
N LEU B 843 11.43 -3.96 25.80
CA LEU B 843 11.02 -3.67 24.43
C LEU B 843 9.86 -4.56 23.95
N ASP B 844 9.71 -5.72 24.57
CA ASP B 844 8.52 -6.55 24.34
C ASP B 844 7.23 -5.86 24.81
N GLU B 845 7.33 -5.12 25.91
CA GLU B 845 6.16 -4.52 26.56
C GLU B 845 5.61 -3.29 25.83
N GLY B 846 4.33 -2.99 26.07
CA GLY B 846 3.71 -1.78 25.54
C GLY B 846 2.64 -2.05 24.50
N ILE B 847 2.10 -0.99 23.92
CA ILE B 847 1.11 -1.12 22.85
C ILE B 847 1.73 -1.71 21.59
N ARG B 848 1.03 -2.64 20.95
CA ARG B 848 1.51 -3.26 19.71
C ARG B 848 0.72 -2.76 18.51
N MET B 849 1.42 -2.46 17.42
CA MET B 849 0.79 -1.84 16.25
C MET B 849 1.37 -2.38 14.96
N THR B 850 0.54 -2.36 13.93
CA THR B 850 0.95 -2.76 12.59
C THR B 850 0.15 -1.95 11.58
N THR B 851 0.74 -1.73 10.41
CA THR B 851 0.10 -0.93 9.37
C THR B 851 -1.10 -1.67 8.81
N TYR B 852 -2.05 -0.90 8.30
CA TYR B 852 -3.27 -1.47 7.76
C TYR B 852 -2.90 -2.37 6.60
N ASP B 853 -1.82 -2.03 5.90
CA ASP B 853 -1.39 -2.79 4.74
C ASP B 853 -1.01 -4.22 5.11
N GLN B 854 -0.36 -4.40 6.25
CA GLN B 854 0.05 -5.72 6.69
C GLN B 854 -1.18 -6.52 7.10
N TYR B 855 -2.09 -5.86 7.82
CA TYR B 855 -3.27 -6.56 8.32
C TYR B 855 -4.14 -7.02 7.17
N LEU B 856 -4.20 -6.16 6.15
CA LEU B 856 -4.93 -6.44 4.93
C LEU B 856 -4.24 -7.58 4.18
N SER B 857 -2.91 -7.65 4.29
CA SER B 857 -2.14 -8.63 3.54
C SER B 857 -2.05 -9.99 4.23
N HIS B 858 -2.48 -10.07 5.48
CA HIS B 858 -2.22 -11.26 6.28
C HIS B 858 -3.35 -11.61 7.24
N ILE B 859 -3.55 -10.75 8.22
CA ILE B 859 -4.55 -10.97 9.25
C ILE B 859 -6.00 -11.05 8.75
N ARG B 860 -6.34 -10.23 7.75
CA ARG B 860 -7.74 -10.11 7.36
C ARG B 860 -8.29 -11.36 6.71
N GLU B 861 -7.60 -11.84 5.68
CA GLU B 861 -8.12 -12.96 4.91
C GLU B 861 -8.28 -14.16 5.83
N ARG B 862 -7.35 -14.30 6.77
CA ARG B 862 -7.42 -15.39 7.75
C ARG B 862 -8.57 -15.19 8.73
N LEU B 863 -8.92 -13.93 9.00
CA LEU B 863 -10.17 -13.69 9.71
C LEU B 863 -11.39 -14.13 8.90
N HIS B 864 -11.36 -13.94 7.59
CA HIS B 864 -12.49 -14.40 6.77
C HIS B 864 -12.56 -15.92 6.80
N ILE B 865 -11.39 -16.55 6.82
CA ILE B 865 -11.32 -17.98 6.85
C ILE B 865 -11.87 -18.50 8.17
N THR B 866 -11.56 -17.80 9.25
CA THR B 866 -11.94 -18.27 10.57
C THR B 866 -13.38 -17.90 10.90
N ASN B 867 -14.04 -17.18 9.99
CA ASN B 867 -15.47 -16.89 10.10
C ASN B 867 -15.89 -16.13 11.36
N VAL B 868 -15.26 -14.98 11.57
CA VAL B 868 -15.52 -14.15 12.74
C VAL B 868 -15.85 -12.73 12.26
N PRO B 869 -16.59 -11.96 13.07
CA PRO B 869 -16.94 -10.59 12.67
C PRO B 869 -15.69 -9.75 12.52
N ASP B 870 -15.66 -8.79 11.60
CA ASP B 870 -14.47 -7.96 11.45
C ASP B 870 -14.25 -7.19 12.75
N PRO B 871 -12.98 -7.00 13.14
CA PRO B 871 -12.62 -6.33 14.39
C PRO B 871 -13.06 -4.87 14.40
N ILE B 872 -13.45 -4.38 15.58
CA ILE B 872 -14.00 -3.02 15.72
C ILE B 872 -12.96 -1.95 15.46
N TYR B 873 -13.42 -0.84 14.89
CA TYR B 873 -12.63 0.37 14.86
C TYR B 873 -12.63 1.02 16.24
N ILE B 874 -11.53 1.67 16.61
CA ILE B 874 -11.48 2.37 17.90
C ILE B 874 -11.30 3.88 17.72
N THR B 875 -12.21 4.65 18.31
CA THR B 875 -12.29 6.09 18.09
C THR B 875 -11.88 6.92 19.30
N GLY B 876 -11.45 6.25 20.35
CA GLY B 876 -11.05 6.95 21.57
C GLY B 876 -12.24 7.26 22.43
N ALA B 877 -13.43 7.00 21.89
CA ALA B 877 -14.66 6.96 22.66
C ALA B 877 -14.85 5.53 23.13
N SER B 878 -13.88 4.68 22.76
CA SER B 878 -13.93 3.26 23.04
C SER B 878 -13.60 2.91 24.49
N THR B 879 -14.55 2.31 25.18
CA THR B 879 -14.32 1.76 26.50
C THR B 879 -13.49 0.49 26.30
N PRO B 880 -12.69 0.11 27.31
CA PRO B 880 -11.95 -1.14 27.21
C PRO B 880 -12.90 -2.33 27.02
N ASP B 881 -14.09 -2.26 27.61
CA ASP B 881 -15.07 -3.33 27.51
C ASP B 881 -15.56 -3.61 26.09
N GLN B 882 -15.68 -2.55 25.27
CA GLN B 882 -16.06 -2.70 23.86
C GLN B 882 -14.97 -3.42 23.08
N ILE B 883 -13.72 -3.09 23.42
CA ILE B 883 -12.58 -3.76 22.83
C ILE B 883 -12.56 -5.22 23.22
N ALA B 884 -12.83 -5.50 24.50
CA ALA B 884 -12.84 -6.87 24.98
C ALA B 884 -13.93 -7.63 24.28
N ALA B 885 -15.04 -6.96 24.02
CA ALA B 885 -16.16 -7.59 23.33
C ALA B 885 -15.74 -7.95 21.90
N SER B 886 -14.89 -7.12 21.30
CA SER B 886 -14.43 -7.44 19.95
C SER B 886 -13.43 -8.57 19.93
N VAL B 887 -12.48 -8.54 20.87
CA VAL B 887 -11.46 -9.58 20.94
C VAL B 887 -12.10 -10.93 21.29
N GLN B 888 -13.21 -10.88 22.01
CA GLN B 888 -13.97 -12.09 22.26
C GLN B 888 -14.72 -12.55 20.99
N ALA B 889 -15.38 -11.61 20.31
CA ALA B 889 -16.18 -11.95 19.13
C ALA B 889 -15.32 -12.49 18.00
N THR B 890 -14.07 -12.03 17.95
CA THR B 890 -13.12 -12.45 16.94
C THR B 890 -11.87 -12.71 17.73
N HIS B 891 -11.53 -13.98 17.89
CA HIS B 891 -10.68 -14.39 18.99
C HIS B 891 -9.24 -13.92 18.86
N VAL B 892 -8.86 -13.48 17.66
CA VAL B 892 -7.60 -12.78 17.46
C VAL B 892 -7.60 -11.45 18.21
N ALA B 893 -6.52 -11.15 18.91
CA ALA B 893 -6.42 -9.91 19.68
C ALA B 893 -6.06 -8.74 18.79
N VAL B 894 -7.04 -8.23 18.04
CA VAL B 894 -6.78 -7.18 17.06
C VAL B 894 -7.94 -6.21 16.95
N VAL B 895 -7.62 -4.91 16.88
CA VAL B 895 -8.62 -3.87 16.67
C VAL B 895 -8.06 -2.82 15.72
N LEU B 896 -8.89 -2.35 14.79
CA LEU B 896 -8.44 -1.35 13.82
C LEU B 896 -8.53 0.05 14.43
N TYR B 897 -7.46 0.82 14.36
CA TYR B 897 -7.55 2.23 14.74
C TYR B 897 -8.36 2.97 13.70
N GLN B 898 -9.20 3.90 14.14
CA GLN B 898 -9.97 4.73 13.20
C GLN B 898 -9.55 6.19 13.23
N SER B 899 -9.95 6.91 14.28
CA SER B 899 -9.65 8.33 14.41
C SER B 899 -9.79 8.81 15.84
N GLY B 900 -9.15 9.94 16.15
CA GLY B 900 -9.26 10.56 17.46
C GLY B 900 -8.23 10.05 18.45
N VAL B 901 -8.04 10.79 19.54
CA VAL B 901 -7.18 10.36 20.64
C VAL B 901 -7.84 9.21 21.39
N ILE B 902 -7.04 8.21 21.76
CA ILE B 902 -7.55 7.05 22.50
C ILE B 902 -7.30 7.22 24.00
N ASN B 903 -8.36 7.13 24.79
CA ASN B 903 -8.27 7.38 26.23
C ASN B 903 -7.41 6.38 26.96
N GLY B 904 -6.83 6.80 28.08
CA GLY B 904 -5.86 5.98 28.80
C GLY B 904 -6.29 4.65 29.37
N PRO B 905 -7.53 4.52 29.90
CA PRO B 905 -7.95 3.17 30.27
C PRO B 905 -7.94 2.19 29.09
N ALA B 906 -8.31 2.67 27.92
CA ALA B 906 -8.25 1.85 26.71
C ALA B 906 -6.80 1.52 26.33
N SER B 907 -5.90 2.45 26.60
CA SER B 907 -4.49 2.25 26.28
C SER B 907 -3.89 1.18 27.19
N THR B 908 -4.22 1.27 28.48
CA THR B 908 -3.76 0.27 29.44
C THR B 908 -4.41 -1.08 29.18
N TYR B 909 -5.62 -1.07 28.62
CA TYR B 909 -6.23 -2.33 28.23
C TYR B 909 -5.47 -2.95 27.06
N LEU B 910 -5.21 -2.15 26.03
CA LEU B 910 -4.53 -2.64 24.84
C LEU B 910 -3.11 -3.09 25.17
N ARG B 911 -2.53 -2.48 26.19
CA ARG B 911 -1.18 -2.83 26.61
C ARG B 911 -1.17 -4.12 27.44
N GLU B 912 -2.06 -4.18 28.42
CA GLU B 912 -2.11 -5.34 29.33
C GLU B 912 -2.54 -6.61 28.62
N ASN B 913 -3.36 -6.45 27.59
CA ASN B 913 -3.94 -7.60 26.89
C ASN B 913 -3.30 -7.86 25.53
N GLU B 914 -2.21 -7.15 25.24
CA GLU B 914 -1.42 -7.36 24.04
C GLU B 914 -2.23 -7.26 22.75
N VAL B 915 -3.35 -6.55 22.81
CA VAL B 915 -4.20 -6.34 21.64
C VAL B 915 -3.49 -5.50 20.59
N LEU B 916 -3.58 -5.93 19.34
CA LEU B 916 -2.83 -5.32 18.26
C LEU B 916 -3.65 -4.26 17.55
N VAL B 917 -3.33 -2.99 17.80
CA VAL B 917 -3.95 -1.90 17.04
C VAL B 917 -3.44 -1.86 15.60
N VAL B 918 -4.33 -1.57 14.65
CA VAL B 918 -3.94 -1.53 13.24
C VAL B 918 -4.00 -0.12 12.69
N MET B 919 -2.89 0.59 12.80
CA MET B 919 -2.79 1.98 12.37
C MET B 919 -2.71 2.10 10.85
N PRO B 920 -3.50 3.01 10.27
CA PRO B 920 -3.47 3.25 8.82
C PRO B 920 -2.09 3.66 8.31
N ASP B 921 -1.35 4.38 9.15
CA ASP B 921 0.00 4.83 8.83
C ASP B 921 0.71 5.26 10.11
N TYR B 922 2.02 5.44 10.04
CA TYR B 922 2.81 5.75 11.23
C TYR B 922 3.12 7.24 11.47
N TYR B 923 2.42 8.13 10.77
CA TYR B 923 2.69 9.56 10.93
C TYR B 923 2.18 10.08 12.27
N ASP B 924 3.10 10.50 13.13
CA ASP B 924 2.77 11.08 14.44
C ASP B 924 1.80 10.20 15.24
N VAL B 925 2.15 8.93 15.41
CA VAL B 925 1.26 7.99 16.09
C VAL B 925 0.93 8.37 17.54
N VAL B 926 1.82 9.08 18.22
CA VAL B 926 1.60 9.43 19.62
C VAL B 926 0.48 10.45 19.79
N SER B 927 0.20 11.20 18.73
CA SER B 927 -0.94 12.11 18.73
C SER B 927 -2.23 11.30 18.80
N ARG B 928 -2.15 10.05 18.35
CA ARG B 928 -3.31 9.16 18.34
C ARG B 928 -3.65 8.55 19.70
N PHE B 929 -2.73 8.67 20.66
CA PHE B 929 -3.00 8.17 22.01
C PHE B 929 -3.00 9.26 23.08
N ALA B 930 -3.71 9.01 24.17
CA ALA B 930 -3.67 9.91 25.31
C ALA B 930 -2.46 9.60 26.16
N ASN B 931 -1.31 10.07 25.72
CA ASN B 931 -0.07 9.84 26.44
C ASN B 931 0.00 10.73 27.67
N ALA B 932 -0.97 10.56 28.56
CA ALA B 932 -1.05 11.36 29.78
C ALA B 932 0.15 11.07 30.67
N ASN B 933 0.64 9.83 30.59
CA ASN B 933 1.83 9.43 31.32
C ASN B 933 3.09 10.15 30.81
N LEU B 934 3.01 10.60 29.56
CA LEU B 934 4.13 11.27 28.89
C LEU B 934 5.38 10.40 28.84
N GLN B 935 5.19 9.09 28.75
CA GLN B 935 6.29 8.16 28.58
C GLN B 935 6.38 7.72 27.13
N MET B 936 5.23 7.52 26.52
CA MET B 936 5.13 7.11 25.12
C MET B 936 5.73 8.18 24.23
N ASN B 937 6.46 7.76 23.20
CA ASN B 937 7.13 8.70 22.31
C ASN B 937 7.22 8.18 20.88
N ASN B 938 7.20 9.09 19.93
CA ASN B 938 7.19 8.73 18.51
C ASN B 938 8.41 7.93 18.06
N ASN B 939 9.53 8.13 18.75
CA ASN B 939 10.77 7.43 18.44
C ASN B 939 11.06 6.27 19.39
N ARG B 940 10.21 6.09 20.38
CA ARG B 940 10.41 5.02 21.36
C ARG B 940 9.49 3.85 21.06
N TYR B 941 10.03 2.89 20.30
CA TYR B 941 9.26 1.71 19.90
C TYR B 941 10.20 0.60 19.48
N HIS B 942 9.65 -0.60 19.31
CA HIS B 942 10.46 -1.71 18.83
C HIS B 942 9.81 -2.49 17.67
N GLU B 943 10.43 -2.43 16.50
CA GLU B 943 10.02 -3.26 15.36
C GLU B 943 10.30 -4.74 15.65
N SER B 944 9.42 -5.62 15.22
CA SER B 944 9.62 -7.06 15.37
C SER B 944 8.67 -7.83 14.48
N VAL B 945 9.10 -8.98 13.98
CA VAL B 945 8.18 -9.86 13.26
C VAL B 945 7.27 -10.55 14.27
N LEU B 946 6.04 -10.82 13.85
CA LEU B 946 5.06 -11.47 14.70
C LEU B 946 4.38 -12.56 13.89
N GLU B 947 4.58 -13.81 14.28
CA GLU B 947 4.07 -14.94 13.52
C GLU B 947 2.56 -15.02 13.61
N ILE B 948 1.92 -15.55 12.57
CA ILE B 948 0.48 -15.73 12.58
C ILE B 948 0.09 -16.72 13.68
N ALA B 949 1.00 -17.65 13.97
CA ALA B 949 0.82 -18.59 15.08
C ALA B 949 0.76 -17.85 16.41
N ASP B 950 1.37 -16.67 16.47
CA ASP B 950 1.37 -15.88 17.69
C ASP B 950 0.08 -15.08 17.87
N ILE B 951 -0.78 -15.04 16.84
CA ILE B 951 -2.08 -14.38 16.97
C ILE B 951 -3.27 -15.31 16.82
N PHE B 952 -3.31 -16.05 15.71
CA PHE B 952 -4.32 -17.10 15.53
C PHE B 952 -3.97 -18.37 16.31
N ASP B 953 -5.00 -19.12 16.68
CA ASP B 953 -4.80 -20.44 17.30
C ASP B 953 -6.05 -21.29 17.07
N GLN B 954 -6.13 -21.90 15.91
CA GLN B 954 -7.28 -22.71 15.54
C GLN B 954 -6.78 -24.06 15.06
N ALA B 955 -7.15 -25.11 15.79
CA ALA B 955 -6.42 -26.38 15.75
C ALA B 955 -6.36 -27.08 14.39
N ASP B 956 -7.41 -26.96 13.58
CA ASP B 956 -7.44 -27.64 12.29
C ASP B 956 -7.05 -26.67 11.17
N PHE B 957 -6.72 -25.46 11.58
CA PHE B 957 -6.38 -24.39 10.65
C PHE B 957 -4.87 -24.18 10.66
N ILE B 958 -4.35 -23.81 11.82
CA ILE B 958 -2.98 -23.38 11.96
C ILE B 958 -2.31 -24.18 13.05
N GLN B 959 -1.40 -25.06 12.67
CA GLN B 959 -0.69 -25.87 13.65
C GLN B 959 0.09 -24.93 14.54
N THR B 960 -0.01 -25.13 15.84
CA THR B 960 0.44 -24.11 16.77
C THR B 960 0.92 -24.70 18.10
N SER B 961 1.04 -26.03 18.14
CA SER B 961 1.56 -26.69 19.33
C SER B 961 3.03 -26.36 19.47
N ASP B 962 3.52 -26.33 20.72
CA ASP B 962 4.86 -25.84 21.03
C ASP B 962 5.95 -26.66 20.37
N ALA B 963 5.66 -27.93 20.07
CA ALA B 963 6.64 -28.78 19.40
C ALA B 963 6.96 -28.28 17.99
N VAL B 964 5.92 -27.92 17.25
CA VAL B 964 6.06 -27.39 15.91
C VAL B 964 6.70 -25.99 15.90
N ARG B 965 6.50 -25.26 16.99
CA ARG B 965 7.10 -23.94 17.13
C ARG B 965 8.60 -24.10 17.38
N GLN B 966 8.91 -25.03 18.28
CA GLN B 966 10.27 -25.33 18.68
C GLN B 966 11.00 -25.81 17.45
N LEU B 967 10.24 -26.46 16.56
CA LEU B 967 10.73 -26.88 15.27
C LEU B 967 11.00 -25.70 14.35
N ARG B 968 10.07 -24.75 14.31
CA ARG B 968 10.22 -23.59 13.43
C ARG B 968 11.40 -22.70 13.82
N ALA B 969 11.73 -22.69 15.10
CA ALA B 969 12.87 -21.89 15.56
C ALA B 969 14.15 -22.39 14.92
N LEU B 970 14.21 -23.70 14.73
CA LEU B 970 15.38 -24.37 14.16
C LEU B 970 15.51 -24.14 12.66
N MET B 971 14.40 -23.76 12.03
CA MET B 971 14.38 -23.52 10.58
C MET B 971 15.23 -22.30 10.22
N PRO B 972 16.07 -22.45 9.20
CA PRO B 972 16.76 -21.32 8.60
C PRO B 972 15.72 -20.45 7.92
N THR B 973 15.99 -19.16 7.74
CA THR B 973 15.04 -18.30 7.04
C THR B 973 14.78 -18.87 5.63
N LEU B 974 13.50 -18.89 5.24
CA LEU B 974 13.07 -19.63 4.05
C LEU B 974 12.57 -18.76 2.90
N SER B 975 12.16 -19.43 1.83
CA SER B 975 11.56 -18.79 0.67
C SER B 975 10.62 -19.80 0.07
N THR B 976 9.73 -19.36 -0.83
CA THR B 976 8.81 -20.29 -1.46
C THR B 976 9.57 -21.34 -2.27
N SER B 977 10.74 -20.93 -2.77
CA SER B 977 11.64 -21.85 -3.48
C SER B 977 12.19 -22.93 -2.58
N GLN B 978 12.71 -22.53 -1.43
CA GLN B 978 13.31 -23.49 -0.51
C GLN B 978 12.27 -24.46 -0.02
N ILE B 979 11.07 -23.93 0.17
CA ILE B 979 9.94 -24.72 0.64
C ILE B 979 9.51 -25.75 -0.40
N ARG B 980 9.45 -25.30 -1.66
CA ARG B 980 9.10 -26.19 -2.76
C ARG B 980 10.14 -27.29 -2.86
N HIS B 981 11.39 -26.92 -2.61
CA HIS B 981 12.45 -27.91 -2.69
C HIS B 981 12.29 -28.94 -1.58
N ALA B 982 11.92 -28.48 -0.39
CA ALA B 982 11.74 -29.37 0.76
C ALA B 982 10.66 -30.37 0.44
N ILE B 983 9.56 -29.84 -0.07
CA ILE B 983 8.43 -30.68 -0.42
C ILE B 983 8.83 -31.72 -1.45
N GLU B 984 9.61 -31.29 -2.46
CA GLU B 984 10.06 -32.24 -3.49
C GLU B 984 10.90 -33.35 -2.88
N ARG B 985 11.72 -33.00 -1.89
CA ARG B 985 12.59 -34.00 -1.26
C ARG B 985 11.80 -35.00 -0.44
N ILE B 986 10.83 -34.51 0.32
CA ILE B 986 10.00 -35.42 1.10
C ILE B 986 9.25 -36.33 0.12
N ALA B 987 8.89 -35.76 -1.03
CA ALA B 987 8.15 -36.51 -2.05
C ALA B 987 9.00 -37.61 -2.64
N GLN B 988 10.30 -37.36 -2.78
CA GLN B 988 11.18 -38.38 -3.35
C GLN B 988 11.72 -39.34 -2.30
N ILE B 989 11.49 -39.05 -1.03
CA ILE B 989 11.83 -40.01 0.01
C ILE B 989 10.76 -41.08 0.10
N THR B 990 9.50 -40.67 -0.07
CA THR B 990 8.38 -41.58 0.05
C THR B 990 7.77 -41.92 -1.31
N ASP B 991 8.30 -42.94 -1.96
CA ASP B 991 7.80 -43.37 -3.26
C ASP B 991 6.52 -44.19 -3.09
N VAL B 992 5.39 -43.50 -3.17
CA VAL B 992 4.09 -44.08 -2.81
C VAL B 992 3.66 -45.27 -3.66
N ASP B 993 3.01 -46.23 -3.02
CA ASP B 993 2.43 -47.38 -3.68
C ASP B 993 1.26 -46.98 -4.58
N SER B 994 1.17 -47.61 -5.74
CA SER B 994 0.09 -47.32 -6.67
C SER B 994 -0.23 -48.53 -7.55
N THR B 995 -1.52 -48.75 -7.79
CA THR B 995 -1.99 -49.75 -8.72
C THR B 995 -1.70 -49.26 -10.14
N ASP B 996 -1.61 -50.18 -11.09
CA ASP B 996 -1.25 -49.82 -12.45
C ASP B 996 -2.22 -48.80 -13.09
N TYR B 997 -3.51 -48.92 -12.75
CA TYR B 997 -4.48 -47.91 -13.17
C TYR B 997 -4.17 -46.55 -12.54
N GLY B 998 -3.61 -46.58 -11.33
CA GLY B 998 -3.20 -45.37 -10.68
C GLY B 998 -1.99 -44.74 -11.33
N LYS B 999 -1.06 -45.57 -11.80
CA LYS B 999 0.11 -45.05 -12.50
C LYS B 999 -0.35 -44.39 -13.79
N LEU B 1000 -1.37 -44.99 -14.39
CA LEU B 1000 -1.95 -44.46 -15.62
C LEU B 1000 -2.65 -43.11 -15.40
N THR B 1001 -3.41 -43.01 -14.31
CA THR B 1001 -4.09 -41.75 -14.00
C THR B 1001 -3.08 -40.69 -13.60
N LEU B 1002 -1.97 -41.14 -13.03
CA LEU B 1002 -0.92 -40.23 -12.65
C LEU B 1002 -0.32 -39.62 -13.89
N ARG B 1003 0.11 -40.46 -14.83
CA ARG B 1003 0.73 -39.92 -16.04
C ARG B 1003 -0.27 -39.14 -16.92
N PHE B 1004 -1.56 -39.48 -16.83
CA PHE B 1004 -2.58 -38.74 -17.55
C PHE B 1004 -2.77 -37.30 -17.07
N LEU B 1005 -2.54 -37.05 -15.78
CA LEU B 1005 -2.90 -35.75 -15.18
C LEU B 1005 -2.14 -34.49 -15.65
N GLY B 1006 -0.81 -34.49 -15.71
CA GLY B 1006 0.05 -35.57 -15.25
C GLY B 1006 1.47 -35.11 -14.98
N THR B 1007 1.62 -34.02 -14.24
CA THR B 1007 2.94 -33.43 -14.01
C THR B 1007 3.06 -32.48 -12.80
N LEU B 1008 3.25 -31.19 -13.08
CA LEU B 1008 3.50 -30.15 -12.08
C LEU B 1008 2.33 -29.86 -11.15
N THR B 1009 2.65 -29.55 -9.90
CA THR B 1009 1.67 -29.14 -8.91
C THR B 1009 2.12 -27.83 -8.25
N ARG B 1010 3.39 -27.50 -8.44
CA ARG B 1010 4.07 -26.48 -7.64
C ARG B 1010 3.53 -25.06 -7.79
N SER B 1011 2.80 -24.80 -8.85
CA SER B 1011 2.32 -23.43 -9.11
C SER B 1011 1.39 -22.90 -8.01
N LEU B 1012 0.57 -23.76 -7.43
CA LEU B 1012 -0.34 -23.32 -6.38
C LEU B 1012 0.35 -22.95 -5.07
N LYS B 1013 -0.05 -21.86 -4.45
CA LYS B 1013 0.33 -21.58 -3.07
C LYS B 1013 -0.58 -22.39 -2.15
N MET B 1014 -0.08 -22.80 -0.99
CA MET B 1014 -0.87 -23.68 -0.14
C MET B 1014 -0.76 -23.39 1.35
N GLN B 1015 -0.34 -22.17 1.68
CA GLN B 1015 0.13 -21.85 3.02
C GLN B 1015 -0.88 -22.10 4.14
N ASN B 1016 -2.13 -21.68 3.93
CA ASN B 1016 -3.21 -21.98 4.85
C ASN B 1016 -4.39 -22.18 3.95
N ALA B 1017 -4.14 -22.90 2.86
CA ALA B 1017 -5.12 -23.05 1.81
C ALA B 1017 -6.41 -23.65 2.36
N GLN B 1018 -7.53 -23.12 1.90
CA GLN B 1018 -8.85 -23.58 2.33
C GLN B 1018 -9.69 -23.73 1.08
N ILE B 1019 -10.78 -24.48 1.19
CA ILE B 1019 -11.70 -24.58 0.06
C ILE B 1019 -12.92 -23.71 0.34
N ARG B 1020 -13.19 -22.75 -0.54
CA ARG B 1020 -14.31 -21.84 -0.31
C ARG B 1020 -14.99 -21.46 -1.62
N ARG B 1021 -16.31 -21.28 -1.59
CA ARG B 1021 -17.05 -20.80 -2.76
C ARG B 1021 -16.70 -19.34 -3.02
N ILE B 1022 -16.57 -18.98 -4.29
CA ILE B 1022 -16.47 -17.57 -4.62
C ILE B 1022 -17.76 -17.13 -5.27
N ARG B 1023 -18.10 -15.86 -5.10
CA ARG B 1023 -19.25 -15.29 -5.76
C ARG B 1023 -18.90 -15.24 -7.24
N PRO B 1024 -19.90 -15.33 -8.12
CA PRO B 1024 -19.66 -15.17 -9.56
C PRO B 1024 -19.04 -13.79 -9.84
N ASP B 1025 -19.35 -12.82 -8.98
CA ASP B 1025 -18.68 -11.52 -9.00
C ASP B 1025 -17.17 -11.68 -8.74
N GLY B 1026 -16.77 -12.79 -8.14
CA GLY B 1026 -15.35 -13.07 -7.97
C GLY B 1026 -14.80 -12.88 -6.56
N THR B 1027 -15.61 -12.32 -5.67
CA THR B 1027 -15.26 -12.24 -4.25
C THR B 1027 -15.31 -13.62 -3.59
N VAL B 1028 -14.38 -13.87 -2.67
CA VAL B 1028 -14.30 -15.17 -2.01
C VAL B 1028 -15.15 -15.22 -0.75
N LEU B 1029 -16.15 -16.09 -0.75
CA LEU B 1029 -17.08 -16.20 0.38
C LEU B 1029 -16.52 -16.92 1.61
N ARG B 1030 -17.02 -16.54 2.78
CA ARG B 1030 -16.77 -17.25 4.03
C ARG B 1030 -17.53 -18.58 4.01
N TYR B 1031 -17.05 -19.56 4.76
CA TYR B 1031 -17.74 -20.86 4.85
C TYR B 1031 -19.15 -20.71 5.45
N ASP B 1032 -20.18 -21.03 4.66
CA ASP B 1032 -21.56 -20.99 5.16
C ASP B 1032 -21.89 -22.33 5.78
N ASP B 1033 -22.22 -22.31 7.06
CA ASP B 1033 -22.50 -23.56 7.79
C ASP B 1033 -23.71 -24.26 7.20
N GLN B 1034 -24.54 -23.49 6.47
CA GLN B 1034 -25.76 -24.03 5.88
C GLN B 1034 -25.68 -24.35 4.40
N ILE B 1035 -24.69 -23.80 3.69
CA ILE B 1035 -24.59 -24.03 2.25
C ILE B 1035 -23.42 -24.89 1.82
N ASP B 1036 -22.21 -24.46 2.16
CA ASP B 1036 -21.02 -25.23 1.86
C ASP B 1036 -21.04 -26.54 2.66
N ILE B 1037 -20.52 -27.63 2.10
CA ILE B 1037 -20.47 -28.91 2.82
C ILE B 1037 -19.52 -28.85 4.03
N GLU B 1038 -19.80 -29.66 5.04
CA GLU B 1038 -19.15 -29.52 6.34
C GLU B 1038 -17.64 -29.71 6.24
N ALA B 1039 -17.21 -30.58 5.33
CA ALA B 1039 -15.81 -30.99 5.27
C ALA B 1039 -14.90 -29.87 4.79
N PHE B 1040 -15.50 -28.86 4.18
CA PHE B 1040 -14.76 -27.75 3.61
C PHE B 1040 -14.40 -26.65 4.61
N ARG B 1041 -14.86 -26.77 5.85
CA ARG B 1041 -14.67 -25.71 6.83
C ARG B 1041 -13.20 -25.50 7.13
N TRP B 1042 -12.50 -26.59 7.41
CA TRP B 1042 -11.05 -26.54 7.52
C TRP B 1042 -10.51 -27.69 6.72
N SER B 1043 -9.69 -27.40 5.72
CA SER B 1043 -8.92 -28.48 5.15
C SER B 1043 -7.98 -28.74 6.30
N ARG B 1044 -8.08 -29.91 6.90
CA ARG B 1044 -7.26 -30.18 8.05
C ARG B 1044 -5.88 -30.48 7.50
N TYR B 1045 -5.25 -29.40 7.02
CA TYR B 1045 -3.97 -29.44 6.32
C TYR B 1045 -3.99 -30.46 5.19
N PHE B 1046 -5.17 -30.78 4.70
CA PHE B 1046 -5.33 -31.79 3.67
C PHE B 1046 -4.78 -33.14 4.09
N LEU B 1047 -4.99 -33.47 5.36
CA LEU B 1047 -4.52 -34.74 5.90
C LEU B 1047 -5.66 -35.60 6.50
N ASP B 1048 -5.45 -36.92 6.50
CA ASP B 1048 -6.41 -37.87 7.05
C ASP B 1048 -6.55 -37.67 8.56
N GLU B 1049 -7.68 -38.06 9.13
CA GLU B 1049 -7.87 -37.98 10.58
C GLU B 1049 -6.81 -38.78 11.33
N LEU B 1050 -6.50 -39.97 10.80
CA LEU B 1050 -5.50 -40.82 11.43
C LEU B 1050 -4.10 -40.23 11.41
N GLN B 1051 -3.78 -39.50 10.35
CA GLN B 1051 -2.48 -38.85 10.28
C GLN B 1051 -2.35 -37.76 11.31
N LEU B 1052 -3.43 -37.04 11.57
CA LEU B 1052 -3.42 -36.06 12.65
C LEU B 1052 -3.27 -36.71 14.02
N ARG B 1053 -4.00 -37.81 14.22
CA ARG B 1053 -3.91 -38.50 15.50
C ARG B 1053 -2.51 -38.98 15.79
N ARG B 1054 -1.87 -39.58 14.79
CA ARG B 1054 -0.49 -40.02 14.97
C ARG B 1054 0.44 -38.83 15.13
N LEU B 1055 0.07 -37.75 14.44
CA LEU B 1055 0.92 -36.58 14.37
C LEU B 1055 1.12 -36.01 15.75
N SER B 1056 0.07 -36.07 16.57
CA SER B 1056 0.24 -35.55 17.93
C SER B 1056 1.29 -36.34 18.71
N VAL B 1057 1.26 -37.66 18.53
CA VAL B 1057 2.19 -38.55 19.21
C VAL B 1057 3.63 -38.29 18.77
N GLY B 1058 3.78 -37.98 17.49
CA GLY B 1058 5.09 -37.69 16.97
C GLY B 1058 5.57 -36.38 17.52
N LEU B 1059 4.64 -35.45 17.76
CA LEU B 1059 5.04 -34.18 18.33
C LEU B 1059 5.51 -34.44 19.75
N ARG B 1060 4.93 -35.43 20.40
CA ARG B 1060 5.45 -35.81 21.70
C ARG B 1060 6.85 -36.43 21.61
N LEU B 1061 7.15 -37.08 20.48
CA LEU B 1061 8.46 -37.72 20.31
C LEU B 1061 9.54 -36.69 20.04
N ILE B 1062 9.21 -35.76 19.16
CA ILE B 1062 10.14 -34.72 18.77
C ILE B 1062 10.51 -33.81 19.94
N THR B 1063 9.53 -33.52 20.78
CA THR B 1063 9.73 -32.59 21.88
C THR B 1063 10.44 -33.24 23.07
N ASN B 1064 10.55 -34.57 23.02
CA ASN B 1064 11.16 -35.34 24.11
C ASN B 1064 12.65 -35.09 24.27
N PRO B 1065 13.08 -34.82 25.52
CA PRO B 1065 14.45 -34.40 25.86
C PRO B 1065 15.54 -35.38 25.45
N ARG B 1066 15.23 -36.67 25.49
CA ARG B 1066 16.23 -37.70 25.19
C ARG B 1066 16.70 -37.72 23.73
N ILE B 1067 15.90 -37.16 22.83
CA ILE B 1067 16.31 -37.09 21.43
C ILE B 1067 16.82 -35.69 21.04
N ALA B 1068 16.88 -34.78 22.02
CA ALA B 1068 17.39 -33.43 21.78
C ALA B 1068 18.91 -33.43 21.84
N ARG B 1069 19.52 -34.25 21.02
CA ARG B 1069 20.95 -34.53 21.10
C ARG B 1069 21.86 -33.66 20.26
N ARG B 1070 21.31 -32.63 19.61
CA ARG B 1070 22.20 -31.64 18.98
C ARG B 1070 22.46 -30.48 19.91
N PHE B 1071 23.72 -30.37 20.34
CA PHE B 1071 24.10 -29.45 21.40
C PHE B 1071 24.58 -28.11 20.85
N ASN B 1072 24.20 -27.04 21.54
CA ASN B 1072 24.61 -25.70 21.13
C ASN B 1072 25.66 -25.07 22.02
N GLY B 1073 26.67 -24.47 21.40
CA GLY B 1073 27.65 -23.68 22.09
C GLY B 1073 28.73 -24.51 22.73
N VAL B 1074 29.85 -23.87 23.05
CA VAL B 1074 30.99 -24.58 23.57
C VAL B 1074 31.80 -23.60 24.41
N ARG B 1075 32.49 -24.12 25.42
CA ARG B 1075 33.38 -23.33 26.26
C ARG B 1075 34.81 -23.83 26.12
N ILE B 1076 35.62 -23.09 25.36
CA ILE B 1076 37.07 -23.28 25.41
C ILE B 1076 37.62 -22.87 26.77
N MET B 1077 38.46 -23.73 27.35
CA MET B 1077 39.06 -23.47 28.65
C MET B 1077 40.22 -24.44 28.81
N TYR B 1078 41.32 -24.00 29.41
CA TYR B 1078 42.54 -24.79 29.41
C TYR B 1078 42.75 -25.57 30.70
N LEU B 1079 41.93 -26.60 30.91
CA LEU B 1079 42.08 -27.44 32.09
C LEU B 1079 42.69 -28.80 31.81
N THR B 1080 43.25 -29.37 32.87
CA THR B 1080 43.61 -30.77 32.91
C THR B 1080 42.36 -31.62 32.78
N ASP B 1081 42.44 -32.74 32.07
CA ASP B 1081 41.32 -33.67 31.99
C ASP B 1081 41.51 -34.83 32.96
N ASP B 1082 41.57 -34.50 34.24
CA ASP B 1082 41.94 -35.49 35.26
C ASP B 1082 40.91 -36.62 35.45
N ASP B 1083 39.63 -36.27 35.61
CA ASP B 1083 38.57 -37.25 35.83
C ASP B 1083 37.43 -37.02 34.87
N PRO B 1084 37.54 -37.58 33.65
CA PRO B 1084 36.62 -37.29 32.55
C PRO B 1084 35.17 -37.67 32.86
N ASP B 1085 34.26 -36.82 32.41
CA ASP B 1085 32.83 -37.09 32.42
C ASP B 1085 32.19 -36.11 31.45
N PRO B 1086 31.42 -36.62 30.49
CA PRO B 1086 30.81 -35.82 29.43
C PRO B 1086 29.88 -34.72 29.98
N ASP B 1087 29.22 -35.00 31.09
CA ASP B 1087 28.26 -34.06 31.65
C ASP B 1087 28.93 -32.83 32.28
N PHE B 1088 30.23 -32.90 32.48
CA PHE B 1088 30.97 -31.87 33.22
C PHE B 1088 31.22 -30.59 32.45
N VAL B 1089 30.56 -29.51 32.89
CA VAL B 1089 30.82 -28.18 32.37
C VAL B 1089 31.58 -27.42 33.45
N PRO B 1090 32.86 -27.09 33.20
CA PRO B 1090 33.66 -26.43 34.23
C PRO B 1090 33.12 -25.06 34.62
N ASP B 1091 33.15 -24.76 35.91
CA ASP B 1091 32.64 -23.48 36.39
C ASP B 1091 33.66 -22.40 36.08
N VAL B 1092 33.20 -21.19 35.88
CA VAL B 1092 34.11 -20.05 35.78
C VAL B 1092 34.66 -19.63 37.15
N PRO B 1093 35.99 -19.54 37.27
CA PRO B 1093 36.69 -19.20 38.51
C PRO B 1093 36.31 -17.79 38.97
N GLU B 1094 36.34 -17.57 40.28
CA GLU B 1094 35.70 -16.41 40.89
C GLU B 1094 36.18 -15.04 40.40
N GLY B 1095 37.45 -14.95 39.99
CA GLY B 1095 38.02 -13.66 39.65
C GLY B 1095 37.75 -13.14 38.25
N TYR B 1096 37.09 -13.94 37.42
CA TYR B 1096 36.92 -13.60 36.00
C TYR B 1096 35.90 -12.51 35.79
N VAL B 1097 36.06 -11.77 34.69
CA VAL B 1097 35.05 -10.79 34.28
C VAL B 1097 34.46 -11.10 32.91
N ALA B 1098 33.13 -11.03 32.81
CA ALA B 1098 32.46 -11.21 31.53
C ALA B 1098 32.79 -10.09 30.54
N VAL B 1099 33.07 -10.46 29.30
CA VAL B 1099 33.35 -9.50 28.25
C VAL B 1099 32.76 -10.04 26.95
N GLN B 1100 31.80 -9.31 26.37
CA GLN B 1100 31.30 -9.68 25.05
C GLN B 1100 32.40 -9.47 24.03
N TYR B 1101 32.57 -10.42 23.12
CA TYR B 1101 33.47 -10.21 21.99
C TYR B 1101 32.93 -9.12 21.08
N ALA B 1102 33.83 -8.32 20.54
CA ALA B 1102 33.51 -7.36 19.50
C ALA B 1102 34.79 -7.18 18.73
N HIS B 1103 34.69 -6.93 17.42
CA HIS B 1103 35.89 -6.83 16.60
C HIS B 1103 36.73 -5.68 17.11
N ARG B 1104 36.06 -4.72 17.73
CA ARG B 1104 36.67 -3.50 18.24
C ARG B 1104 37.69 -3.78 19.35
N LEU B 1105 37.54 -4.91 20.04
CA LEU B 1105 38.43 -5.24 21.16
C LEU B 1105 39.84 -5.66 20.76
N PHE B 1106 40.02 -5.99 19.49
CA PHE B 1106 41.31 -6.48 19.02
C PHE B 1106 41.81 -5.61 17.88
N SER B 1107 43.11 -5.38 17.85
CA SER B 1107 43.68 -4.48 16.86
C SER B 1107 45.17 -4.65 16.76
N SER B 1108 45.74 -4.51 15.57
CA SER B 1108 47.19 -4.51 15.46
C SER B 1108 47.74 -3.24 16.09
N SER B 1109 48.81 -3.39 16.86
CA SER B 1109 49.41 -2.27 17.58
C SER B 1109 50.88 -2.53 17.79
N LEU B 1110 51.71 -1.51 17.61
CA LEU B 1110 53.14 -1.64 17.87
C LEU B 1110 53.35 -1.89 19.35
N ALA B 1111 54.21 -2.85 19.67
CA ALA B 1111 54.66 -3.02 21.06
C ALA B 1111 56.18 -2.93 21.16
N ASN B 1112 56.80 -4.00 21.62
CA ASN B 1112 58.24 -4.02 21.70
C ASN B 1112 58.77 -4.44 20.33
N LYS B 1113 58.90 -3.46 19.44
CA LYS B 1113 59.45 -3.69 18.10
C LYS B 1113 58.71 -4.76 17.31
N ARG B 1114 57.41 -4.95 17.59
CA ARG B 1114 56.63 -5.92 16.84
C ARG B 1114 55.15 -5.61 16.89
N ASN B 1115 54.47 -5.76 15.76
CA ASN B 1115 53.02 -5.63 15.75
C ASN B 1115 52.34 -6.77 16.48
N ARG B 1116 51.31 -6.43 17.23
CA ARG B 1116 50.67 -7.37 18.10
C ARG B 1116 49.16 -7.25 18.00
N VAL B 1117 48.48 -8.40 18.08
CA VAL B 1117 47.03 -8.42 18.10
C VAL B 1117 46.66 -8.03 19.50
N THR B 1118 46.74 -6.75 19.77
CA THR B 1118 46.41 -6.20 21.07
C THR B 1118 44.93 -6.38 21.39
N TYR B 1119 44.68 -6.81 22.62
CA TYR B 1119 43.33 -6.86 23.17
C TYR B 1119 43.16 -5.75 24.21
N THR B 1120 42.16 -4.91 24.04
CA THR B 1120 41.87 -3.88 25.05
C THR B 1120 40.65 -4.28 25.87
N HIS B 1121 40.81 -4.26 27.19
CA HIS B 1121 39.85 -4.83 28.10
C HIS B 1121 38.87 -3.73 28.48
N PRO B 1122 37.60 -3.87 28.07
CA PRO B 1122 36.60 -2.80 28.20
C PRO B 1122 36.31 -2.27 29.61
N PRO B 1123 36.38 -3.11 30.66
CA PRO B 1123 36.21 -2.51 31.98
C PRO B 1123 37.23 -1.42 32.33
N THR B 1124 38.47 -1.56 31.87
CA THR B 1124 39.50 -0.58 32.21
C THR B 1124 40.08 0.13 30.98
N GLY B 1125 39.87 -0.47 29.81
CA GLY B 1125 40.26 0.14 28.55
C GLY B 1125 41.71 -0.14 28.19
N MET B 1126 42.45 -0.72 29.13
CA MET B 1126 43.89 -0.94 28.94
C MET B 1126 44.17 -1.96 27.86
N ALA B 1127 45.12 -1.63 26.99
CA ALA B 1127 45.57 -2.54 25.93
C ALA B 1127 46.47 -3.64 26.49
N TYR B 1128 46.36 -4.83 25.91
CA TYR B 1128 47.15 -5.96 26.34
C TYR B 1128 47.80 -6.64 25.13
N PRO B 1129 48.99 -6.15 24.74
CA PRO B 1129 49.68 -6.50 23.49
C PRO B 1129 49.96 -8.01 23.42
N SER B 1130 50.17 -8.64 24.57
CA SER B 1130 50.47 -10.06 24.60
C SER B 1130 49.45 -10.84 25.41
N PRO B 1131 49.18 -12.10 24.99
CA PRO B 1131 48.28 -13.04 25.66
C PRO B 1131 48.65 -13.36 27.10
N THR B 1132 49.92 -13.31 27.46
CA THR B 1132 50.32 -13.68 28.83
C THR B 1132 49.82 -12.79 29.97
N GLY B 1133 49.73 -11.49 29.74
CA GLY B 1133 49.41 -10.60 30.84
C GLY B 1133 47.95 -10.40 31.14
N ARG B 1134 47.09 -10.83 30.22
CA ARG B 1134 45.71 -10.34 30.18
C ARG B 1134 44.94 -10.75 31.42
N PRO B 1135 43.97 -9.91 31.83
CA PRO B 1135 43.14 -10.15 33.01
C PRO B 1135 42.31 -11.40 32.76
N HIS B 1136 41.93 -12.13 33.80
CA HIS B 1136 41.06 -13.28 33.57
C HIS B 1136 39.73 -12.82 32.95
N VAL B 1137 39.36 -13.45 31.85
CA VAL B 1137 38.22 -13.00 31.06
C VAL B 1137 37.33 -14.16 30.67
N HIS B 1138 36.04 -14.04 31.00
CA HIS B 1138 35.05 -15.00 30.55
C HIS B 1138 34.44 -14.45 29.26
N MET B 1139 35.21 -14.51 28.18
CA MET B 1139 34.76 -13.99 26.90
C MET B 1139 33.60 -14.78 26.31
N THR B 1140 32.59 -14.07 25.80
CA THR B 1140 31.44 -14.71 25.19
C THR B 1140 31.34 -14.30 23.72
N ILE B 1141 31.62 -15.23 22.82
CA ILE B 1141 31.58 -14.94 21.40
C ILE B 1141 30.22 -15.31 20.82
N ASN B 1142 29.31 -14.36 20.86
CA ASN B 1142 27.96 -14.60 20.36
C ASN B 1142 27.91 -14.87 18.86
N GLU B 1143 28.85 -14.27 18.13
CA GLU B 1143 28.76 -14.29 16.68
C GLU B 1143 29.80 -15.19 16.03
N ARG B 1144 31.08 -14.79 16.13
CA ARG B 1144 32.23 -15.49 15.54
C ARG B 1144 32.37 -15.30 14.02
N ALA B 1145 31.36 -14.72 13.40
CA ALA B 1145 31.45 -14.28 12.01
C ALA B 1145 32.28 -13.01 11.91
N GLY B 1146 33.04 -12.89 10.82
CA GLY B 1146 33.74 -11.66 10.49
C GLY B 1146 35.06 -11.52 11.21
N MET B 1147 35.23 -12.34 12.23
CA MET B 1147 36.38 -12.29 13.13
C MET B 1147 37.68 -12.62 12.41
N SER B 1148 38.73 -11.85 12.65
CA SER B 1148 40.03 -12.13 12.02
C SER B 1148 40.66 -13.40 12.57
N LYS B 1149 41.29 -14.17 11.69
CA LYS B 1149 41.90 -15.44 12.08
C LYS B 1149 43.04 -15.21 13.07
N LEU B 1150 43.75 -14.08 12.94
CA LEU B 1150 44.76 -13.70 13.93
C LEU B 1150 44.11 -13.46 15.28
N VAL B 1151 42.94 -12.85 15.27
CA VAL B 1151 42.25 -12.58 16.51
C VAL B 1151 41.80 -13.88 17.15
N ALA B 1152 41.48 -14.87 16.32
CA ALA B 1152 41.08 -16.17 16.83
C ALA B 1152 42.26 -16.92 17.45
N ASP B 1153 43.40 -16.89 16.76
CA ASP B 1153 44.62 -17.47 17.29
C ASP B 1153 45.02 -16.75 18.58
N ASN B 1154 44.70 -15.47 18.67
CA ASN B 1154 45.05 -14.69 19.86
C ASN B 1154 44.16 -14.96 21.04
N ILE B 1155 42.89 -15.21 20.76
CA ILE B 1155 41.98 -15.52 21.84
C ILE B 1155 42.34 -16.90 22.37
N ILE B 1156 42.52 -17.86 21.47
CA ILE B 1156 42.87 -19.20 21.96
C ILE B 1156 44.22 -19.20 22.68
N ALA B 1157 45.15 -18.37 22.21
CA ALA B 1157 46.40 -18.22 22.93
C ALA B 1157 46.10 -17.63 24.30
N SER B 1158 45.08 -16.77 24.40
CA SER B 1158 44.76 -16.18 25.68
C SER B 1158 44.15 -17.20 26.62
N VAL B 1159 43.46 -18.17 26.06
CA VAL B 1159 42.89 -19.24 26.87
C VAL B 1159 44.03 -20.02 27.45
N ILE B 1160 45.02 -20.31 26.60
CA ILE B 1160 46.18 -21.08 27.03
C ILE B 1160 47.13 -20.36 28.02
N LYS B 1161 47.27 -19.04 27.86
CA LYS B 1161 48.31 -18.29 28.58
C LYS B 1161 47.79 -17.46 29.72
N SER B 1162 46.69 -16.74 29.47
CA SER B 1162 46.07 -15.94 30.52
C SER B 1162 44.94 -16.68 31.22
N ASN B 1163 44.74 -17.95 30.83
CA ASN B 1163 43.63 -18.75 31.33
C ASN B 1163 42.27 -18.14 31.10
N TRP B 1164 42.06 -17.58 29.92
CA TRP B 1164 40.75 -17.08 29.57
C TRP B 1164 39.81 -18.25 29.50
N VAL B 1165 38.55 -18.00 29.84
CA VAL B 1165 37.50 -18.98 29.60
C VAL B 1165 36.57 -18.42 28.54
N VAL B 1166 36.66 -18.95 27.32
CA VAL B 1166 35.96 -18.35 26.20
C VAL B 1166 34.81 -19.21 25.72
N ASP B 1167 33.59 -18.69 25.85
CA ASP B 1167 32.39 -19.45 25.50
C ASP B 1167 31.84 -19.05 24.13
N ILE B 1168 31.95 -19.98 23.17
CA ILE B 1168 31.49 -19.77 21.79
C ILE B 1168 30.07 -20.28 21.58
N LEU B 1169 29.10 -19.37 21.65
CA LEU B 1169 27.69 -19.72 21.61
C LEU B 1169 27.16 -20.27 20.27
N ASP B 1170 27.78 -19.87 19.16
CA ASP B 1170 27.29 -20.24 17.84
C ASP B 1170 27.37 -21.73 17.49
N ILE B 1171 28.34 -22.44 18.06
CA ILE B 1171 28.63 -23.82 17.67
C ILE B 1171 27.50 -24.82 17.91
N GLU B 1172 27.21 -25.64 16.91
CA GLU B 1172 26.26 -26.73 17.05
C GLU B 1172 27.05 -28.01 16.87
N TYR B 1173 26.78 -29.01 17.70
CA TYR B 1173 27.54 -30.24 17.59
C TYR B 1173 26.79 -31.43 18.15
N THR B 1174 26.96 -32.58 17.51
CA THR B 1174 26.69 -33.88 18.10
C THR B 1174 27.84 -34.26 19.01
N ALA B 1175 27.59 -35.10 20.00
CA ALA B 1175 28.70 -35.54 20.84
C ALA B 1175 28.57 -37.02 21.23
N GLU B 1176 29.60 -37.79 20.91
CA GLU B 1176 29.64 -39.21 21.19
C GLU B 1176 30.45 -39.47 22.45
N VAL B 1177 29.78 -39.92 23.51
CA VAL B 1177 30.49 -40.40 24.69
C VAL B 1177 31.26 -41.69 24.37
N MET B 1178 32.47 -41.81 24.88
CA MET B 1178 33.33 -42.95 24.58
C MET B 1178 33.68 -43.71 25.85
N THR B 1179 33.82 -45.03 25.73
CA THR B 1179 34.37 -45.82 26.83
C THR B 1179 35.88 -45.61 26.88
N PRO B 1180 36.49 -45.78 28.06
CA PRO B 1180 37.95 -45.63 28.15
C PRO B 1180 38.70 -46.61 27.24
N SER B 1181 38.14 -47.80 27.05
CA SER B 1181 38.77 -48.78 26.17
C SER B 1181 38.77 -48.28 24.73
N GLU B 1182 37.71 -47.55 24.36
CA GLU B 1182 37.54 -47.05 23.00
C GLU B 1182 38.56 -45.97 22.66
N GLY B 1183 38.88 -45.12 23.64
CA GLY B 1183 39.77 -43.99 23.42
C GLY B 1183 39.04 -42.89 22.65
N TYR B 1184 39.78 -41.90 22.18
CA TYR B 1184 39.21 -40.92 21.25
C TYR B 1184 39.57 -41.32 19.84
N THR B 1185 38.59 -41.78 19.07
CA THR B 1185 38.83 -42.14 17.70
C THR B 1185 39.17 -40.91 16.82
N GLN B 1186 38.69 -39.73 17.21
CA GLN B 1186 38.94 -38.53 16.40
C GLN B 1186 38.79 -37.20 17.15
N HIS B 1187 39.60 -36.23 16.76
CA HIS B 1187 39.72 -34.95 17.47
C HIS B 1187 39.23 -33.73 16.70
N VAL B 1188 38.91 -32.66 17.43
CA VAL B 1188 38.47 -31.40 16.84
C VAL B 1188 39.44 -30.27 17.20
N ASP B 1189 40.21 -29.81 16.21
CA ASP B 1189 41.15 -28.72 16.43
C ASP B 1189 40.43 -27.43 16.78
N ALA B 1190 41.01 -26.64 17.67
CA ALA B 1190 40.46 -25.34 18.01
C ALA B 1190 40.47 -24.41 16.79
N GLU B 1191 41.36 -24.69 15.84
CA GLU B 1191 41.46 -23.88 14.64
C GLU B 1191 40.16 -23.89 13.87
N SER B 1192 39.47 -25.03 13.89
CA SER B 1192 38.21 -25.14 13.16
C SER B 1192 37.01 -24.66 13.99
N ILE B 1193 37.06 -24.89 15.29
CA ILE B 1193 36.00 -24.44 16.16
C ILE B 1193 35.95 -22.92 16.10
N MET B 1194 37.10 -22.30 15.89
CA MET B 1194 37.22 -20.85 15.89
C MET B 1194 37.04 -20.22 14.53
N THR B 1195 37.18 -21.02 13.47
CA THR B 1195 37.08 -20.49 12.11
C THR B 1195 36.32 -21.43 11.18
N ALA B 1196 35.02 -21.52 11.38
CA ALA B 1196 34.17 -22.30 10.50
C ALA B 1196 32.85 -21.59 10.24
N PRO B 1197 32.16 -21.95 9.14
CA PRO B 1197 30.86 -21.34 8.85
C PRO B 1197 29.86 -21.68 9.95
N LYS B 1198 28.88 -20.81 10.17
CA LYS B 1198 27.98 -20.94 11.32
C LYS B 1198 27.16 -22.23 11.30
N GLY B 1199 26.89 -22.77 10.12
CA GLY B 1199 26.06 -23.96 10.01
C GLY B 1199 26.73 -25.32 10.17
N LYS B 1200 28.05 -25.35 10.23
CA LYS B 1200 28.78 -26.61 10.34
C LYS B 1200 28.44 -27.32 11.64
N LEU B 1201 28.33 -28.64 11.55
CA LEU B 1201 27.96 -29.45 12.70
C LEU B 1201 29.17 -30.24 13.16
N PHE B 1202 29.80 -29.77 14.25
CA PHE B 1202 30.98 -30.45 14.81
C PHE B 1202 30.58 -31.73 15.51
N HIS B 1203 31.49 -32.70 15.58
CA HIS B 1203 31.20 -33.86 16.40
C HIS B 1203 32.25 -34.08 17.49
N LEU B 1204 31.97 -33.55 18.67
CA LEU B 1204 32.88 -33.68 19.80
C LEU B 1204 32.84 -35.09 20.38
N GLN B 1205 33.94 -35.51 20.97
CA GLN B 1205 33.97 -36.77 21.69
C GLN B 1205 34.27 -36.56 23.16
N PHE B 1206 33.81 -37.48 24.00
CA PHE B 1206 34.04 -37.38 25.43
C PHE B 1206 34.25 -38.75 26.04
N MET B 1207 35.44 -38.98 26.61
CA MET B 1207 35.64 -40.19 27.36
C MET B 1207 34.85 -40.11 28.67
N ASP B 1208 34.27 -41.23 29.07
CA ASP B 1208 33.67 -41.37 30.39
C ASP B 1208 34.66 -42.16 31.24
N GLY B 1209 35.28 -41.48 32.20
CA GLY B 1209 36.42 -42.03 32.91
C GLY B 1209 36.07 -42.93 34.07
N LEU B 1210 34.78 -43.20 34.26
CA LEU B 1210 34.31 -43.96 35.40
C LEU B 1210 34.90 -45.36 35.47
N LEU B 1211 35.12 -45.97 34.31
CA LEU B 1211 35.61 -47.34 34.25
C LEU B 1211 37.09 -47.47 33.88
N ARG B 1212 37.87 -46.42 34.10
CA ARG B 1212 39.30 -46.46 33.84
C ARG B 1212 40.01 -47.38 34.81
N PRO B 1213 40.98 -48.18 34.29
CA PRO B 1213 41.76 -49.04 35.18
C PRO B 1213 42.59 -48.24 36.19
N GLU B 1214 42.65 -48.70 37.43
CA GLU B 1214 43.51 -48.11 38.45
C GLU B 1214 44.94 -48.62 38.27
N PRO B 1215 45.94 -47.73 38.33
CA PRO B 1215 47.36 -48.11 38.20
C PRO B 1215 47.82 -48.99 39.37
N SER B 1216 48.76 -49.91 39.10
CA SER B 1216 49.32 -50.77 40.15
C SER B 1216 50.05 -49.88 41.15
N ALA B 1217 49.98 -50.26 42.42
CA ALA B 1217 50.35 -49.35 43.50
C ALA B 1217 51.79 -48.89 43.43
N PHE B 1218 52.63 -49.72 42.82
CA PHE B 1218 54.06 -49.49 42.84
C PHE B 1218 54.61 -48.83 41.57
N ASP B 1219 53.90 -48.94 40.46
CA ASP B 1219 54.43 -48.49 39.16
C ASP B 1219 54.73 -46.99 39.18
N PRO B 1220 55.94 -46.62 38.73
CA PRO B 1220 56.46 -45.25 38.65
C PRO B 1220 55.63 -44.37 37.70
N PRO B 1221 55.47 -43.07 38.03
CA PRO B 1221 54.57 -42.18 37.30
C PRO B 1221 54.99 -41.97 35.84
N ALA B 1222 54.00 -41.79 34.96
CA ALA B 1222 54.25 -41.37 33.59
C ALA B 1222 54.61 -39.88 33.58
N SER B 1223 55.37 -39.46 32.57
CA SER B 1223 55.77 -38.06 32.48
C SER B 1223 54.68 -37.06 32.07
N GLY B 1224 53.66 -37.53 31.32
CA GLY B 1224 52.69 -36.62 30.72
C GLY B 1224 51.56 -36.08 31.59
N GLU B 1225 50.72 -35.23 30.99
CA GLU B 1225 49.55 -34.66 31.65
C GLU B 1225 48.45 -34.48 30.59
N ASP B 1226 47.33 -35.19 30.73
CA ASP B 1226 46.22 -35.04 29.78
C ASP B 1226 45.44 -33.73 29.97
N MET B 1227 45.00 -33.13 28.86
CA MET B 1227 44.38 -31.82 28.87
C MET B 1227 43.15 -31.78 27.99
N ARG B 1228 42.11 -31.07 28.41
CA ARG B 1228 40.92 -30.90 27.59
C ARG B 1228 40.64 -29.43 27.43
N LEU B 1229 40.66 -28.96 26.19
CA LEU B 1229 40.54 -27.54 25.91
C LEU B 1229 39.11 -27.10 25.62
N ILE B 1230 38.31 -28.00 25.03
CA ILE B 1230 36.94 -27.67 24.65
C ILE B 1230 35.89 -28.40 25.50
N TYR B 1231 34.87 -27.68 25.96
CA TYR B 1231 33.84 -28.26 26.82
C TYR B 1231 32.40 -27.93 26.42
N PRO B 1232 31.46 -28.82 26.73
CA PRO B 1232 30.03 -28.54 26.58
C PRO B 1232 29.58 -27.42 27.52
N LEU B 1233 28.61 -26.61 27.11
CA LEU B 1233 27.96 -25.66 28.01
C LEU B 1233 26.76 -26.25 28.72
N GLN B 1234 26.30 -27.39 28.21
CA GLN B 1234 25.05 -28.00 28.64
C GLN B 1234 25.34 -29.47 28.87
N PRO B 1235 24.51 -30.14 29.68
CA PRO B 1235 24.81 -31.56 29.83
C PRO B 1235 24.74 -32.33 28.50
N ILE B 1236 25.69 -33.23 28.30
CA ILE B 1236 25.65 -34.21 27.22
C ILE B 1236 24.99 -35.39 27.90
N SER B 1237 24.71 -36.45 27.14
CA SER B 1237 24.15 -37.68 27.71
C SER B 1237 22.81 -37.41 28.35
N VAL B 1238 21.99 -36.66 27.64
CA VAL B 1238 20.58 -36.56 27.98
C VAL B 1238 19.91 -37.89 27.69
N ALA B 1239 20.51 -38.64 26.76
CA ALA B 1239 19.96 -39.91 26.31
C ALA B 1239 20.31 -41.07 27.22
N ARG B 1240 21.20 -40.83 28.18
CA ARG B 1240 21.68 -41.89 29.05
C ARG B 1240 20.59 -42.46 29.95
N SER B 1241 20.61 -43.77 30.10
CA SER B 1241 19.66 -44.48 30.93
C SER B 1241 20.42 -45.17 32.06
N MET B 1242 21.42 -45.96 31.70
CA MET B 1242 22.25 -46.64 32.71
C MET B 1242 23.74 -46.35 32.54
N ARG B 1243 24.48 -46.47 33.63
CA ARG B 1243 25.92 -46.24 33.59
C ARG B 1243 26.66 -47.14 34.57
N ALA B 1244 27.78 -47.70 34.11
CA ALA B 1244 28.62 -48.57 34.92
C ALA B 1244 27.87 -49.75 35.48
N ILE B 1245 27.44 -50.65 34.60
CA ILE B 1245 26.82 -51.88 35.03
C ILE B 1245 27.94 -52.85 35.39
N VAL B 1246 28.60 -52.58 36.52
CA VAL B 1246 29.71 -53.38 37.04
C VAL B 1246 29.68 -53.18 38.54
N ASN B 1247 30.33 -54.04 39.30
CA ASN B 1247 30.34 -53.84 40.76
C ASN B 1247 31.71 -53.59 41.38
N HIS B 1248 31.84 -52.41 41.97
CA HIS B 1248 33.08 -52.02 42.62
C HIS B 1248 33.35 -52.92 43.82
N ASN B 1249 34.58 -53.37 43.95
CA ASN B 1249 34.93 -54.34 44.99
C ASN B 1249 35.12 -53.75 46.39
N GLU B 1250 35.17 -52.43 46.48
CA GLU B 1250 35.36 -51.79 47.78
C GLU B 1250 34.05 -51.14 48.26
N VAL B 1251 33.61 -50.09 47.58
CA VAL B 1251 32.33 -49.43 47.89
C VAL B 1251 31.10 -50.20 47.35
N ASP B 1252 29.96 -50.06 48.03
CA ASP B 1252 28.74 -50.82 47.70
C ASP B 1252 28.12 -50.54 46.32
N ARG B 1253 28.22 -49.31 45.82
CA ARG B 1253 27.91 -49.02 44.42
C ARG B 1253 28.96 -48.10 43.84
N PRO B 1254 29.22 -48.23 42.53
CA PRO B 1254 30.23 -47.35 41.92
C PRO B 1254 29.74 -45.92 42.03
N ARG B 1255 30.65 -44.99 42.23
CA ARG B 1255 30.27 -43.59 42.24
C ARG B 1255 29.72 -43.25 40.86
N GLY B 1256 28.56 -42.62 40.82
CA GLY B 1256 28.02 -42.13 39.56
C GLY B 1256 27.32 -43.16 38.68
N ALA B 1257 27.23 -44.40 39.14
CA ALA B 1257 26.45 -45.41 38.42
C ALA B 1257 24.97 -45.08 38.57
N VAL B 1258 24.21 -45.22 37.49
CA VAL B 1258 22.82 -44.81 37.52
C VAL B 1258 21.86 -45.89 37.05
N ALA B 1259 20.85 -46.15 37.87
CA ALA B 1259 19.82 -47.14 37.57
C ALA B 1259 18.85 -46.59 36.53
N PRO B 1260 18.22 -47.48 35.76
CA PRO B 1260 17.19 -47.10 34.78
C PRO B 1260 15.98 -46.47 35.49
N SER B 1261 15.30 -45.53 34.86
CA SER B 1261 14.14 -44.88 35.48
C SER B 1261 13.02 -45.88 35.68
N SER B 1262 12.28 -45.75 36.78
CA SER B 1262 11.24 -46.73 37.11
C SER B 1262 10.20 -46.76 36.00
N TYR B 1263 10.07 -45.63 35.32
CA TYR B 1263 9.09 -45.48 34.24
C TYR B 1263 9.44 -46.35 33.04
N GLU B 1264 10.69 -46.78 32.95
CA GLU B 1264 11.12 -47.64 31.85
C GLU B 1264 10.47 -48.99 32.00
N MET B 1265 10.04 -49.31 33.21
CA MET B 1265 9.53 -50.64 33.53
C MET B 1265 8.05 -50.73 33.91
N ASP B 1266 7.34 -49.61 33.98
CA ASP B 1266 5.91 -49.66 34.33
C ASP B 1266 5.09 -49.86 33.07
N THR B 1267 4.77 -51.11 32.75
CA THR B 1267 3.96 -51.42 31.59
C THR B 1267 2.58 -50.78 31.73
N GLY B 1268 2.12 -50.69 32.97
CA GLY B 1268 0.87 -50.04 33.25
C GLY B 1268 -0.32 -50.76 32.65
N THR B 1269 -1.09 -50.04 31.85
CA THR B 1269 -2.30 -50.59 31.28
C THR B 1269 -2.70 -49.86 30.03
N LEU B 1270 -3.36 -50.56 29.13
CA LEU B 1270 -4.07 -49.90 28.06
C LEU B 1270 -5.40 -49.44 28.65
N SER B 1271 -5.70 -48.15 28.48
CA SER B 1271 -6.96 -47.61 28.96
C SER B 1271 -8.08 -48.01 28.01
N ARG B 1272 -9.32 -47.74 28.41
CA ARG B 1272 -10.45 -47.98 27.53
C ARG B 1272 -10.35 -47.14 26.25
N ASN B 1273 -9.67 -46.00 26.34
CA ASN B 1273 -9.53 -45.09 25.19
C ASN B 1273 -8.42 -45.50 24.23
N GLY B 1274 -7.61 -46.46 24.64
CA GLY B 1274 -6.46 -46.87 23.85
C GLY B 1274 -5.24 -46.04 24.19
N ASP B 1275 -5.40 -45.05 25.06
CA ASP B 1275 -4.27 -44.34 25.66
C ASP B 1275 -3.49 -45.22 26.66
N LEU B 1276 -2.17 -45.12 26.65
CA LEU B 1276 -1.35 -45.87 27.58
C LEU B 1276 -1.17 -45.12 28.89
N LEU B 1277 -1.24 -45.85 30.00
CA LEU B 1277 -1.16 -45.27 31.33
C LEU B 1277 -0.09 -45.99 32.15
N TYR B 1278 0.64 -45.24 32.95
CA TYR B 1278 1.51 -45.80 33.96
C TYR B 1278 0.64 -46.35 35.09
N SER B 1279 1.17 -47.27 35.90
CA SER B 1279 0.40 -47.86 36.99
C SER B 1279 -0.01 -46.79 38.00
N PRO B 1280 -1.21 -46.94 38.59
CA PRO B 1280 -1.65 -45.97 39.62
C PRO B 1280 -0.71 -45.98 40.81
N VAL B 1281 -0.44 -44.82 41.37
CA VAL B 1281 0.51 -44.71 42.49
C VAL B 1281 -0.14 -44.93 43.86
N ALA B 1282 -1.45 -45.06 43.86
CA ALA B 1282 -2.22 -45.33 45.07
C ALA B 1282 -3.58 -45.88 44.67
N ASN B 1283 -4.24 -46.55 45.59
CA ASN B 1283 -5.61 -47.01 45.33
C ASN B 1283 -6.56 -45.83 45.16
N GLY B 1284 -7.48 -45.94 44.22
CA GLY B 1284 -8.45 -44.90 43.96
C GLY B 1284 -7.90 -43.81 43.08
N GLN B 1285 -6.65 -43.97 42.66
CA GLN B 1285 -6.02 -43.05 41.71
C GLN B 1285 -5.99 -43.72 40.34
N VAL B 1286 -6.29 -42.98 39.30
CA VAL B 1286 -6.12 -43.49 37.95
C VAL B 1286 -4.63 -43.38 37.58
N GLY B 1287 -4.18 -44.22 36.65
CA GLY B 1287 -2.81 -44.12 36.20
C GLY B 1287 -2.52 -42.87 35.37
N ILE B 1288 -1.32 -42.31 35.54
CA ILE B 1288 -0.89 -41.19 34.72
C ILE B 1288 -0.63 -41.66 33.29
N PRO B 1289 -1.28 -41.02 32.32
CA PRO B 1289 -1.08 -41.44 30.91
C PRO B 1289 0.37 -41.22 30.47
N LYS B 1290 0.90 -42.12 29.66
CA LYS B 1290 2.33 -42.11 29.36
C LYS B 1290 2.75 -40.95 28.46
N LEU B 1291 1.84 -40.53 27.59
CA LEU B 1291 2.14 -39.47 26.65
C LEU B 1291 2.13 -38.11 27.34
N GLU B 1292 1.50 -38.06 28.52
CA GLU B 1292 1.35 -36.82 29.27
C GLU B 1292 2.68 -36.29 29.86
N VAL B 1293 3.65 -37.18 30.04
CA VAL B 1293 4.89 -36.82 30.72
C VAL B 1293 6.13 -37.28 29.95
N ASP B 1294 7.26 -36.64 30.21
CA ASP B 1294 8.44 -36.77 29.33
C ASP B 1294 9.31 -38.02 29.55
N HIS B 1295 9.03 -38.81 30.58
CA HIS B 1295 9.80 -40.04 30.80
C HIS B 1295 9.50 -41.05 29.70
N ILE B 1296 10.52 -41.81 29.28
CA ILE B 1296 10.33 -42.96 28.40
C ILE B 1296 9.84 -44.20 29.14
N SER B 1297 8.98 -44.98 28.48
CA SER B 1297 8.47 -46.22 29.04
C SER B 1297 8.69 -47.36 28.06
N PHE B 1298 9.55 -48.31 28.43
CA PHE B 1298 9.94 -49.36 27.50
C PHE B 1298 9.16 -50.65 27.57
N SER B 1299 8.13 -50.70 28.38
CA SER B 1299 7.15 -51.77 28.22
C SER B 1299 5.76 -51.18 28.10
N ASN B 1300 4.98 -51.68 27.15
CA ASN B 1300 3.65 -51.16 26.93
C ASN B 1300 2.69 -52.20 26.42
N VAL B 1301 1.41 -51.98 26.66
CA VAL B 1301 0.39 -52.89 26.17
C VAL B 1301 -0.15 -52.52 24.79
N VAL B 1302 0.37 -53.16 23.76
CA VAL B 1302 -0.15 -53.01 22.41
C VAL B 1302 -1.29 -53.99 22.17
N SER B 1303 -2.45 -53.45 21.75
CA SER B 1303 -3.54 -54.27 21.23
C SER B 1303 -3.15 -54.80 19.86
N MET B 1304 -3.48 -56.05 19.60
CA MET B 1304 -3.23 -56.60 18.29
C MET B 1304 -4.31 -57.59 17.95
N MET B 1305 -4.66 -57.60 16.68
CA MET B 1305 -5.67 -58.51 16.18
C MET B 1305 -5.08 -59.91 16.09
N THR B 1306 -5.91 -60.92 16.26
CA THR B 1306 -5.42 -62.30 16.17
C THR B 1306 -5.71 -62.92 14.81
N ALA B 1307 -5.38 -64.20 14.70
CA ALA B 1307 -5.55 -64.93 13.44
C ALA B 1307 -7.02 -64.98 13.07
N ASN B 1308 -7.87 -64.88 14.07
CA ASN B 1308 -9.31 -64.85 13.85
C ASN B 1308 -9.85 -63.61 13.16
N ILE B 1309 -9.14 -62.49 13.27
CA ILE B 1309 -9.64 -61.25 12.67
C ILE B 1309 -9.48 -61.16 11.14
N ARG B 1310 -8.29 -60.86 10.65
CA ARG B 1310 -8.08 -60.62 9.21
C ARG B 1310 -8.89 -59.42 8.74
N THR B 1311 -8.23 -58.28 8.52
CA THR B 1311 -8.87 -57.18 7.77
C THR B 1311 -8.26 -57.06 6.38
N GLY B 1312 -9.02 -56.50 5.45
CA GLY B 1312 -8.47 -56.13 4.14
C GLY B 1312 -8.40 -57.25 3.12
N ASP B 1313 -8.85 -58.44 3.51
CA ASP B 1313 -8.95 -59.54 2.55
C ASP B 1313 -10.10 -59.25 1.59
N ASP B 1314 -9.95 -59.67 0.33
CA ASP B 1314 -11.05 -59.58 -0.64
C ASP B 1314 -12.20 -60.48 -0.18
N MET B 1315 -13.44 -60.04 -0.39
CA MET B 1315 -14.59 -60.84 0.04
C MET B 1315 -15.55 -61.07 -1.11
N ALA B 1316 -16.24 -62.21 -1.09
CA ALA B 1316 -17.08 -62.57 -2.22
C ALA B 1316 -18.58 -62.44 -2.00
N VAL B 1317 -19.29 -62.01 -3.04
CA VAL B 1317 -20.74 -61.87 -2.96
C VAL B 1317 -21.42 -62.40 -4.22
N GLU B 1318 -22.67 -62.84 -4.06
CA GLU B 1318 -23.51 -63.11 -5.21
C GLU B 1318 -24.17 -61.80 -5.64
N ARG B 1319 -24.08 -61.49 -6.93
CA ARG B 1319 -24.76 -60.32 -7.47
C ARG B 1319 -25.95 -60.77 -8.30
N VAL B 1320 -27.12 -60.17 -8.06
CA VAL B 1320 -28.32 -60.56 -8.78
C VAL B 1320 -28.93 -59.41 -9.55
N ASN B 1321 -28.85 -59.50 -10.88
CA ASN B 1321 -29.33 -58.43 -11.76
C ASN B 1321 -30.85 -58.31 -11.72
N PRO B 1322 -31.36 -57.08 -11.88
CA PRO B 1322 -32.81 -56.92 -11.93
C PRO B 1322 -33.39 -57.71 -13.10
N ASP B 1323 -34.55 -58.30 -12.92
CA ASP B 1323 -35.12 -59.21 -13.92
C ASP B 1323 -35.49 -58.50 -15.22
N ASP B 1324 -35.95 -57.26 -15.11
CA ASP B 1324 -36.37 -56.47 -16.28
C ASP B 1324 -35.92 -55.05 -16.09
N VAL B 1325 -35.29 -54.49 -17.11
CA VAL B 1325 -34.77 -53.14 -17.00
C VAL B 1325 -35.90 -52.14 -16.83
N ARG B 1326 -37.05 -52.44 -17.44
CA ARG B 1326 -38.14 -51.47 -17.47
C ARG B 1326 -38.92 -51.45 -16.15
N ALA B 1327 -38.65 -52.44 -15.30
CA ALA B 1327 -39.29 -52.52 -13.99
C ALA B 1327 -38.55 -51.74 -12.92
N ILE B 1328 -37.36 -51.25 -13.25
CA ILE B 1328 -36.52 -50.56 -12.28
C ILE B 1328 -37.02 -49.15 -12.05
N ASN B 1329 -37.24 -48.78 -10.78
CA ASN B 1329 -37.68 -47.42 -10.48
C ASN B 1329 -36.56 -46.52 -9.95
N ILE B 1330 -36.68 -45.22 -10.23
CA ILE B 1330 -35.64 -44.26 -9.90
C ILE B 1330 -36.16 -43.33 -8.79
N ARG B 1331 -37.06 -42.44 -9.17
CA ARG B 1331 -37.88 -41.68 -8.24
C ARG B 1331 -38.93 -42.66 -7.73
N ASN B 1332 -39.56 -42.41 -6.57
CA ASN B 1332 -39.37 -41.21 -5.76
C ASN B 1332 -38.33 -41.38 -4.67
N ALA B 1333 -37.88 -42.62 -4.47
CA ALA B 1333 -36.84 -42.94 -3.47
C ALA B 1333 -37.21 -42.59 -2.03
N LYS C 74 97.76 30.55 -34.10
CA LYS C 74 96.46 29.88 -34.13
C LYS C 74 95.32 30.87 -33.88
N ILE C 75 94.14 30.54 -34.39
CA ILE C 75 92.97 31.41 -34.25
C ILE C 75 92.29 31.34 -32.88
N ALA C 76 91.70 32.46 -32.47
CA ALA C 76 90.93 32.54 -31.23
C ALA C 76 89.59 31.84 -31.39
N THR C 77 89.10 31.21 -30.32
CA THR C 77 87.87 30.44 -30.44
C THR C 77 86.94 30.55 -29.25
N ALA C 78 85.66 30.76 -29.54
CA ALA C 78 84.62 30.76 -28.53
C ALA C 78 84.20 29.35 -28.13
N SER C 79 83.67 29.22 -26.90
CA SER C 79 83.06 27.96 -26.49
C SER C 79 81.98 28.24 -25.47
N SER C 80 81.20 27.22 -25.12
CA SER C 80 80.03 27.40 -24.28
C SER C 80 79.90 26.22 -23.34
N ALA C 81 79.22 26.44 -22.21
CA ALA C 81 78.92 25.35 -21.31
C ALA C 81 77.77 25.73 -20.38
N ARG C 82 76.95 24.74 -20.01
CA ARG C 82 75.84 25.00 -19.10
C ARG C 82 75.83 23.89 -18.09
N GLN C 83 75.36 24.16 -16.88
CA GLN C 83 75.45 23.13 -15.85
C GLN C 83 74.54 21.96 -16.20
N ALA C 84 75.06 20.75 -16.05
CA ALA C 84 74.31 19.56 -16.43
C ALA C 84 73.27 19.15 -15.39
N ASP C 85 72.18 18.57 -15.86
CA ASP C 85 71.25 17.88 -14.97
C ASP C 85 71.90 16.59 -14.53
N VAL C 86 71.69 16.22 -13.27
CA VAL C 86 72.14 14.91 -12.81
C VAL C 86 71.07 14.28 -11.97
N GLU C 87 69.86 14.84 -12.04
CA GLU C 87 68.73 14.34 -11.27
C GLU C 87 68.47 12.89 -11.67
N LYS C 88 68.31 12.02 -10.68
CA LYS C 88 68.10 10.61 -10.92
C LYS C 88 66.97 10.13 -10.04
N PRO C 89 66.26 9.07 -10.46
CA PRO C 89 65.23 8.51 -9.59
C PRO C 89 65.89 8.00 -8.31
N ALA C 90 65.21 8.15 -7.17
CA ALA C 90 65.84 7.96 -5.87
C ALA C 90 66.27 6.52 -5.68
N ASP C 91 67.46 6.33 -5.13
CA ASP C 91 68.03 4.99 -4.94
C ASP C 91 67.25 4.17 -3.94
N VAL C 92 67.13 2.86 -4.21
CA VAL C 92 66.43 1.97 -3.30
C VAL C 92 67.40 1.18 -2.44
N THR C 93 68.02 1.85 -1.48
CA THR C 93 68.94 1.21 -0.54
C THR C 93 68.20 0.23 0.36
N PHE C 94 68.85 -0.88 0.68
CA PHE C 94 68.25 -1.86 1.59
C PHE C 94 68.74 -1.71 3.02
N THR C 95 69.90 -1.08 3.18
CA THR C 95 70.47 -0.79 4.49
C THR C 95 69.76 0.36 5.19
N ILE C 96 69.79 0.37 6.53
CA ILE C 96 69.20 1.47 7.30
C ILE C 96 70.22 2.18 8.20
N GLU C 97 70.08 3.51 8.31
CA GLU C 97 71.05 4.34 9.03
C GLU C 97 70.93 4.27 10.56
N ASN C 98 69.70 4.12 11.06
CA ASN C 98 69.43 4.23 12.48
C ASN C 98 68.83 2.95 13.00
N VAL C 99 68.82 2.79 14.31
CA VAL C 99 68.19 1.62 14.91
C VAL C 99 66.69 1.90 15.10
N ASP C 100 66.28 3.14 14.86
CA ASP C 100 64.88 3.53 14.93
C ASP C 100 64.18 3.35 13.59
N ASP C 101 64.98 3.36 12.52
CA ASP C 101 64.44 3.23 11.16
C ASP C 101 63.79 1.87 10.98
N VAL C 102 62.67 1.83 10.28
CA VAL C 102 62.00 0.58 9.98
C VAL C 102 62.88 -0.31 9.11
N GLY C 103 63.00 -1.58 9.49
CA GLY C 103 63.95 -2.47 8.84
C GLY C 103 63.52 -2.81 7.44
N ILE C 104 64.48 -3.13 6.59
CA ILE C 104 64.14 -3.38 5.18
C ILE C 104 64.56 -4.76 4.71
N MET C 105 65.83 -5.08 4.93
CA MET C 105 66.35 -6.40 4.58
C MET C 105 65.58 -7.38 5.43
N GLN C 106 65.33 -8.58 4.91
CA GLN C 106 64.58 -9.56 5.67
C GLN C 106 65.35 -9.94 6.94
N GLN C 107 64.77 -9.63 8.10
CA GLN C 107 65.42 -9.91 9.37
C GLN C 107 65.34 -11.38 9.79
N LYS C 108 66.30 -11.79 10.62
CA LYS C 108 66.37 -13.16 11.13
C LYS C 108 65.42 -13.38 12.32
N LYS C 109 64.25 -13.95 12.04
CA LYS C 109 63.26 -14.27 13.08
C LYS C 109 63.50 -15.59 13.81
N PRO C 110 63.13 -15.64 15.10
CA PRO C 110 63.23 -16.86 15.92
C PRO C 110 62.35 -17.97 15.37
N PRO C 111 62.77 -19.24 15.54
CA PRO C 111 62.02 -20.38 15.00
C PRO C 111 60.62 -20.46 15.60
N THR C 112 59.66 -20.89 14.79
CA THR C 112 58.25 -20.82 15.17
C THR C 112 57.53 -22.17 15.31
N VAL C 113 57.40 -22.62 16.55
CA VAL C 113 56.60 -23.80 16.88
C VAL C 113 55.12 -23.53 16.63
N VAL C 114 54.42 -24.52 16.08
CA VAL C 114 52.99 -24.37 15.79
C VAL C 114 52.19 -25.49 16.46
N GLN C 115 52.12 -25.48 17.79
CA GLN C 115 51.41 -26.55 18.46
C GLN C 115 49.93 -26.37 18.23
N SER C 116 49.41 -27.08 17.23
CA SER C 116 47.98 -27.07 16.98
C SER C 116 47.28 -27.67 18.19
N ARG C 117 46.20 -27.02 18.62
CA ARG C 117 45.57 -27.41 19.85
C ARG C 117 44.18 -27.99 19.61
N THR C 118 44.02 -29.23 20.00
CA THR C 118 42.81 -29.99 19.73
C THR C 118 41.89 -30.06 20.96
N ASP C 119 40.81 -30.84 20.82
CA ASP C 119 39.83 -30.96 21.89
C ASP C 119 40.49 -31.50 23.16
N VAL C 120 41.41 -32.44 22.98
CA VAL C 120 42.12 -33.03 24.10
C VAL C 120 43.52 -33.36 23.63
N PHE C 121 44.49 -33.21 24.52
CA PHE C 121 45.88 -33.47 24.17
C PHE C 121 46.72 -33.73 25.39
N ASN C 122 47.83 -34.42 25.19
CA ASN C 122 48.72 -34.75 26.28
C ASN C 122 49.95 -33.86 26.30
N GLU C 123 49.85 -32.70 26.94
CA GLU C 123 51.01 -31.82 26.99
C GLU C 123 52.13 -32.44 27.82
N GLN C 124 53.35 -32.38 27.28
CA GLN C 124 54.53 -32.79 28.02
C GLN C 124 55.70 -31.92 27.56
N PHE C 125 56.58 -31.56 28.50
CA PHE C 125 57.54 -30.50 28.22
C PHE C 125 59.01 -30.90 28.25
N ALA C 126 59.27 -32.20 28.29
CA ALA C 126 60.62 -32.68 27.97
C ALA C 126 60.86 -32.34 26.50
N ASN C 127 62.11 -32.03 26.18
CA ASN C 127 62.49 -31.54 24.86
C ASN C 127 61.88 -30.18 24.49
N GLU C 128 61.55 -29.36 25.50
CA GLU C 128 61.18 -27.97 25.24
C GLU C 128 62.37 -27.14 24.81
N ALA C 129 62.18 -26.26 23.83
CA ALA C 129 63.23 -25.33 23.42
C ALA C 129 63.45 -24.26 24.50
N LEU C 130 64.70 -23.91 24.77
CA LEU C 130 65.01 -22.97 25.84
C LEU C 130 65.29 -21.57 25.31
N HIS C 131 65.76 -21.51 24.08
CA HIS C 131 66.01 -20.25 23.40
C HIS C 131 64.68 -19.68 22.97
N PRO C 132 64.61 -18.36 22.72
CA PRO C 132 63.32 -17.77 22.38
C PRO C 132 62.73 -18.42 21.14
N THR C 133 61.43 -18.67 21.15
CA THR C 133 60.80 -19.47 20.09
C THR C 133 59.30 -19.17 19.99
N THR C 134 58.91 -18.53 18.89
CA THR C 134 57.51 -18.10 18.75
C THR C 134 56.55 -19.27 18.66
N LYS C 135 55.39 -19.13 19.29
CA LYS C 135 54.44 -20.23 19.41
C LYS C 135 53.04 -19.87 18.87
N VAL C 136 52.87 -19.96 17.56
CA VAL C 136 51.55 -19.79 16.95
C VAL C 136 50.68 -21.04 17.15
N ILE C 137 49.37 -20.84 17.17
CA ILE C 137 48.44 -21.94 17.48
C ILE C 137 47.74 -22.47 16.21
N PHE C 138 47.28 -21.57 15.37
CA PHE C 138 46.63 -21.98 14.12
C PHE C 138 47.67 -22.23 13.02
N ASN C 139 47.36 -23.12 12.10
CA ASN C 139 48.12 -23.21 10.86
C ASN C 139 47.72 -22.11 9.89
N GLY C 140 48.65 -21.69 9.05
CA GLY C 140 48.37 -20.70 8.01
C GLY C 140 47.75 -19.42 8.52
N LEU C 141 48.58 -18.52 9.03
CA LEU C 141 48.12 -17.22 9.52
C LEU C 141 48.24 -16.10 8.49
N ASP C 142 48.85 -16.39 7.34
CA ASP C 142 49.10 -15.33 6.36
C ASP C 142 47.80 -14.92 5.67
N VAL C 143 46.87 -14.41 6.47
CA VAL C 143 45.54 -14.07 5.98
C VAL C 143 45.43 -12.65 5.39
N ASN C 144 46.43 -11.82 5.63
CA ASN C 144 46.43 -10.46 5.09
C ASN C 144 46.92 -10.44 3.65
N THR C 145 46.04 -10.80 2.73
CA THR C 145 46.41 -11.06 1.36
C THR C 145 45.97 -9.96 0.40
N GLU C 146 44.97 -9.15 0.80
CA GLU C 146 44.50 -8.12 -0.12
C GLU C 146 45.41 -6.91 -0.05
N VAL C 147 46.45 -6.92 -0.89
CA VAL C 147 47.42 -5.83 -0.95
C VAL C 147 46.80 -4.53 -1.49
N GLN C 148 47.23 -3.40 -0.92
CA GLN C 148 46.64 -2.11 -1.24
C GLN C 148 47.65 -1.09 -1.74
N PRO C 149 47.78 -0.96 -3.08
CA PRO C 149 48.77 -0.08 -3.69
C PRO C 149 48.52 1.37 -3.34
N LEU C 150 49.60 2.14 -3.16
CA LEU C 150 49.51 3.59 -3.00
C LEU C 150 49.41 4.26 -4.36
N SER C 151 48.80 5.44 -4.40
CA SER C 151 48.88 6.30 -5.58
C SER C 151 50.30 6.86 -5.67
N ASP C 152 50.83 6.95 -6.89
CA ASP C 152 52.15 7.56 -7.06
C ASP C 152 52.01 9.07 -7.25
N ASP C 153 51.59 9.73 -6.16
CA ASP C 153 51.34 11.16 -6.17
C ASP C 153 52.60 12.01 -6.39
N PHE C 154 53.76 11.48 -6.00
CA PHE C 154 55.02 12.20 -6.21
C PHE C 154 56.06 11.38 -6.95
N LYS C 155 57.01 12.09 -7.54
CA LYS C 155 58.07 11.48 -8.31
C LYS C 155 59.37 11.62 -7.50
N GLN C 156 59.64 10.65 -6.63
CA GLN C 156 60.83 10.70 -5.78
C GLN C 156 62.14 10.68 -6.59
N ILE C 157 63.04 11.59 -6.28
CA ILE C 157 64.22 11.84 -7.11
C ILE C 157 65.32 12.39 -6.25
N SER C 158 66.55 12.34 -6.74
CA SER C 158 67.68 12.83 -5.97
C SER C 158 68.51 13.81 -6.78
N ASP C 159 69.13 14.77 -6.09
CA ASP C 159 69.97 15.78 -6.72
C ASP C 159 69.22 16.55 -7.82
N PRO C 160 68.15 17.28 -7.44
CA PRO C 160 67.12 17.83 -8.33
C PRO C 160 67.56 18.87 -9.38
N LYS C 161 66.93 18.82 -10.54
CA LYS C 161 67.05 19.86 -11.57
C LYS C 161 66.36 21.12 -11.10
N GLY C 162 66.95 22.27 -11.34
CA GLY C 162 66.27 23.53 -11.08
C GLY C 162 65.44 23.97 -12.27
N TYR C 163 64.68 25.06 -12.15
CA TYR C 163 64.03 25.61 -13.35
C TYR C 163 64.98 26.53 -14.12
N LEU C 164 66.04 26.95 -13.45
CA LEU C 164 66.98 27.87 -14.06
C LEU C 164 68.39 27.33 -13.96
N THR C 165 69.18 27.56 -15.00
CA THR C 165 70.57 27.12 -14.99
C THR C 165 71.45 28.21 -15.56
N TYR C 166 72.65 28.31 -15.01
CA TYR C 166 73.68 29.16 -15.57
C TYR C 166 74.16 28.59 -16.90
N SER C 167 74.37 29.46 -17.88
CA SER C 167 74.95 29.05 -19.15
C SER C 167 75.95 30.11 -19.59
N VAL C 168 77.09 29.67 -20.09
CA VAL C 168 78.28 30.50 -20.13
C VAL C 168 78.98 30.43 -21.47
N LYS C 169 79.50 31.58 -21.90
CA LYS C 169 80.31 31.66 -23.11
C LYS C 169 81.69 32.17 -22.74
N TYR C 170 82.69 31.38 -23.13
CA TYR C 170 84.08 31.72 -22.95
C TYR C 170 84.72 32.16 -24.25
N GLU C 171 85.57 33.18 -24.16
CA GLU C 171 86.57 33.47 -25.19
C GLU C 171 87.83 32.75 -24.76
N ASP C 172 88.17 31.69 -25.49
CA ASP C 172 89.12 30.70 -24.96
C ASP C 172 90.60 31.09 -25.04
N GLN C 173 90.93 32.21 -25.69
CA GLN C 173 92.31 32.69 -25.69
C GLN C 173 92.80 33.16 -24.32
N PHE C 174 91.89 33.65 -23.48
CA PHE C 174 92.28 34.02 -22.12
C PHE C 174 92.46 32.82 -21.23
N THR C 175 93.56 32.82 -20.48
CA THR C 175 93.87 31.75 -19.54
C THR C 175 95.00 32.20 -18.64
N LYS C 176 94.78 32.16 -17.35
CA LYS C 176 95.78 32.64 -16.42
C LYS C 176 97.00 31.71 -16.49
N LYS C 177 98.18 32.31 -16.55
CA LYS C 177 99.43 31.56 -16.60
C LYS C 177 99.64 30.76 -15.31
N ASP C 178 99.19 31.31 -14.19
CA ASP C 178 99.42 30.72 -12.88
C ASP C 178 98.40 29.65 -12.50
N LYS C 179 98.71 28.39 -12.81
CA LYS C 179 97.86 27.26 -12.45
C LYS C 179 97.63 27.20 -10.95
N LEU C 180 96.40 26.87 -10.53
CA LEU C 180 96.03 26.93 -9.12
C LEU C 180 95.85 25.55 -8.50
N ARG C 181 96.94 24.93 -8.07
CA ARG C 181 96.83 23.66 -7.36
C ARG C 181 96.02 23.98 -6.11
N ALA C 182 95.05 23.14 -5.79
CA ALA C 182 94.12 23.39 -4.69
C ALA C 182 93.68 22.05 -4.11
N SER C 183 93.17 22.07 -2.89
CA SER C 183 92.94 20.83 -2.16
C SER C 183 91.98 19.90 -2.87
N GLU C 184 92.20 18.61 -2.73
CA GLU C 184 91.35 17.63 -3.41
C GLU C 184 89.90 17.77 -2.96
N ALA C 185 89.69 17.80 -1.63
CA ALA C 185 88.32 17.88 -1.11
C ALA C 185 87.68 19.21 -1.44
N ASP C 186 88.47 20.25 -1.49
CA ASP C 186 87.94 21.55 -1.89
C ASP C 186 87.56 21.57 -3.37
N ASP C 187 88.26 20.78 -4.18
CA ASP C 187 87.95 20.81 -5.62
C ASP C 187 86.75 19.96 -5.96
N ARG C 188 86.29 19.15 -5.02
CA ARG C 188 85.10 18.36 -5.28
C ARG C 188 83.84 19.07 -4.78
N ILE C 189 84.04 20.27 -4.26
CA ILE C 189 82.94 21.12 -3.81
C ILE C 189 82.91 22.35 -4.71
N VAL C 190 84.02 23.07 -4.72
CA VAL C 190 84.15 24.30 -5.47
C VAL C 190 84.35 24.02 -6.96
N GLY C 191 84.64 22.76 -7.30
CA GLY C 191 85.11 22.42 -8.62
C GLY C 191 84.21 22.66 -9.82
N PRO C 192 82.97 22.15 -9.78
CA PRO C 192 82.08 22.35 -10.93
C PRO C 192 81.87 23.84 -11.20
N THR C 193 81.86 24.64 -10.14
CA THR C 193 81.77 26.09 -10.28
C THR C 193 83.00 26.70 -10.98
N VAL C 194 84.19 26.36 -10.48
CA VAL C 194 85.40 27.00 -11.01
C VAL C 194 85.69 26.52 -12.40
N ASN C 195 85.04 25.42 -12.81
CA ASN C 195 85.07 25.04 -14.22
C ASN C 195 84.02 25.80 -15.02
N LEU C 196 82.83 25.96 -14.45
CA LEU C 196 81.78 26.67 -15.17
C LEU C 196 82.14 28.14 -15.35
N PHE C 197 82.82 28.71 -14.37
CA PHE C 197 83.25 30.10 -14.48
C PHE C 197 84.76 30.17 -14.53
N LYS C 198 85.33 29.49 -15.50
CA LYS C 198 86.77 29.46 -15.68
C LYS C 198 87.15 30.84 -16.16
N TYR C 199 88.43 31.15 -16.10
CA TYR C 199 88.95 32.39 -16.63
C TYR C 199 88.50 32.50 -18.10
N GLY C 200 88.13 33.70 -18.52
CA GLY C 200 87.75 33.91 -19.90
C GLY C 200 86.29 33.74 -20.22
N ALA C 201 85.46 33.49 -19.21
CA ALA C 201 84.03 33.45 -19.43
C ALA C 201 83.61 34.85 -19.84
N ALA C 202 83.19 34.99 -21.09
CA ALA C 202 82.81 36.30 -21.57
C ALA C 202 81.46 36.69 -21.00
N VAL C 203 80.54 35.72 -20.94
CA VAL C 203 79.21 36.00 -20.38
C VAL C 203 78.64 34.83 -19.61
N VAL C 204 77.96 35.12 -18.51
CA VAL C 204 77.23 34.10 -17.76
C VAL C 204 75.77 34.52 -17.60
N ASN C 205 74.90 33.81 -18.33
CA ASN C 205 73.46 34.02 -18.35
C ASN C 205 72.73 33.06 -17.44
N ILE C 206 71.50 33.43 -17.08
CA ILE C 206 70.61 32.57 -16.32
C ILE C 206 69.42 32.21 -17.19
N ASP C 207 69.43 31.01 -17.74
CA ASP C 207 68.38 30.58 -18.66
C ASP C 207 67.37 29.63 -17.99
N LEU C 208 66.23 29.41 -18.63
CA LEU C 208 65.36 28.30 -18.24
C LEU C 208 66.14 27.01 -18.43
N ASN C 209 66.04 26.10 -17.47
CA ASN C 209 66.72 24.81 -17.55
C ASN C 209 66.13 24.00 -18.69
N ARG C 210 66.82 23.93 -19.82
CA ARG C 210 66.31 23.19 -20.99
C ARG C 210 66.21 21.69 -20.71
N ASP C 211 67.07 21.20 -19.84
CA ASP C 211 67.06 19.79 -19.50
C ASP C 211 65.80 19.43 -18.70
N PHE C 212 65.22 20.43 -18.02
CA PHE C 212 63.97 20.20 -17.28
C PHE C 212 62.73 20.53 -18.10
N PHE C 213 62.65 21.76 -18.61
CA PHE C 213 61.60 22.14 -19.55
C PHE C 213 61.93 21.54 -20.90
N ASP C 214 61.74 20.23 -20.98
CA ASP C 214 62.22 19.38 -22.07
C ASP C 214 61.34 19.53 -23.30
N THR C 215 61.77 18.91 -24.40
CA THR C 215 60.94 18.80 -25.60
C THR C 215 59.71 17.95 -25.35
N ALA C 216 59.74 17.15 -24.28
CA ALA C 216 58.57 16.36 -23.87
C ALA C 216 57.41 17.26 -23.49
N THR C 217 57.71 18.46 -22.98
CA THR C 217 56.69 19.44 -22.65
C THR C 217 56.33 20.29 -23.86
N GLY C 218 57.04 20.05 -24.96
CA GLY C 218 56.79 20.75 -26.22
C GLY C 218 57.54 22.06 -26.32
N ILE C 219 58.22 22.44 -25.25
CA ILE C 219 59.05 23.64 -25.24
C ILE C 219 60.35 23.48 -26.04
N ASP C 220 60.77 24.53 -26.72
CA ASP C 220 62.15 24.63 -27.21
C ASP C 220 62.81 25.88 -26.64
N LEU C 221 63.93 25.69 -25.95
CA LEU C 221 64.60 26.80 -25.29
C LEU C 221 65.85 27.25 -26.02
N THR C 222 66.04 26.72 -27.23
CA THR C 222 67.27 26.96 -27.98
C THR C 222 67.50 28.42 -28.37
N LYS C 223 66.42 29.19 -28.51
CA LYS C 223 66.58 30.60 -28.87
C LYS C 223 66.44 31.56 -27.68
N GLY C 224 66.48 31.01 -26.47
CA GLY C 224 66.45 31.81 -25.25
C GLY C 224 65.10 32.19 -24.68
N ILE C 225 64.04 31.74 -25.33
CA ILE C 225 62.71 31.88 -24.75
C ILE C 225 62.00 30.55 -24.96
N PRO C 226 61.06 30.21 -24.07
CA PRO C 226 60.28 29.02 -24.36
C PRO C 226 59.49 29.21 -25.65
N LEU C 227 59.37 28.16 -26.46
CA LEU C 227 58.65 28.27 -27.73
C LEU C 227 57.88 26.99 -27.98
N VAL C 228 56.56 27.08 -27.93
CA VAL C 228 55.72 25.90 -28.05
C VAL C 228 54.94 25.92 -29.37
N GLN C 229 54.92 24.77 -30.03
CA GLN C 229 54.64 24.73 -31.46
C GLN C 229 53.22 24.99 -31.95
N ASP C 230 52.20 24.43 -31.30
CA ASP C 230 50.86 24.52 -31.85
C ASP C 230 49.78 24.80 -30.82
N LEU C 231 50.02 25.78 -29.94
CA LEU C 231 49.05 26.11 -28.92
C LEU C 231 48.15 27.25 -29.38
N LEU C 232 48.70 28.45 -29.38
CA LEU C 232 47.96 29.59 -29.92
C LEU C 232 48.29 29.64 -31.40
N VAL C 233 47.27 29.43 -32.23
CA VAL C 233 47.48 29.27 -33.65
C VAL C 233 46.29 29.86 -34.43
N PRO C 234 46.53 30.39 -35.64
CA PRO C 234 45.43 30.69 -36.57
C PRO C 234 44.68 29.43 -36.97
N ILE C 235 43.37 29.50 -37.13
CA ILE C 235 42.64 28.31 -37.60
C ILE C 235 42.34 28.45 -39.10
N GLY C 236 42.37 27.34 -39.81
CA GLY C 236 42.11 27.36 -41.24
C GLY C 236 43.34 27.69 -42.08
N VAL C 237 44.48 27.87 -41.43
CA VAL C 237 45.75 28.09 -42.11
C VAL C 237 46.90 27.60 -41.23
N THR C 238 47.95 27.07 -41.85
CA THR C 238 49.13 26.65 -41.10
C THR C 238 49.81 27.88 -40.50
N ALA C 239 50.25 27.76 -39.25
CA ALA C 239 50.70 28.92 -38.48
C ALA C 239 51.94 29.64 -39.05
N GLY C 240 52.84 28.89 -39.66
CA GLY C 240 54.12 29.42 -40.10
C GLY C 240 55.20 29.27 -39.04
N ALA C 241 56.46 29.32 -39.47
CA ALA C 241 57.59 29.21 -38.55
C ALA C 241 57.91 30.49 -37.79
N GLU C 242 58.55 30.34 -36.62
CA GLU C 242 59.07 31.45 -35.82
C GLU C 242 58.02 32.48 -35.41
N GLN C 243 56.78 32.04 -35.24
CA GLN C 243 55.73 32.92 -34.75
C GLN C 243 56.06 33.42 -33.34
N SER C 244 55.75 34.69 -33.06
CA SER C 244 55.96 35.24 -31.72
C SER C 244 55.00 34.68 -30.69
N ALA C 245 53.83 34.22 -31.14
CA ALA C 245 52.85 33.62 -30.23
C ALA C 245 53.45 32.37 -29.62
N GLU C 246 54.41 31.78 -30.33
CA GLU C 246 55.07 30.57 -29.88
C GLU C 246 55.75 30.85 -28.54
N TYR C 247 56.09 32.11 -28.30
CA TYR C 247 56.65 32.51 -27.02
C TYR C 247 55.60 32.51 -25.92
N VAL C 248 54.45 33.10 -26.19
CA VAL C 248 53.40 33.12 -25.18
C VAL C 248 52.95 31.70 -24.84
N SER C 249 52.82 30.88 -25.87
CA SER C 249 52.49 29.47 -25.73
C SER C 249 53.55 28.84 -24.84
N GLY C 250 54.79 29.26 -25.05
CA GLY C 250 55.91 28.76 -24.28
C GLY C 250 55.71 29.05 -22.82
N LEU C 251 55.33 30.29 -22.49
CA LEU C 251 55.18 30.60 -21.07
C LEU C 251 54.10 29.73 -20.45
N LEU C 252 53.05 29.43 -21.21
CA LEU C 252 52.00 28.61 -20.66
C LEU C 252 52.58 27.25 -20.36
N MET C 253 53.35 26.71 -21.30
CA MET C 253 53.93 25.40 -21.05
C MET C 253 54.99 25.43 -19.96
N VAL C 254 55.59 26.58 -19.72
CA VAL C 254 56.43 26.68 -18.54
C VAL C 254 55.50 26.67 -17.34
N LEU C 255 54.51 27.55 -17.38
CA LEU C 255 53.61 27.74 -16.26
C LEU C 255 52.91 26.45 -15.97
N PHE C 256 52.64 25.69 -17.02
CA PHE C 256 52.00 24.42 -16.81
C PHE C 256 52.97 23.43 -16.16
N LYS C 257 54.17 23.32 -16.73
CA LYS C 257 55.12 22.31 -16.26
C LYS C 257 55.52 22.54 -14.81
N VAL C 258 55.58 23.80 -14.39
CA VAL C 258 55.90 24.10 -13.00
C VAL C 258 54.70 23.84 -12.11
N MET C 259 53.50 24.05 -12.64
CA MET C 259 52.28 23.80 -11.89
C MET C 259 52.16 22.34 -11.55
N THR C 260 52.74 21.49 -12.38
CA THR C 260 52.63 20.06 -12.17
C THR C 260 53.96 19.35 -11.84
N ASP C 261 54.97 20.08 -11.39
CA ASP C 261 56.20 19.42 -10.93
C ASP C 261 55.94 18.77 -9.58
N ASN C 262 55.74 17.46 -9.60
CA ASN C 262 55.46 16.69 -8.41
C ASN C 262 56.72 16.01 -7.84
N ARG C 263 57.89 16.52 -8.20
CA ARG C 263 59.12 15.94 -7.70
C ARG C 263 59.24 16.13 -6.20
N LEU C 264 59.76 15.11 -5.54
CA LEU C 264 59.97 15.13 -4.10
C LEU C 264 61.41 14.71 -3.87
N VAL C 265 62.24 15.62 -3.40
CA VAL C 265 63.65 15.28 -3.24
C VAL C 265 63.91 14.25 -2.14
N ILE C 266 64.75 13.28 -2.46
CA ILE C 266 65.30 12.33 -1.51
C ILE C 266 66.78 12.69 -1.49
N VAL C 267 67.43 12.63 -0.32
CA VAL C 267 68.85 12.95 -0.27
C VAL C 267 69.65 11.97 -1.12
N GLY C 268 70.55 12.50 -1.93
CA GLY C 268 71.38 11.70 -2.81
C GLY C 268 72.69 11.36 -2.14
N GLU C 269 73.67 10.90 -2.94
CA GLU C 269 74.96 10.54 -2.40
C GLU C 269 75.60 11.79 -1.80
N THR C 270 76.25 11.63 -0.65
CA THR C 270 76.69 12.79 0.12
C THR C 270 78.06 12.57 0.75
N THR C 271 78.90 13.60 0.68
CA THR C 271 80.20 13.54 1.32
C THR C 271 80.13 14.28 2.65
N THR C 272 81.02 13.91 3.56
CA THR C 272 81.18 14.61 4.82
C THR C 272 82.67 14.89 5.01
N PRO C 273 83.16 15.94 4.32
CA PRO C 273 84.59 16.27 4.31
C PRO C 273 85.07 16.58 5.70
N MET C 274 86.31 16.21 5.99
CA MET C 274 86.80 16.10 7.36
C MET C 274 87.27 17.44 7.91
N SER C 275 87.17 18.47 7.09
CA SER C 275 87.19 19.88 7.51
C SER C 275 88.57 20.51 7.51
N ASN C 276 89.55 19.82 8.08
CA ASN C 276 90.93 20.23 7.95
C ASN C 276 91.35 20.07 6.49
N THR C 277 90.60 19.24 5.78
CA THR C 277 90.86 18.95 4.37
C THR C 277 90.24 20.02 3.44
N LEU C 278 89.58 21.01 4.02
CA LEU C 278 88.99 22.11 3.27
C LEU C 278 89.60 23.47 3.64
N SER C 279 89.82 24.32 2.63
CA SER C 279 90.27 25.68 2.90
C SER C 279 89.17 26.43 3.63
N THR C 280 89.53 27.32 4.56
CA THR C 280 88.56 27.84 5.52
C THR C 280 87.41 28.60 4.91
N VAL C 281 87.62 29.22 3.75
CA VAL C 281 86.55 29.97 3.12
C VAL C 281 85.42 29.02 2.73
N VAL C 282 85.79 27.79 2.39
CA VAL C 282 84.81 26.80 1.94
C VAL C 282 84.19 26.11 3.14
N ASN C 283 85.04 25.89 4.13
CA ASN C 283 84.63 25.23 5.37
C ASN C 283 83.60 26.09 6.11
N ASN C 284 83.74 27.41 6.00
CA ASN C 284 82.75 28.32 6.56
C ASN C 284 81.42 28.25 5.82
N VAL C 285 81.50 27.99 4.51
CA VAL C 285 80.32 27.84 3.68
C VAL C 285 79.65 26.50 3.91
N LEU C 286 80.46 25.44 3.89
CA LEU C 286 79.97 24.06 4.02
C LEU C 286 79.42 23.83 5.42
N ARG C 287 78.32 23.09 5.48
CA ARG C 287 77.67 22.78 6.74
C ARG C 287 77.61 21.27 6.94
N THR C 288 78.70 20.71 7.46
CA THR C 288 78.81 19.27 7.75
C THR C 288 78.92 18.36 6.51
N THR C 289 77.92 18.44 5.65
CA THR C 289 77.67 17.44 4.60
C THR C 289 77.18 18.17 3.35
N TYR C 290 77.30 17.54 2.18
CA TYR C 290 76.78 18.11 0.94
C TYR C 290 76.59 16.99 -0.08
N HIS C 291 75.71 17.19 -1.05
CA HIS C 291 75.58 16.21 -2.13
C HIS C 291 76.80 16.28 -3.03
N ASN C 292 77.25 15.12 -3.52
CA ASN C 292 78.45 15.10 -4.34
C ASN C 292 78.25 15.93 -5.60
N ASN C 293 77.00 15.98 -6.06
CA ASN C 293 76.66 16.88 -7.15
C ASN C 293 76.31 18.23 -6.55
N VAL C 294 77.34 18.95 -6.13
CA VAL C 294 77.17 20.21 -5.41
C VAL C 294 76.52 21.25 -6.27
N GLY C 295 76.72 21.11 -7.58
CA GLY C 295 76.16 22.06 -8.52
C GLY C 295 77.00 23.31 -8.50
N VAL C 296 76.49 24.34 -9.16
CA VAL C 296 77.24 25.58 -9.28
C VAL C 296 76.64 26.73 -8.47
N ASN C 297 77.50 27.54 -7.87
CA ASN C 297 77.10 28.82 -7.32
C ASN C 297 78.30 29.78 -7.25
N PRO C 298 78.10 31.03 -7.68
CA PRO C 298 79.22 31.99 -7.78
C PRO C 298 79.90 32.22 -6.44
N ALA C 299 79.16 32.06 -5.35
CA ALA C 299 79.70 32.26 -4.02
C ALA C 299 80.84 31.30 -3.76
N LEU C 300 80.88 30.20 -4.49
CA LEU C 300 81.98 29.26 -4.39
C LEU C 300 83.31 29.80 -4.93
N LEU C 301 83.23 30.70 -5.89
CA LEU C 301 84.43 31.29 -6.52
C LEU C 301 85.28 32.09 -5.56
N ARG C 302 84.77 32.36 -4.36
CA ARG C 302 85.51 33.16 -3.40
C ARG C 302 86.82 32.47 -3.12
N ASP C 303 87.89 33.27 -3.13
CA ASP C 303 89.24 32.78 -2.89
C ASP C 303 89.61 31.56 -3.74
N PHE C 304 89.12 31.52 -4.97
CA PHE C 304 89.46 30.45 -5.92
C PHE C 304 89.68 30.95 -7.33
N THR C 305 88.77 31.79 -7.80
CA THR C 305 88.92 32.37 -9.11
C THR C 305 90.15 33.27 -9.14
N GLN C 306 90.92 33.15 -10.21
CA GLN C 306 92.09 33.98 -10.43
C GLN C 306 91.66 35.43 -10.65
N VAL C 307 90.45 35.59 -11.19
CA VAL C 307 89.97 36.89 -11.61
C VAL C 307 89.73 37.74 -10.37
N ASN C 308 90.68 38.64 -10.11
CA ASN C 308 90.72 39.35 -8.84
C ASN C 308 89.56 40.27 -8.50
N TRP C 309 89.02 40.98 -9.48
CA TRP C 309 87.94 41.90 -9.14
C TRP C 309 86.75 41.09 -8.71
N LEU C 310 86.65 39.91 -9.28
CA LEU C 310 85.52 39.05 -9.04
C LEU C 310 85.58 38.56 -7.62
N ASN C 311 86.76 38.09 -7.22
CA ASN C 311 86.94 37.56 -5.88
C ASN C 311 86.80 38.67 -4.85
N ARG C 312 87.17 39.88 -5.24
CA ARG C 312 87.13 41.00 -4.32
C ARG C 312 85.69 41.43 -4.11
N ASP C 313 84.92 41.41 -5.19
CA ASP C 313 83.53 41.85 -5.14
C ASP C 313 82.63 40.80 -4.47
N ILE C 314 82.90 39.54 -4.75
CA ILE C 314 82.17 38.43 -4.13
C ILE C 314 82.51 38.34 -2.63
N THR C 315 83.79 38.46 -2.30
CA THR C 315 84.16 38.48 -0.89
C THR C 315 83.52 39.71 -0.24
N ASN C 316 83.40 40.79 -1.01
CA ASN C 316 82.76 41.99 -0.52
C ASN C 316 81.27 41.82 -0.24
N MET C 317 80.61 40.97 -1.05
CA MET C 317 79.19 40.70 -0.85
C MET C 317 78.97 39.74 0.32
N LEU C 318 79.73 38.66 0.34
CA LEU C 318 79.57 37.63 1.34
C LEU C 318 79.89 38.15 2.75
N GLN C 319 80.76 39.15 2.83
CA GLN C 319 81.13 39.71 4.12
C GLN C 319 80.14 40.74 4.66
N GLN C 320 79.20 41.16 3.81
CA GLN C 320 78.06 41.94 4.28
C GLN C 320 77.01 41.08 4.99
N ALA C 321 76.29 41.69 5.93
CA ALA C 321 75.27 40.98 6.70
C ALA C 321 74.10 40.49 5.85
N GLY C 322 73.79 41.24 4.80
CA GLY C 322 72.57 41.01 4.03
C GLY C 322 72.60 39.74 3.21
N THR C 323 73.79 39.16 3.04
CA THR C 323 73.92 37.91 2.30
C THR C 323 74.89 36.94 2.99
N LYS C 324 74.54 35.66 2.98
CA LYS C 324 75.29 34.64 3.68
C LYS C 324 75.05 33.28 3.05
N TYR C 325 76.02 32.82 2.28
CA TYR C 325 75.92 31.56 1.54
C TYR C 325 76.11 30.34 2.43
N GLY C 326 75.52 29.21 2.03
CA GLY C 326 75.66 27.96 2.76
C GLY C 326 75.57 26.76 1.83
N LEU C 327 75.90 25.59 2.35
CA LEU C 327 75.97 24.39 1.53
C LEU C 327 75.66 23.16 2.36
N GLY C 328 74.78 22.31 1.84
CA GLY C 328 74.53 21.06 2.50
C GLY C 328 73.78 21.17 3.81
N LEU C 329 73.94 20.16 4.65
CA LEU C 329 73.01 19.91 5.75
C LEU C 329 72.88 21.08 6.71
N THR C 330 71.66 21.62 6.80
CA THR C 330 71.39 22.74 7.68
C THR C 330 70.16 22.45 8.54
N GLU C 331 70.19 22.88 9.79
CA GLU C 331 69.07 22.63 10.68
C GLU C 331 67.82 23.35 10.20
N THR C 332 66.66 22.73 10.39
CA THR C 332 65.40 23.32 9.98
C THR C 332 64.27 22.87 10.90
N ARG C 333 63.15 23.59 10.87
CA ARG C 333 62.05 23.34 11.80
C ARG C 333 61.50 21.94 11.64
N LEU C 334 61.65 21.40 10.44
CA LEU C 334 61.18 20.05 10.12
C LEU C 334 62.17 18.93 10.48
N ASP C 335 63.34 19.28 11.01
CA ASP C 335 64.29 18.25 11.40
C ASP C 335 63.65 17.31 12.42
N TYR C 336 63.97 16.02 12.29
CA TYR C 336 63.50 14.94 13.17
C TYR C 336 62.07 14.51 12.89
N VAL C 337 61.37 15.30 12.08
CA VAL C 337 60.02 14.94 11.70
C VAL C 337 60.06 13.64 10.90
N ARG C 338 59.11 12.75 11.19
CA ARG C 338 59.06 11.47 10.50
C ARG C 338 58.01 11.47 9.42
N LEU C 339 58.27 10.67 8.38
CA LEU C 339 57.30 10.42 7.33
C LEU C 339 57.84 9.20 6.59
N VAL C 340 57.60 8.02 7.17
CA VAL C 340 58.41 6.83 6.89
C VAL C 340 59.85 7.09 7.32
N LYS C 341 60.56 7.90 6.53
CA LYS C 341 61.92 8.30 6.87
C LYS C 341 61.95 9.67 7.58
N THR C 342 63.14 10.23 7.74
CA THR C 342 63.30 11.55 8.37
C THR C 342 63.40 12.64 7.32
N ILE C 343 62.75 13.78 7.57
CA ILE C 343 62.99 14.99 6.79
C ILE C 343 64.29 15.65 7.25
N VAL C 344 64.99 16.30 6.32
CA VAL C 344 66.21 17.05 6.63
C VAL C 344 66.23 18.25 5.71
N GLY C 345 67.08 19.22 6.02
CA GLY C 345 67.20 20.36 5.14
C GLY C 345 68.58 20.43 4.50
N HIS C 346 68.63 20.53 3.18
CA HIS C 346 69.93 20.76 2.56
C HIS C 346 69.99 22.10 1.85
N ALA C 347 71.10 22.80 2.01
CA ALA C 347 71.30 24.05 1.29
C ALA C 347 71.90 23.72 -0.06
N LEU C 348 71.02 23.52 -1.02
CA LEU C 348 71.37 23.20 -2.41
C LEU C 348 71.80 24.39 -3.26
N ASN C 349 72.59 24.11 -4.29
CA ASN C 349 72.74 25.05 -5.38
C ASN C 349 71.63 24.92 -6.41
N ILE C 350 70.48 25.52 -6.10
CA ILE C 350 69.29 25.39 -6.93
C ILE C 350 68.53 26.73 -6.97
N ASP C 351 67.79 27.00 -8.06
CA ASP C 351 67.00 28.23 -8.19
C ASP C 351 65.93 28.27 -7.12
N HIS C 352 65.56 29.46 -6.65
CA HIS C 352 64.55 29.52 -5.60
C HIS C 352 63.17 29.07 -6.04
N PHE C 353 62.87 29.17 -7.33
CA PHE C 353 61.57 28.69 -7.82
C PHE C 353 61.43 27.17 -7.66
N ALA C 354 62.37 26.41 -8.20
CA ALA C 354 62.35 24.96 -8.06
C ALA C 354 62.44 24.49 -6.61
N ALA C 355 63.28 25.16 -5.82
CA ALA C 355 63.42 24.82 -4.41
C ALA C 355 62.10 25.05 -3.71
N SER C 356 61.42 26.13 -4.12
CA SER C 356 60.16 26.47 -3.52
C SER C 356 59.16 25.36 -3.82
N VAL C 357 59.14 24.89 -5.06
CA VAL C 357 58.21 23.82 -5.42
C VAL C 357 58.50 22.50 -4.71
N LEU C 358 59.77 22.11 -4.61
CA LEU C 358 60.12 20.88 -3.90
C LEU C 358 59.73 20.97 -2.42
N ASN C 359 59.87 22.18 -1.86
CA ASN C 359 59.42 22.39 -0.50
C ASN C 359 57.92 22.17 -0.39
N ILE C 360 57.15 22.82 -1.27
CA ILE C 360 55.69 22.72 -1.10
C ILE C 360 55.21 21.31 -1.34
N ASN C 361 55.91 20.59 -2.20
CA ASN C 361 55.56 19.19 -2.44
C ASN C 361 55.79 18.37 -1.18
N LEU C 362 56.98 18.47 -0.62
CA LEU C 362 57.31 17.66 0.54
C LEU C 362 56.42 18.00 1.72
N ARG C 363 56.12 19.28 1.89
CA ARG C 363 55.22 19.68 2.96
C ARG C 363 53.77 19.26 2.71
N ALA C 364 53.40 19.14 1.43
CA ALA C 364 52.07 18.65 1.09
C ALA C 364 51.95 17.23 1.58
N LEU C 365 52.96 16.43 1.24
CA LEU C 365 52.98 15.03 1.63
C LEU C 365 53.07 14.92 3.14
N MET C 366 53.76 15.87 3.74
CA MET C 366 53.96 15.84 5.18
C MET C 366 52.65 16.07 5.92
N GLU C 367 51.88 17.05 5.46
CA GLU C 367 50.63 17.38 6.11
C GLU C 367 49.46 16.49 5.69
N ALA C 368 49.64 15.68 4.63
CA ALA C 368 48.50 14.94 4.07
C ALA C 368 47.83 14.00 5.08
N ASN C 369 48.62 13.36 5.93
CA ASN C 369 48.11 12.58 7.06
C ASN C 369 47.09 11.50 6.69
N VAL C 370 47.16 11.00 5.46
CA VAL C 370 46.33 9.86 5.09
C VAL C 370 46.87 8.62 5.78
N THR C 371 45.97 7.78 6.29
CA THR C 371 46.39 6.56 6.97
C THR C 371 45.68 5.33 6.42
N ALA C 372 45.93 4.20 7.05
CA ALA C 372 45.35 2.95 6.64
C ALA C 372 43.83 2.95 6.82
N ASP C 373 43.36 3.67 7.82
CA ASP C 373 41.93 3.71 8.09
C ASP C 373 41.19 4.35 6.93
N ASP C 374 41.82 5.33 6.29
CA ASP C 374 41.20 5.97 5.14
C ASP C 374 41.01 4.92 4.04
N ARG C 375 42.03 4.08 3.87
CA ARG C 375 41.96 3.01 2.89
C ARG C 375 40.95 1.93 3.25
N ILE C 376 40.81 1.60 4.53
CA ILE C 376 39.85 0.54 4.88
C ILE C 376 38.45 1.10 4.80
N LYS C 377 38.35 2.42 4.84
CA LYS C 377 37.07 3.06 4.70
C LYS C 377 36.66 3.05 3.24
N ALA C 378 37.60 3.42 2.37
CA ALA C 378 37.33 3.40 0.93
C ALA C 378 37.10 1.97 0.47
N LEU C 379 37.77 1.04 1.11
CA LEU C 379 37.60 -0.37 0.83
C LEU C 379 36.21 -0.81 1.24
N GLN C 380 35.79 -0.38 2.43
CA GLN C 380 34.50 -0.79 2.95
C GLN C 380 33.38 -0.26 2.09
N ALA C 381 33.56 0.95 1.56
CA ALA C 381 32.52 1.56 0.74
C ALA C 381 32.27 0.77 -0.53
N HIS C 382 33.33 0.20 -1.08
CA HIS C 382 33.24 -0.54 -2.34
C HIS C 382 33.09 -2.04 -2.18
N SER C 383 32.75 -2.47 -0.97
CA SER C 383 32.56 -3.89 -0.69
C SER C 383 31.19 -4.14 -0.04
N MET C 384 30.72 -5.39 -0.11
CA MET C 384 29.36 -5.74 0.27
C MET C 384 29.11 -5.33 1.69
N ILE C 385 27.89 -4.90 2.02
CA ILE C 385 27.61 -4.35 3.36
C ILE C 385 27.97 -5.35 4.46
N SER C 386 28.48 -4.83 5.57
CA SER C 386 28.96 -5.62 6.71
C SER C 386 30.15 -6.54 6.42
N THR C 387 30.86 -6.28 5.33
CA THR C 387 32.13 -6.95 5.09
C THR C 387 33.10 -6.47 6.16
N GLN C 388 34.02 -7.34 6.58
CA GLN C 388 34.97 -6.94 7.62
C GLN C 388 36.39 -6.81 7.09
N PHE C 389 37.06 -5.73 7.47
CA PHE C 389 38.48 -5.59 7.18
C PHE C 389 39.38 -5.68 8.41
N HIS C 390 40.52 -6.33 8.23
CA HIS C 390 41.45 -6.52 9.31
C HIS C 390 42.86 -6.30 8.80
N GLY C 391 43.23 -5.04 8.65
CA GLY C 391 44.53 -4.69 8.14
C GLY C 391 45.49 -4.43 9.28
N PRO C 392 46.37 -3.43 9.09
CA PRO C 392 47.39 -3.01 10.05
C PRO C 392 46.80 -2.09 11.10
N ASN C 393 47.65 -1.36 11.81
CA ASN C 393 47.19 -0.37 12.77
C ASN C 393 46.42 0.67 11.99
N GLN C 394 45.31 1.15 12.53
CA GLN C 394 44.49 2.08 11.77
C GLN C 394 45.26 3.41 11.53
N GLY C 395 46.17 3.73 12.42
CA GLY C 395 46.92 4.97 12.33
C GLY C 395 48.15 4.88 11.46
N ALA C 396 48.40 3.70 10.88
CA ALA C 396 49.62 3.49 10.11
C ALA C 396 49.63 4.41 8.91
N LEU C 397 50.61 5.29 8.85
CA LEU C 397 50.59 6.39 7.90
C LEU C 397 51.03 5.94 6.51
N ARG C 398 50.08 5.97 5.56
CA ARG C 398 50.38 5.77 4.15
C ARG C 398 51.03 7.05 3.61
N PRO C 399 52.20 6.92 2.97
CA PRO C 399 52.90 8.10 2.48
C PRO C 399 52.42 8.50 1.08
N GLU C 400 51.21 9.04 1.03
CA GLU C 400 50.61 9.48 -0.22
C GLU C 400 49.75 10.72 0.03
N LEU C 401 49.36 11.40 -1.03
CA LEU C 401 48.52 12.58 -0.88
C LEU C 401 47.10 12.20 -0.44
N ALA C 402 46.47 13.05 0.36
CA ALA C 402 45.08 12.82 0.79
C ALA C 402 44.12 12.96 -0.38
N PHE C 403 43.07 12.14 -0.36
CA PHE C 403 42.05 12.18 -1.41
C PHE C 403 41.25 13.49 -1.30
N ASP C 404 41.33 14.32 -2.35
CA ASP C 404 40.73 15.67 -2.25
C ASP C 404 39.26 15.62 -2.56
N HIS C 405 38.44 15.51 -1.53
CA HIS C 405 37.00 15.46 -1.71
C HIS C 405 36.56 16.70 -2.45
N ASP C 406 36.94 17.84 -1.90
CA ASP C 406 36.44 19.13 -2.38
C ASP C 406 36.86 19.38 -3.84
N HIS C 407 38.00 18.84 -4.23
CA HIS C 407 38.49 19.01 -5.60
C HIS C 407 37.94 17.97 -6.58
N ILE C 408 37.86 16.73 -6.14
CA ILE C 408 37.32 15.69 -6.99
C ILE C 408 35.86 15.96 -7.29
N ILE C 409 35.17 16.58 -6.35
CA ILE C 409 33.76 16.87 -6.60
C ILE C 409 33.60 17.99 -7.63
N ARG C 410 34.45 19.00 -7.57
CA ARG C 410 34.38 20.06 -8.56
C ARG C 410 34.76 19.53 -9.93
N CYS C 411 35.82 18.72 -10.01
CA CYS C 411 36.23 18.17 -11.30
C CYS C 411 35.14 17.29 -11.88
N LEU C 412 34.40 16.60 -11.01
CA LEU C 412 33.28 15.82 -11.47
C LEU C 412 32.16 16.69 -12.01
N MET C 413 31.86 17.79 -11.32
CA MET C 413 30.79 18.66 -11.80
C MET C 413 31.17 19.24 -13.14
N LEU C 414 32.45 19.57 -13.26
CA LEU C 414 32.96 20.18 -14.47
C LEU C 414 32.89 19.18 -15.61
N ALA C 415 33.18 17.92 -15.31
CA ALA C 415 33.16 16.88 -16.31
C ALA C 415 31.73 16.64 -16.77
N ALA C 416 30.81 16.63 -15.81
CA ALA C 416 29.40 16.40 -16.10
C ALA C 416 28.89 17.53 -16.99
N ALA C 417 29.41 18.73 -16.76
CA ALA C 417 29.02 19.86 -17.58
C ALA C 417 29.62 19.79 -18.98
N ASN C 418 30.89 19.43 -19.07
CA ASN C 418 31.61 19.47 -20.35
C ASN C 418 31.84 18.14 -21.11
N TYR C 419 31.81 17.02 -20.40
CA TYR C 419 32.28 15.76 -20.97
C TYR C 419 31.19 14.67 -20.98
N PRO C 420 30.56 14.45 -22.15
CA PRO C 420 29.43 13.55 -22.37
C PRO C 420 29.70 12.10 -21.99
N ARG C 421 30.93 11.65 -22.16
CA ARG C 421 31.25 10.26 -21.86
C ARG C 421 31.11 9.91 -20.38
N LEU C 422 31.17 10.92 -19.51
CA LEU C 422 31.23 10.71 -18.07
C LEU C 422 30.13 9.81 -17.54
N GLU C 423 28.89 10.07 -17.96
CA GLU C 423 27.75 9.26 -17.53
C GLU C 423 28.06 7.81 -17.82
N GLY C 424 28.40 7.56 -19.09
CA GLY C 424 28.68 6.22 -19.54
C GLY C 424 29.86 5.58 -18.82
N ILE C 425 30.84 6.40 -18.42
CA ILE C 425 31.99 5.86 -17.71
C ILE C 425 31.56 5.36 -16.35
N ILE C 426 30.83 6.20 -15.63
CA ILE C 426 30.46 5.85 -14.27
C ILE C 426 29.56 4.60 -14.31
N VAL C 427 28.65 4.58 -15.27
CA VAL C 427 27.75 3.45 -15.44
C VAL C 427 28.55 2.20 -15.68
N GLN C 428 29.61 2.31 -16.48
CA GLN C 428 30.35 1.13 -16.89
C GLN C 428 31.02 0.51 -15.67
N ILE C 429 31.22 1.32 -14.64
CA ILE C 429 31.78 0.79 -13.41
C ILE C 429 30.72 -0.03 -12.71
N ASN C 430 29.55 0.57 -12.53
CA ASN C 430 28.51 -0.09 -11.77
C ASN C 430 28.05 -1.34 -12.47
N THR C 431 27.99 -1.29 -13.79
CA THR C 431 27.60 -2.45 -14.56
C THR C 431 28.59 -3.54 -14.28
N GLY C 432 29.87 -3.20 -14.26
CA GLY C 432 30.90 -4.19 -14.03
C GLY C 432 30.69 -4.77 -12.65
N TYR C 433 30.28 -3.91 -11.72
CA TYR C 433 30.04 -4.39 -10.38
C TYR C 433 28.91 -5.39 -10.35
N VAL C 434 27.81 -5.08 -11.04
CA VAL C 434 26.68 -5.98 -11.04
C VAL C 434 27.16 -7.27 -11.68
N ALA C 435 27.99 -7.13 -12.71
CA ALA C 435 28.47 -8.30 -13.44
C ALA C 435 29.32 -9.16 -12.56
N SER C 436 30.04 -8.54 -11.63
CA SER C 436 30.90 -9.29 -10.72
C SER C 436 30.13 -9.74 -9.49
N ALA C 437 29.01 -9.08 -9.22
CA ALA C 437 28.22 -9.46 -8.05
C ALA C 437 27.51 -10.74 -8.39
N ASN C 438 27.49 -11.06 -9.69
CA ASN C 438 26.86 -12.26 -10.23
C ASN C 438 25.46 -12.47 -9.66
N VAL C 439 24.57 -11.52 -9.89
CA VAL C 439 23.26 -11.52 -9.22
C VAL C 439 22.10 -12.00 -10.10
N ILE C 440 22.16 -11.70 -11.39
CA ILE C 440 21.11 -12.14 -12.31
C ILE C 440 21.76 -12.81 -13.51
N ARG C 441 21.16 -13.88 -14.00
CA ARG C 441 21.62 -14.50 -15.24
C ARG C 441 20.42 -14.77 -16.13
N PRO C 442 20.48 -14.32 -17.38
CA PRO C 442 19.45 -14.67 -18.36
C PRO C 442 19.41 -16.17 -18.61
N VAL C 443 18.23 -16.73 -18.85
CA VAL C 443 18.09 -18.15 -19.14
C VAL C 443 17.21 -18.38 -20.36
N SER C 444 17.39 -19.53 -21.00
CA SER C 444 16.64 -19.85 -22.21
C SER C 444 15.14 -20.04 -21.96
N GLU C 445 14.79 -20.49 -20.76
CA GLU C 445 13.41 -20.87 -20.46
C GLU C 445 12.55 -19.69 -20.05
N LYS C 446 11.83 -19.12 -21.01
CA LYS C 446 10.82 -18.10 -20.71
C LYS C 446 9.69 -18.70 -19.89
N ARG C 447 9.19 -17.95 -18.91
CA ARG C 447 8.12 -18.42 -18.04
C ARG C 447 6.92 -17.47 -18.05
N TYR C 448 6.66 -16.88 -19.21
CA TYR C 448 5.65 -15.81 -19.31
C TYR C 448 4.19 -16.22 -19.07
N PHE C 449 3.84 -17.46 -19.36
CA PHE C 449 2.44 -17.85 -19.29
C PHE C 449 2.24 -19.11 -18.46
N PRO C 450 1.08 -19.22 -17.81
CA PRO C 450 0.70 -20.47 -17.17
C PRO C 450 0.52 -21.54 -18.24
N GLU C 451 0.87 -22.79 -17.94
CA GLU C 451 0.39 -23.88 -18.77
C GLU C 451 -1.10 -24.04 -18.56
N ASN C 452 -1.84 -24.24 -19.65
CA ASN C 452 -1.31 -24.06 -20.99
C ASN C 452 -2.14 -23.02 -21.71
N LEU C 453 -2.29 -21.87 -21.06
CA LEU C 453 -3.03 -20.75 -21.61
C LEU C 453 -2.40 -20.21 -22.89
N GLU C 454 -1.08 -20.35 -23.02
CA GLU C 454 -0.41 -19.99 -24.27
C GLU C 454 -0.94 -20.83 -25.43
N GLN C 455 -1.25 -22.09 -25.14
CA GLN C 455 -1.92 -22.97 -26.11
C GLN C 455 -3.38 -22.59 -26.37
N ASN C 456 -4.02 -21.97 -25.38
CA ASN C 456 -5.44 -21.64 -25.43
C ASN C 456 -5.83 -20.59 -26.48
N GLN C 457 -6.94 -20.86 -27.17
CA GLN C 457 -7.41 -20.02 -28.26
C GLN C 457 -7.95 -18.66 -27.82
N SER C 458 -8.63 -18.64 -26.68
CA SER C 458 -9.28 -17.41 -26.20
C SER C 458 -8.24 -16.39 -25.76
N ALA C 459 -7.05 -16.91 -25.42
CA ALA C 459 -6.00 -16.11 -24.84
C ALA C 459 -5.08 -15.44 -25.87
N ALA C 460 -5.34 -15.69 -27.14
CA ALA C 460 -4.41 -15.28 -28.20
C ALA C 460 -4.18 -13.79 -28.21
N ARG C 461 -5.21 -13.01 -27.89
CA ARG C 461 -5.04 -11.58 -27.88
C ARG C 461 -4.13 -11.18 -26.73
N LEU C 462 -4.38 -11.76 -25.56
CA LEU C 462 -3.55 -11.48 -24.39
C LEU C 462 -2.13 -11.98 -24.56
N VAL C 463 -1.98 -13.13 -25.21
CA VAL C 463 -0.68 -13.73 -25.41
C VAL C 463 0.14 -12.91 -26.38
N SER C 464 -0.50 -12.43 -27.44
CA SER C 464 0.19 -11.54 -28.38
C SER C 464 0.53 -10.25 -27.65
N ALA C 465 -0.33 -9.84 -26.74
CA ALA C 465 -0.11 -8.62 -25.95
C ALA C 465 1.11 -8.73 -25.04
N VAL C 466 1.36 -9.92 -24.51
CA VAL C 466 2.50 -10.13 -23.63
C VAL C 466 3.77 -10.33 -24.44
N LYS C 467 3.66 -11.05 -25.55
CA LYS C 467 4.81 -11.26 -26.41
C LYS C 467 5.21 -9.95 -27.08
N ALA C 468 4.27 -9.01 -27.09
CA ALA C 468 4.53 -7.66 -27.59
C ALA C 468 5.51 -6.93 -26.69
N ARG C 469 5.51 -7.30 -25.42
CA ARG C 469 6.29 -6.57 -24.42
C ARG C 469 7.51 -7.36 -23.94
N ALA C 470 7.45 -8.68 -24.06
CA ALA C 470 8.45 -9.55 -23.45
C ALA C 470 9.76 -9.57 -24.23
N SER C 471 10.68 -8.71 -23.84
CA SER C 471 12.02 -8.67 -24.42
C SER C 471 12.76 -9.95 -24.11
N GLU C 472 13.58 -10.42 -25.05
CA GLU C 472 14.48 -11.53 -24.73
C GLU C 472 15.53 -11.00 -23.77
N ALA C 473 15.88 -11.82 -22.77
CA ALA C 473 16.90 -11.43 -21.81
C ALA C 473 18.29 -11.34 -22.44
N ASP C 474 18.99 -10.28 -22.10
CA ASP C 474 20.35 -10.04 -22.57
C ASP C 474 21.09 -9.56 -21.34
N ILE C 475 22.23 -10.16 -21.02
CA ILE C 475 22.87 -9.86 -19.74
C ILE C 475 23.24 -8.40 -19.64
N SER C 476 23.83 -7.88 -20.70
CA SER C 476 24.35 -6.51 -20.67
C SER C 476 23.23 -5.50 -20.48
N SER C 477 22.06 -5.78 -21.05
CA SER C 477 20.91 -4.89 -20.92
C SER C 477 20.32 -4.88 -19.52
N ILE C 478 20.35 -6.04 -18.88
CA ILE C 478 19.85 -6.13 -17.52
C ILE C 478 20.83 -5.51 -16.53
N HIS C 479 22.11 -5.78 -16.73
CA HIS C 479 23.13 -5.24 -15.86
C HIS C 479 23.05 -3.74 -16.00
N LEU C 480 22.78 -3.29 -17.22
CA LEU C 480 22.65 -1.86 -17.48
C LEU C 480 21.46 -1.33 -16.72
N ALA C 481 20.38 -2.11 -16.61
CA ALA C 481 19.19 -1.62 -15.90
C ALA C 481 19.47 -1.41 -14.42
N ILE C 482 20.06 -2.44 -13.81
CA ILE C 482 20.36 -2.42 -12.39
C ILE C 482 21.32 -1.28 -12.12
N ALA C 483 22.27 -1.09 -13.03
CA ALA C 483 23.30 -0.10 -12.82
C ALA C 483 22.74 1.30 -12.95
N ARG C 484 21.86 1.49 -13.92
CA ARG C 484 21.26 2.78 -14.22
C ARG C 484 20.49 3.21 -12.99
N GLU C 485 20.01 2.24 -12.24
CA GLU C 485 19.26 2.60 -11.04
C GLU C 485 20.10 3.42 -10.06
N VAL C 486 21.41 3.14 -9.96
CA VAL C 486 22.26 3.90 -9.03
C VAL C 486 23.21 4.94 -9.66
N SER C 487 23.46 4.84 -10.95
CA SER C 487 24.36 5.77 -11.60
C SER C 487 23.71 7.14 -11.73
N PRO C 488 24.52 8.22 -11.60
CA PRO C 488 24.05 9.60 -11.82
C PRO C 488 23.55 9.81 -13.25
N MET C 489 22.50 10.61 -13.39
CA MET C 489 21.95 10.90 -14.71
C MET C 489 22.41 12.29 -15.09
N PHE C 490 22.87 12.45 -16.33
CA PHE C 490 23.31 13.77 -16.79
C PHE C 490 22.44 14.31 -17.90
N ASN C 491 22.28 13.53 -18.97
CA ASN C 491 21.25 13.84 -19.94
C ASN C 491 19.94 13.23 -19.47
N VAL C 492 18.87 14.04 -19.41
CA VAL C 492 17.58 13.60 -18.89
C VAL C 492 16.96 12.44 -19.66
N HIS C 493 16.81 11.29 -18.98
CA HIS C 493 16.33 10.05 -19.59
C HIS C 493 14.92 10.14 -20.15
N GLU C 494 14.74 9.61 -21.36
CA GLU C 494 13.43 9.58 -22.00
C GLU C 494 12.92 8.15 -21.97
N LEU C 495 11.62 7.99 -21.84
CA LEU C 495 10.99 6.69 -22.00
C LEU C 495 11.03 6.29 -23.47
N LYS C 496 11.30 5.02 -23.74
CA LYS C 496 11.07 4.49 -25.08
C LYS C 496 9.56 4.45 -25.19
N LYS C 497 9.00 5.12 -26.18
CA LYS C 497 7.55 5.33 -26.19
C LYS C 497 6.73 4.09 -26.51
N ILE C 498 5.58 3.96 -25.86
CA ILE C 498 4.68 2.85 -26.09
C ILE C 498 3.48 3.37 -26.87
N ALA C 499 2.97 2.56 -27.79
CA ALA C 499 1.88 2.98 -28.66
C ALA C 499 0.50 2.71 -28.12
N GLU C 500 0.41 2.03 -26.98
CA GLU C 500 -0.85 1.38 -26.57
C GLU C 500 -2.05 2.32 -26.45
N SER C 501 -3.20 1.83 -26.93
CA SER C 501 -4.44 2.59 -26.98
C SER C 501 -5.46 2.10 -25.96
N PHE C 502 -5.11 1.02 -25.28
CA PHE C 502 -5.90 0.51 -24.17
C PHE C 502 -7.35 0.18 -24.46
N GLU C 503 -7.60 -0.54 -25.56
CA GLU C 503 -8.95 -1.06 -25.81
C GLU C 503 -9.16 -2.45 -25.22
N ASP C 504 -8.36 -3.42 -25.67
CA ASP C 504 -8.51 -4.77 -25.13
C ASP C 504 -8.11 -4.74 -23.66
N PRO C 505 -8.73 -5.61 -22.85
CA PRO C 505 -8.36 -5.72 -21.43
C PRO C 505 -6.89 -6.07 -21.27
N SER C 506 -6.33 -6.80 -22.23
CA SER C 506 -4.95 -7.24 -22.18
C SER C 506 -3.99 -6.06 -22.18
N SER C 507 -4.48 -4.90 -22.59
CA SER C 507 -3.68 -3.69 -22.62
C SER C 507 -3.20 -3.34 -21.21
N ILE C 508 -3.87 -3.92 -20.21
CA ILE C 508 -3.46 -3.73 -18.82
C ILE C 508 -2.02 -4.15 -18.63
N VAL C 509 -1.52 -4.99 -19.53
CA VAL C 509 -0.15 -5.47 -19.46
C VAL C 509 0.82 -4.29 -19.44
N VAL C 510 0.55 -3.29 -20.27
CA VAL C 510 1.44 -2.14 -20.31
C VAL C 510 1.48 -1.48 -18.93
N VAL C 511 0.31 -1.38 -18.30
CA VAL C 511 0.24 -0.78 -16.97
C VAL C 511 1.11 -1.57 -16.03
N LEU C 512 1.00 -2.89 -16.12
CA LEU C 512 1.75 -3.75 -15.24
C LEU C 512 3.25 -3.61 -15.51
N GLU C 513 3.60 -3.42 -16.78
CA GLU C 513 5.00 -3.28 -17.16
C GLU C 513 5.55 -2.03 -16.49
N PHE C 514 4.68 -1.03 -16.29
CA PHE C 514 5.09 0.17 -15.58
C PHE C 514 5.13 -0.07 -14.07
N ILE C 515 4.15 -0.79 -13.53
CA ILE C 515 4.10 -0.98 -12.09
C ILE C 515 5.34 -1.73 -11.65
N LEU C 516 5.69 -2.74 -12.44
CA LEU C 516 6.88 -3.53 -12.17
C LEU C 516 8.13 -2.67 -12.26
N PHE C 517 8.12 -1.74 -13.22
CA PHE C 517 9.24 -0.82 -13.36
C PHE C 517 9.31 0.13 -12.17
N ALA C 518 8.16 0.46 -11.60
CA ALA C 518 8.14 1.30 -10.42
C ALA C 518 8.78 0.58 -9.25
N LEU C 519 8.69 -0.75 -9.27
CA LEU C 519 9.11 -1.52 -8.11
C LEU C 519 10.58 -1.86 -8.19
N PHE C 520 10.95 -2.51 -9.27
CA PHE C 520 12.32 -2.93 -9.47
C PHE C 520 13.27 -1.74 -9.59
N PHE C 521 12.81 -0.64 -10.20
CA PHE C 521 13.64 0.54 -10.37
C PHE C 521 12.93 1.83 -10.05
N PRO C 522 12.64 2.08 -8.76
CA PRO C 522 11.89 3.29 -8.38
C PRO C 522 12.54 4.58 -8.85
N THR C 523 13.86 4.63 -8.87
CA THR C 523 14.59 5.83 -9.26
C THR C 523 14.46 6.19 -10.73
N GLU C 524 14.78 5.23 -11.59
CA GLU C 524 14.72 5.46 -13.03
C GLU C 524 13.27 5.71 -13.44
N PHE C 525 12.36 5.01 -12.75
CA PHE C 525 10.95 5.25 -12.95
C PHE C 525 10.65 6.68 -12.60
N ASN C 526 11.28 7.19 -11.55
CA ASN C 526 11.05 8.57 -11.18
C ASN C 526 11.52 9.53 -12.25
N ARG C 527 12.58 9.17 -12.95
CA ARG C 527 13.03 10.01 -14.05
C ARG C 527 12.06 10.01 -15.24
N ILE C 528 11.52 8.83 -15.57
CA ILE C 528 10.71 8.73 -16.78
C ILE C 528 9.20 8.81 -16.50
N LYS C 529 8.85 9.14 -15.26
CA LYS C 529 7.47 8.95 -14.81
C LYS C 529 6.46 9.84 -15.52
N GLY C 530 6.85 11.03 -15.95
CA GLY C 530 5.89 11.85 -16.66
C GLY C 530 5.59 11.24 -18.02
N ASP C 531 6.66 10.73 -18.62
CA ASP C 531 6.55 10.11 -19.93
C ASP C 531 5.68 8.86 -19.81
N ILE C 532 5.73 8.17 -18.67
CA ILE C 532 4.81 7.03 -18.51
C ILE C 532 3.41 7.51 -18.15
N GLN C 533 3.31 8.73 -17.61
CA GLN C 533 2.00 9.28 -17.25
C GLN C 533 1.22 9.55 -18.51
N ASN C 534 1.95 9.85 -19.59
CA ASN C 534 1.28 10.01 -20.87
C ASN C 534 0.58 8.76 -21.39
N VAL C 535 1.12 7.60 -21.06
CA VAL C 535 0.53 6.34 -21.46
C VAL C 535 -0.61 6.03 -20.51
N LEU C 536 -0.36 6.30 -19.23
CA LEU C 536 -1.37 6.03 -18.23
C LEU C 536 -2.62 6.84 -18.50
N LEU C 537 -2.46 8.06 -19.00
CA LEU C 537 -3.61 8.90 -19.27
C LEU C 537 -4.48 8.36 -20.40
N LEU C 538 -3.84 7.73 -21.37
CA LEU C 538 -4.56 7.03 -22.43
C LEU C 538 -5.29 5.85 -21.83
N PHE C 539 -4.70 5.25 -20.81
CA PHE C 539 -5.35 4.14 -20.14
C PHE C 539 -6.58 4.62 -19.36
N PHE C 540 -6.38 5.59 -18.49
CA PHE C 540 -7.42 6.11 -17.60
C PHE C 540 -8.56 6.77 -18.35
N SER C 541 -8.26 7.41 -19.48
CA SER C 541 -9.30 8.03 -20.28
C SER C 541 -10.21 6.97 -20.88
N ARG C 542 -9.70 5.77 -21.08
CA ARG C 542 -10.50 4.67 -21.60
C ARG C 542 -11.24 3.96 -20.49
N TRP C 543 -10.47 3.37 -19.59
CA TRP C 543 -11.03 2.56 -18.49
C TRP C 543 -11.83 3.34 -17.46
N TYR C 544 -11.43 4.58 -17.16
CA TYR C 544 -12.18 5.38 -16.19
C TYR C 544 -12.45 6.79 -16.66
N PRO C 545 -13.28 6.94 -17.70
CA PRO C 545 -13.52 8.27 -18.28
C PRO C 545 -14.09 9.31 -17.33
N VAL C 546 -14.94 8.92 -16.38
CA VAL C 546 -15.53 9.90 -15.48
C VAL C 546 -14.49 10.38 -14.50
N GLU C 547 -13.76 9.43 -13.93
CA GLU C 547 -12.68 9.74 -13.03
C GLU C 547 -11.60 10.50 -13.77
N TYR C 548 -11.33 10.10 -15.01
CA TYR C 548 -10.30 10.77 -15.81
C TYR C 548 -10.73 12.20 -16.05
N GLY C 549 -12.03 12.38 -16.16
CA GLY C 549 -12.59 13.70 -16.37
C GLY C 549 -12.32 14.57 -15.17
N ILE C 550 -12.66 14.07 -13.97
CA ILE C 550 -12.46 14.88 -12.77
C ILE C 550 -10.98 15.16 -12.52
N PHE C 551 -10.17 14.14 -12.78
CA PHE C 551 -8.75 14.19 -12.48
C PHE C 551 -8.06 15.20 -13.38
N VAL C 552 -8.27 15.04 -14.68
CA VAL C 552 -7.68 15.93 -15.66
C VAL C 552 -8.24 17.34 -15.46
N GLN C 553 -9.48 17.41 -14.96
CA GLN C 553 -10.07 18.69 -14.63
C GLN C 553 -9.32 19.37 -13.49
N ARG C 554 -8.78 18.59 -12.56
CA ARG C 554 -7.91 19.18 -11.53
C ARG C 554 -6.62 19.70 -12.14
N GLY C 555 -6.18 19.04 -13.20
CA GLY C 555 -4.96 19.41 -13.88
C GLY C 555 -4.03 18.23 -14.10
N ALA C 556 -3.29 18.27 -15.19
CA ALA C 556 -2.37 17.18 -15.55
C ALA C 556 -1.05 17.26 -14.80
N THR C 557 -0.74 18.42 -14.23
CA THR C 557 0.51 18.63 -13.50
C THR C 557 0.28 19.44 -12.24
N TYR C 558 1.37 19.75 -11.54
CA TYR C 558 1.30 20.67 -10.41
C TYR C 558 2.64 21.20 -10.04
N THR C 559 2.66 22.19 -9.16
CA THR C 559 3.91 22.73 -8.64
C THR C 559 3.81 22.89 -7.14
N ILE C 560 4.79 22.37 -6.44
CA ILE C 560 4.90 22.61 -5.00
C ILE C 560 5.32 24.06 -4.78
N ASN C 561 4.76 24.70 -3.77
CA ASN C 561 5.14 26.08 -3.43
C ASN C 561 5.86 26.15 -2.09
N ALA C 562 6.00 27.36 -1.56
CA ALA C 562 6.50 27.53 -0.20
C ALA C 562 5.49 26.87 0.72
N ALA C 563 5.99 26.28 1.80
CA ALA C 563 5.18 25.50 2.75
C ALA C 563 4.65 24.19 2.15
N GLY C 564 5.10 23.86 0.94
CA GLY C 564 4.97 22.51 0.42
C GLY C 564 3.63 22.11 -0.17
N GLU C 565 2.67 23.03 -0.18
CA GLU C 565 1.34 22.74 -0.72
C GLU C 565 1.40 22.56 -2.25
N PHE C 566 0.65 21.59 -2.77
CA PHE C 566 0.60 21.38 -4.21
C PHE C 566 -0.29 22.43 -4.89
N GLU C 567 0.05 22.80 -6.12
CA GLU C 567 -0.81 23.69 -6.91
C GLU C 567 -0.99 23.09 -8.29
N PHE C 568 -2.12 22.41 -8.49
CA PHE C 568 -2.39 21.73 -9.75
C PHE C 568 -2.77 22.67 -10.89
N SER C 569 -2.42 22.26 -12.11
CA SER C 569 -2.44 23.15 -13.27
C SER C 569 -3.83 23.63 -13.64
N GLY C 570 -4.82 22.80 -13.37
CA GLY C 570 -6.19 23.13 -13.74
C GLY C 570 -6.41 22.93 -15.23
N ARG C 571 -5.45 22.29 -15.88
CA ARG C 571 -5.47 22.15 -17.32
C ARG C 571 -4.68 20.95 -17.81
N ASN C 572 -5.35 20.09 -18.57
CA ASN C 572 -4.73 18.95 -19.23
C ASN C 572 -3.70 19.37 -20.30
N GLU C 573 -2.52 18.74 -20.27
CA GLU C 573 -1.48 18.93 -21.29
C GLU C 573 -0.42 17.84 -21.21
N LYS C 574 0.15 17.47 -22.36
CA LYS C 574 1.13 16.39 -22.41
C LYS C 574 2.45 16.75 -21.72
N TRP C 575 2.98 15.81 -20.96
CA TRP C 575 4.28 15.99 -20.34
C TRP C 575 5.39 15.82 -21.36
N ASP C 576 6.45 16.60 -21.19
CA ASP C 576 7.66 16.42 -21.98
C ASP C 576 8.80 16.36 -20.98
N GLN C 577 9.86 15.64 -21.32
CA GLN C 577 10.99 15.53 -20.42
C GLN C 577 11.65 16.90 -20.25
N ALA C 578 11.29 17.83 -21.13
CA ALA C 578 11.67 19.23 -21.00
C ALA C 578 11.14 19.77 -19.68
N LEU C 579 10.09 19.15 -19.16
CA LEU C 579 9.54 19.53 -17.88
C LEU C 579 10.23 18.95 -16.64
N TYR C 580 11.09 17.95 -16.82
CA TYR C 580 11.74 17.30 -15.66
C TYR C 580 12.61 18.27 -14.90
N LEU C 581 13.23 19.17 -15.63
CA LEU C 581 14.11 20.16 -15.02
C LEU C 581 13.33 21.40 -14.60
N SER C 582 12.05 21.43 -14.92
CA SER C 582 11.17 22.54 -14.54
C SER C 582 10.48 22.30 -13.20
N GLU C 583 9.78 23.32 -12.71
CA GLU C 583 9.12 23.27 -11.41
C GLU C 583 7.99 22.25 -11.34
N HIS C 584 7.49 21.85 -12.51
CA HIS C 584 6.31 21.00 -12.63
C HIS C 584 6.51 19.51 -12.31
N PHE C 585 5.46 18.86 -11.79
CA PHE C 585 5.42 17.42 -11.59
C PHE C 585 4.20 16.87 -12.29
N PRO C 586 4.29 15.63 -12.82
CA PRO C 586 3.09 14.96 -13.34
C PRO C 586 2.10 14.79 -12.21
N ALA C 587 0.81 15.02 -12.45
CA ALA C 587 -0.15 15.04 -11.35
C ALA C 587 -0.63 13.66 -10.94
N LEU C 588 -0.44 12.67 -11.81
CA LEU C 588 -0.85 11.30 -11.50
C LEU C 588 -0.10 10.72 -10.30
N PHE C 589 1.06 11.31 -10.00
CA PHE C 589 1.90 10.81 -8.92
C PHE C 589 1.87 11.69 -7.67
N SER C 590 0.95 12.64 -7.65
CA SER C 590 0.82 13.53 -6.49
C SER C 590 0.39 12.79 -5.23
N ASP C 591 -0.28 11.65 -5.41
CA ASP C 591 -0.86 10.89 -4.30
C ASP C 591 -1.81 11.73 -3.46
N VAL C 592 -2.38 12.77 -4.07
CA VAL C 592 -3.36 13.62 -3.43
C VAL C 592 -4.76 13.11 -3.69
N PRO C 593 -5.50 12.78 -2.62
CA PRO C 593 -6.86 12.24 -2.79
C PRO C 593 -7.76 13.24 -3.52
N LEU C 594 -8.64 12.75 -4.37
CA LEU C 594 -9.50 13.61 -5.17
C LEU C 594 -10.97 13.33 -4.90
N ALA C 595 -11.81 14.31 -5.17
CA ALA C 595 -13.21 14.27 -4.78
C ALA C 595 -13.98 13.10 -5.39
N GLY C 596 -13.57 12.63 -6.57
CA GLY C 596 -14.31 11.57 -7.23
C GLY C 596 -13.48 10.68 -8.14
N ALA C 597 -12.17 10.87 -8.13
CA ALA C 597 -11.29 10.09 -8.99
C ALA C 597 -10.59 9.00 -8.19
N ASN C 598 -11.27 8.46 -7.18
CA ASN C 598 -10.64 7.61 -6.20
C ASN C 598 -9.99 6.36 -6.80
N THR C 599 -10.59 5.80 -7.84
CA THR C 599 -10.03 4.60 -8.47
C THR C 599 -8.70 4.91 -9.14
N ILE C 600 -8.58 6.13 -9.65
CA ILE C 600 -7.35 6.55 -10.27
C ILE C 600 -6.22 6.67 -9.24
N ILE C 601 -6.50 7.35 -8.13
CA ILE C 601 -5.49 7.48 -7.08
C ILE C 601 -5.13 6.11 -6.50
N ALA C 602 -6.14 5.26 -6.36
CA ALA C 602 -5.94 3.92 -5.83
C ALA C 602 -5.04 3.09 -6.74
N ILE C 603 -5.21 3.23 -8.05
CA ILE C 603 -4.30 2.54 -8.97
C ILE C 603 -2.91 3.16 -8.87
N MET C 604 -2.87 4.48 -8.67
CA MET C 604 -1.59 5.19 -8.63
C MET C 604 -0.75 4.80 -7.43
N ARG C 605 -1.40 4.39 -6.36
CA ARG C 605 -0.68 3.98 -5.17
C ARG C 605 0.06 2.67 -5.42
N LEU C 606 -0.32 1.95 -6.47
CA LEU C 606 0.40 0.74 -6.85
C LEU C 606 1.84 1.05 -7.27
N PHE C 607 2.07 2.27 -7.74
CA PHE C 607 3.40 2.68 -8.17
C PHE C 607 4.33 3.10 -7.04
N THR C 608 3.83 3.20 -5.81
CA THR C 608 4.70 3.61 -4.70
C THR C 608 5.75 2.55 -4.40
N PRO C 609 7.02 2.97 -4.32
CA PRO C 609 8.22 2.15 -4.11
C PRO C 609 8.27 1.48 -2.74
N GLN C 610 8.83 0.27 -2.69
CA GLN C 610 8.75 -0.56 -1.48
C GLN C 610 10.03 -0.64 -0.66
N GLY C 611 11.03 0.15 -1.03
CA GLY C 611 12.30 0.17 -0.32
C GLY C 611 12.40 1.27 0.72
N PHE C 612 13.62 1.74 0.96
CA PHE C 612 13.87 2.73 2.00
C PHE C 612 14.97 3.67 1.59
N LEU C 613 15.00 4.84 2.22
CA LEU C 613 16.00 5.85 1.88
C LEU C 613 17.24 5.74 2.74
N ARG C 614 18.25 5.02 2.24
CA ARG C 614 19.48 4.82 3.00
C ARG C 614 20.42 5.97 2.76
N THR C 615 20.95 6.58 3.83
CA THR C 615 21.98 7.58 3.63
C THR C 615 23.26 6.85 3.28
N ASP C 616 24.09 7.47 2.45
CA ASP C 616 25.31 6.81 1.99
C ASP C 616 26.39 6.90 3.07
N ASP C 617 26.26 6.03 4.08
CA ASP C 617 27.05 6.12 5.30
C ASP C 617 28.53 5.85 5.08
N LEU C 618 28.83 4.77 4.39
CA LEU C 618 30.22 4.38 4.17
C LEU C 618 30.91 5.40 3.28
N ALA C 619 30.16 5.91 2.29
CA ALA C 619 30.70 6.85 1.33
C ALA C 619 31.05 8.16 1.99
N ILE C 620 30.21 8.56 2.94
CA ILE C 620 30.45 9.73 3.77
C ILE C 620 31.67 9.52 4.67
N ALA C 621 31.79 8.33 5.25
CA ALA C 621 32.94 8.02 6.10
C ALA C 621 34.26 8.02 5.34
N ALA C 622 34.21 7.61 4.07
CA ALA C 622 35.40 7.54 3.22
C ALA C 622 35.69 8.89 2.59
N ASN C 623 34.79 9.84 2.83
CA ASN C 623 34.92 11.18 2.28
C ASN C 623 34.96 11.15 0.76
N PHE C 624 34.20 10.23 0.18
CA PHE C 624 34.01 10.15 -1.27
C PHE C 624 33.23 11.36 -1.76
N PRO C 625 33.42 11.74 -3.04
CA PRO C 625 32.73 12.93 -3.56
C PRO C 625 31.24 12.77 -3.49
N ARG C 626 30.54 13.85 -3.20
CA ARG C 626 29.10 13.80 -3.12
C ARG C 626 28.47 15.19 -3.17
N ALA C 627 27.83 15.49 -4.30
CA ALA C 627 27.25 16.80 -4.57
C ALA C 627 26.10 17.17 -3.63
N SER C 628 25.48 16.18 -3.01
CA SER C 628 24.40 16.43 -2.07
C SER C 628 24.95 16.99 -0.78
N ARG C 629 24.14 17.81 -0.09
CA ARG C 629 24.54 18.31 1.22
C ARG C 629 24.62 17.14 2.19
N ASN C 630 23.56 16.34 2.21
CA ASN C 630 23.55 15.05 2.91
C ASN C 630 23.21 13.92 1.94
N PRO C 631 24.22 13.10 1.58
CA PRO C 631 24.14 12.00 0.63
C PRO C 631 23.18 10.91 1.05
N GLN C 632 22.45 10.36 0.08
CA GLN C 632 21.53 9.24 0.29
C GLN C 632 20.98 8.72 -1.02
N THR C 633 20.64 7.44 -1.06
CA THR C 633 19.99 6.85 -2.22
C THR C 633 18.82 6.03 -1.73
N TYR C 634 17.87 5.80 -2.62
CA TYR C 634 16.69 5.03 -2.24
C TYR C 634 16.80 3.60 -2.73
N ILE C 635 17.10 2.70 -1.79
CA ILE C 635 17.16 1.28 -2.09
C ILE C 635 15.76 0.75 -2.38
N PRO C 636 15.61 0.04 -3.51
CA PRO C 636 14.32 -0.48 -3.99
C PRO C 636 13.58 -1.40 -3.04
N TYR C 637 14.30 -2.21 -2.28
CA TYR C 637 13.66 -3.17 -1.36
C TYR C 637 14.61 -3.65 -0.27
N THR C 638 14.06 -4.14 0.83
CA THR C 638 14.87 -4.52 1.99
C THR C 638 14.78 -6.03 2.23
N ASN C 639 15.70 -6.54 3.06
CA ASN C 639 15.71 -7.96 3.40
C ASN C 639 14.43 -8.39 4.10
N GLN C 640 13.93 -9.58 3.78
CA GLN C 640 12.71 -10.05 4.45
C GLN C 640 12.99 -10.29 5.93
N ARG C 641 12.07 -9.83 6.78
CA ARG C 641 12.29 -9.89 8.22
C ARG C 641 11.91 -11.26 8.75
N GLY C 642 10.73 -11.74 8.34
CA GLY C 642 10.18 -12.97 8.89
C GLY C 642 10.80 -14.21 8.30
N THR C 643 10.54 -15.36 8.92
CA THR C 643 11.06 -16.62 8.43
C THR C 643 10.51 -17.00 7.04
N VAL C 644 9.25 -16.67 6.78
CA VAL C 644 8.59 -17.14 5.57
C VAL C 644 8.07 -16.06 4.61
N THR C 645 7.26 -15.14 5.10
CA THR C 645 6.67 -14.14 4.21
C THR C 645 7.66 -13.10 3.75
N ASN C 646 7.49 -12.66 2.50
CA ASN C 646 8.33 -11.65 1.89
C ASN C 646 7.48 -10.43 1.56
N GLU C 647 7.77 -9.30 2.20
CA GLU C 647 6.91 -8.13 2.14
C GLU C 647 6.73 -7.61 0.71
N PHE C 648 7.79 -7.75 -0.08
CA PHE C 648 7.79 -7.29 -1.45
C PHE C 648 6.81 -8.13 -2.26
N ALA C 649 6.92 -9.45 -2.12
CA ALA C 649 6.04 -10.33 -2.87
C ALA C 649 4.60 -10.10 -2.49
N SER C 650 4.34 -9.85 -1.21
CA SER C 650 2.99 -9.62 -0.74
C SER C 650 2.44 -8.31 -1.29
N ARG C 651 3.31 -7.32 -1.43
CA ARG C 651 2.90 -6.07 -2.04
C ARG C 651 2.49 -6.33 -3.48
N PHE C 652 3.25 -7.16 -4.17
CA PHE C 652 2.88 -7.51 -5.53
C PHE C 652 1.56 -8.26 -5.56
N ARG C 653 1.30 -9.01 -4.50
CA ARG C 653 0.06 -9.77 -4.44
C ARG C 653 -1.11 -8.82 -4.37
N THR C 654 -1.00 -7.77 -3.55
CA THR C 654 -2.09 -6.79 -3.51
C THR C 654 -2.18 -5.95 -4.79
N ILE C 655 -1.03 -5.79 -5.44
CA ILE C 655 -1.02 -5.12 -6.73
C ILE C 655 -1.84 -5.90 -7.75
N VAL C 656 -1.53 -7.17 -7.95
CA VAL C 656 -2.29 -7.96 -8.94
C VAL C 656 -3.73 -8.25 -8.51
N ALA C 657 -4.01 -8.23 -7.21
CA ALA C 657 -5.40 -8.32 -6.77
C ALA C 657 -6.14 -7.04 -7.18
N THR C 658 -5.46 -5.90 -7.07
CA THR C 658 -6.08 -4.65 -7.50
C THR C 658 -6.30 -4.67 -9.01
N LEU C 659 -5.28 -5.12 -9.73
CA LEU C 659 -5.30 -5.12 -11.19
C LEU C 659 -6.34 -6.09 -11.68
N ALA C 660 -6.56 -7.15 -10.92
CA ALA C 660 -7.57 -8.15 -11.28
C ALA C 660 -8.95 -7.59 -11.04
N ASN C 661 -9.11 -6.81 -9.98
CA ASN C 661 -10.40 -6.16 -9.78
C ASN C 661 -10.69 -5.15 -10.88
N VAL C 662 -9.65 -4.49 -11.36
CA VAL C 662 -9.80 -3.48 -12.38
C VAL C 662 -10.11 -4.09 -13.73
N VAL C 663 -9.40 -5.17 -14.03
CA VAL C 663 -9.62 -5.91 -15.26
C VAL C 663 -11.01 -6.51 -15.22
N ASN C 664 -11.43 -6.89 -14.03
CA ASN C 664 -12.75 -7.49 -13.84
C ASN C 664 -13.88 -6.50 -14.08
N GLU C 665 -13.71 -5.28 -13.58
CA GLU C 665 -14.76 -4.28 -13.66
C GLU C 665 -14.76 -3.59 -15.02
N ARG C 666 -13.79 -3.97 -15.85
CA ARG C 666 -13.65 -3.39 -17.18
C ARG C 666 -14.74 -3.90 -18.11
N ALA C 667 -15.73 -3.04 -18.39
CA ALA C 667 -16.81 -3.43 -19.29
C ALA C 667 -16.30 -3.59 -20.72
N VAL C 668 -16.76 -4.62 -21.41
CA VAL C 668 -16.41 -4.83 -22.81
C VAL C 668 -17.63 -5.27 -23.61
N GLN C 669 -17.56 -5.13 -24.94
CA GLN C 669 -18.68 -5.47 -25.80
C GLN C 669 -18.42 -6.68 -26.71
N ASP C 670 -17.24 -6.71 -27.35
CA ASP C 670 -16.87 -7.85 -28.18
C ASP C 670 -16.66 -9.11 -27.34
N ASP C 671 -17.07 -10.27 -27.87
CA ASP C 671 -16.95 -11.53 -27.15
C ASP C 671 -15.51 -11.93 -26.83
N MET C 672 -14.60 -11.70 -27.77
CA MET C 672 -13.18 -11.97 -27.55
C MET C 672 -12.57 -11.04 -26.49
N GLN C 673 -13.11 -9.85 -26.37
CA GLN C 673 -12.72 -8.96 -25.30
C GLN C 673 -13.15 -9.55 -23.96
N LYS C 674 -14.36 -10.08 -23.93
CA LYS C 674 -14.91 -10.70 -22.74
C LYS C 674 -14.05 -11.91 -22.37
N ALA C 675 -13.47 -12.55 -23.39
CA ALA C 675 -12.61 -13.70 -23.17
C ALA C 675 -11.27 -13.30 -22.58
N THR C 676 -10.62 -12.33 -23.22
CA THR C 676 -9.28 -11.98 -22.78
C THR C 676 -9.35 -11.28 -21.45
N ARG C 677 -10.55 -10.84 -21.07
CA ARG C 677 -10.68 -10.29 -19.73
C ARG C 677 -10.34 -11.40 -18.73
N SER C 678 -11.04 -12.52 -18.84
CA SER C 678 -10.78 -13.62 -17.91
C SER C 678 -9.39 -14.24 -18.10
N CYS C 679 -8.91 -14.32 -19.34
CA CYS C 679 -7.56 -14.84 -19.55
C CYS C 679 -6.51 -13.91 -18.95
N THR C 680 -6.78 -12.61 -18.99
CA THR C 680 -5.91 -11.62 -18.40
C THR C 680 -5.87 -11.89 -16.92
N LYS C 681 -7.03 -12.21 -16.37
CA LYS C 681 -7.15 -12.43 -14.94
C LYS C 681 -6.30 -13.64 -14.53
N GLN C 682 -6.39 -14.72 -15.30
CA GLN C 682 -5.56 -15.90 -15.05
C GLN C 682 -4.08 -15.58 -15.11
N TRP C 683 -3.67 -14.87 -16.15
CA TRP C 683 -2.27 -14.56 -16.35
C TRP C 683 -1.67 -13.65 -15.27
N LEU C 684 -2.47 -12.72 -14.77
CA LEU C 684 -2.04 -11.91 -13.63
C LEU C 684 -1.79 -12.85 -12.47
N ARG C 685 -2.73 -13.77 -12.31
CA ARG C 685 -2.69 -14.70 -11.19
C ARG C 685 -1.44 -15.59 -11.25
N HIS C 686 -0.93 -15.81 -12.46
CA HIS C 686 0.32 -16.55 -12.66
C HIS C 686 1.58 -15.69 -12.41
N LEU C 687 1.50 -14.44 -12.84
CA LEU C 687 2.62 -13.52 -12.66
C LEU C 687 2.90 -13.38 -11.19
N GLU C 688 1.84 -13.44 -10.39
CA GLU C 688 2.03 -13.30 -8.96
C GLU C 688 2.94 -14.43 -8.44
N THR C 689 2.72 -15.64 -8.93
CA THR C 689 3.52 -16.74 -8.44
C THR C 689 4.96 -16.61 -8.92
N GLN C 690 5.16 -16.11 -10.14
CA GLN C 690 6.55 -15.94 -10.60
C GLN C 690 7.27 -14.93 -9.73
N PHE C 691 6.52 -13.90 -9.35
CA PHE C 691 7.10 -12.82 -8.60
C PHE C 691 7.49 -13.34 -7.24
N ASP C 692 6.58 -14.08 -6.61
CA ASP C 692 6.84 -14.59 -5.25
C ASP C 692 8.04 -15.53 -5.31
N ASN C 693 8.16 -16.23 -6.43
CA ASN C 693 9.29 -17.12 -6.62
C ASN C 693 10.62 -16.37 -6.73
N ILE C 694 10.57 -15.14 -7.22
CA ILE C 694 11.79 -14.36 -7.47
C ILE C 694 12.13 -13.31 -6.35
N ALA C 695 11.17 -13.10 -5.46
CA ALA C 695 11.18 -11.97 -4.55
C ALA C 695 12.36 -12.01 -3.60
N VAL C 696 12.78 -13.21 -3.23
CA VAL C 696 13.88 -13.37 -2.30
C VAL C 696 15.15 -12.91 -2.95
N ALA C 697 15.32 -13.33 -4.19
CA ALA C 697 16.52 -13.02 -4.94
C ALA C 697 16.61 -11.53 -5.11
N HIS C 698 15.47 -10.86 -5.20
CA HIS C 698 15.56 -9.41 -5.22
C HIS C 698 15.85 -8.84 -3.85
N THR C 699 14.86 -8.90 -2.97
CA THR C 699 14.91 -8.20 -1.70
C THR C 699 16.05 -8.62 -0.79
N ASP C 700 16.39 -9.91 -0.83
CA ASP C 700 17.38 -10.42 0.10
C ASP C 700 18.81 -10.54 -0.50
N HIS C 701 19.00 -10.21 -1.77
CA HIS C 701 20.34 -10.23 -2.37
C HIS C 701 20.69 -8.99 -3.19
N LEU C 702 19.97 -8.80 -4.29
CA LEU C 702 20.20 -7.66 -5.19
C LEU C 702 20.04 -6.31 -4.48
N SER C 703 19.21 -6.27 -3.45
CA SER C 703 19.06 -5.09 -2.61
C SER C 703 20.35 -4.74 -1.88
N VAL C 704 21.08 -5.77 -1.44
CA VAL C 704 22.35 -5.56 -0.78
C VAL C 704 23.34 -4.98 -1.78
N VAL C 705 23.30 -5.49 -3.01
CA VAL C 705 24.14 -5.00 -4.09
C VAL C 705 23.86 -3.52 -4.37
N TYR C 706 22.59 -3.14 -4.38
CA TYR C 706 22.24 -1.73 -4.52
C TYR C 706 22.77 -0.92 -3.35
N ALA C 707 22.69 -1.50 -2.17
CA ALA C 707 23.10 -0.77 -0.99
C ALA C 707 24.56 -0.42 -1.10
N THR C 708 25.41 -1.42 -1.33
CA THR C 708 26.84 -1.11 -1.39
C THR C 708 27.17 -0.27 -2.61
N MET C 709 26.45 -0.49 -3.70
CA MET C 709 26.74 0.20 -4.93
C MET C 709 26.49 1.67 -4.70
N SER C 710 25.56 1.98 -3.79
CA SER C 710 25.25 3.37 -3.46
C SER C 710 26.44 4.11 -2.84
N ASN C 711 27.31 3.37 -2.17
CA ASN C 711 28.46 3.96 -1.49
C ASN C 711 29.68 4.12 -2.37
N PHE C 712 29.58 3.72 -3.63
CA PHE C 712 30.72 3.80 -4.53
C PHE C 712 31.13 5.25 -4.68
N MET C 713 32.43 5.45 -4.91
CA MET C 713 32.99 6.79 -4.95
C MET C 713 32.35 7.68 -6.01
N LEU C 714 31.99 7.10 -7.16
CA LEU C 714 31.49 7.91 -8.27
C LEU C 714 29.96 8.08 -8.35
N ASN C 715 29.21 7.37 -7.52
CA ASN C 715 27.78 7.55 -7.44
C ASN C 715 27.45 8.84 -6.70
N PHE C 716 27.93 9.98 -7.23
CA PHE C 716 28.00 11.20 -6.43
C PHE C 716 26.76 12.08 -6.29
N THR C 717 25.74 11.85 -7.12
CA THR C 717 24.48 12.58 -6.99
C THR C 717 23.47 11.91 -6.04
N ASN C 718 22.56 12.70 -5.47
CA ASN C 718 21.35 12.15 -4.87
C ASN C 718 20.32 11.92 -5.96
N ASN C 719 19.96 10.65 -6.18
CA ASN C 719 19.18 10.29 -7.37
C ASN C 719 17.66 10.33 -7.21
N PHE C 720 17.19 10.09 -5.99
CA PHE C 720 15.77 9.96 -5.71
C PHE C 720 15.65 10.02 -4.19
N SER C 721 14.49 10.37 -3.67
CA SER C 721 14.32 10.42 -2.23
C SER C 721 13.25 9.45 -1.74
N GLY C 722 12.69 8.68 -2.66
CA GLY C 722 11.63 7.74 -2.31
C GLY C 722 10.26 8.37 -2.35
N ASN C 723 10.21 9.65 -2.69
CA ASN C 723 8.95 10.36 -2.76
C ASN C 723 8.70 10.90 -4.16
N HIS C 724 7.93 10.15 -4.95
CA HIS C 724 7.64 10.58 -6.31
C HIS C 724 6.92 11.91 -6.32
N ALA C 725 6.12 12.14 -5.29
CA ALA C 725 5.29 13.33 -5.20
C ALA C 725 6.07 14.63 -5.09
N THR C 726 7.26 14.59 -4.51
CA THR C 726 7.99 15.84 -4.24
C THR C 726 9.39 15.93 -4.82
N PHE C 727 10.04 14.79 -5.05
CA PHE C 727 11.45 14.83 -5.43
C PHE C 727 11.72 15.47 -6.77
N LYS C 728 12.71 16.37 -6.78
CA LYS C 728 13.27 16.93 -7.99
C LYS C 728 14.77 16.88 -7.79
N PRO C 729 15.53 16.59 -8.85
CA PRO C 729 17.00 16.55 -8.72
C PRO C 729 17.54 17.94 -8.38
N ASP C 730 18.58 18.02 -7.55
CA ASP C 730 19.23 19.31 -7.35
C ASP C 730 19.93 19.66 -8.65
N GLN C 731 19.83 20.92 -9.09
CA GLN C 731 20.41 21.30 -10.38
C GLN C 731 21.54 22.30 -10.27
N TYR C 732 22.61 22.02 -11.00
CA TYR C 732 23.80 22.86 -10.95
C TYR C 732 24.24 23.25 -12.35
N VAL C 733 24.94 24.38 -12.41
CA VAL C 733 25.55 24.85 -13.64
C VAL C 733 26.93 25.38 -13.32
N ILE C 734 27.79 25.43 -14.32
CA ILE C 734 29.04 26.14 -14.17
C ILE C 734 28.81 27.44 -14.90
N THR C 735 28.70 28.52 -14.13
CA THR C 735 28.40 29.83 -14.69
C THR C 735 29.47 30.86 -14.36
N SER C 736 29.73 31.75 -15.31
CA SER C 736 30.70 32.81 -15.10
C SER C 736 30.12 34.17 -15.52
N PRO C 737 30.58 35.25 -14.88
CA PRO C 737 30.13 36.60 -15.23
C PRO C 737 30.45 36.88 -16.69
N GLU C 738 31.53 36.27 -17.16
CA GLU C 738 31.99 36.40 -18.54
C GLU C 738 31.01 35.69 -19.48
N GLY C 739 30.01 35.03 -18.90
CA GLY C 739 28.85 34.56 -19.64
C GLY C 739 28.73 33.10 -20.03
N SER C 740 29.62 32.25 -19.54
CA SER C 740 29.47 30.82 -19.78
C SER C 740 28.35 30.30 -18.89
N TYR C 741 27.69 29.24 -19.33
CA TYR C 741 26.62 28.63 -18.55
C TYR C 741 26.46 27.18 -18.96
N LYS C 742 26.95 26.26 -18.13
CA LYS C 742 26.98 24.85 -18.49
C LYS C 742 26.16 24.08 -17.48
N PRO C 743 24.90 23.75 -17.83
CA PRO C 743 24.14 22.90 -16.91
C PRO C 743 24.81 21.53 -16.77
N ILE C 744 24.77 20.96 -15.58
CA ILE C 744 25.28 19.61 -15.39
C ILE C 744 24.23 18.65 -15.93
N ILE C 745 22.96 18.99 -15.69
CA ILE C 745 21.88 18.19 -16.24
C ILE C 745 21.16 18.95 -17.37
N GLU C 746 21.07 18.30 -18.53
CA GLU C 746 20.45 18.89 -19.70
C GLU C 746 19.56 17.84 -20.34
N ARG C 747 18.56 18.29 -21.10
CA ARG C 747 17.75 17.39 -21.88
C ARG C 747 18.13 17.56 -23.34
N GLN C 748 19.05 16.74 -23.81
CA GLN C 748 19.51 16.82 -25.19
C GLN C 748 18.88 15.83 -26.18
N GLY C 749 18.05 14.92 -25.69
CA GLY C 749 17.49 13.89 -26.55
C GLY C 749 18.43 12.71 -26.68
N GLU C 750 18.07 11.74 -27.52
CA GLU C 750 18.82 10.50 -27.63
C GLU C 750 20.29 10.76 -27.96
N THR C 751 21.19 10.29 -27.09
CA THR C 751 22.62 10.41 -27.32
C THR C 751 23.24 9.16 -27.93
N VAL C 752 24.44 9.30 -28.49
CA VAL C 752 25.18 8.20 -29.09
C VAL C 752 25.52 7.11 -28.05
N ASP C 753 25.67 7.50 -26.79
CA ASP C 753 26.04 6.55 -25.75
C ASP C 753 24.99 5.44 -25.60
N GLY C 754 23.74 5.77 -25.95
CA GLY C 754 22.65 4.82 -25.87
C GLY C 754 22.19 4.57 -24.45
N LEU C 755 22.30 5.59 -23.61
CA LEU C 755 21.89 5.47 -22.22
C LEU C 755 20.65 6.29 -21.85
N THR C 756 20.20 7.14 -22.75
CA THR C 756 19.13 8.09 -22.44
C THR C 756 17.72 7.50 -22.51
N ILE C 757 17.39 6.87 -23.63
CA ILE C 757 16.10 6.23 -23.80
C ILE C 757 16.00 5.01 -22.87
N ILE C 758 14.81 4.76 -22.32
CA ILE C 758 14.61 3.63 -21.41
C ILE C 758 13.54 2.67 -21.92
N ASP C 759 13.91 1.43 -22.20
CA ASP C 759 12.90 0.42 -22.53
C ASP C 759 12.43 -0.23 -21.24
N THR C 760 11.26 0.15 -20.79
CA THR C 760 10.70 -0.37 -19.55
C THR C 760 10.51 -1.88 -19.62
N SER C 761 10.39 -2.40 -20.84
CA SER C 761 10.11 -3.80 -21.08
C SER C 761 11.22 -4.71 -20.54
N ILE C 762 12.33 -4.11 -20.14
CA ILE C 762 13.43 -4.84 -19.51
C ILE C 762 12.91 -5.54 -18.27
N VAL C 763 11.78 -5.04 -17.77
CA VAL C 763 11.12 -5.62 -16.62
C VAL C 763 10.73 -7.08 -16.86
N TRP C 764 10.26 -7.40 -18.07
CA TRP C 764 9.81 -8.76 -18.37
C TRP C 764 10.85 -9.89 -18.27
N PRO C 765 12.02 -9.74 -18.92
CA PRO C 765 13.04 -10.80 -18.80
C PRO C 765 13.45 -11.02 -17.36
N ILE C 766 13.44 -9.94 -16.58
CA ILE C 766 13.85 -9.97 -15.18
C ILE C 766 12.89 -10.80 -14.35
N LEU C 767 11.62 -10.71 -14.68
CA LEU C 767 10.59 -11.44 -13.94
C LEU C 767 10.47 -12.87 -14.42
N CYS C 768 10.47 -13.07 -15.74
CA CYS C 768 10.10 -14.35 -16.31
C CYS C 768 11.18 -15.02 -17.18
N GLN C 769 12.44 -14.67 -16.97
CA GLN C 769 13.50 -15.28 -17.78
C GLN C 769 14.89 -15.10 -17.16
N CYS C 770 15.00 -15.21 -15.85
CA CYS C 770 16.27 -14.96 -15.21
C CYS C 770 16.46 -15.78 -13.95
N THR C 771 17.48 -16.64 -13.96
CA THR C 771 17.87 -17.28 -12.71
C THR C 771 18.65 -16.34 -11.82
N TYR C 772 18.58 -16.61 -10.53
CA TYR C 772 19.32 -15.89 -9.53
C TYR C 772 20.05 -16.92 -8.67
N PRO C 773 21.17 -16.53 -8.05
CA PRO C 773 21.87 -17.40 -7.09
C PRO C 773 21.01 -17.81 -5.88
N LEU C 774 20.10 -16.95 -5.44
CA LEU C 774 19.22 -17.33 -4.32
C LEU C 774 17.99 -18.14 -4.76
N VAL C 775 17.76 -18.25 -6.06
CA VAL C 775 16.53 -18.85 -6.55
C VAL C 775 16.70 -20.27 -7.13
N ARG C 776 17.90 -20.57 -7.62
CA ARG C 776 18.20 -21.92 -8.07
C ARG C 776 19.64 -22.33 -7.72
N SER C 786 20.00 -29.31 -4.53
CA SER C 786 20.61 -28.82 -5.75
C SER C 786 20.70 -27.29 -5.77
N ILE C 787 19.90 -26.66 -4.90
CA ILE C 787 19.73 -25.20 -4.94
C ILE C 787 20.84 -24.42 -4.25
N MET C 788 21.76 -25.11 -3.60
CA MET C 788 22.93 -24.44 -3.03
C MET C 788 23.79 -23.82 -4.13
N GLU C 789 24.19 -22.57 -3.92
CA GLU C 789 25.01 -21.84 -4.87
C GLU C 789 25.67 -20.71 -4.09
N GLU C 790 27.00 -20.72 -4.05
CA GLU C 790 27.74 -19.74 -3.27
C GLU C 790 27.50 -18.32 -3.77
N ILE C 791 27.23 -17.40 -2.84
CA ILE C 791 27.15 -15.99 -3.16
C ILE C 791 28.57 -15.48 -3.40
N VAL C 792 28.74 -14.54 -4.31
CA VAL C 792 30.06 -13.98 -4.54
C VAL C 792 30.13 -12.57 -3.95
N TYR C 793 31.27 -12.24 -3.36
CA TYR C 793 31.48 -10.95 -2.71
C TYR C 793 32.75 -10.39 -3.31
N PRO C 794 32.61 -9.74 -4.47
CA PRO C 794 33.73 -9.30 -5.31
C PRO C 794 34.64 -8.33 -4.60
N ASP C 795 35.93 -8.40 -4.91
CA ASP C 795 36.94 -7.59 -4.24
C ASP C 795 36.62 -6.11 -4.44
N PRO C 796 36.71 -5.35 -3.35
CA PRO C 796 36.51 -3.90 -3.39
C PRO C 796 37.51 -3.30 -4.35
N SER C 797 38.67 -3.92 -4.39
CA SER C 797 39.85 -3.35 -5.01
C SER C 797 39.64 -3.03 -6.49
N THR C 798 38.83 -3.81 -7.18
CA THR C 798 38.65 -3.59 -8.61
C THR C 798 37.81 -2.35 -8.94
N THR C 799 36.62 -2.22 -8.34
CA THR C 799 35.81 -1.04 -8.62
C THR C 799 36.41 0.17 -7.96
N LEU C 800 37.12 -0.04 -6.87
CA LEU C 800 37.70 1.11 -6.16
C LEU C 800 38.85 1.66 -6.98
N SER C 801 39.73 0.78 -7.44
CA SER C 801 40.82 1.24 -8.27
C SER C 801 40.30 1.79 -9.60
N GLN C 802 39.20 1.23 -10.10
CA GLN C 802 38.63 1.72 -11.35
C GLN C 802 38.12 3.13 -11.17
N SER C 803 37.49 3.38 -10.02
CA SER C 803 36.91 4.68 -9.79
C SER C 803 37.96 5.71 -9.40
N LEU C 804 39.02 5.26 -8.75
CA LEU C 804 40.15 6.13 -8.46
C LEU C 804 40.79 6.53 -9.77
N SER C 805 40.94 5.56 -10.66
CA SER C 805 41.53 5.81 -11.96
C SER C 805 40.67 6.74 -12.80
N VAL C 806 39.34 6.58 -12.71
CA VAL C 806 38.45 7.48 -13.42
C VAL C 806 38.63 8.88 -12.86
N ALA C 807 38.82 8.98 -11.55
CA ALA C 807 38.95 10.27 -10.91
C ALA C 807 40.22 10.97 -11.37
N GLN C 808 41.35 10.26 -11.35
CA GLN C 808 42.61 10.86 -11.78
C GLN C 808 42.58 11.19 -13.26
N VAL C 809 41.86 10.36 -14.02
CA VAL C 809 41.75 10.57 -15.45
C VAL C 809 40.97 11.83 -15.80
N LEU C 810 39.80 12.03 -15.18
CA LEU C 810 39.03 13.20 -15.57
C LEU C 810 39.58 14.43 -14.86
N SER C 811 40.36 14.20 -13.82
CA SER C 811 41.13 15.29 -13.24
C SER C 811 42.09 15.80 -14.30
N LYS C 812 42.86 14.88 -14.88
CA LYS C 812 43.81 15.27 -15.91
C LYS C 812 43.09 15.85 -17.12
N LEU C 813 41.90 15.35 -17.41
CA LEU C 813 41.14 15.79 -18.56
C LEU C 813 40.64 17.22 -18.41
N THR C 814 40.28 17.60 -17.19
CA THR C 814 39.86 18.97 -16.98
C THR C 814 41.02 19.91 -16.64
N LEU C 815 42.21 19.36 -16.40
CA LEU C 815 43.34 20.24 -16.12
C LEU C 815 43.61 21.26 -17.23
N PRO C 816 43.80 20.81 -18.49
CA PRO C 816 44.07 21.82 -19.53
C PRO C 816 42.94 22.82 -19.71
N ASP C 817 41.70 22.38 -19.52
CA ASP C 817 40.55 23.26 -19.70
C ASP C 817 40.46 24.27 -18.56
N ALA C 818 40.67 23.79 -17.34
CA ALA C 818 40.70 24.65 -16.18
C ALA C 818 41.88 25.62 -16.21
N PHE C 819 42.98 25.17 -16.79
CA PHE C 819 44.21 25.96 -16.80
C PHE C 819 44.16 27.15 -17.76
N ILE C 820 43.75 26.91 -19.01
CA ILE C 820 43.68 27.99 -19.99
C ILE C 820 42.65 29.01 -19.54
N ASN C 821 41.53 28.52 -19.00
CA ASN C 821 40.48 29.40 -18.55
C ASN C 821 40.93 30.29 -17.42
N MET C 822 41.77 29.75 -16.55
CA MET C 822 42.27 30.50 -15.42
C MET C 822 43.16 31.60 -15.93
N ILE C 823 43.86 31.33 -17.02
CA ILE C 823 44.77 32.31 -17.57
C ILE C 823 43.98 33.44 -18.17
N LEU C 824 42.99 33.10 -19.00
CA LEU C 824 42.22 34.13 -19.71
C LEU C 824 41.10 34.71 -18.85
N SER C 825 40.96 34.16 -17.65
CA SER C 825 40.13 34.80 -16.63
C SER C 825 40.74 36.14 -16.23
N GLY C 826 42.06 36.22 -16.35
CA GLY C 826 42.82 37.38 -15.93
C GLY C 826 43.19 37.27 -14.47
N GLY C 827 42.69 36.22 -13.83
CA GLY C 827 43.07 35.91 -12.46
C GLY C 827 42.46 36.81 -11.41
N ASP C 828 42.99 36.72 -10.19
CA ASP C 828 42.45 37.46 -9.07
C ASP C 828 43.09 38.86 -8.99
N SER C 829 42.68 39.74 -9.90
CA SER C 829 43.15 41.13 -9.93
C SER C 829 42.27 41.97 -10.85
N VAL C 830 42.31 43.29 -10.69
CA VAL C 830 41.50 44.16 -11.54
C VAL C 830 42.25 45.37 -12.04
N VAL C 831 42.03 45.71 -13.31
CA VAL C 831 42.54 46.96 -13.84
C VAL C 831 41.77 48.09 -13.16
N MET C 832 42.47 49.14 -12.77
CA MET C 832 41.84 50.27 -12.11
C MET C 832 42.63 51.58 -12.23
N ARG C 833 41.95 52.60 -12.76
CA ARG C 833 42.54 53.93 -12.85
C ARG C 833 42.61 54.58 -11.48
N THR C 834 43.65 55.36 -11.25
CA THR C 834 43.73 56.16 -10.04
C THR C 834 43.82 57.61 -10.47
N TYR C 835 42.66 58.27 -10.51
CA TYR C 835 42.62 59.68 -10.89
C TYR C 835 43.27 60.56 -9.82
N GLN C 836 44.07 61.53 -10.26
CA GLN C 836 44.72 62.46 -9.35
C GLN C 836 43.72 63.48 -8.82
N THR C 837 43.92 63.93 -7.59
CA THR C 837 42.99 64.86 -6.97
C THR C 837 43.65 66.19 -6.59
N GLU C 838 44.62 66.15 -5.68
CA GLU C 838 45.40 67.33 -5.31
C GLU C 838 46.61 67.53 -6.22
N ALA C 839 47.13 68.75 -6.27
CA ALA C 839 48.26 69.07 -7.16
C ALA C 839 49.56 68.35 -6.83
N ASP C 840 49.79 68.10 -5.55
CA ASP C 840 51.05 67.48 -5.11
C ASP C 840 50.98 65.95 -4.99
N ASP C 841 49.82 65.37 -5.28
CA ASP C 841 49.63 63.94 -5.05
C ASP C 841 50.49 63.04 -5.94
N ASP C 842 51.05 62.00 -5.33
CA ASP C 842 51.91 61.04 -6.02
C ASP C 842 51.09 60.12 -6.90
N LEU C 843 51.75 59.46 -7.85
CA LEU C 843 51.05 58.64 -8.82
C LEU C 843 50.26 57.49 -8.18
N ASP C 844 50.75 56.94 -7.08
CA ASP C 844 49.98 55.96 -6.32
C ASP C 844 48.77 56.61 -5.63
N GLU C 845 48.93 57.87 -5.26
CA GLU C 845 47.91 58.61 -4.54
C GLU C 845 46.79 59.00 -5.50
N GLY C 846 45.59 59.23 -4.97
CA GLY C 846 44.47 59.64 -5.79
C GLY C 846 43.20 58.89 -5.45
N ILE C 847 42.25 58.88 -6.39
CA ILE C 847 41.00 58.16 -6.19
C ILE C 847 40.94 56.88 -7.02
N ARG C 848 41.03 55.73 -6.35
CA ARG C 848 40.96 54.44 -7.03
C ARG C 848 39.59 54.24 -7.64
N MET C 849 39.54 53.73 -8.86
CA MET C 849 38.27 53.38 -9.49
C MET C 849 38.41 52.34 -10.61
N THR C 850 37.43 51.45 -10.68
CA THR C 850 37.45 50.35 -11.63
C THR C 850 36.12 50.22 -12.37
N THR C 851 36.19 49.73 -13.60
CA THR C 851 35.00 49.59 -14.44
C THR C 851 34.10 48.51 -13.86
N TYR C 852 32.81 48.61 -14.13
CA TYR C 852 31.84 47.69 -13.55
C TYR C 852 32.12 46.28 -13.96
N ASP C 853 32.53 46.10 -15.22
CA ASP C 853 32.75 44.76 -15.76
C ASP C 853 33.84 44.05 -14.95
N GLN C 854 34.84 44.83 -14.55
CA GLN C 854 35.92 44.31 -13.74
C GLN C 854 35.41 43.92 -12.36
N TYR C 855 34.51 44.73 -11.82
CA TYR C 855 33.98 44.53 -10.48
C TYR C 855 33.18 43.25 -10.43
N LEU C 856 32.35 43.09 -11.46
CA LEU C 856 31.45 41.99 -11.59
C LEU C 856 32.23 40.71 -11.79
N SER C 857 33.27 40.77 -12.61
CA SER C 857 34.05 39.58 -12.93
C SER C 857 34.78 39.02 -11.72
N HIS C 858 35.17 39.90 -10.79
CA HIS C 858 36.06 39.47 -9.72
C HIS C 858 35.52 39.71 -8.32
N ILE C 859 35.41 40.97 -7.93
CA ILE C 859 35.04 41.27 -6.54
C ILE C 859 33.61 40.84 -6.12
N ARG C 860 32.66 40.89 -7.04
CA ARG C 860 31.26 40.72 -6.65
C ARG C 860 30.90 39.33 -6.15
N GLU C 861 31.30 38.30 -6.91
CA GLU C 861 30.98 36.94 -6.52
C GLU C 861 31.65 36.61 -5.19
N ARG C 862 32.83 37.17 -4.96
CA ARG C 862 33.49 37.04 -3.68
C ARG C 862 32.68 37.72 -2.58
N LEU C 863 32.01 38.81 -2.91
CA LEU C 863 31.16 39.45 -1.92
C LEU C 863 30.00 38.55 -1.56
N HIS C 864 29.44 37.90 -2.56
CA HIS C 864 28.29 37.05 -2.31
C HIS C 864 28.72 35.87 -1.46
N ILE C 865 29.89 35.34 -1.76
CA ILE C 865 30.35 34.10 -1.15
C ILE C 865 30.79 34.30 0.29
N THR C 866 31.02 35.56 0.66
CA THR C 866 31.47 35.89 2.00
C THR C 866 30.33 36.44 2.86
N ASN C 867 29.12 36.37 2.34
CA ASN C 867 27.90 36.73 3.09
C ASN C 867 27.87 38.16 3.62
N VAL C 868 28.12 39.12 2.74
CA VAL C 868 28.11 40.52 3.15
C VAL C 868 27.09 41.28 2.30
N PRO C 869 26.50 42.35 2.87
CA PRO C 869 25.51 43.15 2.13
C PRO C 869 26.12 43.76 0.87
N ASP C 870 25.35 43.88 -0.19
CA ASP C 870 25.85 44.46 -1.43
C ASP C 870 26.25 45.90 -1.16
N PRO C 871 27.48 46.28 -1.56
CA PRO C 871 28.02 47.60 -1.23
C PRO C 871 27.17 48.69 -1.87
N ILE C 872 27.04 49.82 -1.18
CA ILE C 872 26.04 50.82 -1.56
C ILE C 872 26.39 51.59 -2.83
N TYR C 873 25.36 52.06 -3.52
CA TYR C 873 25.52 53.01 -4.61
C TYR C 873 25.81 54.38 -4.01
N ILE C 874 26.53 55.22 -4.73
CA ILE C 874 26.79 56.58 -4.24
C ILE C 874 26.14 57.67 -5.12
N THR C 875 25.00 58.18 -4.65
CA THR C 875 24.17 59.12 -5.40
C THR C 875 24.84 60.49 -5.56
N GLY C 876 25.77 60.80 -4.67
CA GLY C 876 26.33 62.14 -4.61
C GLY C 876 25.54 62.96 -3.61
N ALA C 877 24.41 62.41 -3.19
CA ALA C 877 23.72 62.87 -1.99
C ALA C 877 24.36 62.15 -0.81
N SER C 878 25.23 61.19 -1.13
CA SER C 878 25.84 60.33 -0.13
C SER C 878 26.77 61.05 0.86
N THR C 879 26.57 60.74 2.14
CA THR C 879 27.45 61.21 3.20
C THR C 879 28.68 60.31 3.24
N PRO C 880 29.86 60.87 3.58
CA PRO C 880 31.03 60.03 3.81
C PRO C 880 30.81 59.01 4.92
N ASP C 881 30.02 59.38 5.92
CA ASP C 881 29.68 58.48 7.02
C ASP C 881 28.91 57.25 6.54
N GLN C 882 28.10 57.43 5.51
CA GLN C 882 27.38 56.33 4.91
C GLN C 882 28.35 55.36 4.24
N ILE C 883 29.32 55.92 3.53
CA ILE C 883 30.33 55.13 2.84
C ILE C 883 31.19 54.37 3.86
N ALA C 884 31.47 55.00 4.99
CA ALA C 884 32.22 54.34 6.04
C ALA C 884 31.41 53.19 6.63
N ALA C 885 30.09 53.41 6.75
CA ALA C 885 29.21 52.38 7.27
C ALA C 885 29.18 51.19 6.33
N SER C 886 29.23 51.47 5.03
CA SER C 886 29.19 50.43 4.03
C SER C 886 30.48 49.65 3.98
N VAL C 887 31.61 50.35 4.01
CA VAL C 887 32.92 49.71 4.01
C VAL C 887 33.07 48.88 5.29
N GLN C 888 32.41 49.29 6.35
CA GLN C 888 32.34 48.45 7.55
C GLN C 888 31.55 47.19 7.25
N ALA C 889 30.39 47.35 6.63
CA ALA C 889 29.49 46.22 6.39
C ALA C 889 30.03 45.18 5.40
N THR C 890 30.83 45.62 4.44
CA THR C 890 31.28 44.74 3.35
C THR C 890 32.68 44.18 3.55
N HIS C 891 33.41 44.72 4.53
CA HIS C 891 34.81 44.36 4.76
C HIS C 891 35.66 44.52 3.50
N VAL C 892 35.22 45.37 2.59
CA VAL C 892 36.01 45.74 1.41
C VAL C 892 35.86 47.23 1.16
N ALA C 893 36.93 47.87 0.72
CA ALA C 893 36.87 49.29 0.46
C ALA C 893 36.34 49.52 -0.94
N VAL C 894 35.07 49.23 -1.13
CA VAL C 894 34.43 49.43 -2.43
C VAL C 894 33.07 50.10 -2.31
N VAL C 895 32.73 50.91 -3.32
CA VAL C 895 31.38 51.46 -3.46
C VAL C 895 31.04 51.50 -4.94
N LEU C 896 29.76 51.30 -5.26
CA LEU C 896 29.33 51.43 -6.65
C LEU C 896 28.88 52.86 -6.93
N TYR C 897 29.19 53.36 -8.11
CA TYR C 897 28.74 54.68 -8.51
C TYR C 897 27.26 54.65 -8.92
N GLN C 898 26.56 55.77 -8.74
CA GLN C 898 25.13 55.83 -9.02
C GLN C 898 24.74 56.96 -9.97
N SER C 899 24.94 58.20 -9.53
CA SER C 899 24.48 59.37 -10.29
C SER C 899 25.41 60.57 -10.10
N GLY C 900 25.16 61.63 -10.86
CA GLY C 900 26.14 62.68 -11.05
C GLY C 900 26.58 63.49 -9.84
N VAL C 901 27.78 64.03 -9.94
CA VAL C 901 28.38 64.95 -8.96
C VAL C 901 28.38 64.42 -7.53
N ILE C 902 29.43 63.69 -7.19
CA ILE C 902 29.68 63.34 -5.79
C ILE C 902 30.08 64.60 -5.04
N ASN C 903 29.59 64.77 -3.82
CA ASN C 903 29.92 65.92 -3.01
C ASN C 903 31.36 65.89 -2.52
N GLY C 904 31.92 67.07 -2.25
CA GLY C 904 33.30 67.20 -1.85
C GLY C 904 33.81 66.33 -0.71
N PRO C 905 33.23 66.48 0.50
CA PRO C 905 33.73 65.72 1.67
C PRO C 905 33.70 64.21 1.50
N ALA C 906 32.68 63.71 0.82
CA ALA C 906 32.57 62.27 0.54
C ALA C 906 33.69 61.83 -0.41
N SER C 907 34.01 62.69 -1.37
CA SER C 907 35.09 62.44 -2.31
C SER C 907 36.45 62.40 -1.61
N THR C 908 36.65 63.36 -0.70
CA THR C 908 37.87 63.41 0.09
C THR C 908 37.96 62.16 0.95
N TYR C 909 36.80 61.68 1.41
CA TYR C 909 36.80 60.43 2.17
C TYR C 909 37.19 59.24 1.29
N LEU C 910 36.75 59.27 0.03
CA LEU C 910 37.07 58.19 -0.90
C LEU C 910 38.57 58.16 -1.13
N ARG C 911 39.17 59.34 -1.15
CA ARG C 911 40.61 59.43 -1.35
C ARG C 911 41.42 59.00 -0.12
N GLU C 912 41.01 59.46 1.05
CA GLU C 912 41.77 59.19 2.28
C GLU C 912 41.78 57.72 2.71
N ASN C 913 40.68 57.01 2.45
CA ASN C 913 40.55 55.62 2.87
C ASN C 913 40.72 54.63 1.73
N GLU C 914 41.11 55.14 0.56
CA GLU C 914 41.37 54.32 -0.62
C GLU C 914 40.18 53.45 -1.02
N VAL C 915 38.97 53.98 -0.85
CA VAL C 915 37.77 53.28 -1.32
C VAL C 915 37.78 53.17 -2.83
N LEU C 916 37.44 51.99 -3.34
CA LEU C 916 37.46 51.72 -4.77
C LEU C 916 36.11 52.00 -5.41
N VAL C 917 35.96 53.16 -6.04
CA VAL C 917 34.70 53.44 -6.73
C VAL C 917 34.57 52.58 -7.99
N VAL C 918 33.37 52.10 -8.28
CA VAL C 918 33.15 51.27 -9.46
C VAL C 918 32.32 51.99 -10.52
N MET C 919 33.02 52.60 -11.48
CA MET C 919 32.34 53.35 -12.53
C MET C 919 31.66 52.42 -13.52
N PRO C 920 30.43 52.77 -13.95
CA PRO C 920 29.75 52.04 -15.02
C PRO C 920 30.57 52.06 -16.31
N ASP C 921 31.28 53.16 -16.52
CA ASP C 921 32.08 53.38 -17.71
C ASP C 921 32.99 54.57 -17.45
N TYR C 922 34.06 54.69 -18.24
CA TYR C 922 35.03 55.76 -18.01
C TYR C 922 34.81 57.10 -18.75
N TYR C 923 33.77 57.21 -19.57
CA TYR C 923 33.53 58.47 -20.29
C TYR C 923 33.21 59.64 -19.36
N ASP C 924 33.87 60.77 -19.60
CA ASP C 924 33.68 62.00 -18.83
C ASP C 924 33.59 61.77 -17.32
N VAL C 925 34.60 61.09 -16.76
CA VAL C 925 34.60 60.73 -15.35
C VAL C 925 34.62 61.93 -14.40
N VAL C 926 35.34 62.98 -14.79
CA VAL C 926 35.51 64.14 -13.93
C VAL C 926 34.20 64.89 -13.68
N SER C 927 33.28 64.81 -14.63
CA SER C 927 31.97 65.43 -14.48
C SER C 927 31.21 64.79 -13.32
N ARG C 928 31.55 63.54 -13.00
CA ARG C 928 30.93 62.83 -11.89
C ARG C 928 31.39 63.31 -10.51
N PHE C 929 32.49 64.06 -10.47
CA PHE C 929 32.98 64.57 -9.18
C PHE C 929 32.94 66.09 -9.07
N ALA C 930 32.61 66.58 -7.89
CA ALA C 930 32.60 68.02 -7.63
C ALA C 930 33.96 68.48 -7.10
N ASN C 931 34.95 68.54 -7.98
CA ASN C 931 36.28 68.96 -7.57
C ASN C 931 36.35 70.46 -7.32
N ALA C 932 36.32 70.84 -6.05
CA ALA C 932 36.44 72.24 -5.67
C ALA C 932 37.80 72.79 -6.09
N ASN C 933 38.81 71.91 -6.09
CA ASN C 933 40.15 72.26 -6.56
C ASN C 933 40.16 72.54 -8.05
N LEU C 934 39.20 71.95 -8.75
CA LEU C 934 39.18 71.91 -10.21
C LEU C 934 40.47 71.26 -10.71
N GLN C 935 41.05 70.42 -9.85
CA GLN C 935 42.34 69.78 -10.13
C GLN C 935 42.18 68.38 -10.68
N MET C 936 41.09 67.72 -10.31
CA MET C 936 40.76 66.42 -10.89
C MET C 936 40.53 66.64 -12.37
N ASN C 937 41.02 65.72 -13.19
CA ASN C 937 40.99 65.95 -14.63
C ASN C 937 41.10 64.64 -15.42
N ASN C 938 40.38 64.58 -16.53
CA ASN C 938 40.50 63.46 -17.45
C ASN C 938 41.92 63.44 -18.00
N ASN C 939 42.41 62.26 -18.32
CA ASN C 939 43.81 62.06 -18.72
C ASN C 939 44.78 62.44 -17.61
N ARG C 940 44.31 62.43 -16.37
CA ARG C 940 45.21 62.54 -15.22
C ARG C 940 45.11 61.30 -14.34
N TYR C 941 44.44 60.27 -14.84
CA TYR C 941 44.38 58.97 -14.17
C TYR C 941 45.66 58.19 -14.37
N HIS C 942 45.97 57.33 -13.41
CA HIS C 942 47.01 56.32 -13.61
C HIS C 942 46.41 54.92 -13.59
N GLU C 943 46.19 54.35 -14.77
CA GLU C 943 45.66 52.99 -14.88
C GLU C 943 46.69 51.98 -14.35
N SER C 944 46.24 51.03 -13.54
CA SER C 944 47.15 50.01 -13.00
C SER C 944 46.43 48.77 -12.51
N VAL C 945 47.13 47.64 -12.48
CA VAL C 945 46.56 46.42 -11.93
C VAL C 945 46.49 46.54 -10.42
N LEU C 946 45.51 45.87 -9.83
CA LEU C 946 45.31 45.86 -8.39
C LEU C 946 44.93 44.46 -7.97
N GLU C 947 45.82 43.82 -7.19
CA GLU C 947 45.56 42.46 -6.75
C GLU C 947 44.34 42.41 -5.83
N ILE C 948 43.53 41.38 -5.98
CA ILE C 948 42.33 41.20 -5.16
C ILE C 948 42.72 40.96 -3.70
N ALA C 949 43.92 40.45 -3.50
CA ALA C 949 44.44 40.24 -2.15
C ALA C 949 44.54 41.57 -1.40
N ASP C 950 44.83 42.64 -2.12
CA ASP C 950 44.97 43.96 -1.52
C ASP C 950 43.65 44.47 -0.93
N ILE C 951 42.52 44.10 -1.52
CA ILE C 951 41.22 44.57 -1.03
C ILE C 951 40.44 43.55 -0.18
N PHE C 952 40.69 42.26 -0.38
CA PHE C 952 40.07 41.22 0.45
C PHE C 952 41.01 40.70 1.55
N ASP C 953 40.51 40.64 2.78
CA ASP C 953 41.23 40.00 3.87
C ASP C 953 41.04 38.48 3.90
N GLN C 954 40.06 37.98 3.14
CA GLN C 954 39.70 36.57 3.16
C GLN C 954 40.60 35.75 2.25
N ALA C 955 41.72 35.30 2.79
CA ALA C 955 42.79 34.69 1.99
C ALA C 955 42.39 33.39 1.27
N ASP C 956 41.40 32.69 1.79
CA ASP C 956 41.00 31.40 1.24
C ASP C 956 40.48 31.50 -0.20
N PHE C 957 39.86 32.63 -0.52
CA PHE C 957 39.17 32.80 -1.80
C PHE C 957 40.03 33.47 -2.87
N ILE C 958 41.33 33.52 -2.63
CA ILE C 958 42.27 34.14 -3.56
C ILE C 958 43.42 33.20 -3.90
N GLN C 959 43.57 32.88 -5.19
CA GLN C 959 44.59 31.92 -5.60
C GLN C 959 45.70 32.54 -6.44
N THR C 960 45.34 33.34 -7.44
CA THR C 960 46.31 33.87 -8.40
C THR C 960 46.94 35.20 -7.95
N SER C 961 47.32 36.02 -8.94
CA SER C 961 47.92 37.33 -8.68
C SER C 961 47.89 38.24 -9.91
N ASP C 962 48.64 39.34 -9.85
CA ASP C 962 48.76 40.28 -10.96
C ASP C 962 49.41 39.57 -12.16
N ALA C 963 50.16 38.53 -11.83
CA ALA C 963 50.96 37.81 -12.81
C ALA C 963 50.14 37.25 -13.96
N VAL C 964 49.07 36.54 -13.62
CA VAL C 964 48.26 35.90 -14.65
C VAL C 964 47.60 36.94 -15.55
N ARG C 965 47.26 38.09 -14.99
CA ARG C 965 46.70 39.19 -15.79
C ARG C 965 47.76 39.69 -16.76
N GLN C 966 48.98 39.77 -16.24
CA GLN C 966 50.13 40.26 -16.99
C GLN C 966 50.49 39.31 -18.14
N LEU C 967 50.19 38.03 -17.94
CA LEU C 967 50.46 37.00 -18.95
C LEU C 967 49.32 36.91 -19.97
N ARG C 968 48.10 37.16 -19.51
CA ARG C 968 46.96 37.25 -20.41
C ARG C 968 47.13 38.44 -21.33
N ALA C 969 47.83 39.47 -20.85
CA ALA C 969 48.09 40.64 -21.67
C ALA C 969 48.96 40.35 -22.90
N LEU C 970 49.89 39.40 -22.77
CA LEU C 970 50.74 38.99 -23.89
C LEU C 970 50.01 38.17 -24.93
N MET C 971 48.92 37.55 -24.50
CA MET C 971 48.13 36.65 -25.33
C MET C 971 47.25 37.37 -26.35
N PRO C 972 47.12 36.80 -27.56
CA PRO C 972 46.25 37.30 -28.64
C PRO C 972 44.79 37.22 -28.23
N THR C 973 43.94 38.09 -28.76
CA THR C 973 42.51 37.94 -28.54
C THR C 973 42.15 36.58 -29.09
N LEU C 974 41.40 35.80 -28.32
CA LEU C 974 41.23 34.37 -28.59
C LEU C 974 39.81 33.97 -28.96
N SER C 975 39.65 33.45 -30.18
CA SER C 975 38.38 32.89 -30.62
C SER C 975 38.13 31.66 -29.78
N THR C 976 36.87 31.30 -29.60
CA THR C 976 36.53 30.13 -28.81
C THR C 976 37.11 28.89 -29.45
N SER C 977 37.14 28.88 -30.79
CA SER C 977 37.70 27.75 -31.52
C SER C 977 39.21 27.64 -31.30
N GLN C 978 39.87 28.80 -31.26
CA GLN C 978 41.28 28.84 -30.90
C GLN C 978 41.50 28.35 -29.49
N ILE C 979 40.58 28.68 -28.58
CA ILE C 979 40.73 28.28 -27.18
C ILE C 979 40.64 26.78 -27.09
N ARG C 980 39.70 26.21 -27.83
CA ARG C 980 39.53 24.78 -27.82
C ARG C 980 40.80 24.16 -28.36
N HIS C 981 41.39 24.81 -29.36
CA HIS C 981 42.61 24.27 -29.92
C HIS C 981 43.68 24.25 -28.86
N ALA C 982 43.80 25.35 -28.11
CA ALA C 982 44.88 25.50 -27.15
C ALA C 982 44.77 24.45 -26.08
N ILE C 983 43.52 24.19 -25.70
CA ILE C 983 43.25 23.21 -24.67
C ILE C 983 43.62 21.84 -25.19
N GLU C 984 43.21 21.51 -26.41
CA GLU C 984 43.49 20.19 -26.96
C GLU C 984 44.97 19.95 -27.13
N ARG C 985 45.70 21.03 -27.39
CA ARG C 985 47.15 20.95 -27.54
C ARG C 985 47.78 20.62 -26.21
N ILE C 986 47.35 21.35 -25.18
CA ILE C 986 47.88 21.13 -23.85
C ILE C 986 47.56 19.72 -23.42
N ALA C 987 46.42 19.23 -23.86
CA ALA C 987 46.02 17.87 -23.54
C ALA C 987 46.98 16.89 -24.18
N GLN C 988 47.28 17.08 -25.46
CA GLN C 988 48.12 16.10 -26.14
C GLN C 988 49.54 16.14 -25.62
N ILE C 989 49.97 17.30 -25.12
CA ILE C 989 51.27 17.39 -24.45
C ILE C 989 51.28 16.54 -23.18
N THR C 990 50.13 16.48 -22.52
CA THR C 990 50.02 15.75 -21.27
C THR C 990 49.45 14.33 -21.46
N ASP C 991 49.28 13.95 -22.72
CA ASP C 991 48.84 12.60 -23.07
C ASP C 991 47.46 12.20 -22.48
N VAL C 992 46.46 13.07 -22.67
CA VAL C 992 45.09 12.73 -22.30
C VAL C 992 44.21 12.71 -23.56
N ASP C 993 43.18 11.86 -23.56
CA ASP C 993 42.26 11.79 -24.68
C ASP C 993 41.09 12.75 -24.47
N SER C 994 41.19 13.92 -25.08
CA SER C 994 40.20 14.97 -24.91
C SER C 994 39.09 14.85 -25.95
N THR C 995 39.00 13.69 -26.59
CA THR C 995 37.96 13.47 -27.60
C THR C 995 36.59 13.60 -27.00
N ASP C 996 35.69 14.18 -27.79
CA ASP C 996 34.31 14.42 -27.41
C ASP C 996 34.13 15.37 -26.21
N TYR C 997 35.22 15.93 -25.71
CA TYR C 997 35.17 16.94 -24.65
C TYR C 997 34.61 18.26 -25.16
N GLY C 998 33.77 18.89 -24.36
CA GLY C 998 33.11 20.12 -24.77
C GLY C 998 32.19 19.91 -25.95
N LYS C 999 31.62 18.70 -26.03
CA LYS C 999 30.82 18.30 -27.18
C LYS C 999 29.51 17.60 -26.79
N LEU C 1000 28.62 17.50 -27.78
CA LEU C 1000 27.40 16.73 -27.63
C LEU C 1000 27.39 15.59 -28.62
N THR C 1001 27.29 14.36 -28.13
CA THR C 1001 27.20 13.20 -29.00
C THR C 1001 25.75 12.72 -29.16
N LEU C 1002 24.93 13.56 -29.79
CA LEU C 1002 23.54 13.23 -30.10
C LEU C 1002 23.41 12.18 -31.19
N ARG C 1003 22.45 11.27 -31.03
CA ARG C 1003 22.26 10.25 -32.04
C ARG C 1003 21.81 10.81 -33.37
N PHE C 1004 21.01 11.86 -33.34
CA PHE C 1004 20.37 12.35 -34.57
C PHE C 1004 20.87 13.68 -35.04
N LEU C 1005 21.33 14.50 -34.11
CA LEU C 1005 21.90 15.78 -34.46
C LEU C 1005 23.38 15.68 -34.82
N GLY C 1006 23.96 14.51 -34.56
CA GLY C 1006 25.39 14.31 -34.78
C GLY C 1006 26.17 14.92 -33.64
N THR C 1007 27.50 14.88 -33.74
CA THR C 1007 28.34 15.58 -32.78
C THR C 1007 28.27 17.11 -32.95
N LEU C 1008 28.25 17.84 -31.83
CA LEU C 1008 28.15 19.30 -31.86
C LEU C 1008 29.17 19.89 -30.89
N THR C 1009 29.67 21.08 -31.17
CA THR C 1009 30.72 21.64 -30.33
C THR C 1009 30.33 22.92 -29.58
N ARG C 1010 30.25 22.81 -28.26
CA ARG C 1010 30.06 23.97 -27.38
C ARG C 1010 31.38 24.66 -27.10
N SER C 1011 31.33 25.94 -26.76
CA SER C 1011 32.54 26.66 -26.35
C SER C 1011 33.13 26.14 -25.04
N LEU C 1012 34.45 25.96 -25.01
CA LEU C 1012 35.16 25.55 -23.80
C LEU C 1012 35.53 26.70 -22.87
N LYS C 1013 35.38 27.93 -23.36
CA LYS C 1013 35.66 29.14 -22.61
C LYS C 1013 34.74 29.27 -21.39
N MET C 1014 35.31 29.58 -20.23
CA MET C 1014 34.55 29.71 -18.97
C MET C 1014 35.40 30.39 -17.92
N GLN C 1015 35.93 31.56 -18.23
CA GLN C 1015 36.79 32.24 -17.30
C GLN C 1015 36.01 32.54 -16.01
N ASN C 1016 36.60 32.21 -14.86
CA ASN C 1016 35.97 32.39 -13.54
C ASN C 1016 34.68 31.62 -13.28
N ALA C 1017 34.55 30.43 -13.86
CA ALA C 1017 33.29 29.71 -13.74
C ALA C 1017 33.09 29.18 -12.33
N GLN C 1018 31.83 29.09 -11.90
CA GLN C 1018 31.47 28.64 -10.55
C GLN C 1018 30.38 27.59 -10.60
N ILE C 1019 30.39 26.63 -9.67
CA ILE C 1019 29.28 25.68 -9.59
C ILE C 1019 28.16 26.27 -8.76
N ARG C 1020 27.00 26.47 -9.37
CA ARG C 1020 25.91 27.15 -8.70
C ARG C 1020 24.61 26.44 -8.95
N ARG C 1021 23.78 26.38 -7.92
CA ARG C 1021 22.46 25.79 -8.04
C ARG C 1021 21.62 26.74 -8.87
N ILE C 1022 20.79 26.20 -9.75
CA ILE C 1022 19.86 27.05 -10.49
C ILE C 1022 18.41 26.79 -10.14
N ARG C 1023 17.62 27.82 -10.34
CA ARG C 1023 16.20 27.73 -10.16
C ARG C 1023 15.70 26.86 -11.30
N PRO C 1024 14.56 26.19 -11.11
CA PRO C 1024 13.90 25.45 -12.19
C PRO C 1024 13.60 26.40 -13.36
N ASP C 1025 13.41 27.68 -13.04
CA ASP C 1025 13.26 28.74 -14.05
C ASP C 1025 14.51 28.81 -14.92
N GLY C 1026 15.61 28.25 -14.43
CA GLY C 1026 16.83 28.16 -15.20
C GLY C 1026 17.87 29.18 -14.79
N THR C 1027 17.41 30.23 -14.11
CA THR C 1027 18.31 31.27 -13.60
C THR C 1027 19.10 30.84 -12.37
N VAL C 1028 20.27 31.44 -12.20
CA VAL C 1028 21.18 31.12 -11.12
C VAL C 1028 20.69 31.58 -9.75
N LEU C 1029 20.91 30.76 -8.72
CA LEU C 1029 20.73 31.19 -7.33
C LEU C 1029 22.08 31.49 -6.68
N ARG C 1030 22.12 32.54 -5.87
CA ARG C 1030 23.33 32.90 -5.11
C ARG C 1030 23.68 31.72 -4.22
N TYR C 1031 24.97 31.45 -4.06
CA TYR C 1031 25.39 30.26 -3.30
C TYR C 1031 24.97 30.32 -1.83
N ASP C 1032 24.37 29.24 -1.36
CA ASP C 1032 23.83 29.17 0.00
C ASP C 1032 24.46 27.99 0.72
N ASP C 1033 25.23 28.28 1.77
CA ASP C 1033 25.91 27.24 2.53
C ASP C 1033 24.88 26.34 3.20
N GLN C 1034 23.66 26.85 3.35
CA GLN C 1034 22.59 26.10 3.99
C GLN C 1034 22.15 24.86 3.22
N ILE C 1035 22.24 24.90 1.90
CA ILE C 1035 21.78 23.77 1.09
C ILE C 1035 22.82 23.24 0.11
N ASP C 1036 23.45 24.12 -0.66
CA ASP C 1036 24.55 23.72 -1.54
C ASP C 1036 25.76 23.28 -0.68
N ILE C 1037 26.49 22.26 -1.14
CA ILE C 1037 27.66 21.72 -0.40
C ILE C 1037 28.84 22.72 -0.29
N GLU C 1038 29.61 22.64 0.79
CA GLU C 1038 30.69 23.61 1.03
C GLU C 1038 31.79 23.60 -0.01
N ALA C 1039 31.99 22.45 -0.65
CA ALA C 1039 33.03 22.35 -1.67
C ALA C 1039 32.73 23.24 -2.87
N PHE C 1040 31.46 23.63 -3.00
CA PHE C 1040 30.98 24.43 -4.12
C PHE C 1040 31.08 25.95 -3.99
N ARG C 1041 31.42 26.48 -2.82
CA ARG C 1041 31.31 27.93 -2.63
C ARG C 1041 32.24 28.70 -3.55
N TRP C 1042 33.42 28.14 -3.80
CA TRP C 1042 34.37 28.84 -4.65
C TRP C 1042 35.26 27.88 -5.40
N SER C 1043 34.88 27.56 -6.63
CA SER C 1043 35.71 26.68 -7.44
C SER C 1043 37.01 27.42 -7.57
N ARG C 1044 38.10 26.72 -7.36
CA ARG C 1044 39.36 27.41 -7.33
C ARG C 1044 40.03 27.21 -8.68
N TYR C 1045 39.38 27.79 -9.69
CA TYR C 1045 39.77 27.64 -11.09
C TYR C 1045 39.84 26.17 -11.47
N PHE C 1046 39.19 25.35 -10.66
CA PHE C 1046 39.15 23.90 -10.85
C PHE C 1046 40.52 23.24 -10.81
N LEU C 1047 41.36 23.71 -9.89
CA LEU C 1047 42.68 23.13 -9.65
C LEU C 1047 42.84 22.59 -8.22
N ASP C 1048 43.70 21.59 -8.06
CA ASP C 1048 43.98 21.03 -6.73
C ASP C 1048 44.72 22.08 -5.93
N GLU C 1049 44.64 22.03 -4.60
CA GLU C 1049 45.26 23.04 -3.77
C GLU C 1049 46.77 23.08 -4.03
N LEU C 1050 47.32 21.90 -4.30
CA LEU C 1050 48.75 21.78 -4.57
C LEU C 1050 49.14 22.48 -5.88
N GLN C 1051 48.33 22.30 -6.91
CA GLN C 1051 48.62 22.91 -8.20
C GLN C 1051 48.54 24.43 -8.10
N LEU C 1052 47.74 24.93 -7.17
CA LEU C 1052 47.68 26.37 -6.92
C LEU C 1052 48.95 26.83 -6.24
N ARG C 1053 49.39 26.01 -5.28
CA ARG C 1053 50.62 26.32 -4.57
C ARG C 1053 51.77 26.46 -5.57
N ARG C 1054 51.93 25.47 -6.45
CA ARG C 1054 52.97 25.53 -7.48
C ARG C 1054 52.72 26.62 -8.51
N LEU C 1055 51.44 26.90 -8.73
CA LEU C 1055 51.03 27.90 -9.71
C LEU C 1055 51.55 29.26 -9.27
N SER C 1056 51.61 29.50 -7.96
CA SER C 1056 52.11 30.78 -7.50
C SER C 1056 53.59 30.95 -7.83
N VAL C 1057 54.35 29.88 -7.61
CA VAL C 1057 55.77 29.90 -7.89
C VAL C 1057 55.98 30.13 -9.37
N GLY C 1058 55.15 29.48 -10.18
CA GLY C 1058 55.35 29.54 -11.62
C GLY C 1058 55.00 30.90 -12.17
N LEU C 1059 53.97 31.51 -11.60
CA LEU C 1059 53.59 32.85 -11.98
C LEU C 1059 54.71 33.81 -11.61
N ARG C 1060 55.37 33.54 -10.49
CA ARG C 1060 56.53 34.35 -10.13
C ARG C 1060 57.68 34.16 -11.11
N LEU C 1061 57.81 32.96 -11.67
CA LEU C 1061 58.88 32.69 -12.63
C LEU C 1061 58.61 33.36 -13.97
N ILE C 1062 57.38 33.22 -14.46
CA ILE C 1062 56.97 33.74 -15.75
C ILE C 1062 57.05 35.28 -15.81
N THR C 1063 56.71 35.94 -14.72
CA THR C 1063 56.75 37.40 -14.66
C THR C 1063 58.12 37.92 -14.28
N ASN C 1064 59.04 37.00 -14.03
CA ASN C 1064 60.41 37.37 -13.73
C ASN C 1064 61.17 37.92 -14.93
N PRO C 1065 61.85 39.06 -14.75
CA PRO C 1065 62.51 39.81 -15.82
C PRO C 1065 63.57 39.03 -16.61
N ARG C 1066 64.31 38.15 -15.94
CA ARG C 1066 65.39 37.43 -16.63
C ARG C 1066 64.88 36.46 -17.69
N ILE C 1067 63.71 35.88 -17.46
CA ILE C 1067 63.12 34.92 -18.39
C ILE C 1067 62.52 35.62 -19.60
N ALA C 1068 62.16 36.89 -19.44
CA ALA C 1068 61.47 37.64 -20.49
C ALA C 1068 62.44 38.16 -21.52
N ARG C 1069 62.66 37.36 -22.57
CA ARG C 1069 63.69 37.67 -23.55
C ARG C 1069 63.23 37.67 -24.99
N ARG C 1070 61.96 38.01 -25.20
CA ARG C 1070 61.45 38.33 -26.52
C ARG C 1070 61.34 39.86 -26.61
N PHE C 1071 62.42 40.48 -27.08
CA PHE C 1071 62.55 41.94 -27.15
C PHE C 1071 61.74 42.59 -28.26
N ASN C 1072 61.30 43.83 -28.05
CA ASN C 1072 60.55 44.57 -29.08
C ASN C 1072 61.28 45.81 -29.59
N GLY C 1073 61.17 46.05 -30.89
CA GLY C 1073 61.64 47.29 -31.49
C GLY C 1073 63.12 47.36 -31.72
N VAL C 1074 63.50 47.89 -32.89
CA VAL C 1074 64.91 48.13 -33.19
C VAL C 1074 65.09 49.57 -33.58
N ARG C 1075 66.23 50.15 -33.17
CA ARG C 1075 66.59 51.48 -33.60
C ARG C 1075 67.66 51.37 -34.68
N ILE C 1076 67.29 51.74 -35.91
CA ILE C 1076 68.23 51.78 -37.02
C ILE C 1076 68.90 53.13 -37.03
N MET C 1077 70.23 53.14 -37.14
CA MET C 1077 71.01 54.37 -37.07
C MET C 1077 72.42 54.10 -37.56
N TYR C 1078 73.04 55.10 -38.19
CA TYR C 1078 74.34 54.91 -38.85
C TYR C 1078 75.53 55.43 -38.03
N LEU C 1079 76.08 54.59 -37.15
CA LEU C 1079 77.23 54.97 -36.36
C LEU C 1079 78.38 54.00 -36.53
N THR C 1080 79.59 54.44 -36.20
CA THR C 1080 80.74 53.55 -36.10
C THR C 1080 80.53 52.61 -34.92
N ASP C 1081 80.96 51.35 -35.05
CA ASP C 1081 80.75 50.40 -33.95
C ASP C 1081 81.77 50.65 -32.83
N ASP C 1082 81.45 51.62 -31.97
CA ASP C 1082 82.33 51.96 -30.86
C ASP C 1082 82.04 51.18 -29.56
N ASP C 1083 80.84 51.34 -29.01
CA ASP C 1083 80.56 50.80 -27.68
C ASP C 1083 80.57 49.28 -27.63
N PRO C 1084 81.41 48.71 -26.76
CA PRO C 1084 81.55 47.27 -26.51
C PRO C 1084 80.28 46.58 -26.04
N ASP C 1085 79.45 47.25 -25.25
CA ASP C 1085 78.33 46.56 -24.60
C ASP C 1085 77.19 46.23 -25.56
N PRO C 1086 76.67 44.99 -25.48
CA PRO C 1086 75.56 44.51 -26.32
C PRO C 1086 74.32 45.36 -26.13
N ASP C 1087 74.12 45.88 -24.92
CA ASP C 1087 72.88 46.54 -24.55
C ASP C 1087 72.82 48.01 -24.99
N PHE C 1088 73.75 48.41 -25.86
CA PHE C 1088 73.82 49.80 -26.31
C PHE C 1088 72.63 50.23 -27.14
N VAL C 1089 72.11 51.41 -26.84
CA VAL C 1089 71.11 52.07 -27.70
C VAL C 1089 71.58 53.48 -27.91
N PRO C 1090 71.95 53.83 -29.15
CA PRO C 1090 72.48 55.19 -29.32
C PRO C 1090 71.45 56.24 -28.93
N ASP C 1091 71.92 57.29 -28.25
CA ASP C 1091 71.02 58.37 -27.86
C ASP C 1091 70.68 59.16 -29.12
N VAL C 1092 69.44 59.63 -29.21
CA VAL C 1092 69.09 60.53 -30.31
C VAL C 1092 69.63 61.94 -30.04
N PRO C 1093 70.40 62.47 -31.00
CA PRO C 1093 71.15 63.73 -30.90
C PRO C 1093 70.23 64.95 -30.82
N GLU C 1094 70.77 66.04 -30.27
CA GLU C 1094 69.98 67.19 -29.85
C GLU C 1094 69.12 67.82 -30.95
N GLY C 1095 69.58 67.79 -32.19
CA GLY C 1095 68.91 68.53 -33.24
C GLY C 1095 67.75 67.85 -33.94
N TYR C 1096 67.47 66.60 -33.57
CA TYR C 1096 66.49 65.80 -34.30
C TYR C 1096 65.05 66.16 -33.99
N VAL C 1097 64.17 65.95 -34.96
CA VAL C 1097 62.73 66.16 -34.76
C VAL C 1097 61.96 64.87 -35.00
N ALA C 1098 61.23 64.41 -34.00
CA ALA C 1098 60.49 63.16 -34.13
C ALA C 1098 59.40 63.32 -35.19
N VAL C 1099 59.20 62.28 -35.99
CA VAL C 1099 58.21 62.29 -37.05
C VAL C 1099 57.60 60.90 -37.16
N GLN C 1100 56.31 60.78 -36.86
CA GLN C 1100 55.65 59.49 -37.03
C GLN C 1100 55.62 59.11 -38.49
N TYR C 1101 55.99 57.86 -38.80
CA TYR C 1101 55.97 57.43 -40.19
C TYR C 1101 54.53 57.30 -40.64
N ALA C 1102 54.27 57.69 -41.87
CA ALA C 1102 52.97 57.50 -42.46
C ALA C 1102 53.16 57.53 -43.96
N HIS C 1103 52.29 56.83 -44.68
CA HIS C 1103 52.42 56.75 -46.13
C HIS C 1103 52.27 58.14 -46.72
N ARG C 1104 51.62 59.01 -45.97
CA ARG C 1104 51.35 60.37 -46.42
C ARG C 1104 52.66 61.13 -46.64
N LEU C 1105 53.66 60.81 -45.83
CA LEU C 1105 54.94 61.51 -45.84
C LEU C 1105 55.75 61.36 -47.12
N PHE C 1106 55.71 60.16 -47.70
CA PHE C 1106 56.49 59.87 -48.89
C PHE C 1106 55.60 59.86 -50.12
N SER C 1107 56.09 60.50 -51.19
CA SER C 1107 55.32 60.61 -52.40
C SER C 1107 56.25 60.68 -53.58
N SER C 1108 55.91 59.98 -54.66
CA SER C 1108 56.64 60.13 -55.90
C SER C 1108 56.48 61.58 -56.34
N SER C 1109 57.59 62.19 -56.76
CA SER C 1109 57.57 63.58 -57.19
C SER C 1109 58.70 63.86 -58.16
N LEU C 1110 58.41 64.69 -59.16
CA LEU C 1110 59.40 65.06 -60.16
C LEU C 1110 60.47 65.91 -59.54
N ALA C 1111 61.73 65.58 -59.83
CA ALA C 1111 62.87 66.38 -59.41
C ALA C 1111 64.03 66.12 -60.36
N ASN C 1112 64.50 67.19 -60.99
CA ASN C 1112 65.60 67.10 -61.94
C ASN C 1112 65.45 65.95 -62.91
N LYS C 1113 64.40 66.01 -63.72
CA LYS C 1113 64.18 65.02 -64.77
C LYS C 1113 64.09 63.56 -64.27
N ARG C 1114 63.52 63.35 -63.08
CA ARG C 1114 63.18 61.99 -62.61
C ARG C 1114 62.21 61.96 -61.42
N ASN C 1115 61.66 60.78 -61.13
CA ASN C 1115 60.62 60.61 -60.11
C ASN C 1115 61.10 60.18 -58.75
N ARG C 1116 61.68 61.11 -58.01
CA ARG C 1116 62.24 60.81 -56.71
C ARG C 1116 61.16 60.48 -55.68
N VAL C 1117 61.47 59.54 -54.78
CA VAL C 1117 60.56 59.18 -53.70
C VAL C 1117 60.69 60.29 -52.66
N THR C 1118 60.10 61.43 -52.96
CA THR C 1118 60.24 62.62 -52.16
C THR C 1118 59.68 62.42 -50.77
N TYR C 1119 60.37 62.97 -49.77
CA TYR C 1119 59.83 63.00 -48.43
C TYR C 1119 59.60 64.45 -48.04
N THR C 1120 58.34 64.81 -47.79
CA THR C 1120 58.02 66.12 -47.25
C THR C 1120 58.06 66.05 -45.73
N HIS C 1121 58.73 67.03 -45.13
CA HIS C 1121 59.00 67.05 -43.68
C HIS C 1121 58.00 67.93 -42.94
N PRO C 1122 57.20 67.33 -42.04
CA PRO C 1122 55.97 67.95 -41.51
C PRO C 1122 56.11 69.31 -40.78
N PRO C 1123 57.20 69.55 -40.03
CA PRO C 1123 57.32 70.88 -39.44
C PRO C 1123 57.32 72.06 -40.43
N THR C 1124 57.88 71.86 -41.62
CA THR C 1124 58.01 72.96 -42.57
C THR C 1124 57.31 72.68 -43.89
N GLY C 1125 57.11 71.40 -44.19
CA GLY C 1125 56.42 71.01 -45.39
C GLY C 1125 57.34 71.00 -46.59
N MET C 1126 58.62 71.31 -46.36
CA MET C 1126 59.62 71.27 -47.43
C MET C 1126 59.76 69.86 -47.95
N ALA C 1127 59.89 69.73 -49.26
CA ALA C 1127 59.97 68.41 -49.88
C ALA C 1127 61.40 68.08 -50.32
N TYR C 1128 61.91 66.95 -49.87
CA TYR C 1128 63.27 66.55 -50.17
C TYR C 1128 63.24 65.26 -50.98
N PRO C 1129 63.37 65.40 -52.32
CA PRO C 1129 63.47 64.27 -53.24
C PRO C 1129 64.69 63.33 -53.01
N SER C 1130 65.82 63.93 -52.63
CA SER C 1130 67.03 63.15 -52.41
C SER C 1130 67.10 62.62 -50.97
N PRO C 1131 67.59 61.38 -50.78
CA PRO C 1131 67.82 60.87 -49.42
C PRO C 1131 68.79 61.76 -48.66
N THR C 1132 69.73 62.37 -49.37
CA THR C 1132 70.67 63.32 -48.78
C THR C 1132 70.09 64.73 -48.64
N GLY C 1133 70.53 65.46 -47.62
CA GLY C 1133 70.10 66.84 -47.42
C GLY C 1133 68.79 67.01 -46.67
N ARG C 1134 68.16 65.89 -46.30
CA ARG C 1134 66.96 65.92 -45.47
C ARG C 1134 67.37 66.33 -44.04
N PRO C 1135 66.47 67.02 -43.32
CA PRO C 1135 66.72 67.44 -41.94
C PRO C 1135 66.84 66.22 -41.04
N HIS C 1136 67.61 66.32 -39.96
CA HIS C 1136 67.75 65.19 -39.04
C HIS C 1136 66.39 64.78 -38.47
N VAL C 1137 65.97 63.57 -38.80
CA VAL C 1137 64.66 63.07 -38.37
C VAL C 1137 64.85 61.87 -37.45
N HIS C 1138 64.03 61.80 -36.40
CA HIS C 1138 63.90 60.59 -35.61
C HIS C 1138 62.56 60.01 -36.00
N MET C 1139 62.52 59.32 -37.13
CA MET C 1139 61.28 58.76 -37.62
C MET C 1139 60.92 57.46 -36.91
N THR C 1140 59.87 57.49 -36.11
CA THR C 1140 59.32 56.26 -35.55
C THR C 1140 58.52 55.55 -36.62
N ILE C 1141 58.50 54.23 -36.60
CA ILE C 1141 57.73 53.47 -37.58
C ILE C 1141 56.89 52.48 -36.83
N ASN C 1142 55.66 52.89 -36.51
CA ASN C 1142 54.78 52.07 -35.69
C ASN C 1142 54.35 50.79 -36.38
N GLU C 1143 54.19 50.87 -37.69
CA GLU C 1143 53.67 49.74 -38.45
C GLU C 1143 54.36 49.65 -39.80
N ARG C 1144 55.22 48.65 -39.92
CA ARG C 1144 55.99 48.40 -41.12
C ARG C 1144 55.10 48.03 -42.31
N ALA C 1145 53.94 47.44 -42.03
CA ALA C 1145 53.08 46.90 -43.09
C ALA C 1145 52.52 47.96 -44.04
N GLY C 1146 52.58 47.62 -45.33
CA GLY C 1146 52.16 48.52 -46.39
C GLY C 1146 53.21 49.51 -46.84
N MET C 1147 54.38 49.48 -46.21
CA MET C 1147 55.48 50.33 -46.64
C MET C 1147 55.97 49.89 -48.01
N SER C 1148 56.15 50.87 -48.90
CA SER C 1148 56.66 50.59 -50.25
C SER C 1148 58.12 50.18 -50.19
N LYS C 1149 58.55 49.33 -51.11
CA LYS C 1149 59.98 48.98 -51.16
C LYS C 1149 60.85 50.18 -51.49
N LEU C 1150 60.37 51.07 -52.37
CA LEU C 1150 61.11 52.28 -52.73
C LEU C 1150 61.20 53.19 -51.55
N VAL C 1151 60.18 53.13 -50.71
CA VAL C 1151 60.11 53.92 -49.50
C VAL C 1151 60.92 53.33 -48.35
N ALA C 1152 60.90 52.01 -48.20
CA ALA C 1152 61.74 51.38 -47.18
C ALA C 1152 63.21 51.64 -47.49
N ASP C 1153 63.56 51.41 -48.74
CA ASP C 1153 64.90 51.70 -49.21
C ASP C 1153 65.22 53.18 -49.05
N ASN C 1154 64.24 54.05 -49.33
CA ASN C 1154 64.47 55.48 -49.21
C ASN C 1154 64.68 55.94 -47.78
N ILE C 1155 64.01 55.27 -46.85
CA ILE C 1155 64.16 55.61 -45.46
C ILE C 1155 65.55 55.18 -45.04
N ILE C 1156 65.95 53.97 -45.40
CA ILE C 1156 67.28 53.50 -44.99
C ILE C 1156 68.39 54.37 -45.62
N ALA C 1157 68.16 54.79 -46.86
CA ALA C 1157 69.09 55.68 -47.51
C ALA C 1157 69.13 56.99 -46.76
N SER C 1158 67.98 57.44 -46.25
CA SER C 1158 67.97 58.65 -45.47
C SER C 1158 68.67 58.45 -44.14
N VAL C 1159 68.68 57.20 -43.67
CA VAL C 1159 69.34 56.87 -42.42
C VAL C 1159 70.83 57.05 -42.61
N ILE C 1160 71.31 56.75 -43.80
CA ILE C 1160 72.75 56.85 -44.05
C ILE C 1160 73.15 58.25 -44.51
N LYS C 1161 72.63 58.67 -45.65
CA LYS C 1161 72.97 59.96 -46.25
C LYS C 1161 72.52 61.20 -45.48
N SER C 1162 71.44 61.10 -44.71
CA SER C 1162 71.03 62.23 -43.89
C SER C 1162 71.02 61.98 -42.38
N ASN C 1163 71.58 60.85 -41.96
CA ASN C 1163 71.70 60.50 -40.55
C ASN C 1163 70.37 60.42 -39.80
N TRP C 1164 69.36 59.89 -40.45
CA TRP C 1164 68.09 59.66 -39.78
C TRP C 1164 68.27 58.62 -38.69
N VAL C 1165 67.53 58.77 -37.60
CA VAL C 1165 67.36 57.69 -36.65
C VAL C 1165 65.97 57.12 -36.80
N VAL C 1166 65.89 55.80 -36.91
CA VAL C 1166 64.65 55.16 -37.31
C VAL C 1166 64.29 53.99 -36.42
N ASP C 1167 63.53 54.32 -35.38
CA ASP C 1167 62.97 53.29 -34.52
C ASP C 1167 61.87 52.53 -35.27
N ILE C 1168 61.83 51.22 -35.10
CA ILE C 1168 60.88 50.38 -35.81
C ILE C 1168 60.19 49.52 -34.78
N LEU C 1169 59.15 50.04 -34.17
CA LEU C 1169 58.55 49.43 -32.98
C LEU C 1169 57.82 48.11 -33.27
N ASP C 1170 57.52 47.85 -34.54
CA ASP C 1170 56.78 46.63 -34.91
C ASP C 1170 57.58 45.32 -34.82
N ILE C 1171 58.91 45.40 -34.73
CA ILE C 1171 59.76 44.20 -34.67
C ILE C 1171 59.78 43.52 -33.30
N GLU C 1172 59.46 42.22 -33.28
CA GLU C 1172 59.73 41.36 -32.13
C GLU C 1172 60.89 40.46 -32.50
N TYR C 1173 61.89 40.37 -31.64
CA TYR C 1173 63.07 39.58 -31.95
C TYR C 1173 63.66 38.93 -30.70
N THR C 1174 64.34 37.81 -30.90
CA THR C 1174 65.20 37.26 -29.87
C THR C 1174 66.63 37.66 -30.18
N ALA C 1175 67.40 37.95 -29.13
CA ALA C 1175 68.78 38.33 -29.32
C ALA C 1175 69.77 37.35 -28.70
N GLU C 1176 70.59 36.72 -29.53
CA GLU C 1176 71.75 35.99 -29.03
C GLU C 1176 72.88 37.00 -28.83
N VAL C 1177 73.61 36.89 -27.73
CA VAL C 1177 74.69 37.85 -27.46
C VAL C 1177 76.06 37.22 -27.64
N MET C 1178 76.57 37.32 -28.85
CA MET C 1178 77.82 36.69 -29.26
C MET C 1178 79.06 37.33 -28.64
N THR C 1179 80.05 36.49 -28.32
CA THR C 1179 81.37 36.94 -27.88
C THR C 1179 82.28 37.23 -29.10
N PRO C 1180 83.29 38.10 -28.92
CA PRO C 1180 84.05 38.57 -30.08
C PRO C 1180 84.69 37.46 -30.92
N SER C 1181 85.14 36.39 -30.29
CA SER C 1181 85.72 35.29 -31.05
C SER C 1181 84.70 34.57 -31.97
N GLU C 1182 83.44 34.48 -31.57
CA GLU C 1182 82.45 33.80 -32.42
C GLU C 1182 81.80 34.69 -33.46
N GLY C 1183 82.15 35.97 -33.45
CA GLY C 1183 81.77 36.88 -34.52
C GLY C 1183 80.28 37.00 -34.74
N TYR C 1184 79.87 36.93 -36.01
CA TYR C 1184 78.47 37.10 -36.37
C TYR C 1184 78.03 36.01 -37.33
N THR C 1185 77.63 34.86 -36.80
CA THR C 1185 77.25 33.72 -37.63
C THR C 1185 76.02 34.04 -38.49
N GLN C 1186 75.22 35.00 -38.06
CA GLN C 1186 74.05 35.43 -38.82
C GLN C 1186 74.23 36.86 -39.34
N HIS C 1187 73.72 37.15 -40.53
CA HIS C 1187 73.82 38.49 -41.12
C HIS C 1187 72.49 38.90 -41.70
N VAL C 1188 72.08 40.15 -41.48
CA VAL C 1188 70.78 40.60 -41.96
C VAL C 1188 70.82 41.86 -42.83
N ASP C 1189 70.16 41.77 -43.98
CA ASP C 1189 70.02 42.90 -44.88
C ASP C 1189 69.00 43.87 -44.30
N ALA C 1190 69.16 45.14 -44.63
CA ALA C 1190 68.20 46.14 -44.20
C ALA C 1190 66.84 45.82 -44.81
N GLU C 1191 66.86 45.20 -45.98
CA GLU C 1191 65.63 44.85 -46.67
C GLU C 1191 64.80 43.85 -45.88
N SER C 1192 65.45 42.94 -45.17
CA SER C 1192 64.73 41.94 -44.39
C SER C 1192 64.09 42.53 -43.13
N ILE C 1193 64.80 43.44 -42.50
CA ILE C 1193 64.30 44.11 -41.31
C ILE C 1193 63.12 45.02 -41.63
N MET C 1194 63.12 45.56 -42.86
CA MET C 1194 62.06 46.45 -43.30
C MET C 1194 60.88 45.67 -43.87
N THR C 1195 61.09 44.36 -44.08
CA THR C 1195 60.05 43.50 -44.64
C THR C 1195 60.12 42.10 -44.03
N ALA C 1196 59.92 42.01 -42.72
CA ALA C 1196 59.68 40.73 -42.09
C ALA C 1196 58.19 40.68 -41.83
N PRO C 1197 57.60 39.48 -41.81
CA PRO C 1197 56.18 39.43 -41.46
C PRO C 1197 55.99 39.95 -40.05
N LYS C 1198 54.86 40.60 -39.81
CA LYS C 1198 54.62 41.33 -38.58
C LYS C 1198 54.62 40.45 -37.32
N GLY C 1199 54.21 39.18 -37.46
CA GLY C 1199 54.23 38.28 -36.32
C GLY C 1199 55.45 37.42 -36.11
N LYS C 1200 56.26 37.23 -37.16
CA LYS C 1200 57.41 36.34 -37.09
C LYS C 1200 58.50 36.91 -36.19
N LEU C 1201 59.20 36.03 -35.47
CA LEU C 1201 60.32 36.45 -34.62
C LEU C 1201 61.62 36.54 -35.39
N PHE C 1202 62.18 37.74 -35.44
CA PHE C 1202 63.50 37.93 -35.99
C PHE C 1202 64.50 37.40 -34.98
N HIS C 1203 65.65 36.92 -35.43
CA HIS C 1203 66.69 36.55 -34.47
C HIS C 1203 67.97 37.34 -34.68
N LEU C 1204 68.06 38.46 -33.98
CA LEU C 1204 69.26 39.28 -34.01
C LEU C 1204 70.41 38.76 -33.15
N GLN C 1205 71.63 39.04 -33.57
CA GLN C 1205 72.80 38.82 -32.74
C GLN C 1205 73.47 40.13 -32.37
N PHE C 1206 74.01 40.22 -31.16
CA PHE C 1206 74.74 41.41 -30.77
C PHE C 1206 76.06 41.05 -30.11
N MET C 1207 77.12 41.74 -30.54
CA MET C 1207 78.43 41.56 -29.95
C MET C 1207 78.51 42.11 -28.53
N ASP C 1208 79.16 41.34 -27.64
CA ASP C 1208 79.65 41.88 -26.37
C ASP C 1208 81.17 41.95 -26.53
N GLY C 1209 81.62 43.06 -27.09
CA GLY C 1209 82.98 43.19 -27.57
C GLY C 1209 83.96 43.50 -26.46
N LEU C 1210 83.49 43.35 -25.22
CA LEU C 1210 84.28 43.70 -24.07
C LEU C 1210 85.54 42.83 -23.89
N LEU C 1211 85.44 41.55 -24.25
CA LEU C 1211 86.60 40.66 -24.12
C LEU C 1211 87.47 40.67 -25.37
N ARG C 1212 87.80 41.86 -25.84
CA ARG C 1212 88.57 41.99 -27.06
C ARG C 1212 89.86 42.77 -26.78
N PRO C 1213 91.01 42.07 -26.79
CA PRO C 1213 92.36 42.53 -26.45
C PRO C 1213 92.94 43.59 -27.41
N GLU C 1214 93.78 44.47 -26.87
CA GLU C 1214 94.34 45.60 -27.61
C GLU C 1214 95.16 45.14 -28.81
N PRO C 1215 95.15 45.92 -29.90
CA PRO C 1215 95.93 45.63 -31.11
C PRO C 1215 97.41 45.70 -30.83
N SER C 1216 98.19 44.90 -31.54
CA SER C 1216 99.64 44.97 -31.44
C SER C 1216 100.01 46.37 -31.90
N ALA C 1217 101.06 46.93 -31.30
CA ALA C 1217 101.42 48.33 -31.55
C ALA C 1217 101.85 48.54 -33.00
N PHE C 1218 102.25 47.46 -33.66
CA PHE C 1218 102.73 47.56 -35.03
C PHE C 1218 101.76 47.11 -36.13
N ASP C 1219 100.51 46.79 -35.77
CA ASP C 1219 99.52 46.44 -36.78
C ASP C 1219 99.23 47.66 -37.65
N PRO C 1220 99.02 47.44 -38.96
CA PRO C 1220 98.78 48.54 -39.89
C PRO C 1220 97.51 49.28 -39.54
N PRO C 1221 97.51 50.61 -39.72
CA PRO C 1221 96.35 51.44 -39.40
C PRO C 1221 95.12 51.08 -40.21
N ALA C 1222 93.97 51.16 -39.57
CA ALA C 1222 92.70 50.89 -40.23
C ALA C 1222 92.16 52.18 -40.84
N SER C 1223 92.38 52.35 -42.14
CA SER C 1223 91.93 53.55 -42.83
C SER C 1223 90.43 53.74 -42.73
N GLY C 1224 89.67 52.74 -43.20
CA GLY C 1224 88.22 52.80 -43.25
C GLY C 1224 87.52 52.55 -41.93
N GLU C 1225 86.25 52.91 -41.87
CA GLU C 1225 85.49 52.85 -40.62
C GLU C 1225 84.58 51.62 -40.51
N ASP C 1226 84.67 50.89 -39.40
CA ASP C 1226 83.63 49.90 -39.08
C ASP C 1226 82.31 50.62 -38.79
N MET C 1227 81.21 50.16 -39.38
CA MET C 1227 79.94 50.86 -39.30
C MET C 1227 78.84 49.90 -38.87
N ARG C 1228 77.80 50.45 -38.24
CA ARG C 1228 76.79 49.62 -37.60
C ARG C 1228 75.44 50.29 -37.72
N LEU C 1229 74.43 49.50 -38.04
CA LEU C 1229 73.11 50.04 -38.25
C LEU C 1229 72.14 49.69 -37.12
N ILE C 1230 72.02 48.40 -36.84
CA ILE C 1230 70.93 47.92 -36.01
C ILE C 1230 71.26 48.05 -34.54
N TYR C 1231 70.29 48.52 -33.76
CA TYR C 1231 70.43 48.51 -32.31
C TYR C 1231 69.16 48.04 -31.59
N PRO C 1232 69.32 47.47 -30.39
CA PRO C 1232 68.21 47.21 -29.48
C PRO C 1232 67.56 48.51 -29.04
N LEU C 1233 66.25 48.50 -28.80
CA LEU C 1233 65.54 49.67 -28.29
C LEU C 1233 65.46 49.71 -26.76
N GLN C 1234 65.57 48.54 -26.13
CA GLN C 1234 65.52 48.40 -24.69
C GLN C 1234 66.68 47.49 -24.34
N PRO C 1235 66.99 47.33 -23.05
CA PRO C 1235 68.13 46.46 -22.73
C PRO C 1235 67.96 45.01 -23.19
N ILE C 1236 69.06 44.43 -23.69
CA ILE C 1236 69.16 42.99 -23.90
C ILE C 1236 69.90 42.57 -22.64
N SER C 1237 70.43 41.35 -22.62
CA SER C 1237 71.30 40.90 -21.54
C SER C 1237 70.60 41.04 -20.18
N VAL C 1238 69.28 40.93 -20.21
CA VAL C 1238 68.52 40.87 -18.97
C VAL C 1238 68.81 39.55 -18.27
N ALA C 1239 69.22 38.55 -19.05
CA ALA C 1239 69.56 37.23 -18.52
C ALA C 1239 70.95 37.15 -17.94
N ARG C 1240 71.77 38.18 -18.17
CA ARG C 1240 73.16 38.19 -17.72
C ARG C 1240 73.31 38.18 -16.20
N SER C 1241 74.25 37.38 -15.73
CA SER C 1241 74.56 37.31 -14.32
C SER C 1241 75.98 37.81 -14.14
N MET C 1242 76.90 37.24 -14.91
CA MET C 1242 78.30 37.65 -14.81
C MET C 1242 78.84 38.06 -16.16
N ARG C 1243 79.87 38.88 -16.14
CA ARG C 1243 80.46 39.36 -17.38
C ARG C 1243 81.95 39.61 -17.21
N ALA C 1244 82.72 39.22 -18.22
CA ALA C 1244 84.15 39.49 -18.26
C ALA C 1244 84.95 38.91 -17.11
N ILE C 1245 84.78 37.63 -16.83
CA ILE C 1245 85.62 36.98 -15.85
C ILE C 1245 87.07 36.87 -16.36
N VAL C 1246 87.73 38.02 -16.55
CA VAL C 1246 89.18 38.10 -16.80
C VAL C 1246 89.72 39.37 -16.14
N ASN C 1247 90.97 39.34 -15.71
CA ASN C 1247 91.57 40.54 -15.10
C ASN C 1247 91.89 41.62 -16.11
N HIS C 1248 91.89 42.85 -15.63
CA HIS C 1248 92.43 43.96 -16.39
C HIS C 1248 93.65 44.45 -15.62
N ASN C 1249 94.81 44.44 -16.27
CA ASN C 1249 96.05 44.86 -15.61
C ASN C 1249 96.37 44.02 -14.37
N GLU C 1250 95.81 42.82 -14.33
CA GLU C 1250 96.11 41.81 -13.31
C GLU C 1250 95.53 42.12 -11.92
N VAL C 1251 94.94 43.29 -11.75
CA VAL C 1251 94.25 43.63 -10.51
C VAL C 1251 92.98 44.43 -10.72
N ASP C 1252 93.10 45.52 -11.49
CA ASP C 1252 91.98 46.41 -11.79
C ASP C 1252 90.86 45.72 -12.59
N ARG C 1253 89.60 46.06 -12.30
CA ARG C 1253 88.47 45.45 -13.02
C ARG C 1253 88.30 46.05 -14.41
N PRO C 1254 87.89 45.22 -15.39
CA PRO C 1254 87.56 45.69 -16.73
C PRO C 1254 86.38 46.63 -16.64
N ARG C 1255 86.34 47.67 -17.47
CA ARG C 1255 85.12 48.44 -17.54
C ARG C 1255 84.06 47.54 -18.15
N GLY C 1256 82.86 47.53 -17.58
CA GLY C 1256 81.77 46.72 -18.08
C GLY C 1256 81.64 45.31 -17.53
N ALA C 1257 82.59 44.87 -16.71
CA ALA C 1257 82.48 43.57 -16.05
C ALA C 1257 81.40 43.61 -14.99
N VAL C 1258 80.63 42.54 -14.84
CA VAL C 1258 79.63 42.53 -13.77
C VAL C 1258 79.73 41.35 -12.80
N ALA C 1259 79.84 41.70 -11.53
CA ALA C 1259 79.85 40.71 -10.47
C ALA C 1259 78.46 40.12 -10.38
N PRO C 1260 78.36 38.85 -9.96
CA PRO C 1260 77.04 38.25 -9.81
C PRO C 1260 76.22 38.98 -8.75
N SER C 1261 74.91 39.06 -8.95
CA SER C 1261 74.03 39.75 -8.00
C SER C 1261 74.10 39.08 -6.64
N SER C 1262 74.02 39.88 -5.59
CA SER C 1262 74.19 39.37 -4.23
C SER C 1262 73.15 38.32 -3.87
N TYR C 1263 71.99 38.40 -4.51
CA TYR C 1263 70.88 37.54 -4.17
C TYR C 1263 71.06 36.14 -4.69
N GLU C 1264 72.00 35.95 -5.60
CA GLU C 1264 72.34 34.61 -6.10
C GLU C 1264 72.92 33.78 -4.97
N MET C 1265 73.54 34.46 -4.03
CA MET C 1265 74.33 33.79 -3.01
C MET C 1265 73.73 33.75 -1.59
N ASP C 1266 72.53 34.30 -1.38
CA ASP C 1266 71.95 34.29 -0.03
C ASP C 1266 71.16 33.01 0.19
N THR C 1267 71.86 31.94 0.58
CA THR C 1267 71.19 30.72 1.01
C THR C 1267 70.50 31.13 2.27
N GLY C 1268 69.28 31.63 2.13
CA GLY C 1268 68.67 32.35 3.24
C GLY C 1268 68.29 31.45 4.37
N THR C 1269 67.00 31.18 4.48
CA THR C 1269 66.47 30.31 5.50
C THR C 1269 64.99 30.10 5.20
N LEU C 1270 64.40 29.08 5.79
CA LEU C 1270 62.95 28.94 5.73
C LEU C 1270 62.20 29.85 6.71
N SER C 1271 61.00 30.28 6.34
CA SER C 1271 60.14 31.02 7.26
C SER C 1271 59.43 30.02 8.15
N ARG C 1272 58.71 30.51 9.17
CA ARG C 1272 58.08 29.60 10.13
C ARG C 1272 57.02 28.72 9.47
N ASN C 1273 56.56 29.12 8.30
CA ASN C 1273 55.61 28.32 7.53
C ASN C 1273 56.26 27.55 6.37
N GLY C 1274 57.59 27.58 6.29
CA GLY C 1274 58.31 26.86 5.26
C GLY C 1274 58.56 27.56 3.92
N ASP C 1275 58.20 28.84 3.82
CA ASP C 1275 58.56 29.62 2.63
C ASP C 1275 60.05 29.98 2.68
N LEU C 1276 60.67 30.13 1.51
CA LEU C 1276 62.05 30.61 1.41
C LEU C 1276 62.20 32.11 1.66
N LEU C 1277 63.30 32.49 2.28
CA LEU C 1277 63.58 33.88 2.64
C LEU C 1277 65.05 34.20 2.45
N TYR C 1278 65.34 35.43 2.05
CA TYR C 1278 66.70 35.94 2.11
C TYR C 1278 67.11 36.16 3.55
N SER C 1279 68.41 36.20 3.80
CA SER C 1279 68.92 36.46 5.15
C SER C 1279 68.46 37.85 5.55
N PRO C 1280 68.24 38.09 6.85
CA PRO C 1280 67.82 39.42 7.26
C PRO C 1280 68.88 40.44 6.90
N VAL C 1281 68.48 41.61 6.41
CA VAL C 1281 69.45 42.67 6.15
C VAL C 1281 69.49 43.56 7.38
N ALA C 1282 70.71 43.95 7.77
CA ALA C 1282 70.91 44.69 9.02
C ALA C 1282 70.31 43.94 10.20
N ASN C 1283 69.70 44.67 11.13
CA ASN C 1283 69.06 44.07 12.29
C ASN C 1283 67.99 44.98 12.87
N GLY C 1284 66.96 44.39 13.49
CA GLY C 1284 66.75 42.97 13.54
C GLY C 1284 65.70 42.50 12.54
N GLN C 1285 65.45 43.32 11.52
CA GLN C 1285 64.32 43.16 10.62
C GLN C 1285 64.28 41.79 9.94
N VAL C 1286 63.08 41.22 9.84
CA VAL C 1286 62.90 39.89 9.25
C VAL C 1286 63.25 39.86 7.77
N GLY C 1287 63.92 38.79 7.35
CA GLY C 1287 64.34 38.62 5.97
C GLY C 1287 63.21 38.44 4.99
N ILE C 1288 63.33 39.10 3.84
CA ILE C 1288 62.28 39.10 2.82
C ILE C 1288 62.16 37.73 2.17
N PRO C 1289 60.91 37.26 1.99
CA PRO C 1289 60.75 35.99 1.26
C PRO C 1289 61.28 36.09 -0.16
N LYS C 1290 61.93 35.04 -0.64
CA LYS C 1290 62.61 35.10 -1.93
C LYS C 1290 61.63 35.25 -3.09
N LEU C 1291 60.43 34.68 -2.93
CA LEU C 1291 59.40 34.79 -3.95
C LEU C 1291 58.78 36.19 -4.03
N GLU C 1292 58.89 36.95 -2.95
CA GLU C 1292 58.30 38.29 -2.87
C GLU C 1292 59.02 39.32 -3.76
N VAL C 1293 60.28 39.06 -4.11
CA VAL C 1293 61.04 40.00 -4.95
C VAL C 1293 61.51 39.35 -6.25
N ASP C 1294 61.97 40.18 -7.18
CA ASP C 1294 62.31 39.72 -8.54
C ASP C 1294 63.73 39.14 -8.76
N HIS C 1295 64.57 39.18 -7.73
CA HIS C 1295 65.93 38.64 -7.87
C HIS C 1295 65.95 37.12 -7.90
N ILE C 1296 66.87 36.56 -8.66
CA ILE C 1296 67.08 35.12 -8.68
C ILE C 1296 68.09 34.72 -7.61
N SER C 1297 67.76 33.67 -6.85
CA SER C 1297 68.63 33.17 -5.80
C SER C 1297 69.00 31.74 -6.09
N PHE C 1298 70.30 31.45 -6.14
CA PHE C 1298 70.75 30.13 -6.55
C PHE C 1298 71.20 29.21 -5.44
N SER C 1299 70.86 29.57 -4.21
CA SER C 1299 71.13 28.72 -3.08
C SER C 1299 69.97 28.78 -2.11
N ASN C 1300 69.30 27.65 -1.94
CA ASN C 1300 68.11 27.62 -1.12
C ASN C 1300 68.05 26.38 -0.24
N VAL C 1301 67.52 26.51 0.96
CA VAL C 1301 67.24 25.32 1.76
C VAL C 1301 66.08 24.51 1.21
N VAL C 1302 66.23 23.20 1.18
CA VAL C 1302 65.30 22.34 0.50
C VAL C 1302 65.09 21.13 1.38
N SER C 1303 63.86 20.96 1.83
CA SER C 1303 63.51 19.80 2.64
C SER C 1303 63.53 18.54 1.78
N MET C 1304 64.09 17.48 2.36
CA MET C 1304 64.30 16.25 1.63
C MET C 1304 63.96 15.11 2.56
N MET C 1305 63.44 14.03 2.01
CA MET C 1305 63.39 12.79 2.76
C MET C 1305 64.80 12.22 2.84
N THR C 1306 65.12 11.61 3.97
CA THR C 1306 66.48 11.12 4.21
C THR C 1306 66.83 9.96 3.27
N ALA C 1307 65.81 9.17 2.94
CA ALA C 1307 65.97 8.05 2.02
C ALA C 1307 64.61 7.73 1.42
N ASN C 1308 64.59 6.82 0.45
CA ASN C 1308 63.39 6.52 -0.30
C ASN C 1308 62.27 6.10 0.66
N ILE C 1309 61.07 6.60 0.45
CA ILE C 1309 59.95 6.32 1.36
C ILE C 1309 59.02 5.20 0.89
N ARG C 1310 59.16 4.79 -0.36
CA ARG C 1310 58.35 3.70 -0.90
C ARG C 1310 59.00 2.36 -0.62
N THR C 1311 60.11 2.39 0.08
CA THR C 1311 60.95 1.21 0.30
C THR C 1311 60.24 0.10 1.08
N GLY C 1312 59.26 0.46 1.89
CA GLY C 1312 58.65 -0.49 2.81
C GLY C 1312 57.61 -1.41 2.18
N ASP C 1313 57.09 -2.33 2.99
CA ASP C 1313 56.03 -3.23 2.54
C ASP C 1313 54.75 -2.46 2.26
N ASP C 1314 54.06 -2.83 1.18
CA ASP C 1314 52.76 -2.23 0.88
C ASP C 1314 51.71 -2.80 1.82
N MET C 1315 50.68 -2.00 2.10
CA MET C 1315 49.58 -2.40 2.99
C MET C 1315 48.76 -3.57 2.44
N ALA C 1316 48.47 -4.53 3.30
CA ALA C 1316 47.70 -5.70 2.91
C ALA C 1316 46.70 -6.01 4.00
N VAL C 1317 45.49 -6.44 3.61
CA VAL C 1317 44.41 -6.60 4.58
C VAL C 1317 43.68 -7.92 4.41
N GLU C 1318 43.26 -8.48 5.54
CA GLU C 1318 42.32 -9.58 5.54
C GLU C 1318 40.99 -8.97 5.15
N ARG C 1319 40.19 -9.68 4.37
CA ARG C 1319 38.83 -9.22 4.09
C ARG C 1319 37.85 -10.36 4.22
N VAL C 1320 37.12 -10.39 5.32
CA VAL C 1320 36.22 -11.50 5.58
C VAL C 1320 34.78 -11.05 5.30
N ASN C 1321 34.21 -11.62 4.24
CA ASN C 1321 32.87 -11.25 3.77
C ASN C 1321 31.79 -11.90 4.62
N PRO C 1322 30.58 -11.31 4.64
CA PRO C 1322 29.53 -11.74 5.58
C PRO C 1322 29.14 -13.19 5.38
N ASP C 1323 28.81 -13.88 6.46
CA ASP C 1323 28.52 -15.32 6.40
C ASP C 1323 27.27 -15.67 5.59
N ASP C 1324 26.25 -14.81 5.65
CA ASP C 1324 24.97 -15.06 4.98
C ASP C 1324 24.45 -13.78 4.36
N VAL C 1325 24.20 -13.80 3.05
CA VAL C 1325 23.76 -12.59 2.36
C VAL C 1325 22.39 -12.12 2.84
N ARG C 1326 21.52 -13.07 3.18
CA ARG C 1326 20.19 -12.70 3.66
C ARG C 1326 20.20 -12.05 5.02
N ALA C 1327 21.19 -12.39 5.83
CA ALA C 1327 21.33 -11.86 7.18
C ALA C 1327 21.74 -10.38 7.20
N ILE C 1328 22.33 -9.91 6.09
CA ILE C 1328 22.92 -8.57 6.01
C ILE C 1328 21.93 -7.45 6.30
N ASN C 1329 22.33 -6.47 7.10
CA ASN C 1329 21.45 -5.35 7.43
C ASN C 1329 21.82 -4.09 6.67
N ILE C 1330 21.18 -3.88 5.53
CA ILE C 1330 21.46 -2.71 4.72
C ILE C 1330 20.72 -1.49 5.28
N ARG C 1331 19.85 -1.75 6.24
CA ARG C 1331 19.01 -0.71 6.84
C ARG C 1331 19.85 0.20 7.74
N ASN C 1332 19.17 0.90 8.64
CA ASN C 1332 19.78 1.90 9.52
C ASN C 1332 20.30 3.10 8.74
N ALA C 1333 19.94 3.16 7.46
CA ALA C 1333 20.37 4.24 6.55
C ALA C 1333 21.86 4.54 6.64
N MET D 1 -20.15 -60.67 44.24
CA MET D 1 -21.05 -59.53 44.15
C MET D 1 -20.63 -58.38 45.08
N LEU D 2 -20.61 -57.18 44.53
CA LEU D 2 -20.30 -55.98 45.30
C LEU D 2 -21.58 -55.41 45.92
N GLN D 3 -21.61 -55.29 47.24
CA GLN D 3 -22.74 -54.68 47.93
C GLN D 3 -22.79 -53.20 47.57
N GLN D 4 -24.00 -52.67 47.42
CA GLN D 4 -24.17 -51.22 47.23
C GLN D 4 -24.40 -50.52 48.57
N PRO D 5 -23.54 -49.54 48.89
CA PRO D 5 -23.58 -48.85 50.19
C PRO D 5 -24.85 -48.03 50.34
N THR D 6 -25.04 -47.39 51.50
CA THR D 6 -26.19 -46.52 51.68
C THR D 6 -26.11 -45.32 50.73
N GLY D 7 -24.88 -44.85 50.49
CA GLY D 7 -24.62 -43.89 49.43
C GLY D 7 -24.48 -44.73 48.18
N GLY D 8 -24.24 -44.12 47.03
CA GLY D 8 -24.17 -44.90 45.81
C GLY D 8 -22.88 -45.71 45.74
N TYR D 9 -22.72 -46.48 44.67
CA TYR D 9 -21.47 -47.17 44.42
C TYR D 9 -20.35 -46.16 44.28
N THR D 10 -20.72 -44.96 43.84
CA THR D 10 -19.78 -43.87 43.61
C THR D 10 -19.05 -43.44 44.87
N THR D 11 -19.65 -43.70 46.03
CA THR D 11 -19.00 -43.37 47.30
C THR D 11 -17.72 -44.20 47.52
N LEU D 12 -17.64 -45.37 46.91
CA LEU D 12 -16.45 -46.20 47.00
C LEU D 12 -15.27 -45.56 46.27
N GLU D 13 -14.08 -45.63 46.87
CA GLU D 13 -12.89 -45.01 46.30
C GLU D 13 -12.49 -45.70 45.00
N GLN D 14 -13.00 -46.91 44.83
CA GLN D 14 -12.76 -47.71 43.63
C GLN D 14 -13.34 -47.08 42.36
N PHE D 15 -14.40 -46.29 42.52
CA PHE D 15 -15.07 -45.67 41.38
C PHE D 15 -14.86 -44.16 41.32
N ALA D 16 -13.68 -43.68 41.67
CA ALA D 16 -13.43 -42.25 41.62
C ALA D 16 -13.44 -41.73 40.19
N PHE D 17 -14.08 -40.58 39.99
CA PHE D 17 -14.08 -39.93 38.69
C PHE D 17 -13.17 -38.71 38.75
N THR D 18 -12.09 -38.74 37.97
CA THR D 18 -11.05 -37.70 38.06
C THR D 18 -10.33 -37.48 36.74
N ILE D 19 -10.51 -36.30 36.15
CA ILE D 19 -9.73 -35.94 34.97
C ILE D 19 -8.30 -35.57 35.32
N ARG D 20 -7.39 -35.76 34.38
CA ARG D 20 -6.03 -35.27 34.53
C ARG D 20 -6.07 -33.76 34.38
N ASN D 21 -5.24 -33.07 35.15
CA ASN D 21 -5.14 -31.61 35.06
C ASN D 21 -3.99 -31.07 35.91
N ASP D 22 -3.19 -30.18 35.33
CA ASP D 22 -2.03 -29.58 36.03
C ASP D 22 -1.12 -30.65 36.63
N GLY D 23 -1.01 -31.78 35.95
CA GLY D 23 -0.08 -32.83 36.36
C GLY D 23 -0.59 -33.68 37.50
N THR D 24 -1.86 -33.50 37.86
CA THR D 24 -2.44 -34.24 38.99
C THR D 24 -3.80 -34.79 38.60
N ASN D 25 -4.31 -35.73 39.39
CA ASN D 25 -5.66 -36.28 39.16
C ASN D 25 -6.76 -35.41 39.76
N ALA D 26 -7.06 -34.31 39.08
CA ALA D 26 -8.08 -33.40 39.55
C ALA D 26 -9.47 -34.02 39.47
N THR D 27 -10.30 -33.76 40.48
CA THR D 27 -11.70 -34.13 40.47
C THR D 27 -12.44 -33.21 39.50
N PRO D 28 -13.56 -33.66 38.92
CA PRO D 28 -14.25 -32.86 37.92
C PRO D 28 -14.69 -31.49 38.45
N THR D 29 -15.05 -31.41 39.73
CA THR D 29 -15.55 -30.17 40.27
C THR D 29 -14.48 -29.11 40.18
N GLN D 30 -13.23 -29.52 40.44
CA GLN D 30 -12.13 -28.57 40.50
C GLN D 30 -11.52 -28.32 39.12
N PHE D 31 -12.04 -29.03 38.12
CA PHE D 31 -11.76 -28.63 36.74
C PHE D 31 -12.81 -27.62 36.29
N LEU D 32 -14.04 -27.84 36.74
CA LEU D 32 -15.14 -27.00 36.28
C LEU D 32 -15.07 -25.59 36.87
N GLN D 33 -14.25 -25.43 37.91
CA GLN D 33 -13.92 -24.11 38.43
C GLN D 33 -13.21 -23.30 37.37
N LEU D 34 -12.39 -23.98 36.57
CA LEU D 34 -11.62 -23.33 35.52
C LEU D 34 -12.51 -22.78 34.42
N LEU D 35 -13.68 -23.39 34.26
CA LEU D 35 -14.63 -22.97 33.23
C LEU D 35 -15.25 -21.60 33.55
N SER D 36 -15.38 -20.79 32.51
CA SER D 36 -15.91 -19.43 32.63
C SER D 36 -16.79 -19.20 31.42
N TYR D 37 -17.82 -18.37 31.55
CA TYR D 37 -18.77 -18.27 30.46
C TYR D 37 -19.03 -16.86 29.92
N GLU D 38 -18.90 -16.70 28.62
CA GLU D 38 -19.26 -15.45 27.96
C GLU D 38 -20.69 -15.56 27.44
N ALA D 39 -21.63 -14.91 28.12
CA ALA D 39 -23.00 -14.88 27.62
C ALA D 39 -23.09 -14.10 26.30
N THR D 40 -23.90 -14.60 25.38
CA THR D 40 -24.16 -13.89 24.12
C THR D 40 -25.64 -13.49 24.02
N GLU D 41 -26.03 -12.95 22.88
CA GLU D 41 -27.40 -12.45 22.70
C GLU D 41 -28.51 -13.52 22.73
N ASN D 42 -28.18 -14.76 22.37
CA ASN D 42 -29.17 -15.84 22.31
C ASN D 42 -29.63 -16.37 23.67
N GLU D 43 -30.84 -16.93 23.71
CA GLU D 43 -31.40 -17.47 24.95
C GLU D 43 -31.83 -18.93 24.81
N LEU D 44 -31.33 -19.77 25.71
CA LEU D 44 -31.82 -21.14 25.88
C LEU D 44 -32.97 -21.18 26.87
N VAL D 45 -34.04 -21.87 26.46
CA VAL D 45 -35.18 -22.12 27.33
C VAL D 45 -35.44 -23.62 27.30
N LYS D 46 -35.50 -24.24 28.48
CA LYS D 46 -35.69 -25.69 28.52
C LYS D 46 -37.16 -26.13 28.39
N LYS D 47 -37.44 -26.85 27.32
CA LYS D 47 -38.73 -27.49 27.09
C LYS D 47 -38.87 -28.68 28.02
N THR D 48 -40.11 -29.09 28.29
CA THR D 48 -40.31 -30.33 29.03
C THR D 48 -39.77 -31.48 28.18
N ILE D 49 -38.99 -32.36 28.81
CA ILE D 49 -38.46 -33.52 28.11
C ILE D 49 -39.54 -34.57 27.96
N PRO D 50 -39.73 -35.07 26.73
CA PRO D 50 -40.76 -36.10 26.52
C PRO D 50 -40.41 -37.32 27.36
N THR D 51 -41.42 -38.01 27.88
CA THR D 51 -41.15 -39.19 28.68
C THR D 51 -40.58 -40.27 27.77
N PRO D 52 -39.55 -40.96 28.24
CA PRO D 52 -38.95 -42.06 27.48
C PRO D 52 -39.95 -43.18 27.27
N GLU D 53 -39.87 -43.83 26.12
CA GLU D 53 -40.82 -44.87 25.73
C GLU D 53 -40.79 -46.02 26.73
N THR D 54 -41.95 -46.62 26.98
CA THR D 54 -42.06 -47.72 27.92
C THR D 54 -41.27 -48.94 27.44
N HIS D 55 -41.20 -49.08 26.13
CA HIS D 55 -40.65 -50.27 25.50
C HIS D 55 -39.16 -50.52 25.79
N LEU D 56 -38.83 -51.75 26.15
CA LEU D 56 -37.44 -52.18 26.32
C LEU D 56 -37.05 -53.10 25.18
N PRO D 57 -36.02 -52.73 24.41
CA PRO D 57 -35.68 -53.46 23.19
C PRO D 57 -35.29 -54.89 23.51
N SER D 58 -35.61 -55.82 22.62
CA SER D 58 -35.24 -57.21 22.85
C SER D 58 -33.73 -57.35 22.89
N ALA D 59 -33.24 -58.10 23.87
CA ALA D 59 -31.83 -58.45 23.87
C ALA D 59 -31.72 -59.71 23.04
N ARG D 60 -31.18 -59.58 21.84
CA ARG D 60 -31.18 -60.70 20.91
C ARG D 60 -30.30 -61.76 21.53
N ASN D 61 -30.55 -63.01 21.18
CA ASN D 61 -29.81 -64.12 21.76
C ASN D 61 -28.31 -64.01 21.48
N VAL D 62 -27.57 -63.43 22.43
CA VAL D 62 -26.14 -63.19 22.26
C VAL D 62 -25.31 -63.97 23.28
N PRO D 63 -24.62 -65.02 22.81
CA PRO D 63 -23.78 -65.90 23.63
C PRO D 63 -22.67 -65.16 24.36
N GLY D 64 -22.17 -64.11 23.74
CA GLY D 64 -21.00 -63.43 24.25
C GLY D 64 -21.28 -62.57 25.44
N ASN D 65 -20.21 -62.20 26.13
CA ASN D 65 -20.29 -61.24 27.20
C ASN D 65 -20.06 -59.88 26.60
N VAL D 66 -21.13 -59.13 26.35
CA VAL D 66 -21.02 -57.83 25.71
C VAL D 66 -20.38 -56.76 26.63
N TYR D 67 -19.29 -56.15 26.16
CA TYR D 67 -18.66 -55.10 26.93
C TYR D 67 -19.50 -53.87 26.75
N ILE D 68 -20.41 -53.64 27.68
CA ILE D 68 -21.34 -52.53 27.54
C ILE D 68 -20.81 -51.17 28.01
N GLU D 69 -20.02 -51.14 29.08
CA GLU D 69 -19.57 -49.85 29.61
C GLU D 69 -18.69 -49.21 28.57
N ASP D 70 -17.87 -50.03 27.92
CA ASP D 70 -16.95 -49.56 26.90
C ASP D 70 -17.75 -49.03 25.73
N ALA D 71 -18.86 -49.70 25.43
CA ALA D 71 -19.66 -49.35 24.28
C ALA D 71 -20.32 -47.99 24.49
N ILE D 72 -20.80 -47.78 25.72
CA ILE D 72 -21.52 -46.57 26.04
C ILE D 72 -20.57 -45.38 26.13
N THR D 73 -19.50 -45.55 26.89
CA THR D 73 -18.55 -44.47 27.09
C THR D 73 -17.85 -44.11 25.79
N GLN D 74 -17.65 -45.09 24.92
CA GLN D 74 -17.14 -44.76 23.61
C GLN D 74 -18.18 -44.06 22.73
N ALA D 75 -19.45 -44.46 22.84
CA ALA D 75 -20.48 -43.83 22.04
C ALA D 75 -20.68 -42.37 22.41
N LEU D 76 -20.42 -42.06 23.68
CA LEU D 76 -20.60 -40.68 24.16
C LEU D 76 -19.34 -39.83 24.09
N PHE D 77 -18.19 -40.43 24.36
CA PHE D 77 -16.97 -39.63 24.46
C PHE D 77 -15.77 -40.21 23.67
N GLY D 78 -16.02 -41.28 22.92
CA GLY D 78 -14.95 -41.91 22.17
C GLY D 78 -14.41 -41.01 21.09
N ILE D 79 -13.08 -40.96 20.95
CA ILE D 79 -12.50 -40.16 19.88
C ILE D 79 -12.80 -40.71 18.48
N SER D 80 -12.77 -42.03 18.35
CA SER D 80 -12.87 -42.63 17.03
C SER D 80 -14.13 -43.44 16.74
N ALA D 81 -15.02 -43.60 17.72
CA ALA D 81 -16.21 -44.43 17.53
C ALA D 81 -17.14 -43.89 16.44
N GLN D 82 -17.72 -44.80 15.68
CA GLN D 82 -18.76 -44.45 14.72
C GLN D 82 -19.62 -45.66 14.38
N ASN D 83 -20.76 -45.41 13.76
CA ASN D 83 -21.76 -46.45 13.52
C ASN D 83 -22.08 -47.20 14.80
N VAL D 84 -22.40 -46.44 15.85
CA VAL D 84 -22.73 -47.01 17.14
C VAL D 84 -24.15 -47.58 17.19
N ASN D 85 -24.81 -47.66 16.03
CA ASN D 85 -26.14 -48.23 15.98
C ASN D 85 -26.25 -49.46 15.10
N ALA D 86 -25.25 -49.66 14.26
CA ALA D 86 -25.23 -50.81 13.36
C ALA D 86 -25.14 -52.13 14.12
N HIS D 87 -24.48 -52.11 15.27
CA HIS D 87 -24.29 -53.34 16.04
C HIS D 87 -25.47 -53.66 16.96
N GLY D 88 -25.99 -52.64 17.63
CA GLY D 88 -27.21 -52.81 18.42
C GLY D 88 -27.06 -53.66 19.67
N TYR D 89 -25.87 -53.67 20.25
CA TYR D 89 -25.63 -54.42 21.48
C TYR D 89 -26.10 -53.71 22.74
N PHE D 90 -26.50 -52.44 22.63
CA PHE D 90 -27.02 -51.73 23.79
C PHE D 90 -28.31 -52.39 24.29
N SER D 91 -29.02 -53.05 23.37
CA SER D 91 -30.27 -53.74 23.70
C SER D 91 -29.99 -54.78 24.75
N ARG D 92 -28.73 -55.21 24.83
CA ARG D 92 -28.34 -56.28 25.75
C ARG D 92 -28.62 -55.89 27.18
N LEU D 93 -28.70 -54.60 27.45
CA LEU D 93 -28.98 -54.16 28.81
C LEU D 93 -30.29 -54.76 29.29
N SER D 94 -31.22 -54.96 28.36
CA SER D 94 -32.55 -55.44 28.71
C SER D 94 -32.50 -56.83 29.31
N ALA D 95 -31.45 -57.57 28.98
CA ALA D 95 -31.29 -58.91 29.56
C ALA D 95 -31.17 -58.85 31.08
N LEU D 96 -30.61 -57.76 31.57
CA LEU D 96 -30.49 -57.52 33.01
C LEU D 96 -31.79 -57.04 33.65
N ALA D 97 -32.72 -56.54 32.83
CA ALA D 97 -33.92 -55.91 33.35
C ALA D 97 -34.88 -56.87 34.04
N LEU D 98 -34.81 -58.14 33.66
CA LEU D 98 -35.72 -59.16 34.20
C LEU D 98 -35.46 -59.38 35.68
N PRO D 99 -36.53 -59.61 36.45
CA PRO D 99 -36.32 -60.09 37.82
C PRO D 99 -35.65 -61.46 37.78
N ASN D 100 -34.78 -61.73 38.75
CA ASN D 100 -34.10 -63.03 38.87
C ASN D 100 -33.52 -63.60 37.57
N THR D 101 -32.83 -62.78 36.80
CA THR D 101 -32.06 -63.25 35.66
C THR D 101 -30.75 -63.88 36.10
N SER D 102 -30.22 -64.78 35.29
CA SER D 102 -28.92 -65.39 35.57
C SER D 102 -27.78 -64.50 35.15
N ALA D 103 -28.09 -63.44 34.39
CA ALA D 103 -27.09 -62.48 33.95
C ALA D 103 -26.66 -61.55 35.06
N ARG D 104 -25.41 -61.10 35.01
CA ARG D 104 -24.89 -60.14 35.98
C ARG D 104 -24.06 -59.13 35.23
N LEU D 105 -24.02 -57.91 35.75
CA LEU D 105 -23.24 -56.85 35.13
C LEU D 105 -22.00 -56.65 35.96
N GLY D 106 -20.84 -56.95 35.38
CA GLY D 106 -19.59 -56.87 36.09
C GLY D 106 -19.07 -55.47 36.26
N LEU D 107 -18.21 -55.28 37.26
CA LEU D 107 -17.59 -53.99 37.52
C LEU D 107 -16.69 -53.64 36.35
N ASP D 108 -16.28 -54.68 35.63
CA ASP D 108 -15.53 -54.54 34.39
C ASP D 108 -16.40 -53.77 33.39
N GLY D 109 -17.72 -53.84 33.58
CA GLY D 109 -18.67 -53.21 32.70
C GLY D 109 -19.12 -54.13 31.58
N VAL D 110 -18.90 -55.44 31.75
CA VAL D 110 -19.34 -56.44 30.79
C VAL D 110 -20.60 -57.14 31.30
N ILE D 111 -21.51 -57.47 30.39
CA ILE D 111 -22.73 -58.17 30.76
C ILE D 111 -22.56 -59.66 30.55
N TYR D 112 -22.16 -60.36 31.60
CA TYR D 112 -22.07 -61.82 31.56
C TYR D 112 -23.47 -62.44 31.53
N ASN D 113 -23.64 -63.50 30.74
CA ASN D 113 -24.92 -64.19 30.66
C ASN D 113 -25.24 -65.04 31.89
N SER D 114 -24.20 -65.43 32.60
CA SER D 114 -24.37 -66.19 33.82
C SER D 114 -23.37 -65.66 34.85
N GLU D 115 -23.67 -65.84 36.13
CA GLU D 115 -22.75 -65.46 37.19
C GLU D 115 -21.48 -66.29 36.97
N THR D 116 -20.31 -65.67 37.13
CA THR D 116 -19.05 -66.37 36.89
C THR D 116 -18.00 -66.02 37.95
N ILE D 117 -17.06 -66.93 38.20
CA ILE D 117 -16.13 -66.78 39.30
C ILE D 117 -15.10 -65.66 39.15
N ASN D 118 -14.72 -65.08 40.29
CA ASN D 118 -13.68 -64.06 40.39
C ASN D 118 -13.97 -62.81 39.55
N ILE D 119 -15.24 -62.61 39.27
CA ILE D 119 -15.68 -61.41 38.57
C ILE D 119 -16.71 -60.67 39.39
N PRO D 120 -16.28 -59.62 40.10
CA PRO D 120 -17.19 -58.83 40.94
C PRO D 120 -18.26 -58.14 40.09
N PHE D 121 -19.46 -58.01 40.63
CA PHE D 121 -20.59 -57.50 39.86
C PHE D 121 -21.61 -56.80 40.75
N TYR D 122 -22.31 -55.83 40.16
CA TYR D 122 -23.26 -55.00 40.90
C TYR D 122 -24.47 -55.78 41.40
N ASP D 123 -25.09 -55.33 42.50
CA ASP D 123 -26.24 -56.04 43.05
C ASP D 123 -27.34 -56.03 42.04
N PRO D 124 -27.84 -57.22 41.69
CA PRO D 124 -28.75 -57.43 40.57
C PRO D 124 -30.03 -56.60 40.67
N ALA D 125 -30.51 -56.30 41.86
CA ALA D 125 -31.69 -55.45 42.00
C ALA D 125 -31.41 -54.06 41.42
N ALA D 126 -30.29 -53.48 41.84
CA ALA D 126 -29.91 -52.14 41.40
C ALA D 126 -29.73 -52.09 39.89
N VAL D 127 -29.04 -53.09 39.37
CA VAL D 127 -28.82 -53.19 37.94
C VAL D 127 -30.13 -53.42 37.20
N ALA D 128 -31.08 -54.09 37.84
CA ALA D 128 -32.37 -54.29 37.22
C ALA D 128 -33.03 -52.93 37.05
N ASN D 129 -32.91 -52.10 38.09
CA ASN D 129 -33.45 -50.75 38.01
C ASN D 129 -32.77 -49.95 36.92
N PHE D 130 -31.46 -50.13 36.80
CA PHE D 130 -30.67 -49.34 35.84
C PHE D 130 -30.99 -49.75 34.40
N ALA D 131 -31.09 -51.06 34.18
CA ALA D 131 -31.43 -51.61 32.87
C ALA D 131 -32.85 -51.26 32.48
N ALA D 132 -33.74 -51.12 33.46
CA ALA D 132 -35.15 -50.85 33.18
C ALA D 132 -35.31 -49.51 32.50
N THR D 133 -34.30 -48.64 32.65
CA THR D 133 -34.33 -47.36 31.96
C THR D 133 -33.31 -47.28 30.83
N TYR D 134 -32.11 -47.76 31.07
CA TYR D 134 -31.02 -47.61 30.10
C TYR D 134 -30.95 -48.66 29.01
N ALA D 135 -31.79 -49.69 29.09
CA ALA D 135 -31.88 -50.61 27.97
C ALA D 135 -32.40 -49.82 26.77
N LYS D 136 -33.14 -48.75 27.04
CA LYS D 136 -33.77 -47.93 26.02
C LYS D 136 -32.73 -47.19 25.17
N LEU D 137 -31.47 -47.29 25.57
CA LEU D 137 -30.37 -46.91 24.70
C LEU D 137 -30.41 -47.80 23.46
N GLY D 138 -31.05 -48.96 23.61
CA GLY D 138 -31.17 -49.91 22.53
C GLY D 138 -32.09 -49.43 21.42
N ASN D 139 -33.05 -48.58 21.75
CA ASN D 139 -33.89 -48.00 20.71
C ASN D 139 -33.54 -46.54 20.40
N ALA D 140 -32.28 -46.19 20.57
CA ALA D 140 -31.81 -44.85 20.25
C ALA D 140 -31.92 -44.60 18.74
N SER D 141 -31.81 -45.67 17.97
CA SER D 141 -31.78 -45.59 16.52
C SER D 141 -33.13 -45.85 15.88
N THR D 142 -33.99 -46.60 16.55
CA THR D 142 -35.26 -47.04 15.97
C THR D 142 -36.16 -45.83 15.75
N PRO D 143 -36.68 -45.70 14.52
CA PRO D 143 -37.31 -44.46 14.08
C PRO D 143 -38.45 -44.01 14.97
N ARG D 144 -39.19 -44.96 15.51
CA ARG D 144 -40.34 -44.62 16.34
C ARG D 144 -39.92 -43.96 17.65
N TYR D 145 -38.69 -44.23 18.09
CA TYR D 145 -38.28 -43.87 19.45
C TYR D 145 -37.12 -42.90 19.58
N ARG D 146 -36.64 -42.34 18.46
CA ARG D 146 -35.48 -41.45 18.51
C ARG D 146 -35.76 -40.23 19.37
N ALA D 147 -34.78 -39.83 20.17
CA ALA D 147 -34.88 -38.63 20.99
C ALA D 147 -34.73 -37.35 20.17
N ASP D 148 -35.30 -36.25 20.64
CA ASP D 148 -34.98 -34.95 20.06
C ASP D 148 -33.51 -34.75 20.28
N MET D 149 -32.79 -34.30 19.25
CA MET D 149 -31.37 -34.03 19.41
C MET D 149 -31.01 -32.56 19.31
N ILE D 150 -32.02 -31.70 19.25
CA ILE D 150 -31.76 -30.27 19.26
C ILE D 150 -32.16 -29.66 20.61
N ASP D 151 -33.39 -29.88 21.03
CA ASP D 151 -33.92 -29.26 22.24
C ASP D 151 -33.16 -29.68 23.51
N ILE D 152 -32.73 -30.94 23.54
CA ILE D 152 -32.22 -31.54 24.76
C ILE D 152 -30.97 -30.82 25.24
N TYR D 153 -30.20 -30.29 24.29
CA TYR D 153 -28.95 -29.65 24.64
C TYR D 153 -29.13 -28.39 25.46
N ALA D 154 -30.32 -27.80 25.38
CA ALA D 154 -30.63 -26.68 26.25
C ALA D 154 -30.44 -27.11 27.70
N HIS D 155 -30.94 -28.29 28.05
CA HIS D 155 -30.79 -28.80 29.41
C HIS D 155 -29.32 -28.97 29.73
N VAL D 156 -28.57 -29.47 28.74
CA VAL D 156 -27.14 -29.68 28.94
C VAL D 156 -26.56 -28.35 29.34
N GLY D 157 -26.91 -27.31 28.58
CA GLY D 157 -26.38 -25.99 28.84
C GLY D 157 -26.73 -25.59 30.25
N LEU D 158 -28.00 -25.74 30.61
CA LEU D 158 -28.46 -25.24 31.89
C LEU D 158 -27.73 -25.98 33.00
N GLU D 159 -27.41 -27.25 32.75
CA GLU D 159 -26.83 -28.03 33.84
C GLU D 159 -25.32 -27.83 33.88
N LEU D 160 -24.78 -27.33 32.79
CA LEU D 160 -23.33 -27.13 32.71
C LEU D 160 -23.02 -25.68 33.05
N ALA D 161 -23.44 -24.79 32.17
CA ALA D 161 -23.13 -23.37 32.28
C ALA D 161 -24.03 -22.59 33.26
N GLY D 162 -25.27 -23.03 33.41
CA GLY D 162 -26.27 -22.25 34.12
C GLY D 162 -26.01 -21.95 35.58
N THR D 163 -26.13 -20.67 35.94
CA THR D 163 -26.01 -20.20 37.32
C THR D 163 -27.26 -20.63 38.05
N ASP D 164 -27.18 -20.71 39.38
CA ASP D 164 -28.30 -21.27 40.16
C ASP D 164 -29.60 -20.52 39.89
N ALA D 165 -29.50 -19.22 39.64
CA ALA D 165 -30.65 -18.41 39.26
C ALA D 165 -31.19 -18.79 37.88
N GLU D 166 -30.29 -19.11 36.96
CA GLU D 166 -30.68 -19.53 35.62
C GLU D 166 -31.28 -20.92 35.64
N ARG D 167 -30.71 -21.81 36.46
CA ARG D 167 -31.23 -23.16 36.61
C ARG D 167 -32.60 -23.15 37.29
N ALA D 168 -32.80 -22.19 38.18
CA ALA D 168 -34.10 -22.04 38.81
C ALA D 168 -35.11 -21.52 37.80
N ALA D 169 -34.69 -20.52 37.01
CA ALA D 169 -35.55 -19.90 36.02
C ALA D 169 -35.91 -20.82 34.85
N GLY D 170 -35.03 -21.77 34.54
CA GLY D 170 -35.23 -22.63 33.39
C GLY D 170 -34.87 -21.97 32.08
N VAL D 171 -34.17 -20.84 32.15
CA VAL D 171 -33.73 -20.11 30.96
C VAL D 171 -32.42 -19.40 31.22
N MET D 172 -31.44 -19.59 30.35
CA MET D 172 -30.16 -18.89 30.48
C MET D 172 -29.72 -18.33 29.13
N PRO D 173 -28.93 -17.26 29.13
CA PRO D 173 -28.39 -16.81 27.84
C PRO D 173 -27.48 -17.89 27.27
N VAL D 174 -27.47 -18.07 25.95
CA VAL D 174 -26.54 -19.02 25.35
C VAL D 174 -25.13 -18.56 25.69
N LYS D 175 -24.31 -19.48 26.15
CA LYS D 175 -23.00 -19.11 26.67
C LYS D 175 -21.89 -19.72 25.84
N ARG D 176 -20.73 -19.09 25.95
CA ARG D 176 -19.55 -19.48 25.22
C ARG D 176 -18.48 -19.77 26.27
N ALA D 177 -18.22 -21.06 26.50
CA ALA D 177 -17.32 -21.47 27.56
C ALA D 177 -15.86 -21.23 27.22
N LYS D 178 -15.05 -21.05 28.25
CA LYS D 178 -13.61 -20.88 28.09
C LYS D 178 -12.85 -21.32 29.34
N PHE D 179 -11.59 -21.72 29.16
CA PHE D 179 -10.72 -22.07 30.28
C PHE D 179 -9.24 -22.04 29.86
N ASP D 180 -8.35 -21.71 30.80
CA ASP D 180 -6.92 -21.76 30.50
C ASP D 180 -6.61 -23.22 30.20
N SER D 181 -5.83 -23.47 29.15
CA SER D 181 -5.73 -24.83 28.65
C SER D 181 -4.32 -25.25 28.21
N TRP D 182 -4.12 -26.55 28.23
CA TRP D 182 -2.92 -27.22 27.77
C TRP D 182 -3.13 -27.64 26.32
N GLU D 183 -2.07 -28.07 25.65
CA GLU D 183 -2.22 -28.55 24.28
C GLU D 183 -3.07 -29.81 24.22
N GLY D 184 -4.01 -29.85 23.28
CA GLY D 184 -4.88 -31.00 23.08
C GLY D 184 -5.80 -31.27 24.27
N SER D 185 -6.25 -30.22 24.93
CA SER D 185 -6.95 -30.33 26.22
C SER D 185 -8.28 -31.07 26.15
N LEU D 186 -9.06 -30.75 25.13
CA LEU D 186 -10.37 -31.34 25.01
C LEU D 186 -10.30 -32.85 24.73
N ILE D 187 -9.27 -33.26 24.01
CA ILE D 187 -9.11 -34.67 23.70
C ILE D 187 -8.74 -35.43 24.96
N SER D 188 -7.74 -34.93 25.68
CA SER D 188 -7.27 -35.61 26.88
C SER D 188 -8.35 -35.64 27.96
N LEU D 189 -9.16 -34.59 27.99
CA LEU D 189 -10.29 -34.52 28.91
C LEU D 189 -11.30 -35.59 28.54
N SER D 190 -11.57 -35.67 27.25
CA SER D 190 -12.58 -36.57 26.75
C SER D 190 -12.16 -38.01 26.99
N ARG D 191 -10.86 -38.26 26.96
CA ARG D 191 -10.41 -39.63 27.17
C ARG D 191 -10.30 -39.96 28.64
N ASP D 192 -10.00 -38.96 29.47
CA ASP D 192 -9.99 -39.20 30.90
C ASP D 192 -11.41 -39.55 31.31
N VAL D 193 -12.38 -38.95 30.61
CA VAL D 193 -13.78 -39.25 30.87
C VAL D 193 -14.17 -40.62 30.33
N VAL D 194 -13.66 -40.97 29.14
CA VAL D 194 -14.02 -42.25 28.52
C VAL D 194 -13.61 -43.43 29.40
N ASN D 195 -12.52 -43.25 30.15
CA ASN D 195 -12.06 -44.31 31.04
C ASN D 195 -12.87 -44.42 32.32
N TRP D 196 -13.75 -43.45 32.56
CA TRP D 196 -14.56 -43.44 33.78
C TRP D 196 -15.49 -44.64 33.81
N LYS D 197 -15.69 -45.17 35.01
CA LYS D 197 -16.65 -46.24 35.21
C LYS D 197 -18.01 -45.62 35.46
N ILE D 198 -18.65 -45.16 34.39
CA ILE D 198 -19.90 -44.40 34.53
C ILE D 198 -21.07 -45.28 34.92
N LEU D 199 -20.89 -46.60 34.78
CA LEU D 199 -21.95 -47.53 35.14
C LEU D 199 -22.24 -47.43 36.62
N ALA D 200 -21.24 -47.04 37.40
CA ALA D 200 -21.45 -46.82 38.83
C ALA D 200 -22.39 -45.65 39.00
N PHE D 201 -22.09 -44.58 38.29
CA PHE D 201 -22.84 -43.34 38.40
C PHE D 201 -24.28 -43.58 37.99
N LEU D 202 -24.48 -44.41 36.97
CA LEU D 202 -25.83 -44.63 36.45
C LEU D 202 -26.61 -45.55 37.36
N ILE D 203 -25.95 -46.60 37.84
CA ILE D 203 -26.61 -47.56 38.71
C ILE D 203 -27.02 -46.90 40.02
N ASP D 204 -26.17 -46.00 40.52
CA ASP D 204 -26.56 -45.24 41.71
C ASP D 204 -27.68 -44.26 41.37
N LEU D 205 -27.64 -43.70 40.16
CA LEU D 205 -28.67 -42.76 39.75
C LEU D 205 -30.04 -43.43 39.64
N CYS D 206 -30.05 -44.71 39.32
CA CYS D 206 -31.30 -45.41 39.09
C CYS D 206 -31.80 -46.23 40.27
N SER D 207 -30.88 -46.70 41.10
CA SER D 207 -31.26 -47.54 42.23
C SER D 207 -31.58 -46.74 43.47
N LEU D 208 -30.81 -45.67 43.70
CA LEU D 208 -30.99 -44.86 44.90
C LEU D 208 -32.33 -44.13 44.90
N GLU D 209 -32.90 -44.00 46.09
CA GLU D 209 -34.16 -43.27 46.24
C GLU D 209 -34.13 -42.56 47.59
N GLY D 210 -35.04 -41.61 47.78
CA GLY D 210 -35.12 -40.87 49.03
C GLY D 210 -33.98 -39.90 49.18
N GLU D 211 -33.68 -39.53 50.42
CA GLU D 211 -32.65 -38.53 50.70
C GLU D 211 -31.31 -38.97 50.16
N ALA D 212 -31.06 -40.27 50.24
CA ALA D 212 -29.80 -40.86 49.81
C ALA D 212 -29.59 -40.62 48.32
N LEU D 213 -30.68 -40.57 47.57
CA LEU D 213 -30.60 -40.28 46.15
C LEU D 213 -30.25 -38.82 45.94
N ARG D 214 -30.93 -37.94 46.67
CA ARG D 214 -30.77 -36.52 46.42
C ARG D 214 -29.35 -36.10 46.79
N ALA D 215 -28.83 -36.72 47.85
CA ALA D 215 -27.45 -36.47 48.30
C ALA D 215 -26.47 -36.93 47.23
N PHE D 216 -26.88 -37.90 46.44
CA PHE D 216 -26.09 -38.35 45.31
C PHE D 216 -26.02 -37.23 44.28
N LYS D 217 -27.18 -36.63 43.96
CA LYS D 217 -27.24 -35.68 42.86
C LYS D 217 -26.35 -34.49 43.13
N THR D 218 -26.22 -34.13 44.41
CA THR D 218 -25.35 -33.03 44.79
C THR D 218 -23.90 -33.46 44.79
N ARG D 219 -23.64 -34.66 45.31
CA ARG D 219 -22.26 -35.13 45.40
C ARG D 219 -21.65 -35.37 44.01
N ASN D 220 -22.50 -35.78 43.08
CA ASN D 220 -22.03 -36.17 41.75
C ASN D 220 -22.38 -35.19 40.65
N ARG D 221 -22.86 -34.00 41.02
CA ARG D 221 -23.35 -33.06 40.04
C ARG D 221 -22.24 -32.63 39.11
N ASP D 222 -21.06 -32.37 39.66
CA ASP D 222 -19.94 -31.93 38.86
C ASP D 222 -19.45 -33.01 37.89
N VAL D 223 -19.58 -34.27 38.28
CA VAL D 223 -19.23 -35.39 37.40
C VAL D 223 -20.14 -35.38 36.19
N PHE D 224 -21.43 -35.31 36.48
CA PHE D 224 -22.45 -35.32 35.44
C PHE D 224 -22.20 -34.13 34.54
N ARG D 225 -21.82 -33.02 35.14
CA ARG D 225 -21.51 -31.82 34.37
C ARG D 225 -20.29 -32.02 33.48
N MET D 226 -19.34 -32.83 33.92
CA MET D 226 -18.17 -33.09 33.09
C MET D 226 -18.54 -33.91 31.88
N MET D 227 -19.42 -34.88 32.07
CA MET D 227 -19.89 -35.67 30.94
C MET D 227 -20.62 -34.74 29.98
N LEU D 228 -21.39 -33.82 30.56
CA LEU D 228 -22.16 -32.87 29.78
C LEU D 228 -21.23 -31.95 29.02
N PHE D 229 -20.05 -31.72 29.59
CA PHE D 229 -19.06 -30.83 28.99
C PHE D 229 -18.39 -31.50 27.80
N ILE D 230 -17.95 -32.74 27.98
CA ILE D 230 -17.33 -33.48 26.89
C ILE D 230 -18.32 -33.55 25.74
N MET D 231 -19.56 -33.87 26.08
CA MET D 231 -20.61 -34.00 25.08
C MET D 231 -20.85 -32.66 24.35
N SER D 232 -20.91 -31.58 25.13
CA SER D 232 -21.16 -30.27 24.55
C SER D 232 -20.01 -29.83 23.63
N THR D 233 -18.78 -30.19 23.97
CA THR D 233 -17.67 -29.92 23.05
C THR D 233 -17.83 -30.77 21.80
N ALA D 234 -18.43 -31.95 21.96
CA ALA D 234 -18.63 -32.80 20.80
C ALA D 234 -19.58 -32.14 19.82
N VAL D 235 -20.56 -31.41 20.34
CA VAL D 235 -21.51 -30.77 19.42
C VAL D 235 -21.31 -29.26 19.23
N ALA D 236 -20.33 -28.68 19.93
CA ALA D 236 -20.08 -27.25 19.84
C ALA D 236 -19.73 -26.85 18.41
N ALA D 237 -20.35 -25.79 17.92
CA ALA D 237 -20.22 -25.43 16.50
C ALA D 237 -18.79 -25.12 16.12
N ASN D 238 -18.04 -24.52 17.04
CA ASN D 238 -16.63 -24.24 16.84
C ASN D 238 -15.91 -24.14 18.16
N VAL D 239 -14.59 -24.26 18.11
CA VAL D 239 -13.78 -24.38 19.32
C VAL D 239 -12.43 -23.77 19.01
N VAL D 240 -12.25 -22.52 19.41
CA VAL D 240 -11.00 -21.81 19.14
C VAL D 240 -10.10 -21.75 20.36
N ASN D 241 -8.87 -21.33 20.17
CA ASN D 241 -8.06 -20.88 21.31
C ASN D 241 -7.90 -19.37 21.21
N ARG D 242 -7.60 -18.75 22.34
CA ARG D 242 -7.28 -17.33 22.35
C ARG D 242 -5.94 -17.14 23.02
N LYS D 243 -5.05 -16.37 22.39
CA LYS D 243 -3.85 -15.92 23.08
C LYS D 243 -4.28 -14.97 24.18
N VAL D 244 -3.68 -15.11 25.36
CA VAL D 244 -4.01 -14.23 26.47
C VAL D 244 -2.73 -13.92 27.26
N THR D 245 -1.82 -13.21 26.59
CA THR D 245 -0.54 -12.81 27.16
C THR D 245 0.23 -14.01 27.70
N LYS D 246 0.86 -14.75 26.79
CA LYS D 246 1.69 -15.90 27.15
C LYS D 246 0.90 -16.93 27.96
N ARG D 247 -0.39 -17.05 27.64
CA ARG D 247 -1.28 -18.09 28.16
C ARG D 247 -2.30 -18.36 27.05
N VAL D 248 -2.95 -19.52 27.10
CA VAL D 248 -3.93 -19.83 26.07
C VAL D 248 -5.28 -20.25 26.66
N ASP D 249 -6.33 -19.59 26.21
CA ASP D 249 -7.68 -19.86 26.69
C ASP D 249 -8.49 -20.58 25.63
N ARG D 250 -8.74 -21.87 25.84
CA ARG D 250 -9.63 -22.64 24.98
C ARG D 250 -11.04 -22.11 25.12
N VAL D 251 -11.74 -21.96 24.01
CA VAL D 251 -13.06 -21.35 23.98
C VAL D 251 -14.00 -22.13 23.07
N LEU D 252 -14.94 -22.86 23.67
CA LEU D 252 -15.94 -23.58 22.91
C LEU D 252 -17.27 -22.86 22.88
N GLU D 253 -17.83 -22.77 21.67
CA GLU D 253 -19.04 -22.03 21.42
C GLU D 253 -19.92 -22.80 20.44
N TYR D 254 -21.15 -23.08 20.86
CA TYR D 254 -21.67 -22.57 22.12
C TYR D 254 -22.27 -23.68 22.97
N ILE D 255 -22.27 -23.49 24.29
CA ILE D 255 -22.93 -24.43 25.18
C ILE D 255 -24.43 -24.45 24.94
N GLY D 256 -25.01 -25.65 24.88
CA GLY D 256 -26.45 -25.81 24.80
C GLY D 256 -27.03 -25.73 23.39
N VAL D 257 -26.17 -25.46 22.42
CA VAL D 257 -26.62 -25.42 21.03
C VAL D 257 -25.97 -26.54 20.21
N ASN D 258 -26.72 -27.59 19.91
CA ASN D 258 -26.21 -28.65 19.05
C ASN D 258 -26.14 -28.16 17.62
N SER D 259 -24.92 -28.10 17.10
CA SER D 259 -24.65 -27.61 15.75
C SER D 259 -24.91 -28.70 14.73
N MET D 260 -25.15 -29.91 15.23
CA MET D 260 -25.38 -31.08 14.40
C MET D 260 -24.20 -31.40 13.47
N ARG D 261 -23.02 -30.91 13.80
CA ARG D 261 -21.86 -31.13 12.94
C ARG D 261 -21.42 -32.59 12.96
N THR D 262 -20.91 -33.06 11.82
CA THR D 262 -20.49 -34.45 11.71
C THR D 262 -19.06 -34.57 11.19
N ALA D 263 -18.59 -33.56 10.46
CA ALA D 263 -17.20 -33.54 10.00
C ALA D 263 -16.26 -33.45 11.20
N GLY D 264 -15.17 -34.21 11.15
CA GLY D 264 -14.25 -34.30 12.26
C GLY D 264 -13.41 -33.04 12.43
N ARG D 265 -12.79 -32.92 13.60
CA ARG D 265 -11.80 -31.86 13.81
C ARG D 265 -10.83 -32.28 14.90
N THR D 266 -9.62 -31.76 14.81
CA THR D 266 -8.55 -32.14 15.70
C THR D 266 -8.84 -31.74 17.16
N ALA D 267 -9.56 -30.63 17.31
CA ALA D 267 -9.80 -30.05 18.62
C ALA D 267 -10.64 -30.90 19.58
N THR D 268 -11.62 -31.64 19.05
CA THR D 268 -12.62 -32.34 19.87
C THR D 268 -13.05 -33.65 19.23
N ILE D 269 -13.65 -34.53 20.03
CA ILE D 269 -14.30 -35.71 19.50
C ILE D 269 -15.52 -35.29 18.67
N THR D 270 -15.91 -36.14 17.72
CA THR D 270 -16.98 -35.75 16.80
C THR D 270 -18.06 -36.81 16.71
N TYR D 271 -19.32 -36.38 16.73
CA TYR D 271 -20.42 -37.32 16.58
C TYR D 271 -20.80 -37.56 15.12
N ASP D 272 -20.78 -38.83 14.71
CA ASP D 272 -21.44 -39.25 13.49
C ASP D 272 -22.92 -39.16 13.83
N LEU D 273 -23.78 -39.20 12.82
CA LEU D 273 -25.21 -39.02 13.08
C LEU D 273 -25.74 -40.06 14.08
N SER D 274 -25.22 -41.28 14.00
CA SER D 274 -25.64 -42.33 14.92
C SER D 274 -25.30 -41.93 16.35
N ARG D 275 -24.14 -41.33 16.52
CA ARG D 275 -23.71 -40.90 17.84
C ARG D 275 -24.56 -39.74 18.33
N HIS D 276 -25.11 -38.96 17.41
CA HIS D 276 -25.97 -37.87 17.79
C HIS D 276 -27.27 -38.43 18.31
N GLU D 277 -27.82 -39.41 17.59
CA GLU D 277 -29.08 -40.02 18.02
C GLU D 277 -28.88 -40.68 19.36
N PHE D 278 -27.71 -41.30 19.53
CA PHE D 278 -27.42 -42.06 20.73
C PHE D 278 -27.27 -41.12 21.91
N ALA D 279 -26.48 -40.07 21.73
CA ALA D 279 -26.25 -39.10 22.80
C ALA D 279 -27.55 -38.42 23.17
N ALA D 280 -28.39 -38.19 22.18
CA ALA D 280 -29.68 -37.56 22.42
C ALA D 280 -30.50 -38.45 23.33
N LYS D 281 -30.56 -39.73 22.98
CA LYS D 281 -31.33 -40.69 23.77
C LYS D 281 -30.77 -40.82 25.18
N PHE D 282 -29.44 -40.81 25.29
CA PHE D 282 -28.79 -41.00 26.57
C PHE D 282 -29.12 -39.83 27.46
N LEU D 283 -29.10 -38.64 26.86
CA LEU D 283 -29.43 -37.41 27.57
C LEU D 283 -30.89 -37.40 27.99
N GLN D 284 -31.74 -37.97 27.14
CA GLN D 284 -33.16 -37.96 27.42
C GLN D 284 -33.38 -38.80 28.68
N LEU D 285 -32.78 -39.98 28.69
CA LEU D 285 -32.98 -40.91 29.80
C LEU D 285 -32.33 -40.39 31.08
N THR D 286 -31.07 -39.98 30.98
CA THR D 286 -30.33 -39.52 32.15
C THR D 286 -30.91 -38.23 32.76
N PHE D 287 -31.43 -37.34 31.92
CA PHE D 287 -32.02 -36.13 32.44
C PHE D 287 -33.37 -36.44 33.04
N THR D 288 -34.08 -37.39 32.44
CA THR D 288 -35.36 -37.82 32.97
C THR D 288 -35.15 -38.36 34.37
N ARG D 289 -34.02 -39.03 34.57
CA ARG D 289 -33.72 -39.61 35.88
C ARG D 289 -33.16 -38.58 36.86
N TRP D 290 -32.52 -37.54 36.32
CA TRP D 290 -31.85 -36.51 37.13
C TRP D 290 -32.86 -35.53 37.73
N ASN D 291 -34.07 -35.53 37.18
CA ASN D 291 -35.16 -34.72 37.71
C ASN D 291 -36.33 -35.60 38.11
N ALA D 292 -36.52 -35.78 39.41
CA ALA D 292 -37.63 -36.60 39.91
C ALA D 292 -37.87 -36.40 41.41
N MET E 1 80.52 15.69 44.85
CA MET E 1 79.11 15.69 45.27
C MET E 1 78.53 17.10 45.38
N LEU E 2 77.43 17.34 44.69
CA LEU E 2 76.71 18.60 44.79
C LEU E 2 75.88 18.64 46.07
N GLN E 3 75.96 19.74 46.81
CA GLN E 3 74.99 19.98 47.87
C GLN E 3 73.67 20.36 47.24
N GLN E 4 72.55 19.93 47.82
CA GLN E 4 71.26 20.36 47.32
C GLN E 4 70.80 21.62 48.04
N PRO E 5 70.58 22.70 47.27
CA PRO E 5 70.16 24.00 47.80
C PRO E 5 68.79 23.88 48.43
N THR E 6 68.48 24.70 49.42
CA THR E 6 67.23 24.56 50.17
C THR E 6 66.01 24.66 49.26
N GLY E 7 66.15 25.36 48.14
CA GLY E 7 65.09 25.45 47.16
C GLY E 7 65.06 24.29 46.18
N GLY E 8 65.99 23.34 46.35
CA GLY E 8 66.13 22.22 45.43
C GLY E 8 67.15 22.50 44.34
N TYR E 9 67.56 21.44 43.63
CA TYR E 9 68.57 21.59 42.57
C TYR E 9 68.09 22.47 41.43
N THR E 10 66.77 22.55 41.26
CA THR E 10 66.20 23.34 40.18
C THR E 10 66.49 24.84 40.32
N THR E 11 66.79 25.29 41.54
CA THR E 11 67.18 26.68 41.76
C THR E 11 68.51 27.06 41.11
N LEU E 12 69.37 26.06 40.90
CA LEU E 12 70.63 26.28 40.19
C LEU E 12 70.41 26.65 38.73
N GLU E 13 71.16 27.62 38.23
CA GLU E 13 71.05 28.05 36.84
C GLU E 13 71.52 26.95 35.89
N GLN E 14 72.28 26.01 36.45
CA GLN E 14 72.78 24.85 35.72
C GLN E 14 71.67 23.93 35.21
N PHE E 15 70.54 23.93 35.90
CA PHE E 15 69.44 23.02 35.59
C PHE E 15 68.20 23.71 35.05
N ALA E 16 68.36 24.92 34.50
CA ALA E 16 67.22 25.66 33.95
C ALA E 16 66.56 24.95 32.78
N PHE E 17 65.22 24.90 32.78
CA PHE E 17 64.47 24.30 31.69
C PHE E 17 63.97 25.38 30.75
N THR E 18 64.25 25.22 29.45
CA THR E 18 63.96 26.27 28.48
C THR E 18 63.70 25.71 27.10
N ILE E 19 62.44 25.70 26.67
CA ILE E 19 62.13 25.28 25.30
C ILE E 19 62.40 26.38 24.28
N ARG E 20 62.64 25.98 23.04
CA ARG E 20 62.67 26.93 21.94
C ARG E 20 61.25 27.30 21.52
N ASN E 21 61.08 28.49 20.94
CA ASN E 21 59.79 29.00 20.54
C ASN E 21 59.91 29.60 19.13
N ASP E 22 59.62 28.79 18.12
CA ASP E 22 59.94 29.13 16.72
C ASP E 22 61.44 29.45 16.62
N GLY E 23 62.23 28.76 17.44
CA GLY E 23 63.67 28.87 17.44
C GLY E 23 64.31 29.75 18.51
N THR E 24 63.55 30.68 19.09
CA THR E 24 64.09 31.50 20.18
C THR E 24 63.90 30.83 21.55
N ASN E 25 64.82 31.11 22.47
CA ASN E 25 64.72 30.57 23.83
C ASN E 25 63.54 31.13 24.62
N ALA E 26 62.93 30.27 25.42
CA ALA E 26 61.75 30.63 26.20
C ALA E 26 61.56 29.72 27.39
N THR E 27 61.14 30.31 28.50
CA THR E 27 60.76 29.57 29.69
C THR E 27 59.51 28.80 29.32
N PRO E 28 59.30 27.62 29.92
CA PRO E 28 58.13 26.84 29.54
C PRO E 28 56.84 27.62 29.75
N THR E 29 56.81 28.45 30.79
CA THR E 29 55.59 29.15 31.16
C THR E 29 55.15 30.08 30.04
N GLN E 30 56.12 30.72 29.39
CA GLN E 30 55.77 31.68 28.36
C GLN E 30 55.42 31.03 27.02
N PHE E 31 55.70 29.73 26.90
CA PHE E 31 55.15 28.98 25.77
C PHE E 31 53.73 28.57 26.10
N LEU E 32 53.51 28.19 27.35
CA LEU E 32 52.21 27.69 27.77
C LEU E 32 51.14 28.81 27.72
N GLN E 33 51.58 30.07 27.70
CA GLN E 33 50.68 31.19 27.49
C GLN E 33 50.01 31.13 26.12
N LEU E 34 50.75 30.62 25.14
CA LEU E 34 50.26 30.55 23.77
C LEU E 34 49.12 29.54 23.61
N LEU E 35 49.06 28.59 24.53
CA LEU E 35 48.00 27.59 24.52
C LEU E 35 46.64 28.24 24.73
N SER E 36 45.65 27.73 24.01
CA SER E 36 44.29 28.25 24.06
C SER E 36 43.40 27.02 23.93
N TYR E 37 42.23 27.03 24.57
CA TYR E 37 41.42 25.82 24.55
C TYR E 37 39.97 26.03 24.11
N GLU E 38 39.49 25.10 23.29
CA GLU E 38 38.07 25.06 22.96
C GLU E 38 37.45 23.84 23.65
N ALA E 39 36.54 24.11 24.59
CA ALA E 39 35.86 23.04 25.33
C ALA E 39 34.91 22.26 24.44
N THR E 40 34.70 20.99 24.76
CA THR E 40 33.68 20.18 24.07
C THR E 40 32.67 19.60 25.06
N GLU E 41 31.74 18.80 24.55
CA GLU E 41 30.67 18.24 25.37
C GLU E 41 31.13 17.23 26.43
N ASN E 42 32.23 16.52 26.16
CA ASN E 42 32.76 15.53 27.09
C ASN E 42 33.37 16.12 28.36
N GLU E 43 33.25 15.41 29.48
CA GLU E 43 33.75 15.91 30.75
C GLU E 43 34.71 14.97 31.47
N LEU E 44 36.00 15.33 31.46
CA LEU E 44 37.01 14.65 32.26
C LEU E 44 36.76 14.78 33.75
N VAL E 45 36.97 13.68 34.46
CA VAL E 45 36.73 13.59 35.89
C VAL E 45 37.91 12.83 36.45
N LYS E 46 38.64 13.42 37.39
CA LYS E 46 39.79 12.72 37.91
C LYS E 46 39.44 11.72 39.01
N LYS E 47 39.61 10.44 38.69
CA LYS E 47 39.49 9.36 39.67
C LYS E 47 40.71 9.44 40.54
N THR E 48 40.63 8.95 41.76
CA THR E 48 41.84 8.88 42.59
C THR E 48 42.87 7.95 41.93
N ILE E 49 44.13 8.39 41.94
CA ILE E 49 45.21 7.58 41.38
C ILE E 49 45.54 6.46 42.34
N PRO E 50 45.55 5.20 41.85
CA PRO E 50 45.83 4.07 42.73
C PRO E 50 47.20 4.23 43.34
N THR E 51 47.35 3.86 44.61
CA THR E 51 48.65 3.97 45.23
C THR E 51 49.61 2.97 44.59
N PRO E 52 50.81 3.45 44.24
CA PRO E 52 51.83 2.64 43.55
C PRO E 52 52.30 1.45 44.40
N GLU E 53 52.63 0.36 43.74
CA GLU E 53 53.09 -0.86 44.40
C GLU E 53 54.37 -0.58 45.17
N THR E 54 54.49 -1.19 46.35
CA THR E 54 55.68 -0.96 47.17
C THR E 54 56.89 -1.70 46.64
N HIS E 55 56.65 -2.70 45.80
CA HIS E 55 57.72 -3.58 45.35
C HIS E 55 58.66 -2.95 44.33
N LEU E 56 59.84 -2.57 44.80
CA LEU E 56 60.93 -2.17 43.91
C LEU E 56 61.52 -3.38 43.17
N PRO E 57 61.95 -3.16 41.92
CA PRO E 57 62.69 -4.18 41.16
C PRO E 57 64.00 -4.52 41.87
N SER E 58 64.43 -5.77 41.77
CA SER E 58 65.59 -6.24 42.49
C SER E 58 66.83 -5.42 42.14
N ALA E 59 67.65 -5.13 43.15
CA ALA E 59 68.83 -4.29 42.94
C ALA E 59 70.02 -5.10 42.46
N ARG E 60 69.86 -5.75 41.31
CA ARG E 60 70.92 -6.55 40.70
C ARG E 60 72.09 -5.69 40.22
N ASN E 61 73.31 -6.16 40.48
CA ASN E 61 74.50 -5.52 39.94
C ASN E 61 74.57 -5.68 38.42
N VAL E 62 74.93 -4.61 37.71
CA VAL E 62 75.06 -4.67 36.25
C VAL E 62 76.37 -4.00 35.83
N PRO E 63 77.00 -4.53 34.77
CA PRO E 63 78.12 -3.85 34.12
C PRO E 63 77.73 -2.51 33.49
N GLY E 64 78.64 -1.54 33.53
CA GLY E 64 78.48 -0.29 32.81
C GLY E 64 77.79 0.85 33.52
N ASN E 65 77.88 2.03 32.92
CA ASN E 65 77.23 3.24 33.41
C ASN E 65 75.85 3.40 32.81
N VAL E 66 74.82 3.04 33.57
CA VAL E 66 73.44 3.25 33.10
C VAL E 66 73.17 4.74 32.96
N TYR E 67 72.59 5.15 31.83
CA TYR E 67 72.31 6.55 31.53
C TYR E 67 70.85 6.87 31.81
N ILE E 68 70.48 6.89 33.08
CA ILE E 68 69.08 6.86 33.46
C ILE E 68 68.26 8.09 33.03
N GLU E 69 68.89 9.26 32.99
CA GLU E 69 68.19 10.48 32.60
C GLU E 69 67.78 10.41 31.14
N ASP E 70 68.73 10.04 30.27
CA ASP E 70 68.44 9.92 28.85
C ASP E 70 67.38 8.85 28.61
N ALA E 71 67.42 7.80 29.42
CA ALA E 71 66.47 6.71 29.31
C ALA E 71 65.07 7.24 29.59
N ILE E 72 64.90 7.92 30.72
CA ILE E 72 63.58 8.37 31.11
C ILE E 72 63.06 9.44 30.16
N THR E 73 63.89 10.44 29.87
CA THR E 73 63.44 11.53 29.03
C THR E 73 63.14 11.07 27.61
N GLN E 74 63.85 10.05 27.14
CA GLN E 74 63.56 9.56 25.81
C GLN E 74 62.26 8.80 25.84
N ALA E 75 62.09 8.00 26.89
CA ALA E 75 60.92 7.15 26.94
C ALA E 75 59.68 8.01 26.99
N LEU E 76 59.80 9.18 27.62
CA LEU E 76 58.66 10.10 27.67
C LEU E 76 58.51 10.97 26.44
N PHE E 77 59.63 11.43 25.89
CA PHE E 77 59.60 12.52 24.91
C PHE E 77 60.29 12.25 23.59
N GLY E 78 61.33 11.41 23.62
CA GLY E 78 62.15 11.20 22.44
C GLY E 78 61.37 10.49 21.36
N ILE E 79 61.69 10.81 20.10
CA ILE E 79 61.04 10.16 18.95
C ILE E 79 61.42 8.68 18.88
N SER E 80 60.42 7.82 18.65
CA SER E 80 60.64 6.38 18.47
C SER E 80 61.57 5.75 19.51
N ALA E 81 61.30 6.00 20.79
CA ALA E 81 62.14 5.45 21.86
C ALA E 81 62.03 3.94 21.88
N GLN E 82 63.08 3.28 22.35
CA GLN E 82 63.13 1.83 22.27
C GLN E 82 63.58 1.20 23.57
N ASN E 83 63.07 -0.01 23.81
CA ASN E 83 63.48 -0.81 24.96
C ASN E 83 63.26 -0.08 26.27
N VAL E 84 62.19 0.71 26.30
CA VAL E 84 61.94 1.60 27.43
C VAL E 84 61.65 0.84 28.71
N ASN E 85 61.19 -0.39 28.56
CA ASN E 85 60.91 -1.24 29.71
C ASN E 85 61.99 -2.26 30.07
N ALA E 86 63.13 -2.20 29.37
CA ALA E 86 64.26 -3.10 29.65
C ALA E 86 64.76 -2.87 31.08
N HIS E 87 64.98 -3.96 31.81
CA HIS E 87 65.00 -3.90 33.27
C HIS E 87 66.28 -3.45 33.96
N GLY E 88 67.41 -3.54 33.27
CA GLY E 88 68.69 -3.38 33.94
C GLY E 88 68.89 -1.98 34.52
N TYR E 89 68.40 -0.99 33.78
CA TYR E 89 68.56 0.40 34.19
C TYR E 89 67.86 0.66 35.52
N PHE E 90 66.68 0.08 35.66
CA PHE E 90 65.91 0.32 36.86
C PHE E 90 66.39 -0.57 37.99
N SER E 91 67.12 -1.62 37.63
CA SER E 91 67.78 -2.41 38.66
C SER E 91 68.88 -1.59 39.30
N ARG E 92 69.65 -0.87 38.48
CA ARG E 92 70.65 0.03 39.04
C ARG E 92 70.02 1.20 39.77
N LEU E 93 68.82 1.59 39.35
CA LEU E 93 68.11 2.63 40.08
C LEU E 93 67.75 2.15 41.47
N SER E 94 67.30 0.90 41.55
CA SER E 94 66.97 0.33 42.84
C SER E 94 68.23 0.22 43.67
N ALA E 95 69.35 0.01 43.00
CA ALA E 95 70.64 -0.05 43.69
C ALA E 95 70.93 1.32 44.31
N LEU E 96 70.52 2.37 43.61
CA LEU E 96 70.61 3.72 44.18
C LEU E 96 69.69 3.92 45.38
N ALA E 97 68.58 3.18 45.39
CA ALA E 97 67.62 3.32 46.49
C ALA E 97 68.15 2.85 47.85
N LEU E 98 69.18 2.01 47.83
CA LEU E 98 69.72 1.39 49.06
C LEU E 98 70.37 2.42 50.00
N PRO E 99 70.27 2.18 51.32
CA PRO E 99 70.69 3.14 52.35
C PRO E 99 72.16 3.56 52.29
N ASN E 100 73.04 2.67 51.88
CA ASN E 100 74.47 2.98 51.83
C ASN E 100 75.16 2.44 50.59
N THR E 101 74.60 2.75 49.42
CA THR E 101 75.13 2.25 48.16
C THR E 101 76.42 2.92 47.73
N SER E 102 77.22 2.20 46.94
CA SER E 102 78.41 2.75 46.33
C SER E 102 78.12 3.47 45.02
N ALA E 103 76.92 3.27 44.49
CA ALA E 103 76.48 3.93 43.25
C ALA E 103 76.26 5.42 43.46
N ARG E 104 76.54 6.20 42.44
CA ARG E 104 76.35 7.64 42.52
C ARG E 104 75.65 8.10 41.25
N LEU E 105 74.74 9.06 41.41
CA LEU E 105 74.06 9.61 40.25
C LEU E 105 74.66 10.95 39.91
N GLY E 106 75.43 10.99 38.83
CA GLY E 106 76.10 12.21 38.44
C GLY E 106 75.14 13.21 37.83
N LEU E 107 75.55 14.47 37.75
CA LEU E 107 74.72 15.53 37.21
C LEU E 107 74.50 15.33 35.72
N ASP E 108 75.35 14.49 35.13
CA ASP E 108 75.19 14.05 33.75
C ASP E 108 73.89 13.27 33.57
N GLY E 109 73.40 12.69 34.65
CA GLY E 109 72.24 11.81 34.59
C GLY E 109 72.62 10.35 34.40
N VAL E 110 73.91 10.07 34.56
CA VAL E 110 74.41 8.70 34.50
C VAL E 110 74.69 8.17 35.91
N ILE E 111 74.59 6.85 36.07
CA ILE E 111 74.92 6.24 37.35
C ILE E 111 76.26 5.53 37.25
N TYR E 112 77.18 5.88 38.14
CA TYR E 112 78.49 5.25 38.15
C TYR E 112 78.67 4.37 39.37
N ASN E 113 79.11 3.13 39.13
CA ASN E 113 79.30 2.17 40.21
C ASN E 113 80.50 2.51 41.10
N SER E 114 81.43 3.28 40.56
CA SER E 114 82.60 3.72 41.32
C SER E 114 82.21 4.83 42.29
N GLU E 115 83.10 5.16 43.21
CA GLU E 115 82.94 6.38 43.99
C GLU E 115 83.10 7.61 43.09
N THR E 116 83.90 7.45 42.02
CA THR E 116 84.17 8.48 41.01
C THR E 116 84.23 9.94 41.50
N ILE E 117 85.36 10.31 42.09
CA ILE E 117 85.54 11.66 42.63
C ILE E 117 85.52 12.76 41.56
N ASN E 118 85.96 12.43 40.35
CA ASN E 118 86.09 13.41 39.28
C ASN E 118 84.79 14.02 38.76
N ILE E 119 83.72 13.23 38.75
CA ILE E 119 82.42 13.67 38.25
C ILE E 119 81.48 14.14 39.37
N PRO E 120 80.97 15.37 39.26
CA PRO E 120 79.99 15.88 40.24
C PRO E 120 78.70 15.06 40.22
N PHE E 121 78.07 14.89 41.39
CA PHE E 121 76.89 14.03 41.51
C PHE E 121 75.96 14.49 42.64
N TYR E 122 74.67 14.17 42.53
CA TYR E 122 73.67 14.59 43.51
C TYR E 122 73.92 13.93 44.86
N ASP E 123 73.50 14.58 45.94
CA ASP E 123 73.66 14.02 47.29
C ASP E 123 72.90 12.72 47.33
N PRO E 124 73.57 11.65 47.77
CA PRO E 124 73.03 10.29 47.74
C PRO E 124 71.72 10.16 48.53
N ALA E 125 71.56 10.97 49.58
CA ALA E 125 70.30 10.96 50.33
C ALA E 125 69.14 11.33 49.41
N ALA E 126 69.34 12.35 48.60
CA ALA E 126 68.30 12.83 47.70
C ALA E 126 67.97 11.77 46.67
N VAL E 127 69.00 11.21 46.04
CA VAL E 127 68.75 10.26 44.97
C VAL E 127 68.20 8.95 45.51
N ALA E 128 68.42 8.67 46.79
CA ALA E 128 67.79 7.52 47.41
C ALA E 128 66.31 7.81 47.59
N ASN E 129 66.00 9.04 47.99
CA ASN E 129 64.62 9.46 48.12
C ASN E 129 63.89 9.37 46.78
N PHE E 130 64.64 9.61 45.71
CA PHE E 130 64.07 9.65 44.36
C PHE E 130 63.97 8.26 43.73
N ALA E 131 65.02 7.46 43.90
CA ALA E 131 65.05 6.10 43.38
C ALA E 131 64.04 5.23 44.08
N ALA E 132 63.79 5.53 45.35
CA ALA E 132 62.89 4.72 46.17
C ALA E 132 61.49 4.73 45.56
N THR E 133 61.19 5.77 44.77
CA THR E 133 59.92 5.82 44.09
C THR E 133 60.03 5.56 42.58
N TYR E 134 61.01 6.18 41.93
CA TYR E 134 61.08 6.10 40.48
C TYR E 134 61.71 4.83 39.93
N ALA E 135 62.29 4.02 40.81
CA ALA E 135 62.79 2.73 40.35
C ALA E 135 61.60 1.85 40.01
N LYS E 136 60.43 2.28 40.49
CA LYS E 136 59.20 1.53 40.27
C LYS E 136 58.78 1.53 38.81
N LEU E 137 59.39 2.43 38.05
CA LEU E 137 59.22 2.46 36.60
C LEU E 137 59.66 1.13 36.00
N GLY E 138 60.52 0.41 36.71
CA GLY E 138 61.04 -0.85 36.23
C GLY E 138 60.00 -1.96 36.20
N ASN E 139 58.93 -1.78 36.97
CA ASN E 139 57.80 -2.71 36.89
C ASN E 139 56.65 -2.17 36.04
N ALA E 140 56.95 -1.19 35.20
CA ALA E 140 55.92 -0.54 34.38
C ALA E 140 55.26 -1.50 33.42
N SER E 141 56.00 -2.52 33.01
CA SER E 141 55.47 -3.50 32.05
C SER E 141 54.86 -4.73 32.70
N THR E 142 55.36 -5.09 33.89
CA THR E 142 54.92 -6.33 34.53
C THR E 142 53.44 -6.23 34.89
N PRO E 143 52.65 -7.21 34.42
CA PRO E 143 51.18 -7.09 34.39
C PRO E 143 50.58 -6.85 35.75
N ARG E 144 51.18 -7.46 36.77
CA ARG E 144 50.68 -7.35 38.14
C ARG E 144 50.74 -5.90 38.60
N TYR E 145 51.69 -5.15 38.03
CA TYR E 145 51.99 -3.81 38.50
C TYR E 145 51.65 -2.68 37.54
N ARG E 146 51.05 -3.01 36.40
CA ARG E 146 50.81 -2.03 35.33
C ARG E 146 49.90 -0.88 35.74
N ALA E 147 50.25 0.32 35.31
CA ALA E 147 49.48 1.53 35.61
C ALA E 147 48.26 1.67 34.71
N ASP E 148 47.20 2.34 35.18
CA ASP E 148 46.08 2.68 34.30
C ASP E 148 46.60 3.62 33.23
N MET E 149 46.48 3.23 31.97
CA MET E 149 46.94 4.06 30.87
C MET E 149 45.86 5.02 30.41
N ILE E 150 44.62 4.83 30.87
CA ILE E 150 43.50 5.61 30.34
C ILE E 150 43.03 6.73 31.27
N ASP E 151 42.65 6.39 32.49
CA ASP E 151 42.11 7.40 33.41
C ASP E 151 43.15 8.43 33.83
N ILE E 152 44.43 8.04 33.84
CA ILE E 152 45.47 8.90 34.38
C ILE E 152 45.63 10.19 33.59
N TYR E 153 45.33 10.14 32.31
CA TYR E 153 45.49 11.31 31.46
C TYR E 153 44.53 12.41 31.86
N ALA E 154 43.45 12.03 32.53
CA ALA E 154 42.54 13.02 33.09
C ALA E 154 43.35 14.00 33.93
N HIS E 155 44.19 13.46 34.82
CA HIS E 155 44.99 14.32 35.70
C HIS E 155 45.91 15.20 34.87
N VAL E 156 46.45 14.64 33.80
CA VAL E 156 47.36 15.38 32.94
C VAL E 156 46.58 16.58 32.45
N GLY E 157 45.37 16.31 31.97
CA GLY E 157 44.53 17.35 31.42
C GLY E 157 44.33 18.41 32.48
N LEU E 158 43.98 17.97 33.69
CA LEU E 158 43.63 18.92 34.73
C LEU E 158 44.83 19.80 35.07
N GLU E 159 46.03 19.24 34.97
CA GLU E 159 47.19 20.01 35.39
C GLU E 159 47.72 20.87 34.26
N LEU E 160 47.19 20.65 33.07
CA LEU E 160 47.65 21.39 31.90
C LEU E 160 46.63 22.45 31.55
N ALA E 161 45.57 22.02 30.87
CA ALA E 161 44.52 22.90 30.40
C ALA E 161 43.65 23.50 31.51
N GLY E 162 43.57 22.81 32.65
CA GLY E 162 42.63 23.15 33.69
C GLY E 162 42.76 24.53 34.32
N THR E 163 41.64 25.26 34.36
CA THR E 163 41.55 26.54 35.05
C THR E 163 41.60 26.27 36.54
N ASP E 164 41.96 27.28 37.33
CA ASP E 164 42.13 27.06 38.77
C ASP E 164 40.84 26.55 39.40
N ALA E 165 39.70 27.02 38.88
CA ALA E 165 38.40 26.55 39.30
C ALA E 165 38.18 25.09 38.91
N GLU E 166 38.65 24.70 37.72
CA GLU E 166 38.53 23.31 37.27
C GLU E 166 39.41 22.38 38.08
N ARG E 167 40.60 22.84 38.46
CA ARG E 167 41.47 22.07 39.35
C ARG E 167 40.88 21.94 40.75
N ALA E 168 40.15 22.97 41.19
CA ALA E 168 39.45 22.87 42.45
C ALA E 168 38.33 21.84 42.36
N ALA E 169 37.52 21.94 41.31
CA ALA E 169 36.37 21.07 41.14
C ALA E 169 36.75 19.61 40.89
N GLY E 170 37.92 19.40 40.30
CA GLY E 170 38.37 18.05 39.98
C GLY E 170 37.77 17.50 38.69
N VAL E 171 37.01 18.33 37.97
CA VAL E 171 36.42 17.96 36.69
C VAL E 171 36.52 19.11 35.70
N MET E 172 36.81 18.78 34.44
CA MET E 172 36.88 19.82 33.41
C MET E 172 36.33 19.31 32.09
N PRO E 173 35.78 20.21 31.26
CA PRO E 173 35.36 19.77 29.93
C PRO E 173 36.59 19.30 29.16
N VAL E 174 36.44 18.26 28.33
CA VAL E 174 37.54 17.84 27.48
C VAL E 174 37.86 18.99 26.53
N LYS E 175 39.13 19.30 26.40
CA LYS E 175 39.53 20.49 25.65
C LYS E 175 40.31 20.17 24.40
N ARG E 176 40.19 21.06 23.42
CA ARG E 176 40.99 21.01 22.21
C ARG E 176 42.00 22.13 22.31
N ALA E 177 43.28 21.77 22.38
CA ALA E 177 44.33 22.78 22.50
C ALA E 177 44.64 23.41 21.15
N LYS E 178 45.16 24.64 21.19
CA LYS E 178 45.59 25.32 19.98
C LYS E 178 46.60 26.43 20.26
N PHE E 179 47.43 26.74 19.27
CA PHE E 179 48.41 27.83 19.41
C PHE E 179 48.96 28.29 18.07
N ASP E 180 49.35 29.56 17.98
CA ASP E 180 50.08 30.05 16.81
C ASP E 180 51.37 29.28 16.82
N SER E 181 51.79 28.79 15.65
CA SER E 181 52.90 27.84 15.65
C SER E 181 53.73 27.81 14.39
N TRP E 182 54.91 27.23 14.54
CA TRP E 182 55.86 27.06 13.47
C TRP E 182 55.72 25.66 12.87
N GLU E 183 56.59 25.33 11.91
CA GLU E 183 56.45 24.11 11.12
C GLU E 183 56.27 22.86 11.95
N GLY E 184 57.36 22.36 12.50
CA GLY E 184 57.33 21.11 13.26
C GLY E 184 57.34 21.45 14.73
N SER E 185 56.39 22.30 15.12
CA SER E 185 56.40 22.89 16.46
C SER E 185 56.35 21.84 17.55
N LEU E 186 55.64 20.75 17.30
CA LEU E 186 55.48 19.74 18.32
C LEU E 186 56.71 18.86 18.47
N ILE E 187 57.29 18.45 17.34
CA ILE E 187 58.51 17.67 17.38
C ILE E 187 59.60 18.53 18.00
N SER E 188 59.70 19.78 17.57
CA SER E 188 60.76 20.66 18.06
C SER E 188 60.61 20.90 19.55
N LEU E 189 59.37 20.95 20.01
CA LEU E 189 59.09 21.12 21.42
C LEU E 189 59.59 19.91 22.18
N SER E 190 59.32 18.73 21.64
CA SER E 190 59.72 17.51 22.32
C SER E 190 61.24 17.37 22.34
N ARG E 191 61.91 17.90 21.32
CA ARG E 191 63.36 17.87 21.28
C ARG E 191 63.91 18.80 22.33
N ASP E 192 63.27 19.97 22.46
CA ASP E 192 63.69 20.95 23.43
C ASP E 192 63.51 20.37 24.83
N VAL E 193 62.52 19.49 25.00
CA VAL E 193 62.20 18.96 26.32
C VAL E 193 63.02 17.71 26.69
N VAL E 194 63.38 16.93 25.69
CA VAL E 194 64.09 15.68 25.94
C VAL E 194 65.54 15.97 26.36
N ASN E 195 66.01 17.18 26.07
CA ASN E 195 67.33 17.61 26.54
C ASN E 195 67.32 18.13 27.97
N TRP E 196 66.13 18.23 28.55
CA TRP E 196 66.00 18.68 29.93
C TRP E 196 66.62 17.70 30.92
N LYS E 197 67.27 18.23 31.94
CA LYS E 197 67.81 17.42 33.01
C LYS E 197 66.72 17.19 34.05
N ILE E 198 65.75 16.33 33.73
CA ILE E 198 64.57 16.20 34.57
C ILE E 198 64.85 15.39 35.83
N LEU E 199 66.02 14.78 35.91
CA LEU E 199 66.43 14.11 37.14
C LEU E 199 66.54 15.13 38.25
N ALA E 200 66.89 16.37 37.89
CA ALA E 200 66.96 17.44 38.87
C ALA E 200 65.55 17.76 39.39
N PHE E 201 64.62 17.92 38.46
CA PHE E 201 63.24 18.20 38.80
C PHE E 201 62.59 17.08 39.65
N LEU E 202 62.92 15.82 39.35
CA LEU E 202 62.34 14.70 40.07
C LEU E 202 63.00 14.45 41.42
N ILE E 203 64.33 14.57 41.46
CA ILE E 203 65.04 14.40 42.70
C ILE E 203 64.59 15.49 43.66
N ASP E 204 64.41 16.70 43.16
CA ASP E 204 63.85 17.76 43.98
C ASP E 204 62.38 17.47 44.32
N LEU E 205 61.67 16.79 43.42
CA LEU E 205 60.28 16.43 43.70
C LEU E 205 60.15 15.46 44.86
N CYS E 206 61.12 14.56 44.98
CA CYS E 206 61.03 13.50 45.98
C CYS E 206 61.72 13.84 47.30
N SER E 207 62.83 14.56 47.22
CA SER E 207 63.62 14.84 48.40
C SER E 207 63.11 16.04 49.20
N LEU E 208 62.61 17.05 48.49
CA LEU E 208 62.12 18.26 49.15
C LEU E 208 60.90 18.01 50.01
N GLU E 209 60.83 18.69 51.15
CA GLU E 209 59.74 18.48 52.09
C GLU E 209 59.23 19.79 52.68
N GLY E 210 57.96 19.78 53.07
CA GLY E 210 57.33 20.95 53.65
C GLY E 210 57.21 22.15 52.72
N GLU E 211 57.48 23.32 53.29
CA GLU E 211 57.29 24.57 52.56
C GLU E 211 58.20 24.65 51.35
N ALA E 212 59.39 24.06 51.46
CA ALA E 212 60.34 24.07 50.34
C ALA E 212 59.80 23.28 49.17
N LEU E 213 59.14 22.17 49.47
CA LEU E 213 58.53 21.33 48.45
C LEU E 213 57.37 22.06 47.80
N ARG E 214 56.52 22.67 48.62
CA ARG E 214 55.34 23.35 48.07
C ARG E 214 55.75 24.54 47.18
N ALA E 215 56.73 25.30 47.65
CA ALA E 215 57.26 26.44 46.92
C ALA E 215 57.89 25.95 45.61
N PHE E 216 58.50 24.77 45.67
CA PHE E 216 59.05 24.16 44.47
C PHE E 216 57.94 23.83 43.48
N LYS E 217 56.81 23.35 44.00
CA LYS E 217 55.69 22.97 43.13
C LYS E 217 55.08 24.17 42.43
N THR E 218 55.08 25.32 43.09
CA THR E 218 54.56 26.51 42.39
C THR E 218 55.61 27.10 41.45
N ARG E 219 56.87 27.05 41.87
CA ARG E 219 57.96 27.56 41.04
C ARG E 219 58.15 26.73 39.77
N ASN E 220 57.89 25.42 39.87
CA ASN E 220 58.17 24.50 38.77
C ASN E 220 56.93 23.90 38.12
N ARG E 221 55.77 24.53 38.34
CA ARG E 221 54.54 23.99 37.82
C ARG E 221 54.53 23.99 36.30
N ASP E 222 55.01 25.07 35.71
CA ASP E 222 55.00 25.23 34.25
C ASP E 222 55.92 24.25 33.50
N VAL E 223 57.01 23.85 34.14
CA VAL E 223 57.89 22.81 33.63
C VAL E 223 57.16 21.47 33.54
N PHE E 224 56.53 21.10 34.64
CA PHE E 224 55.80 19.86 34.72
C PHE E 224 54.69 19.89 33.69
N ARG E 225 54.06 21.05 33.56
CA ARG E 225 52.99 21.21 32.58
C ARG E 225 53.51 21.03 31.17
N MET E 226 54.74 21.46 30.90
CA MET E 226 55.30 21.26 29.57
C MET E 226 55.53 19.78 29.28
N MET E 227 56.04 19.06 30.27
CA MET E 227 56.24 17.63 30.04
C MET E 227 54.89 16.97 29.79
N LEU E 228 53.89 17.44 30.53
CA LEU E 228 52.54 16.94 30.38
C LEU E 228 52.05 17.29 28.98
N PHE E 229 52.52 18.40 28.45
CA PHE E 229 52.06 18.84 27.15
C PHE E 229 52.61 17.92 26.09
N ILE E 230 53.90 17.61 26.17
CA ILE E 230 54.51 16.69 25.22
C ILE E 230 53.83 15.32 25.24
N MET E 231 53.59 14.78 26.45
CA MET E 231 52.88 13.49 26.51
C MET E 231 51.49 13.60 25.90
N SER E 232 50.81 14.70 26.20
CA SER E 232 49.45 14.83 25.74
C SER E 232 49.40 14.89 24.22
N THR E 233 50.41 15.51 23.61
CA THR E 233 50.48 15.47 22.14
C THR E 233 50.78 14.07 21.65
N ALA E 234 51.57 13.32 22.42
CA ALA E 234 51.90 11.96 21.99
C ALA E 234 50.65 11.10 21.96
N VAL E 235 49.71 11.40 22.85
CA VAL E 235 48.50 10.60 22.91
C VAL E 235 47.23 11.28 22.39
N ALA E 236 47.37 12.51 21.90
CA ALA E 236 46.22 13.21 21.32
C ALA E 236 45.69 12.42 20.14
N ALA E 237 44.37 12.25 20.11
CA ALA E 237 43.76 11.36 19.11
C ALA E 237 44.02 11.89 17.70
N ASN E 238 44.13 13.21 17.61
CA ASN E 238 44.30 13.89 16.33
C ASN E 238 44.98 15.25 16.51
N VAL E 239 45.77 15.66 15.53
CA VAL E 239 46.50 16.93 15.60
C VAL E 239 46.55 17.50 14.19
N VAL E 240 46.23 18.79 14.04
CA VAL E 240 46.11 19.40 12.70
C VAL E 240 46.43 20.89 12.68
N ASN E 241 46.70 21.41 11.48
CA ASN E 241 46.81 22.86 11.28
C ASN E 241 45.49 23.56 10.92
N ARG E 242 45.36 24.81 11.34
CA ARG E 242 44.20 25.62 10.99
C ARG E 242 44.68 27.01 10.57
N LYS E 243 44.46 27.35 9.30
CA LYS E 243 44.99 28.60 8.76
C LYS E 243 44.12 29.81 9.07
N VAL E 244 44.39 30.48 10.18
CA VAL E 244 43.68 31.72 10.49
C VAL E 244 44.49 32.89 9.94
N THR E 245 43.85 33.73 9.13
CA THR E 245 44.56 34.71 8.28
C THR E 245 45.86 34.14 7.72
N LYS E 246 46.95 34.90 7.81
CA LYS E 246 48.27 34.40 7.42
C LYS E 246 48.86 33.36 8.41
N ARG E 247 48.46 33.47 9.68
CA ARG E 247 48.97 32.59 10.72
C ARG E 247 48.45 31.16 10.61
N VAL E 248 49.29 30.20 11.01
CA VAL E 248 48.85 28.82 11.13
C VAL E 248 48.79 28.39 12.59
N ASP E 249 47.62 27.91 12.99
CA ASP E 249 47.38 27.52 14.38
C ASP E 249 47.33 26.00 14.50
N ARG E 250 48.33 25.43 15.17
CA ARG E 250 48.33 24.02 15.49
C ARG E 250 47.22 23.72 16.50
N VAL E 251 46.62 22.55 16.37
CA VAL E 251 45.47 22.15 17.18
C VAL E 251 45.59 20.69 17.58
N LEU E 252 45.35 20.41 18.85
CA LEU E 252 45.37 19.02 19.30
C LEU E 252 44.13 18.67 20.11
N GLU E 253 43.27 17.91 19.46
CA GLU E 253 42.14 17.26 20.08
C GLU E 253 42.55 15.82 20.35
N TYR E 254 42.49 15.38 21.60
CA TYR E 254 42.01 16.20 22.70
C TYR E 254 42.92 16.08 23.89
N ILE E 255 43.07 17.18 24.64
CA ILE E 255 43.79 17.15 25.90
C ILE E 255 43.09 16.26 26.93
N GLY E 256 43.87 15.45 27.64
CA GLY E 256 43.36 14.66 28.74
C GLY E 256 42.78 13.30 28.36
N VAL E 257 42.72 13.02 27.07
CA VAL E 257 42.16 11.74 26.62
C VAL E 257 43.17 10.91 25.84
N ASN E 258 43.76 9.92 26.49
CA ASN E 258 44.68 9.01 25.81
C ASN E 258 43.97 8.15 24.76
N SER E 259 44.36 8.34 23.51
CA SER E 259 43.75 7.65 22.38
C SER E 259 44.30 6.24 22.25
N MET E 260 45.37 5.96 22.99
CA MET E 260 46.14 4.72 22.87
C MET E 260 46.64 4.52 21.43
N ARG E 261 46.80 5.64 20.72
CA ARG E 261 47.34 5.63 19.38
C ARG E 261 48.77 5.12 19.44
N THR E 262 49.12 4.18 18.56
CA THR E 262 50.47 3.63 18.60
C THR E 262 51.24 3.87 17.30
N ALA E 263 50.53 3.94 16.18
CA ALA E 263 51.17 4.16 14.90
C ALA E 263 51.72 5.57 14.82
N GLY E 264 52.89 5.72 14.21
CA GLY E 264 53.55 7.03 14.16
C GLY E 264 52.87 8.02 13.24
N ARG E 265 53.09 9.31 13.47
CA ARG E 265 52.57 10.32 12.57
C ARG E 265 53.54 11.48 12.39
N THR E 266 53.33 12.26 11.35
CA THR E 266 54.20 13.37 11.02
C THR E 266 54.21 14.43 12.11
N ALA E 267 53.06 14.62 12.74
CA ALA E 267 52.83 15.80 13.56
C ALA E 267 53.58 15.82 14.90
N THR E 268 53.63 14.66 15.57
CA THR E 268 54.04 14.58 16.99
C THR E 268 54.77 13.28 17.28
N ILE E 269 55.45 13.21 18.42
CA ILE E 269 56.05 11.94 18.87
C ILE E 269 54.96 10.92 19.22
N THR E 270 55.27 9.64 19.11
CA THR E 270 54.23 8.62 19.22
C THR E 270 54.60 7.42 20.09
N TYR E 271 53.73 7.09 21.04
CA TYR E 271 53.99 5.99 21.96
C TYR E 271 53.60 4.62 21.40
N ASP E 272 54.57 3.71 21.37
CA ASP E 272 54.28 2.29 21.22
C ASP E 272 53.66 1.88 22.54
N LEU E 273 53.02 0.72 22.58
CA LEU E 273 52.34 0.32 23.80
C LEU E 273 53.28 0.29 25.00
N SER E 274 54.55 -0.06 24.75
CA SER E 274 55.52 -0.08 25.82
C SER E 274 55.76 1.32 26.38
N ARG E 275 55.79 2.30 25.50
CA ARG E 275 55.91 3.68 25.96
C ARG E 275 54.66 4.15 26.68
N HIS E 276 53.50 3.59 26.32
CA HIS E 276 52.29 3.92 27.07
C HIS E 276 52.34 3.35 28.47
N GLU E 277 52.92 2.15 28.58
CA GLU E 277 52.99 1.49 29.89
C GLU E 277 53.89 2.34 30.74
N PHE E 278 55.02 2.71 30.14
CA PHE E 278 56.04 3.45 30.84
C PHE E 278 55.51 4.80 31.27
N ALA E 279 54.96 5.54 30.32
CA ALA E 279 54.50 6.88 30.59
C ALA E 279 53.37 6.88 31.60
N ALA E 280 52.53 5.85 31.54
CA ALA E 280 51.41 5.79 32.47
C ALA E 280 51.95 5.56 33.87
N LYS E 281 52.99 4.74 33.97
CA LYS E 281 53.58 4.44 35.27
C LYS E 281 54.28 5.67 35.81
N PHE E 282 54.88 6.41 34.89
CA PHE E 282 55.63 7.60 35.23
C PHE E 282 54.67 8.61 35.79
N LEU E 283 53.50 8.66 35.17
CA LEU E 283 52.46 9.60 35.60
C LEU E 283 51.88 9.22 36.95
N GLN E 284 51.63 7.93 37.15
CA GLN E 284 51.06 7.49 38.43
C GLN E 284 52.00 7.89 39.54
N LEU E 285 53.28 7.58 39.34
CA LEU E 285 54.29 7.91 40.35
C LEU E 285 54.41 9.42 40.55
N THR E 286 54.54 10.13 39.43
CA THR E 286 54.85 11.56 39.48
C THR E 286 53.72 12.41 40.02
N PHE E 287 52.49 11.94 39.83
CA PHE E 287 51.34 12.66 40.32
C PHE E 287 51.10 12.29 41.77
N THR E 288 51.43 11.06 42.11
CA THR E 288 51.32 10.66 43.51
C THR E 288 52.29 11.49 44.34
N ARG E 289 53.45 11.82 43.76
CA ARG E 289 54.39 12.69 44.45
C ARG E 289 53.94 14.15 44.39
N TRP E 290 53.41 14.56 43.24
CA TRP E 290 52.96 15.93 43.01
C TRP E 290 51.77 16.32 43.90
N ASN E 291 50.98 15.33 44.31
CA ASN E 291 49.86 15.57 45.21
C ASN E 291 50.15 15.02 46.61
N ALA E 292 50.45 15.91 47.54
CA ALA E 292 50.78 15.51 48.90
C ALA E 292 50.66 16.69 49.86
N SAM F . -63.63 44.24 -33.21
CA SAM F . -62.96 44.15 -34.50
C SAM F . -62.47 42.74 -34.81
O SAM F . -61.29 42.49 -35.00
OXT SAM F . -63.28 41.80 -34.86
CB SAM F . -61.83 45.17 -34.59
CG SAM F . -60.96 45.27 -33.35
SD SAM F . -59.57 46.43 -33.56
CE SAM F . -59.19 46.78 -31.82
C5' SAM F . -60.40 47.95 -34.08
C4' SAM F . -60.20 48.27 -35.57
O4' SAM F . -60.89 49.44 -35.97
C3' SAM F . -58.74 48.52 -35.91
O3' SAM F . -58.17 47.37 -36.49
C2' SAM F . -58.75 49.68 -36.88
O2' SAM F . -58.21 49.29 -38.13
C1' SAM F . -60.21 50.05 -37.05
N9 SAM F . -60.31 51.52 -37.05
C8 SAM F . -59.38 52.38 -36.51
N7 SAM F . -59.79 53.65 -36.69
C5 SAM F . -60.97 53.63 -37.34
C6 SAM F . -61.81 54.65 -37.77
N6 SAM F . -61.47 55.92 -37.53
N1 SAM F . -62.99 54.34 -38.42
C2 SAM F . -63.32 53.03 -38.65
N3 SAM F . -62.48 52.01 -38.23
C4 SAM F . -61.32 52.30 -37.58
N SAM G . -62.25 39.88 5.89
CA SAM G . -61.77 40.08 7.25
C SAM G . -60.79 38.99 7.66
O SAM G . -60.79 37.89 7.06
OXT SAM G . -60.00 39.15 8.57
CB SAM G . -62.92 40.10 8.24
CG SAM G . -63.36 38.73 8.73
SD SAM G . -65.12 38.37 8.44
CE SAM G . -65.52 39.57 7.15
C5' SAM G . -65.81 39.19 9.91
C4' SAM G . -65.79 38.25 11.11
O4' SAM G . -65.84 39.02 12.29
C3' SAM G . -66.97 37.32 11.13
O3' SAM G . -66.57 36.01 10.80
C2' SAM G . -67.50 37.37 12.54
O2' SAM G . -67.40 36.10 13.15
C1' SAM G . -66.62 38.36 13.27
N9 SAM G . -67.45 39.36 13.94
C8 SAM G . -68.74 39.69 13.62
N7 SAM G . -69.16 40.65 14.47
C5 SAM G . -68.16 40.93 15.33
C6 SAM G . -68.07 41.84 16.38
N6 SAM G . -69.11 42.60 16.69
N1 SAM G . -66.89 41.91 17.09
C2 SAM G . -65.81 41.11 16.76
N3 SAM G . -65.92 40.22 15.71
C4 SAM G . -67.07 40.13 15.01
PG GTP H . -26.03 -4.56 3.12
O1G GTP H . -25.07 -3.75 2.28
O2G GTP H . -27.45 -4.15 2.78
O3G GTP H . -25.78 -4.30 4.58
O3B GTP H . -25.84 -6.13 2.79
PB GTP H . -24.38 -6.82 2.66
O1B GTP H . -24.56 -8.16 2.00
O2B GTP H . -23.44 -5.96 1.86
O3A GTP H . -23.83 -7.04 4.16
PA GTP H . -22.28 -6.76 4.49
O1A GTP H . -21.40 -7.40 3.44
O2A GTP H . -22.02 -5.27 4.57
O5' GTP H . -21.98 -7.45 5.92
C5' GTP H . -21.81 -8.85 6.03
C4' GTP H . -22.22 -9.32 7.42
O4' GTP H . -22.94 -8.29 8.07
C3' GTP H . -23.15 -10.53 7.38
O3' GTP H . -22.44 -11.72 7.64
C2' GTP H . -24.17 -10.26 8.46
O2' GTP H . -23.88 -11.02 9.62
C1' GTP H . -24.07 -8.78 8.76
N9 GTP H . -25.24 -8.11 8.18
C8 GTP H . -25.22 -7.07 7.29
N7 GTP H . -26.50 -6.73 6.98
C5 GTP H . -27.34 -7.53 7.69
C6 GTP H . -28.72 -7.60 7.75
O6 GTP H . -29.41 -6.82 7.08
N1 GTP H . -29.31 -8.52 8.58
C2 GTP H . -28.52 -9.38 9.32
N2 GTP H . -29.09 -10.28 10.11
N3 GTP H . -27.15 -9.31 9.25
C4 GTP H . -26.56 -8.40 8.44
PG GTP I . -50.73 -22.22 -1.25
O1G GTP I . -50.72 -23.56 -1.94
O2G GTP I . -52.11 -21.93 -0.73
O3G GTP I . -50.35 -21.14 -2.24
O3B GTP I . -49.66 -22.20 -0.04
PB GTP I . -49.71 -23.24 1.20
O1B GTP I . -48.29 -23.50 1.66
O2B GTP I . -50.55 -22.72 2.34
O3A GTP I . -50.31 -24.60 0.60
PA GTP I . -50.30 -25.95 1.50
O1A GTP I . -49.82 -25.64 2.90
O2A GTP I . -51.68 -26.57 1.51
O5' GTP I . -49.24 -26.92 0.79
C5' GTP I . -47.93 -26.51 0.51
C4' GTP I . -47.68 -26.78 -0.97
O4' GTP I . -48.43 -27.93 -1.31
C3' GTP I . -48.18 -25.66 -1.87
O3' GTP I . -47.09 -24.96 -2.44
C2' GTP I . -49.00 -26.34 -2.94
O2' GTP I . -48.50 -26.04 -4.23
C1' GTP I . -48.83 -27.83 -2.66
N9 GTP I . -50.08 -28.58 -2.84
C8 GTP I . -51.17 -28.58 -2.01
N7 GTP I . -52.09 -29.42 -2.55
C5 GTP I . -51.60 -29.96 -3.69
C6 GTP I . -52.11 -30.88 -4.60
O6 GTP I . -53.24 -31.34 -4.44
N1 GTP I . -51.35 -31.25 -5.71
C2 GTP I . -50.08 -30.71 -5.88
N2 GTP I . -49.35 -31.07 -6.94
N3 GTP I . -49.58 -29.81 -4.96
C4 GTP I . -50.32 -29.44 -3.88
MG MG J . -51.67 -21.65 1.16
#